data_8JKT
#
_entry.id   8JKT
#
_cell.length_a   123.200
_cell.length_b   132.588
_cell.length_c   129.364
_cell.angle_alpha   90.00
_cell.angle_beta   101.18
_cell.angle_gamma   90.00
#
_symmetry.space_group_name_H-M   'P 1 21 1'
#
loop_
_entity.id
_entity.type
_entity.pdbx_description
1 polymer 'Aminopeptidase N'
2 water water
#
_entity_poly.entity_id   1
_entity_poly.type   'polypeptide(L)'
_entity_poly.pdbx_seq_one_letter_code
;MAKGFYISKPVGILAILLGVAAVCTIIALSVVYSQEKNRSTESSTAASTAAPTGPTTTVATTLDQSKPWNVYRLPKTLIP
DSYNVTLRPYLTPNNKGLYVFTGTNIVRFTCKESTNIVIIHSKRLNYTSHQGHMVALSGVGGFHPQPVIVRTELVELTEY
LVVHLQEPLVAGRQYEMNSEFQGELADDLAGFYRSEYMENGVKKVLATTHMQATEARKSFPCFDEPAMKATFNITIIHPN
NLVALSNMLPRGPSVPFGEDPTWKVTEFETTPIMSTYLLAYIVSEFSYVETRAPSGVLIRIWARPSAINQGHGDYALKVT
GPILDFFSQHYDTPYPLNKSDQIALPDFNAGAMENWGLVTYRESALLYDRQSSSSGNQERVVTVIAHELAHQWFGNLVTL
EWWNDLWLNEGFASYVEYLGADFAEPTWNLKDLMVLNDVYRVMAVDALASSHPLSTPASEINTPAQISEVFDSISYSKGA
SVLRMLSNFLTEDLFKMGIASYLHTYKYGNTIYLNLWEHLQQVVDKQPTIKLPDTVSAIMDRWILQMGFPVITVDTQTGT
ISQQHFLLDPQSVVTRPSQFNYLWIVPISSVRSGSPQAHYWLPGVEKAQNDLFKTTANDWVLLNLNVTGYYLVNYDNENW
KKIQTQLQTDLSVIPVINRAQVIHDAFNLASAQKVPVTLALNNTLFLIQETEYMPWQAALSSLSYFKLMFDRSEVYGPMK
RYLKKQVTPLFNHFERVTKNWTDHPQTLMDQYSEINAVSTACSYGVPECEKLAATLFAQWKKNPQNNPIHPNLRSTVYCN
AIAQGGEEEWNFVWEQFLKAELVNEADKLRGALACSNQVWILNRFLSYTLDPNLIRKQDVTSTLSSISSNVVGQTLVWDF
VQSNWKKLFQDYGTGSFSFSNLIQAVTRRFSTEFELQQLEQFKKNNMDTGFGSATRALEQALEKTKANLKWVKENKDVVL
RWFTENSSGSGHHHHHHHH
;
_entity_poly.pdbx_strand_id   A,B,C,D
#
# COMPACT_ATOMS: atom_id res chain seq x y z
N ASP A 64 27.23 49.58 26.10
CA ASP A 64 27.78 50.50 27.11
C ASP A 64 27.43 50.09 28.51
N GLN A 65 28.36 49.38 29.14
CA GLN A 65 28.17 48.80 30.46
C GLN A 65 28.13 49.86 31.56
N SER A 66 28.42 51.14 31.25
CA SER A 66 28.18 52.16 32.26
C SER A 66 26.71 52.45 32.41
N LYS A 67 25.87 52.02 31.45
CA LYS A 67 24.47 52.33 31.61
C LYS A 67 23.75 51.18 32.32
N PRO A 68 22.86 51.49 33.27
CA PRO A 68 22.23 50.42 34.06
C PRO A 68 21.39 49.46 33.22
N TRP A 69 20.80 49.94 32.11
CA TRP A 69 19.99 49.10 31.22
C TRP A 69 20.82 48.23 30.29
N ASN A 70 22.15 48.29 30.38
CA ASN A 70 23.01 47.41 29.62
C ASN A 70 23.75 46.40 30.48
N VAL A 71 23.38 46.26 31.75
CA VAL A 71 23.98 45.23 32.60
C VAL A 71 22.86 44.26 32.99
N TYR A 72 23.26 43.04 33.37
CA TYR A 72 22.31 41.94 33.45
C TYR A 72 21.67 41.75 34.82
N ARG A 73 21.99 42.58 35.79
CA ARG A 73 21.30 42.58 37.07
C ARG A 73 20.49 43.85 37.18
N LEU A 74 19.27 43.71 37.71
CA LEU A 74 18.33 44.81 37.89
C LEU A 74 18.89 45.78 38.93
N PRO A 75 18.49 47.07 38.87
CA PRO A 75 18.87 47.98 39.97
C PRO A 75 18.22 47.53 41.26
N LYS A 76 18.85 47.89 42.37
CA LYS A 76 18.28 47.62 43.69
C LYS A 76 17.32 48.72 44.13
N THR A 77 16.96 49.64 43.24
CA THR A 77 16.32 50.90 43.63
C THR A 77 14.81 50.78 43.73
N LEU A 78 14.19 49.91 42.93
CA LEU A 78 12.74 49.72 42.95
C LEU A 78 12.45 48.27 43.33
N ILE A 79 11.56 48.07 44.30
CA ILE A 79 11.22 46.74 44.84
C ILE A 79 9.74 46.47 44.65
N PRO A 80 9.34 45.48 43.85
CA PRO A 80 7.91 45.19 43.69
C PRO A 80 7.29 44.59 44.94
N ASP A 81 5.98 44.78 45.02
CA ASP A 81 5.16 44.33 46.13
C ASP A 81 4.12 43.32 45.66
N SER A 82 3.43 43.64 44.57
CA SER A 82 2.36 42.80 44.05
C SER A 82 2.16 43.10 42.58
N TYR A 83 1.59 42.12 41.87
CA TYR A 83 1.25 42.22 40.45
C TYR A 83 -0.19 41.81 40.22
N ASN A 84 -0.88 42.53 39.33
CA ASN A 84 -2.11 42.06 38.69
C ASN A 84 -1.76 41.73 37.25
N VAL A 85 -2.08 40.52 36.79
CA VAL A 85 -1.83 40.12 35.41
C VAL A 85 -3.08 39.48 34.84
N THR A 86 -3.53 39.97 33.69
CA THR A 86 -4.66 39.43 32.97
C THR A 86 -4.15 38.95 31.61
N LEU A 87 -4.48 37.71 31.23
CA LEU A 87 -3.96 37.05 30.03
C LEU A 87 -5.06 36.43 29.20
N ARG A 88 -4.95 36.56 27.89
CA ARG A 88 -5.92 35.99 26.96
C ARG A 88 -5.19 35.20 25.88
N PRO A 89 -5.10 33.87 25.99
CA PRO A 89 -4.54 33.07 24.89
C PRO A 89 -5.55 32.88 23.79
N TYR A 90 -5.06 32.91 22.56
CA TYR A 90 -5.84 32.59 21.37
C TYR A 90 -5.29 31.27 20.82
N LEU A 91 -6.09 30.21 20.89
CA LEU A 91 -5.62 28.87 20.54
C LEU A 91 -5.97 28.46 19.12
N THR A 92 -6.37 29.39 18.28
CA THR A 92 -6.40 29.16 16.85
C THR A 92 -5.51 30.22 16.19
N PRO A 93 -4.83 29.89 15.10
CA PRO A 93 -3.89 30.84 14.52
C PRO A 93 -4.61 32.01 13.87
N ASN A 94 -3.88 33.11 13.71
CA ASN A 94 -4.44 34.30 13.10
C ASN A 94 -4.25 34.24 11.59
N ASN A 95 -4.60 35.32 10.90
CA ASN A 95 -4.45 35.37 9.45
C ASN A 95 -3.00 35.20 9.01
N LYS A 96 -2.02 35.53 9.86
CA LYS A 96 -0.62 35.33 9.55
C LYS A 96 -0.11 33.95 9.96
N GLY A 97 -0.95 33.10 10.54
CA GLY A 97 -0.51 31.78 10.96
C GLY A 97 0.11 31.70 12.35
N LEU A 98 0.06 32.77 13.12
CA LEU A 98 0.64 32.81 14.46
C LEU A 98 -0.41 32.54 15.53
N TYR A 99 0.02 31.86 16.59
CA TYR A 99 -0.76 31.80 17.82
C TYR A 99 -0.28 32.93 18.71
N VAL A 100 -1.21 33.74 19.20
CA VAL A 100 -0.83 34.89 20.00
C VAL A 100 -1.56 34.83 21.34
N PHE A 101 -1.03 35.57 22.29
CA PHE A 101 -1.74 35.91 23.50
C PHE A 101 -1.66 37.41 23.71
N THR A 102 -2.73 37.99 24.23
CA THR A 102 -2.74 39.38 24.65
C THR A 102 -2.83 39.43 26.16
N GLY A 103 -2.38 40.55 26.73
CA GLY A 103 -2.47 40.69 28.17
C GLY A 103 -2.37 42.14 28.58
N THR A 104 -2.68 42.36 29.86
CA THR A 104 -2.41 43.61 30.54
C THR A 104 -1.83 43.26 31.90
N ASN A 105 -1.05 44.18 32.48
CA ASN A 105 -0.66 43.94 33.85
C ASN A 105 -0.49 45.25 34.59
N ILE A 106 -0.42 45.14 35.90
CA ILE A 106 -0.14 46.24 36.79
C ILE A 106 0.95 45.77 37.73
N VAL A 107 2.04 46.51 37.85
CA VAL A 107 3.07 46.20 38.82
C VAL A 107 3.07 47.32 39.84
N ARG A 108 2.98 46.96 41.12
CA ARG A 108 3.05 47.92 42.21
C ARG A 108 4.40 47.73 42.89
N PHE A 109 5.17 48.81 42.99
CA PHE A 109 6.49 48.72 43.60
C PHE A 109 6.71 49.91 44.52
N THR A 110 7.68 49.77 45.40
CA THR A 110 8.15 50.84 46.26
C THR A 110 9.48 51.37 45.77
N CYS A 111 9.60 52.70 45.70
CA CYS A 111 10.88 53.31 45.42
C CYS A 111 11.70 53.31 46.71
N LYS A 112 12.70 52.45 46.77
CA LYS A 112 13.57 52.38 47.93
C LYS A 112 14.69 53.43 47.86
N GLU A 113 15.03 53.88 46.66
CA GLU A 113 16.09 54.85 46.51
C GLU A 113 15.78 55.68 45.28
N SER A 114 15.87 57.00 45.43
CA SER A 114 15.53 57.94 44.36
C SER A 114 16.18 57.56 43.04
N THR A 115 15.40 57.62 41.95
CA THR A 115 15.88 57.28 40.61
C THR A 115 14.89 57.82 39.58
N ASN A 116 15.41 58.30 38.45
CA ASN A 116 14.54 58.77 37.36
C ASN A 116 14.32 57.72 36.28
N ILE A 117 14.60 56.45 36.54
CA ILE A 117 14.34 55.42 35.53
C ILE A 117 13.68 54.24 36.20
N VAL A 118 12.83 53.56 35.42
CA VAL A 118 12.27 52.26 35.80
C VAL A 118 12.85 51.26 34.81
N ILE A 119 13.67 50.33 35.31
CA ILE A 119 14.19 49.24 34.52
C ILE A 119 13.48 47.97 34.98
N ILE A 120 12.75 47.36 34.06
CA ILE A 120 11.96 46.17 34.32
C ILE A 120 12.18 45.19 33.16
N HIS A 121 12.05 43.89 33.42
CA HIS A 121 12.28 42.91 32.36
C HIS A 121 11.12 42.82 31.38
N SER A 122 11.48 42.62 30.10
CA SER A 122 10.51 42.38 29.04
C SER A 122 11.21 41.65 27.89
N LYS A 123 10.53 40.62 27.35
CA LYS A 123 11.15 39.73 26.37
C LYS A 123 10.09 39.33 25.36
N ARG A 124 10.31 39.67 24.08
CA ARG A 124 9.41 39.28 22.97
C ARG A 124 7.96 39.66 23.22
N LEU A 125 7.74 40.82 23.83
CA LEU A 125 6.41 41.40 23.99
C LEU A 125 6.30 42.66 23.13
N ASN A 126 5.19 42.78 22.40
CA ASN A 126 4.81 43.99 21.69
C ASN A 126 3.82 44.77 22.55
N TYR A 127 4.04 46.06 22.71
CA TYR A 127 3.22 46.87 23.61
C TYR A 127 2.26 47.77 22.82
N THR A 128 1.05 47.94 23.36
CA THR A 128 0.13 48.95 22.82
C THR A 128 0.44 50.28 23.49
N SER A 129 0.69 51.30 22.69
CA SER A 129 1.12 52.58 23.24
C SER A 129 -0.07 53.42 23.65
N HIS A 130 0.08 54.18 24.72
CA HIS A 130 -1.03 54.96 25.25
C HIS A 130 -0.84 56.44 24.95
N GLN A 131 0.17 57.10 25.51
CA GLN A 131 0.34 58.52 25.18
C GLN A 131 1.65 58.73 24.43
N GLY A 132 1.89 57.90 23.41
CA GLY A 132 3.21 57.79 22.82
C GLY A 132 4.19 56.96 23.62
N HIS A 133 3.73 56.28 24.69
CA HIS A 133 4.62 55.53 25.56
C HIS A 133 4.10 54.11 25.73
N MET A 134 5.03 53.20 26.06
CA MET A 134 4.70 51.79 26.13
C MET A 134 4.04 51.39 27.43
N VAL A 135 4.15 52.22 28.47
CA VAL A 135 3.53 51.97 29.77
C VAL A 135 2.90 53.28 30.25
N ALA A 136 2.08 53.15 31.28
CA ALA A 136 1.62 54.28 32.08
C ALA A 136 2.16 54.10 33.49
N LEU A 137 2.36 55.20 34.19
CA LEU A 137 2.95 55.14 35.51
C LEU A 137 2.30 56.20 36.38
N SER A 138 1.98 55.85 37.62
CA SER A 138 1.43 56.83 38.55
C SER A 138 1.85 56.46 39.96
N GLY A 139 1.87 57.47 40.83
CA GLY A 139 1.99 57.20 42.25
C GLY A 139 0.69 56.65 42.82
N VAL A 140 0.82 55.76 43.80
CA VAL A 140 -0.37 55.13 44.38
C VAL A 140 -1.16 56.19 45.15
N GLY A 141 -2.42 56.38 44.74
CA GLY A 141 -3.33 57.28 45.42
C GLY A 141 -2.99 58.75 45.28
N GLY A 142 -2.77 59.19 44.03
CA GLY A 142 -2.40 60.57 43.76
C GLY A 142 -1.01 60.92 44.27
N PHE A 143 -0.96 61.82 45.24
CA PHE A 143 0.27 62.42 45.77
C PHE A 143 1.16 62.99 44.67
N HIS A 144 1.54 64.23 44.85
CA HIS A 144 2.47 64.90 43.98
C HIS A 144 3.89 64.70 44.47
N PRO A 145 4.89 64.79 43.57
CA PRO A 145 4.66 65.07 42.16
C PRO A 145 4.28 63.78 41.44
N GLN A 146 3.39 63.87 40.46
CA GLN A 146 3.13 62.67 39.69
C GLN A 146 4.26 62.48 38.68
N PRO A 147 4.68 61.24 38.43
CA PRO A 147 5.78 61.02 37.48
C PRO A 147 5.36 61.39 36.07
N VAL A 148 6.33 61.84 35.28
CA VAL A 148 6.11 62.13 33.87
C VAL A 148 7.11 61.32 33.04
N ILE A 149 6.59 60.47 32.15
CA ILE A 149 7.44 59.72 31.23
C ILE A 149 7.91 60.60 30.10
N VAL A 150 9.24 60.68 29.92
CA VAL A 150 9.82 61.29 28.73
C VAL A 150 9.82 60.31 27.56
N ARG A 151 10.31 59.09 27.80
CA ARG A 151 10.31 58.10 26.73
C ARG A 151 10.45 56.69 27.31
N THR A 152 9.94 55.71 26.57
CA THR A 152 10.10 54.29 26.86
C THR A 152 10.84 53.62 25.72
N GLU A 153 11.74 52.71 26.07
CA GLU A 153 12.51 51.98 25.08
C GLU A 153 12.65 50.52 25.51
N LEU A 154 12.75 49.64 24.52
CA LEU A 154 13.07 48.24 24.74
C LEU A 154 14.54 48.00 24.45
N VAL A 155 15.25 47.36 25.37
CA VAL A 155 16.66 47.04 25.20
C VAL A 155 16.73 45.51 25.10
N GLU A 156 16.83 45.00 23.87
CA GLU A 156 16.59 43.57 23.64
C GLU A 156 17.68 42.69 24.26
N LEU A 157 18.94 43.11 24.22
CA LEU A 157 20.02 42.25 24.71
C LEU A 157 19.84 41.88 26.17
N THR A 158 19.59 42.86 27.01
CA THR A 158 19.38 42.65 28.43
C THR A 158 17.91 42.44 28.78
N GLU A 159 17.03 42.38 27.78
CA GLU A 159 15.63 42.00 27.98
C GLU A 159 14.97 42.94 28.98
N TYR A 160 15.11 44.24 28.71
CA TYR A 160 14.58 45.29 29.56
C TYR A 160 13.55 46.11 28.81
N LEU A 161 12.55 46.57 29.55
CA LEU A 161 11.78 47.76 29.20
C LEU A 161 12.29 48.88 30.09
N VAL A 162 12.63 50.02 29.51
CA VAL A 162 13.20 51.11 30.27
C VAL A 162 12.28 52.32 30.15
N VAL A 163 11.91 52.89 31.30
CA VAL A 163 10.99 54.01 31.37
C VAL A 163 11.81 55.20 31.84
N HIS A 164 11.96 56.20 30.99
CA HIS A 164 12.78 57.36 31.31
C HIS A 164 11.86 58.44 31.84
N LEU A 165 12.11 58.89 33.06
CA LEU A 165 11.26 59.87 33.72
C LEU A 165 11.92 61.25 33.77
N GLN A 166 11.06 62.27 33.82
CA GLN A 166 11.56 63.62 33.80
C GLN A 166 12.16 64.01 35.16
N GLU A 167 11.54 63.56 36.25
CA GLU A 167 12.04 63.77 37.61
C GLU A 167 12.30 62.42 38.26
N PRO A 168 13.14 62.36 39.31
CA PRO A 168 13.30 61.11 40.05
C PRO A 168 12.07 60.76 40.89
N LEU A 169 11.81 59.46 41.01
CA LEU A 169 10.75 59.00 41.91
C LEU A 169 11.14 59.26 43.36
N VAL A 170 10.12 59.26 44.22
CA VAL A 170 10.28 59.66 45.61
C VAL A 170 10.55 58.43 46.47
N ALA A 171 11.70 58.42 47.14
CA ALA A 171 12.01 57.35 48.06
C ALA A 171 10.90 57.19 49.09
N GLY A 172 10.49 55.95 49.33
CA GLY A 172 9.47 55.64 50.30
C GLY A 172 8.06 55.61 49.78
N ARG A 173 7.82 56.06 48.56
CA ARG A 173 6.47 55.98 48.01
C ARG A 173 6.28 54.79 47.07
N GLN A 174 5.02 54.50 46.79
CA GLN A 174 4.58 53.40 45.96
C GLN A 174 4.04 53.90 44.63
N TYR A 175 4.28 53.10 43.57
CA TYR A 175 3.88 53.41 42.21
C TYR A 175 3.26 52.18 41.56
N GLU A 176 2.41 52.43 40.56
CA GLU A 176 1.82 51.36 39.78
C GLU A 176 2.10 51.64 38.31
N MET A 177 2.61 50.65 37.59
CA MET A 177 2.79 50.74 36.15
C MET A 177 1.84 49.80 35.46
N ASN A 178 1.11 50.34 34.47
CA ASN A 178 0.15 49.60 33.66
C ASN A 178 0.74 49.38 32.28
N SER A 179 0.58 48.16 31.76
CA SER A 179 0.99 47.84 30.40
C SER A 179 -0.13 47.07 29.72
N GLU A 180 -0.09 47.13 28.39
CA GLU A 180 -0.98 46.34 27.53
C GLU A 180 -0.09 45.75 26.45
N PHE A 181 -0.09 44.43 26.31
CA PHE A 181 0.94 43.77 25.51
C PHE A 181 0.38 42.58 24.74
N GLN A 182 1.20 42.08 23.82
CA GLN A 182 0.89 40.94 22.97
C GLN A 182 2.16 40.12 22.78
N GLY A 183 2.02 38.79 22.83
CA GLY A 183 3.14 37.92 22.59
C GLY A 183 2.73 36.71 21.78
N GLU A 184 3.72 35.90 21.41
CA GLU A 184 3.43 34.70 20.64
C GLU A 184 3.27 33.53 21.59
N LEU A 185 2.21 32.74 21.38
CA LEU A 185 2.06 31.43 22.00
C LEU A 185 2.86 30.46 21.14
N ALA A 186 4.18 30.56 21.24
CA ALA A 186 5.04 29.77 20.38
C ALA A 186 5.10 28.33 20.86
N ASP A 187 5.70 27.47 20.04
CA ASP A 187 6.01 26.10 20.40
C ASP A 187 7.43 25.97 20.99
N ASP A 188 7.92 27.03 21.63
CA ASP A 188 9.30 27.11 22.12
C ASP A 188 9.46 26.62 23.55
N LEU A 189 8.38 26.21 24.22
CA LEU A 189 8.42 25.62 25.55
C LEU A 189 8.88 26.59 26.64
N ALA A 190 8.79 27.90 26.40
CA ALA A 190 9.29 28.89 27.34
C ALA A 190 8.26 30.01 27.49
N GLY A 191 8.13 30.54 28.71
CA GLY A 191 7.14 31.59 28.93
C GLY A 191 5.73 31.00 28.87
N PHE A 192 4.83 31.79 28.28
CA PHE A 192 3.47 31.38 27.94
C PHE A 192 3.54 30.78 26.53
N TYR A 193 3.34 29.46 26.41
CA TYR A 193 3.54 28.81 25.12
C TYR A 193 2.42 27.82 24.87
N ARG A 194 2.42 27.18 23.69
CA ARG A 194 1.35 26.24 23.35
C ARG A 194 1.88 24.82 23.30
N SER A 195 0.99 23.88 23.56
CA SER A 195 1.27 22.45 23.50
C SER A 195 0.15 21.82 22.71
N GLU A 196 0.45 20.77 21.97
CA GLU A 196 -0.52 20.19 21.06
C GLU A 196 -0.57 18.69 21.21
N TYR A 197 -1.75 18.11 20.96
CA TYR A 197 -1.93 16.66 20.98
C TYR A 197 -3.10 16.31 20.06
N MET A 198 -3.09 15.06 19.59
CA MET A 198 -4.19 14.48 18.84
C MET A 198 -5.19 13.79 19.77
N GLU A 199 -6.48 13.97 19.50
CA GLU A 199 -7.52 13.26 20.20
C GLU A 199 -8.49 12.79 19.14
N ASN A 200 -8.48 11.50 18.84
CA ASN A 200 -9.35 10.92 17.80
C ASN A 200 -8.93 11.54 16.49
N GLY A 201 -9.79 12.25 15.76
CA GLY A 201 -9.30 12.89 14.54
C GLY A 201 -8.61 14.23 14.74
N VAL A 202 -8.81 14.88 15.89
CA VAL A 202 -8.72 16.33 16.04
C VAL A 202 -7.39 16.74 16.66
N LYS A 203 -6.76 17.76 16.08
CA LYS A 203 -5.61 18.41 16.71
C LYS A 203 -6.11 19.40 17.76
N LYS A 204 -5.70 19.16 19.00
CA LYS A 204 -6.02 20.02 20.14
C LYS A 204 -4.82 20.90 20.45
N VAL A 205 -5.09 22.16 20.82
CA VAL A 205 -4.03 23.11 21.19
C VAL A 205 -4.38 23.66 22.56
N LEU A 206 -3.40 23.72 23.47
CA LEU A 206 -3.60 24.28 24.80
C LEU A 206 -2.52 25.31 25.11
N ALA A 207 -2.74 26.11 26.16
CA ALA A 207 -1.83 27.17 26.56
C ALA A 207 -1.27 26.85 27.93
N THR A 208 0.04 26.98 28.07
CA THR A 208 0.66 26.58 29.33
C THR A 208 1.91 27.43 29.52
N THR A 209 2.49 27.34 30.72
CA THR A 209 3.60 28.18 31.09
C THR A 209 4.79 27.37 31.56
N HIS A 210 5.97 27.96 31.37
CA HIS A 210 7.20 27.53 32.04
C HIS A 210 8.04 28.78 32.22
N MET A 211 8.16 29.26 33.45
CA MET A 211 8.86 30.52 33.66
C MET A 211 10.34 30.34 33.99
N GLN A 212 10.74 29.20 34.58
CA GLN A 212 12.11 29.06 35.04
C GLN A 212 13.08 28.97 33.86
N ALA A 213 14.22 29.69 33.93
CA ALA A 213 14.60 30.60 35.03
C ALA A 213 14.16 32.04 34.78
N THR A 214 14.35 32.51 33.56
CA THR A 214 14.17 33.91 33.22
C THR A 214 13.11 34.11 32.12
N GLU A 215 11.98 33.39 32.18
CA GLU A 215 10.97 33.49 31.12
C GLU A 215 9.65 34.13 31.55
N ALA A 216 9.46 34.46 32.83
CA ALA A 216 8.27 35.21 33.22
C ALA A 216 8.20 36.51 32.42
N ARG A 217 9.34 37.17 32.25
CA ARG A 217 9.43 38.39 31.45
C ARG A 217 8.96 38.21 30.02
N LYS A 218 8.80 36.98 29.55
CA LYS A 218 8.30 36.71 28.21
C LYS A 218 6.80 36.66 28.16
N SER A 219 6.12 36.68 29.31
CA SER A 219 4.66 36.67 29.31
C SER A 219 4.05 37.95 29.84
N PHE A 220 4.82 38.79 30.54
CA PHE A 220 4.41 40.11 31.02
C PHE A 220 5.62 40.83 31.60
N PRO A 221 5.69 42.17 31.56
CA PRO A 221 6.85 42.85 32.13
C PRO A 221 6.86 42.71 33.65
N CYS A 222 8.02 42.38 34.20
CA CYS A 222 8.12 42.16 35.63
C CYS A 222 9.58 42.27 36.06
N PHE A 223 9.78 42.46 37.36
CA PHE A 223 11.12 42.46 37.96
C PHE A 223 11.50 40.99 38.12
N ASP A 224 12.11 40.42 37.09
CA ASP A 224 12.19 38.96 36.94
C ASP A 224 13.52 38.42 37.50
N GLU A 225 13.68 38.57 38.83
CA GLU A 225 14.79 37.98 39.57
C GLU A 225 14.22 37.31 40.82
N PRO A 226 14.80 36.18 41.24
CA PRO A 226 14.13 35.38 42.30
C PRO A 226 14.08 36.05 43.68
N ALA A 227 14.92 37.04 43.98
CA ALA A 227 14.86 37.71 45.27
C ALA A 227 13.89 38.88 45.30
N MET A 228 13.23 39.20 44.19
CA MET A 228 12.22 40.25 44.12
C MET A 228 10.82 39.62 44.25
N LYS A 229 10.56 39.01 45.40
CA LYS A 229 9.32 38.29 45.59
C LYS A 229 8.13 39.26 45.69
N ALA A 230 6.96 38.78 45.26
CA ALA A 230 5.74 39.56 45.25
C ALA A 230 4.56 38.62 45.37
N THR A 231 3.36 39.19 45.47
CA THR A 231 2.14 38.42 45.29
C THR A 231 1.61 38.70 43.90
N PHE A 232 0.86 37.73 43.37
CA PHE A 232 0.37 37.78 42.00
C PHE A 232 -1.14 37.56 41.99
N ASN A 233 -1.86 38.46 41.30
CA ASN A 233 -3.31 38.39 41.12
C ASN A 233 -3.55 38.09 39.66
N ILE A 234 -3.87 36.82 39.35
CA ILE A 234 -3.97 36.35 37.96
C ILE A 234 -5.42 36.32 37.54
N THR A 235 -5.70 36.83 36.34
CA THR A 235 -6.97 36.68 35.67
C THR A 235 -6.72 36.10 34.28
N ILE A 236 -7.55 35.15 33.89
CA ILE A 236 -7.41 34.46 32.60
C ILE A 236 -8.72 34.60 31.83
N ILE A 237 -8.61 35.06 30.59
CA ILE A 237 -9.73 35.17 29.67
C ILE A 237 -9.58 34.04 28.64
N HIS A 238 -10.60 33.20 28.53
CA HIS A 238 -10.44 31.94 27.80
C HIS A 238 -11.76 31.57 27.15
N PRO A 239 -11.73 30.72 26.13
CA PRO A 239 -13.00 30.27 25.52
C PRO A 239 -13.86 29.51 26.52
N ASN A 240 -15.17 29.54 26.28
CA ASN A 240 -16.11 29.07 27.29
C ASN A 240 -16.10 27.55 27.45
N ASN A 241 -15.54 26.82 26.50
CA ASN A 241 -15.45 25.37 26.60
C ASN A 241 -14.15 24.90 27.23
N LEU A 242 -13.32 25.80 27.70
CA LEU A 242 -12.01 25.47 28.25
C LEU A 242 -11.93 25.93 29.69
N VAL A 243 -11.03 25.30 30.45
CA VAL A 243 -10.84 25.58 31.87
C VAL A 243 -9.48 26.23 32.07
N ALA A 244 -9.44 27.25 32.94
CA ALA A 244 -8.19 27.88 33.33
C ALA A 244 -7.74 27.35 34.69
N LEU A 245 -6.44 27.15 34.82
CA LEU A 245 -5.79 26.75 36.06
C LEU A 245 -4.67 27.72 36.34
N SER A 246 -4.35 27.90 37.61
CA SER A 246 -3.24 28.71 38.06
C SER A 246 -2.69 28.15 39.36
N ASN A 247 -1.79 28.92 39.97
CA ASN A 247 -1.18 28.59 41.25
C ASN A 247 -2.25 28.35 42.32
N MET A 248 -3.23 29.26 42.41
CA MET A 248 -4.28 29.26 43.40
C MET A 248 -5.60 28.75 42.83
N LEU A 249 -6.55 28.60 43.74
CA LEU A 249 -7.92 28.31 43.33
C LEU A 249 -8.58 29.59 42.80
N PRO A 250 -9.57 29.45 41.91
CA PRO A 250 -10.32 30.64 41.46
C PRO A 250 -11.02 31.31 42.62
N ARG A 251 -11.23 32.63 42.49
CA ARG A 251 -11.90 33.35 43.58
C ARG A 251 -13.37 33.00 43.62
N GLY A 252 -13.91 32.54 42.50
CA GLY A 252 -15.31 32.27 42.37
C GLY A 252 -15.54 31.62 41.03
N PRO A 253 -16.79 31.30 40.74
CA PRO A 253 -17.10 30.70 39.44
C PRO A 253 -16.77 31.67 38.31
N SER A 254 -16.44 31.09 37.16
CA SER A 254 -16.08 31.90 36.01
C SER A 254 -17.34 32.52 35.42
N VAL A 255 -17.23 33.81 35.05
CA VAL A 255 -18.34 34.55 34.45
C VAL A 255 -18.00 34.84 33.00
N PRO A 256 -18.95 35.10 32.12
CA PRO A 256 -18.60 35.42 30.73
C PRO A 256 -17.89 36.76 30.60
N PHE A 257 -17.03 36.83 29.58
CA PHE A 257 -16.37 38.07 29.17
C PHE A 257 -17.40 39.02 28.57
N GLY A 258 -17.63 40.15 29.25
CA GLY A 258 -18.68 41.05 28.81
C GLY A 258 -18.54 41.46 27.35
N GLU A 259 -17.30 41.65 26.91
CA GLU A 259 -16.97 42.03 25.54
C GLU A 259 -17.20 40.90 24.53
N ASP A 260 -17.36 39.65 25.00
CA ASP A 260 -17.47 38.52 24.10
C ASP A 260 -17.91 37.30 24.90
N PRO A 261 -19.19 36.92 24.84
CA PRO A 261 -19.69 35.84 25.70
C PRO A 261 -19.27 34.44 25.29
N THR A 262 -18.73 34.25 24.09
CA THR A 262 -18.07 32.99 23.77
C THR A 262 -16.81 32.79 24.58
N TRP A 263 -16.41 33.80 25.34
CA TRP A 263 -15.25 33.74 26.20
C TRP A 263 -15.71 33.90 27.64
N LYS A 264 -14.96 33.30 28.57
CA LYS A 264 -15.18 33.41 30.00
C LYS A 264 -13.97 34.04 30.68
N VAL A 265 -14.18 34.53 31.89
CA VAL A 265 -13.12 35.13 32.69
C VAL A 265 -13.02 34.34 33.99
N THR A 266 -11.80 33.89 34.30
CA THR A 266 -11.53 33.18 35.55
C THR A 266 -10.50 33.97 36.34
N GLU A 267 -10.84 34.33 37.56
CA GLU A 267 -9.95 35.13 38.36
C GLU A 267 -9.52 34.31 39.58
N PHE A 268 -8.24 34.40 39.95
CA PHE A 268 -7.65 33.50 40.93
C PHE A 268 -7.28 34.23 42.22
N GLU A 269 -7.29 33.49 43.33
CA GLU A 269 -6.90 34.06 44.60
C GLU A 269 -5.45 34.52 44.55
N THR A 270 -5.14 35.51 45.38
CA THR A 270 -3.78 36.03 45.48
C THR A 270 -2.79 34.94 45.87
N THR A 271 -1.72 34.80 45.10
CA THR A 271 -0.66 33.88 45.48
C THR A 271 0.00 34.33 46.79
N PRO A 272 0.68 33.42 47.48
CA PRO A 272 1.63 33.87 48.50
C PRO A 272 2.75 34.71 47.90
N ILE A 273 3.48 35.38 48.78
CA ILE A 273 4.75 36.00 48.44
C ILE A 273 5.67 34.96 47.81
N MET A 274 6.06 35.18 46.55
CA MET A 274 6.82 34.18 45.81
C MET A 274 7.58 34.83 44.66
N SER A 275 8.52 34.07 44.10
CA SER A 275 9.36 34.50 42.99
C SER A 275 8.59 34.42 41.67
N THR A 276 8.93 35.32 40.73
CA THR A 276 8.29 35.30 39.41
C THR A 276 8.44 33.95 38.69
N TYR A 277 9.56 33.25 38.87
CA TYR A 277 9.75 32.03 38.09
C TYR A 277 8.79 30.90 38.46
N LEU A 278 7.95 31.10 39.48
CA LEU A 278 7.06 30.06 39.98
C LEU A 278 5.60 30.29 39.62
N LEU A 279 5.30 31.36 38.90
CA LEU A 279 3.96 31.62 38.40
C LEU A 279 3.59 30.63 37.31
N ALA A 280 2.31 30.22 37.29
CA ALA A 280 1.85 29.30 36.26
C ALA A 280 0.38 29.55 35.96
N TYR A 281 0.00 29.34 34.70
CA TYR A 281 -1.40 29.39 34.30
C TYR A 281 -1.55 28.54 33.06
N ILE A 282 -2.69 27.87 32.93
CA ILE A 282 -2.89 26.85 31.89
C ILE A 282 -4.33 26.94 31.42
N VAL A 283 -4.55 26.91 30.11
CA VAL A 283 -5.89 26.86 29.52
C VAL A 283 -5.99 25.62 28.64
N SER A 284 -6.92 24.72 28.95
CA SER A 284 -7.00 23.43 28.25
C SER A 284 -8.39 22.83 28.40
N GLU A 285 -8.57 21.69 27.73
CA GLU A 285 -9.68 20.74 27.89
C GLU A 285 -9.35 19.57 28.79
N PHE A 286 -8.33 19.67 29.63
CA PHE A 286 -7.86 18.49 30.34
C PHE A 286 -8.93 18.01 31.35
N SER A 287 -8.84 16.73 31.73
CA SER A 287 -9.60 16.18 32.85
C SER A 287 -8.66 15.92 34.01
N TYR A 288 -9.24 15.41 35.10
CA TYR A 288 -8.46 15.17 36.30
C TYR A 288 -9.10 14.05 37.12
N VAL A 289 -8.31 13.56 38.05
CA VAL A 289 -8.78 12.76 39.17
C VAL A 289 -8.35 13.49 40.43
N GLU A 290 -9.05 13.20 41.53
CA GLU A 290 -9.09 14.08 42.68
C GLU A 290 -9.08 13.30 43.99
N THR A 291 -8.26 13.73 44.94
CA THR A 291 -8.35 13.25 46.30
C THR A 291 -7.89 14.34 47.26
N ARG A 292 -8.33 14.21 48.51
CA ARG A 292 -7.86 15.08 49.57
C ARG A 292 -6.84 14.31 50.39
N ALA A 293 -5.66 14.92 50.60
CA ALA A 293 -4.66 14.36 51.48
C ALA A 293 -5.19 14.34 52.92
N PRO A 294 -4.66 13.47 53.77
CA PRO A 294 -5.11 13.47 55.17
C PRO A 294 -5.08 14.85 55.80
N SER A 295 -4.15 15.70 55.38
CA SER A 295 -4.00 17.05 55.88
C SER A 295 -5.04 18.03 55.34
N GLY A 296 -5.92 17.61 54.44
CA GLY A 296 -6.90 18.50 53.86
C GLY A 296 -6.48 19.16 52.56
N VAL A 297 -5.19 19.13 52.21
CA VAL A 297 -4.76 19.67 50.93
C VAL A 297 -5.43 18.92 49.79
N LEU A 298 -6.03 19.65 48.87
CA LEU A 298 -6.66 19.02 47.71
C LEU A 298 -5.59 18.67 46.67
N ILE A 299 -5.60 17.42 46.21
CA ILE A 299 -4.68 16.93 45.19
C ILE A 299 -5.48 16.59 43.94
N ARG A 300 -5.06 17.13 42.79
CA ARG A 300 -5.66 16.76 41.49
C ARG A 300 -4.54 16.41 40.53
N ILE A 301 -4.77 15.36 39.74
CA ILE A 301 -3.86 14.94 38.67
C ILE A 301 -4.56 15.27 37.37
N TRP A 302 -4.01 16.20 36.59
CA TRP A 302 -4.61 16.67 35.35
C TRP A 302 -3.85 16.09 34.16
N ALA A 303 -4.55 15.74 33.09
CA ALA A 303 -3.90 15.25 31.89
C ALA A 303 -4.92 15.23 30.75
N ARG A 304 -4.45 14.90 29.54
CA ARG A 304 -5.32 14.61 28.41
C ARG A 304 -6.48 13.72 28.85
N PRO A 305 -7.71 14.01 28.41
CA PRO A 305 -8.85 13.16 28.84
C PRO A 305 -8.67 11.69 28.52
N SER A 306 -8.10 11.35 27.37
CA SER A 306 -7.82 9.95 27.07
C SER A 306 -6.94 9.32 28.16
N ALA A 307 -5.88 10.02 28.58
CA ALA A 307 -4.99 9.50 29.62
C ALA A 307 -5.72 9.30 30.94
N ILE A 308 -6.48 10.32 31.37
CA ILE A 308 -7.20 10.23 32.63
C ILE A 308 -8.22 9.09 32.59
N ASN A 309 -8.94 8.97 31.46
CA ASN A 309 -9.97 7.93 31.39
C ASN A 309 -9.39 6.53 31.43
N GLN A 310 -8.15 6.36 30.96
CA GLN A 310 -7.46 5.07 31.02
C GLN A 310 -6.86 4.80 32.38
N GLY A 311 -6.98 5.71 33.33
CA GLY A 311 -6.36 5.55 34.63
C GLY A 311 -4.90 5.93 34.72
N HIS A 312 -4.34 6.58 33.69
CA HIS A 312 -2.91 6.88 33.72
C HIS A 312 -2.54 7.90 34.78
N GLY A 313 -3.51 8.58 35.38
CA GLY A 313 -3.22 9.47 36.48
C GLY A 313 -3.32 8.85 37.85
N ASP A 314 -3.76 7.59 37.95
CA ASP A 314 -4.12 7.03 39.26
C ASP A 314 -2.92 6.85 40.17
N TYR A 315 -1.78 6.42 39.64
CA TYR A 315 -0.63 6.20 40.51
C TYR A 315 -0.11 7.51 41.10
N ALA A 316 -0.04 8.57 40.29
CA ALA A 316 0.33 9.88 40.83
C ALA A 316 -0.63 10.29 41.93
N LEU A 317 -1.93 10.07 41.73
CA LEU A 317 -2.89 10.43 42.76
C LEU A 317 -2.63 9.67 44.05
N LYS A 318 -2.14 8.43 43.93
CA LYS A 318 -1.84 7.62 45.10
C LYS A 318 -0.73 8.21 45.96
N VAL A 319 0.36 8.65 45.32
CA VAL A 319 1.57 8.98 46.06
C VAL A 319 1.73 10.46 46.36
N THR A 320 1.05 11.35 45.62
CA THR A 320 1.35 12.78 45.77
C THR A 320 0.99 13.30 47.16
N GLY A 321 -0.26 13.08 47.59
CA GLY A 321 -0.72 13.57 48.88
C GLY A 321 0.07 13.03 50.06
N PRO A 322 0.29 11.71 50.11
CA PRO A 322 1.15 11.17 51.18
C PRO A 322 2.55 11.75 51.20
N ILE A 323 3.20 11.90 50.04
CA ILE A 323 4.56 12.45 50.04
C ILE A 323 4.55 13.88 50.53
N LEU A 324 3.55 14.66 50.10
CA LEU A 324 3.47 16.05 50.53
C LEU A 324 3.32 16.13 52.04
N ASP A 325 2.41 15.35 52.59
CA ASP A 325 2.18 15.35 54.04
C ASP A 325 3.41 14.84 54.78
N PHE A 326 4.11 13.85 54.23
CA PHE A 326 5.35 13.37 54.84
C PHE A 326 6.36 14.52 55.00
N PHE A 327 6.53 15.31 53.95
CA PHE A 327 7.47 16.43 53.99
C PHE A 327 7.06 17.48 55.03
N SER A 328 5.78 17.84 55.04
CA SER A 328 5.27 18.78 56.04
C SER A 328 5.62 18.33 57.45
N GLN A 329 5.40 17.04 57.74
CA GLN A 329 5.67 16.51 59.07
C GLN A 329 7.17 16.41 59.31
N HIS A 330 7.90 15.83 58.34
CA HIS A 330 9.32 15.58 58.53
C HIS A 330 10.10 16.87 58.78
N TYR A 331 9.73 17.97 58.14
CA TYR A 331 10.42 19.23 58.33
C TYR A 331 9.67 20.19 59.24
N ASP A 332 8.60 19.74 59.89
CA ASP A 332 7.87 20.55 60.86
C ASP A 332 7.42 21.88 60.24
N THR A 333 7.04 21.84 58.97
CA THR A 333 6.66 23.05 58.24
C THR A 333 5.50 22.70 57.32
N PRO A 334 4.27 22.97 57.74
CA PRO A 334 3.13 22.59 56.91
C PRO A 334 3.12 23.31 55.57
N TYR A 335 2.88 22.55 54.52
CA TYR A 335 2.49 23.10 53.23
C TYR A 335 1.35 24.09 53.43
N PRO A 336 1.48 25.34 52.96
CA PRO A 336 0.50 26.37 53.34
C PRO A 336 -0.66 26.60 52.38
N LEU A 337 -0.68 26.00 51.20
CA LEU A 337 -1.73 26.30 50.23
C LEU A 337 -2.85 25.28 50.36
N ASN A 338 -3.95 25.57 49.70
CA ASN A 338 -5.13 24.74 49.85
C ASN A 338 -5.14 23.56 48.87
N LYS A 339 -4.33 23.61 47.82
CA LYS A 339 -4.30 22.53 46.85
C LYS A 339 -2.92 22.45 46.25
N SER A 340 -2.64 21.31 45.61
CA SER A 340 -1.43 21.11 44.84
C SER A 340 -1.81 20.30 43.61
N ASP A 341 -2.08 21.00 42.51
CA ASP A 341 -2.33 20.35 41.23
C ASP A 341 -1.04 19.81 40.63
N GLN A 342 -1.13 18.61 40.06
CA GLN A 342 -0.10 18.07 39.16
C GLN A 342 -0.71 17.94 37.78
N ILE A 343 0.01 18.41 36.76
CA ILE A 343 -0.53 18.40 35.40
C ILE A 343 0.53 17.90 34.42
N ALA A 344 0.12 17.01 33.52
CA ALA A 344 1.03 16.41 32.56
C ALA A 344 0.85 17.08 31.21
N LEU A 345 1.95 17.59 30.65
CA LEU A 345 1.93 18.36 29.42
C LEU A 345 2.53 17.55 28.29
N PRO A 346 1.90 17.57 27.10
CA PRO A 346 2.51 16.91 25.94
C PRO A 346 3.79 17.57 25.42
N ASP A 347 4.01 18.85 25.70
CA ASP A 347 5.21 19.57 25.24
C ASP A 347 5.81 20.28 26.45
N PHE A 348 7.02 19.86 26.84
CA PHE A 348 7.63 20.35 28.07
C PHE A 348 9.14 20.11 27.99
N ASN A 349 9.93 21.17 28.19
CA ASN A 349 11.38 21.03 28.02
C ASN A 349 12.00 20.19 29.14
N ALA A 350 11.71 20.51 30.40
CA ALA A 350 12.49 20.00 31.53
C ALA A 350 12.04 18.65 32.09
N GLY A 351 10.89 18.14 31.75
CA GLY A 351 10.65 17.02 32.69
C GLY A 351 9.70 17.29 33.84
N ALA A 352 9.99 18.23 34.75
CA ALA A 352 8.93 18.79 35.61
C ALA A 352 9.38 20.14 36.18
N MET A 353 8.42 20.88 36.76
CA MET A 353 8.63 22.26 37.23
C MET A 353 7.72 22.49 38.43
N GLU A 354 8.30 23.02 39.51
CA GLU A 354 7.65 23.03 40.81
C GLU A 354 6.73 24.21 41.06
N ASN A 355 6.09 24.78 40.03
CA ASN A 355 5.26 25.97 40.25
C ASN A 355 4.36 25.77 41.47
N TRP A 356 4.36 26.77 42.36
CA TRP A 356 3.72 26.63 43.67
C TRP A 356 2.22 26.45 43.50
N GLY A 357 1.71 25.24 43.76
CA GLY A 357 0.29 24.96 43.63
C GLY A 357 -0.13 24.38 42.29
N LEU A 358 0.77 24.35 41.30
CA LEU A 358 0.42 23.89 39.96
C LEU A 358 1.71 23.33 39.34
N VAL A 359 2.07 22.13 39.77
CA VAL A 359 3.31 21.51 39.36
C VAL A 359 3.11 20.89 37.99
N THR A 360 4.00 21.20 37.05
CA THR A 360 3.91 20.72 35.68
C THR A 360 4.95 19.64 35.42
N TYR A 361 4.57 18.69 34.57
CA TYR A 361 5.31 17.45 34.34
C TYR A 361 5.30 17.13 32.85
N ARG A 362 6.42 16.59 32.34
CA ARG A 362 6.32 15.79 31.13
C ARG A 362 5.33 14.65 31.42
N GLU A 363 4.51 14.28 30.41
CA GLU A 363 3.69 13.09 30.55
C GLU A 363 4.51 11.91 31.01
N SER A 364 5.72 11.76 30.45
CA SER A 364 6.57 10.64 30.81
C SER A 364 7.06 10.70 32.25
N ALA A 365 6.83 11.80 32.97
CA ALA A 365 7.24 11.90 34.36
C ALA A 365 6.08 11.87 35.32
N LEU A 366 4.83 11.80 34.83
CA LEU A 366 3.70 11.83 35.75
C LEU A 366 2.76 10.66 35.50
N LEU A 367 2.61 10.24 34.25
CA LEU A 367 1.59 9.25 33.93
C LEU A 367 2.17 7.85 33.97
N TYR A 368 1.31 6.89 34.32
CA TYR A 368 1.75 5.51 34.49
C TYR A 368 0.61 4.59 34.08
N ASP A 369 0.94 3.60 33.26
CA ASP A 369 0.00 2.55 32.82
C ASP A 369 0.45 1.24 33.45
N ARG A 370 -0.35 0.71 34.37
CA ARG A 370 0.11 -0.48 35.09
C ARG A 370 0.26 -1.70 34.19
N GLN A 371 -0.30 -1.70 32.98
CA GLN A 371 -0.04 -2.81 32.07
C GLN A 371 1.14 -2.58 31.15
N SER A 372 1.42 -1.34 30.75
CA SER A 372 2.40 -1.12 29.70
C SER A 372 3.62 -0.31 30.10
N SER A 373 3.58 0.42 31.20
CA SER A 373 4.76 1.15 31.65
C SER A 373 5.71 0.20 32.38
N SER A 374 7.00 0.51 32.33
CA SER A 374 7.99 -0.36 32.96
C SER A 374 8.17 -0.01 34.44
N SER A 375 8.87 -0.89 35.16
CA SER A 375 9.23 -0.62 36.55
C SER A 375 10.05 0.66 36.66
N GLY A 376 11.00 0.86 35.74
CA GLY A 376 11.79 2.07 35.73
C GLY A 376 10.97 3.31 35.45
N ASN A 377 9.95 3.20 34.58
CA ASN A 377 9.00 4.31 34.41
C ASN A 377 8.32 4.67 35.72
N GLN A 378 7.90 3.66 36.49
CA GLN A 378 7.18 3.93 37.74
C GLN A 378 8.11 4.56 38.78
N GLU A 379 9.35 4.09 38.86
CA GLU A 379 10.32 4.73 39.74
C GLU A 379 10.52 6.19 39.36
N ARG A 380 10.62 6.46 38.07
CA ARG A 380 10.74 7.82 37.58
C ARG A 380 9.61 8.70 38.09
N VAL A 381 8.36 8.23 37.98
CA VAL A 381 7.21 9.03 38.40
C VAL A 381 7.29 9.37 39.89
N VAL A 382 7.54 8.38 40.73
CA VAL A 382 7.48 8.69 42.16
C VAL A 382 8.67 9.56 42.58
N THR A 383 9.82 9.38 41.92
CA THR A 383 10.99 10.18 42.23
C THR A 383 10.82 11.61 41.78
N VAL A 384 10.29 11.83 40.56
CA VAL A 384 10.08 13.20 40.08
C VAL A 384 9.01 13.89 40.92
N ILE A 385 7.91 13.18 41.25
CA ILE A 385 6.90 13.80 42.11
C ILE A 385 7.53 14.21 43.43
N ALA A 386 8.27 13.29 44.07
CA ALA A 386 8.92 13.62 45.33
C ALA A 386 9.88 14.80 45.19
N HIS A 387 10.61 14.87 44.06
CA HIS A 387 11.50 16.00 43.79
C HIS A 387 10.71 17.30 43.74
N GLU A 388 9.61 17.32 42.99
CA GLU A 388 8.83 18.55 42.84
C GLU A 388 8.16 18.94 44.14
N LEU A 389 7.72 17.97 44.92
CA LEU A 389 7.12 18.32 46.20
C LEU A 389 8.19 18.82 47.17
N ALA A 390 9.40 18.28 47.09
CA ALA A 390 10.46 18.78 47.95
C ALA A 390 10.69 20.27 47.70
N HIS A 391 10.62 20.68 46.44
CA HIS A 391 10.74 22.09 46.09
C HIS A 391 9.70 22.98 46.77
N GLN A 392 8.57 22.44 47.23
CA GLN A 392 7.58 23.32 47.85
C GLN A 392 8.18 23.99 49.08
N TRP A 393 9.11 23.30 49.75
CA TRP A 393 9.93 23.86 50.82
C TRP A 393 11.22 24.48 50.26
N PHE A 394 12.01 23.67 49.55
CA PHE A 394 13.33 24.06 49.09
C PHE A 394 13.23 24.63 47.67
N GLY A 395 12.89 25.92 47.62
CA GLY A 395 12.75 26.66 46.38
C GLY A 395 11.56 27.59 46.41
N ASN A 396 10.41 27.10 46.86
CA ASN A 396 9.22 27.93 46.84
C ASN A 396 9.07 28.74 48.14
N LEU A 397 9.04 28.06 49.28
CA LEU A 397 8.89 28.75 50.56
C LEU A 397 10.16 29.49 50.92
N VAL A 398 11.31 28.82 50.78
CA VAL A 398 12.63 29.42 50.91
C VAL A 398 13.30 29.30 49.54
N THR A 399 13.80 30.41 49.02
CA THR A 399 14.31 30.51 47.65
C THR A 399 15.77 30.98 47.67
N LEU A 400 16.59 30.45 46.75
CA LEU A 400 17.91 31.02 46.50
C LEU A 400 17.87 32.53 46.32
N GLU A 401 18.92 33.21 46.79
CA GLU A 401 19.06 34.64 46.55
C GLU A 401 19.35 34.92 45.08
N TRP A 402 20.19 34.10 44.46
CA TRP A 402 20.54 34.22 43.05
C TRP A 402 20.97 32.85 42.53
N TRP A 403 20.99 32.74 41.20
CA TRP A 403 21.17 31.47 40.50
C TRP A 403 22.54 30.84 40.70
N ASN A 404 23.53 31.58 41.23
CA ASN A 404 24.82 30.98 41.52
C ASN A 404 24.75 30.02 42.68
N ASP A 405 23.66 30.07 43.46
CA ASP A 405 23.42 29.17 44.59
C ASP A 405 22.29 28.18 44.27
N LEU A 406 22.21 27.74 43.00
CA LEU A 406 21.08 26.93 42.55
C LEU A 406 20.91 25.67 43.39
N TRP A 407 22.00 25.10 43.86
CA TRP A 407 21.97 23.91 44.72
C TRP A 407 21.08 24.10 45.95
N LEU A 408 20.93 25.32 46.47
CA LEU A 408 20.01 25.52 47.60
C LEU A 408 18.61 25.04 47.27
N ASN A 409 18.18 25.22 46.01
CA ASN A 409 16.92 24.67 45.52
C ASN A 409 17.13 23.24 45.03
N GLU A 410 18.00 23.06 44.04
CA GLU A 410 18.04 21.80 43.29
C GLU A 410 18.80 20.70 44.02
N GLY A 411 19.82 21.05 44.80
CA GLY A 411 20.53 20.05 45.56
C GLY A 411 19.71 19.49 46.70
N PHE A 412 19.01 20.38 47.43
CA PHE A 412 18.08 19.95 48.46
C PHE A 412 16.97 19.08 47.87
N ALA A 413 16.35 19.55 46.78
CA ALA A 413 15.26 18.75 46.21
C ALA A 413 15.75 17.40 45.70
N SER A 414 16.98 17.34 45.17
CA SER A 414 17.50 16.08 44.64
C SER A 414 17.87 15.12 45.74
N TYR A 415 18.26 15.62 46.92
CA TYR A 415 18.48 14.75 48.08
C TYR A 415 17.16 14.34 48.71
N VAL A 416 16.30 15.32 48.96
CA VAL A 416 15.04 15.07 49.67
C VAL A 416 14.10 14.20 48.85
N GLU A 417 14.24 14.17 47.52
CA GLU A 417 13.37 13.31 46.71
C GLU A 417 13.45 11.85 47.17
N TYR A 418 14.63 11.41 47.62
CA TYR A 418 14.80 10.02 48.04
C TYR A 418 14.06 9.74 49.34
N LEU A 419 14.00 10.70 50.26
CA LEU A 419 13.24 10.46 51.48
C LEU A 419 11.75 10.40 51.18
N GLY A 420 11.24 11.28 50.34
CA GLY A 420 9.81 11.23 49.99
C GLY A 420 9.44 10.02 49.16
N ALA A 421 10.29 9.65 48.20
CA ALA A 421 9.96 8.52 47.35
C ALA A 421 10.13 7.20 48.09
N ASP A 422 11.11 7.12 48.99
CA ASP A 422 11.25 5.94 49.85
C ASP A 422 10.10 5.83 50.82
N PHE A 423 9.63 6.96 51.36
CA PHE A 423 8.38 6.94 52.11
C PHE A 423 7.27 6.33 51.26
N ALA A 424 7.15 6.77 50.00
CA ALA A 424 6.07 6.31 49.12
C ALA A 424 6.18 4.83 48.78
N GLU A 425 7.39 4.33 48.57
CA GLU A 425 7.62 2.97 48.09
C GLU A 425 8.74 2.33 48.89
N PRO A 426 8.49 2.03 50.17
CA PRO A 426 9.56 1.55 51.04
C PRO A 426 10.20 0.23 50.62
N THR A 427 9.48 -0.64 49.92
CA THR A 427 10.06 -1.93 49.58
C THR A 427 11.08 -1.83 48.46
N TRP A 428 11.19 -0.67 47.80
CA TRP A 428 12.08 -0.51 46.68
C TRP A 428 13.52 -0.24 47.08
N ASN A 429 13.76 0.23 48.30
CA ASN A 429 15.10 0.59 48.75
C ASN A 429 15.73 1.63 47.82
N LEU A 430 14.94 2.64 47.45
CA LEU A 430 15.39 3.67 46.51
C LEU A 430 16.60 4.43 47.02
N LYS A 431 16.73 4.59 48.34
CA LYS A 431 17.80 5.44 48.88
C LYS A 431 19.17 4.97 48.42
N ASP A 432 19.34 3.65 48.24
CA ASP A 432 20.64 3.12 47.82
C ASP A 432 21.01 3.59 46.41
N LEU A 433 20.03 3.71 45.51
CA LEU A 433 20.35 4.14 44.15
C LEU A 433 20.93 5.54 44.07
N MET A 434 20.90 6.30 45.16
CA MET A 434 21.42 7.66 45.08
C MET A 434 22.90 7.65 44.70
N VAL A 435 23.65 6.62 45.11
CA VAL A 435 25.07 6.57 44.75
C VAL A 435 25.24 6.47 43.23
N LEU A 436 24.51 5.56 42.58
CA LEU A 436 24.63 5.45 41.12
C LEU A 436 24.01 6.63 40.38
N ASN A 437 22.85 7.08 40.83
CA ASN A 437 22.05 8.04 40.07
C ASN A 437 22.51 9.47 40.27
N ASP A 438 23.19 9.76 41.39
CA ASP A 438 23.64 11.12 41.66
C ASP A 438 25.14 11.22 41.89
N VAL A 439 25.70 10.49 42.87
CA VAL A 439 27.13 10.62 43.18
C VAL A 439 27.96 10.30 41.94
N TYR A 440 27.77 9.10 41.38
CA TYR A 440 28.58 8.70 40.25
C TYR A 440 28.19 9.45 38.98
N ARG A 441 26.98 10.00 38.92
CA ARG A 441 26.63 10.82 37.78
C ARG A 441 27.46 12.11 37.72
N VAL A 442 27.75 12.72 38.86
CA VAL A 442 28.38 14.03 38.83
C VAL A 442 29.89 13.93 38.95
N MET A 443 30.41 12.87 39.56
CA MET A 443 31.86 12.75 39.77
C MET A 443 32.62 12.79 38.45
N ALA A 444 32.01 12.35 37.35
CA ALA A 444 32.67 12.42 36.05
C ALA A 444 32.98 13.86 35.67
N VAL A 445 32.01 14.76 35.83
CA VAL A 445 32.29 16.14 35.43
C VAL A 445 33.06 16.89 36.52
N ASP A 446 32.85 16.53 37.80
CA ASP A 446 33.53 17.22 38.89
C ASP A 446 35.01 16.86 39.00
N ALA A 447 35.49 15.90 38.23
CA ALA A 447 36.91 15.61 38.10
C ALA A 447 37.60 16.45 37.03
N LEU A 448 36.92 17.45 36.48
CA LEU A 448 37.49 18.31 35.45
C LEU A 448 37.95 19.64 36.04
N ALA A 449 39.01 20.19 35.46
CA ALA A 449 39.41 21.54 35.79
C ALA A 449 38.32 22.55 35.40
N SER A 450 37.44 22.18 34.47
CA SER A 450 36.37 23.05 34.00
C SER A 450 35.03 22.74 34.67
N SER A 451 35.03 22.06 35.81
CA SER A 451 33.85 21.98 36.66
C SER A 451 33.60 23.36 37.29
N HIS A 452 32.65 23.42 38.23
CA HIS A 452 32.43 24.65 38.99
C HIS A 452 31.92 24.28 40.37
N PRO A 453 32.14 25.16 41.36
CA PRO A 453 31.65 24.87 42.71
C PRO A 453 30.13 24.92 42.80
N LEU A 454 29.62 24.30 43.87
CA LEU A 454 28.19 24.36 44.18
C LEU A 454 27.76 25.81 44.29
N SER A 455 28.55 26.62 44.99
CA SER A 455 28.30 28.04 45.14
C SER A 455 29.37 28.75 44.31
N THR A 456 29.01 29.10 43.09
CA THR A 456 29.84 29.82 42.12
C THR A 456 29.78 31.31 42.44
N PRO A 457 30.87 32.07 42.32
CA PRO A 457 30.75 33.51 42.60
C PRO A 457 29.74 34.14 41.66
N ALA A 458 28.91 35.01 42.23
CA ALA A 458 27.68 35.43 41.57
C ALA A 458 27.96 36.15 40.26
N SER A 459 28.99 36.98 40.24
CA SER A 459 29.19 37.77 39.04
C SER A 459 29.65 36.92 37.88
N GLU A 460 29.70 35.61 38.10
CA GLU A 460 30.05 34.62 37.09
C GLU A 460 28.83 33.88 36.54
N ILE A 461 27.66 34.07 37.13
CA ILE A 461 26.43 33.53 36.59
C ILE A 461 25.52 34.74 36.41
N ASN A 462 25.62 35.40 35.24
CA ASN A 462 25.02 36.71 34.97
C ASN A 462 23.91 36.67 33.92
N THR A 463 24.23 36.17 32.73
CA THR A 463 23.33 36.20 31.60
C THR A 463 22.35 35.05 31.64
N PRO A 464 21.20 35.18 30.97
CA PRO A 464 20.26 34.05 30.90
C PRO A 464 20.88 32.78 30.37
N ALA A 465 21.83 32.85 29.44
CA ALA A 465 22.49 31.63 28.99
C ALA A 465 23.30 30.99 30.11
N GLN A 466 24.02 31.80 30.90
CA GLN A 466 24.81 31.27 32.00
C GLN A 466 23.93 30.74 33.13
N ILE A 467 22.78 31.38 33.33
CA ILE A 467 21.82 30.87 34.30
C ILE A 467 21.26 29.52 33.85
N SER A 468 20.88 29.42 32.58
CA SER A 468 20.35 28.16 32.07
C SER A 468 21.38 27.05 32.19
N GLU A 469 22.64 27.39 31.93
CA GLU A 469 23.79 26.51 32.07
C GLU A 469 23.89 25.82 33.43
N VAL A 470 23.74 26.58 34.54
CA VAL A 470 24.00 25.99 35.84
C VAL A 470 22.95 24.99 36.30
N PHE A 471 21.84 24.85 35.59
CA PHE A 471 20.95 23.72 35.83
C PHE A 471 21.64 22.46 35.33
N ASP A 472 22.54 21.94 36.15
CA ASP A 472 23.48 20.92 35.68
C ASP A 472 23.71 19.90 36.78
N SER A 473 24.57 18.94 36.49
CA SER A 473 24.76 17.83 37.42
C SER A 473 25.45 18.27 38.70
N ILE A 474 26.22 19.37 38.66
CA ILE A 474 26.77 19.92 39.90
C ILE A 474 25.65 20.39 40.80
N SER A 475 24.83 21.30 40.30
CA SER A 475 23.78 21.90 41.12
C SER A 475 22.78 20.85 41.61
N TYR A 476 22.45 19.87 40.76
CA TYR A 476 21.52 18.81 41.15
C TYR A 476 22.19 17.71 41.96
N SER A 477 23.13 17.01 41.32
CA SER A 477 23.61 15.74 41.86
C SER A 477 24.77 15.90 42.84
N LYS A 478 25.71 16.81 42.60
CA LYS A 478 26.66 17.08 43.68
C LYS A 478 25.96 17.75 44.86
N GLY A 479 25.00 18.64 44.59
CA GLY A 479 24.16 19.16 45.66
C GLY A 479 23.59 18.03 46.52
N ALA A 480 22.97 17.04 45.90
CA ALA A 480 22.42 15.92 46.66
C ALA A 480 23.51 15.13 47.38
N SER A 481 24.65 14.92 46.72
CA SER A 481 25.68 14.08 47.30
C SER A 481 26.24 14.71 48.57
N VAL A 482 26.41 16.03 48.55
CA VAL A 482 27.01 16.73 49.69
C VAL A 482 26.02 16.79 50.85
N LEU A 483 24.73 16.96 50.56
CA LEU A 483 23.73 16.96 51.61
C LEU A 483 23.54 15.57 52.22
N ARG A 484 23.56 14.51 51.39
CA ARG A 484 23.61 13.14 51.90
C ARG A 484 24.75 12.92 52.89
N MET A 485 25.96 13.36 52.52
CA MET A 485 27.11 13.21 53.41
C MET A 485 26.87 13.97 54.71
N LEU A 486 26.43 15.22 54.61
CA LEU A 486 26.13 16.03 55.79
C LEU A 486 25.08 15.34 56.66
N SER A 487 23.97 14.94 56.07
CA SER A 487 22.95 14.20 56.80
C SER A 487 23.54 12.98 57.47
N ASN A 488 24.42 12.25 56.78
CA ASN A 488 24.96 11.04 57.38
C ASN A 488 25.81 11.37 58.59
N PHE A 489 26.74 12.34 58.50
CA PHE A 489 27.59 12.52 59.68
C PHE A 489 26.92 13.35 60.77
N LEU A 490 25.87 14.12 60.45
CA LEU A 490 25.10 14.77 61.49
C LEU A 490 24.08 13.83 62.13
N THR A 491 23.70 12.76 61.42
CA THR A 491 22.49 12.00 61.69
C THR A 491 21.29 12.72 61.09
N GLU A 492 20.36 11.97 60.51
CA GLU A 492 19.26 12.62 59.81
C GLU A 492 18.28 13.26 60.81
N ASP A 493 18.08 12.68 61.99
CA ASP A 493 17.24 13.34 63.00
C ASP A 493 17.78 14.70 63.42
N LEU A 494 19.10 14.85 63.48
CA LEU A 494 19.66 16.15 63.81
C LEU A 494 19.57 17.10 62.62
N PHE A 495 19.97 16.60 61.45
CA PHE A 495 19.88 17.39 60.22
C PHE A 495 18.49 18.02 60.04
N LYS A 496 17.43 17.23 60.22
CA LYS A 496 16.10 17.75 59.92
C LYS A 496 15.65 18.82 60.91
N MET A 497 16.16 18.80 62.14
CA MET A 497 15.86 19.87 63.09
C MET A 497 16.54 21.17 62.69
N GLY A 498 17.79 21.09 62.24
CA GLY A 498 18.46 22.28 61.74
C GLY A 498 17.76 22.84 60.50
N ILE A 499 17.31 21.95 59.61
CA ILE A 499 16.59 22.39 58.42
C ILE A 499 15.27 23.04 58.78
N ALA A 500 14.52 22.45 59.73
CA ALA A 500 13.27 23.07 60.18
C ALA A 500 13.52 24.48 60.73
N SER A 501 14.58 24.65 61.51
CA SER A 501 15.01 25.98 61.95
C SER A 501 15.29 26.91 60.76
N TYR A 502 16.09 26.42 59.82
CA TYR A 502 16.39 27.18 58.60
C TYR A 502 15.11 27.62 57.90
N LEU A 503 14.16 26.69 57.72
CA LEU A 503 12.94 26.99 56.99
C LEU A 503 12.06 27.97 57.75
N HIS A 504 11.95 27.84 59.07
CA HIS A 504 11.11 28.77 59.82
C HIS A 504 11.70 30.17 59.80
N THR A 505 13.03 30.28 59.77
CA THR A 505 13.65 31.59 59.80
C THR A 505 13.48 32.32 58.47
N TYR A 506 13.57 31.61 57.35
CA TYR A 506 13.65 32.25 56.04
C TYR A 506 12.39 32.10 55.18
N LYS A 507 11.30 31.53 55.71
CA LYS A 507 10.08 31.37 54.94
C LYS A 507 9.69 32.68 54.26
N TYR A 508 9.29 32.58 53.00
CA TYR A 508 8.88 33.69 52.14
C TYR A 508 10.02 34.67 51.86
N GLY A 509 11.26 34.23 52.06
CA GLY A 509 12.42 35.08 51.79
C GLY A 509 13.47 34.34 50.99
N ASN A 510 14.72 34.82 51.02
CA ASN A 510 15.78 34.23 50.20
C ASN A 510 17.04 33.99 51.02
N THR A 511 17.83 33.01 50.60
CA THR A 511 19.02 32.62 51.34
C THR A 511 20.26 32.52 50.46
N ILE A 512 21.43 32.56 51.11
CA ILE A 512 22.69 32.19 50.49
C ILE A 512 23.32 31.06 51.31
N TYR A 513 24.38 30.45 50.75
CA TYR A 513 24.95 29.22 51.31
C TYR A 513 25.22 29.32 52.81
N LEU A 514 25.73 30.46 53.29
CA LEU A 514 26.09 30.62 54.70
C LEU A 514 24.90 30.48 55.65
N ASN A 515 23.70 30.95 55.24
CA ASN A 515 22.59 31.02 56.18
C ASN A 515 22.19 29.65 56.71
N LEU A 516 22.57 28.58 56.04
CA LEU A 516 22.20 27.25 56.49
C LEU A 516 23.01 26.80 57.70
N TRP A 517 24.25 27.22 57.82
CA TRP A 517 25.17 26.50 58.68
C TRP A 517 25.04 26.91 60.15
N GLU A 518 24.61 28.14 60.41
CA GLU A 518 24.26 28.58 61.75
C GLU A 518 23.22 27.64 62.38
N HIS A 519 22.12 27.41 61.66
CA HIS A 519 21.03 26.58 62.17
C HIS A 519 21.47 25.15 62.43
N LEU A 520 22.38 24.61 61.61
CA LEU A 520 22.89 23.28 61.89
C LEU A 520 23.85 23.29 63.09
N GLN A 521 24.66 24.35 63.24
CA GLN A 521 25.62 24.37 64.34
C GLN A 521 24.90 24.35 65.69
N GLN A 522 23.77 25.06 65.78
CA GLN A 522 23.08 25.15 67.06
C GLN A 522 22.55 23.80 67.49
N VAL A 523 21.94 23.04 66.58
CA VAL A 523 21.43 21.74 66.99
C VAL A 523 22.59 20.82 67.38
N VAL A 524 23.74 20.94 66.72
CA VAL A 524 24.89 20.14 67.13
C VAL A 524 25.33 20.55 68.53
N ASP A 525 25.39 21.86 68.80
CA ASP A 525 25.91 22.34 70.07
C ASP A 525 25.00 22.02 71.24
N LYS A 526 23.69 21.87 71.00
CA LYS A 526 22.71 21.72 72.07
C LYS A 526 22.46 20.26 72.46
N GLN A 527 23.23 19.31 71.93
CA GLN A 527 23.12 17.92 72.32
C GLN A 527 24.52 17.35 72.49
N PRO A 528 24.66 16.28 73.32
CA PRO A 528 26.02 15.77 73.62
C PRO A 528 26.52 14.66 72.71
N THR A 529 25.63 13.94 72.03
CA THR A 529 26.00 12.70 71.35
C THR A 529 26.84 12.94 70.10
N ILE A 530 26.32 13.73 69.17
CA ILE A 530 27.00 13.98 67.88
C ILE A 530 27.90 15.20 67.99
N LYS A 531 29.16 15.00 67.68
CA LYS A 531 30.13 16.09 67.74
C LYS A 531 30.97 16.05 66.46
N LEU A 532 31.49 17.20 66.08
CA LEU A 532 32.28 17.37 64.88
C LEU A 532 33.68 17.84 65.25
N PRO A 533 34.69 17.56 64.42
CA PRO A 533 36.06 18.02 64.73
C PRO A 533 36.31 19.47 64.38
N ASP A 534 35.34 20.09 63.70
CA ASP A 534 35.26 21.51 63.37
C ASP A 534 33.82 21.99 63.40
N THR A 535 33.70 23.30 63.15
CA THR A 535 32.41 23.89 62.94
C THR A 535 31.83 23.37 61.63
N VAL A 536 30.50 23.48 61.54
CA VAL A 536 29.80 23.11 60.31
C VAL A 536 30.31 23.94 59.13
N SER A 537 30.47 25.25 59.36
CA SER A 537 30.89 26.15 58.28
C SER A 537 32.30 25.82 57.80
N ALA A 538 33.20 25.45 58.72
CA ALA A 538 34.54 25.03 58.31
C ALA A 538 34.48 23.79 57.43
N ILE A 539 33.68 22.80 57.83
CA ILE A 539 33.63 21.54 57.08
C ILE A 539 32.88 21.74 55.77
N MET A 540 31.73 22.42 55.82
CA MET A 540 30.84 22.49 54.66
C MET A 540 31.31 23.51 53.62
N ASP A 541 31.93 24.61 54.04
CA ASP A 541 32.45 25.57 53.07
C ASP A 541 33.41 24.92 52.10
N ARG A 542 34.21 23.96 52.59
CA ARG A 542 35.14 23.25 51.73
C ARG A 542 34.43 22.42 50.67
N TRP A 543 33.18 22.03 50.92
CA TRP A 543 32.42 21.22 49.97
C TRP A 543 31.57 22.09 49.06
N ILE A 544 31.37 23.35 49.42
CA ILE A 544 30.43 24.20 48.72
C ILE A 544 31.11 25.29 47.90
N LEU A 545 32.25 25.81 48.36
CA LEU A 545 32.88 26.96 47.72
C LEU A 545 34.01 26.58 46.77
N GLN A 546 34.57 25.38 46.89
CA GLN A 546 35.57 24.94 45.92
C GLN A 546 35.01 23.75 45.15
N MET A 547 35.43 23.62 43.89
CA MET A 547 34.93 22.50 43.10
C MET A 547 35.66 21.23 43.48
N GLY A 548 35.22 20.13 42.88
CA GLY A 548 35.97 18.92 42.91
C GLY A 548 35.74 18.13 44.17
N PHE A 549 36.58 17.10 44.30
CA PHE A 549 36.54 16.20 45.43
C PHE A 549 37.90 15.54 45.54
N PRO A 550 38.25 15.05 46.72
CA PRO A 550 39.55 14.41 46.87
C PRO A 550 39.50 12.94 46.51
N VAL A 551 40.64 12.41 46.10
CA VAL A 551 40.92 10.99 46.27
C VAL A 551 41.65 10.82 47.60
N ILE A 552 41.16 9.89 48.42
CA ILE A 552 41.77 9.54 49.69
C ILE A 552 42.60 8.28 49.46
N THR A 553 43.92 8.37 49.68
CA THR A 553 44.81 7.26 49.40
C THR A 553 45.35 6.68 50.71
N VAL A 554 45.26 5.36 50.85
CA VAL A 554 45.69 4.66 52.05
C VAL A 554 46.83 3.72 51.71
N ASP A 555 47.90 3.80 52.49
CA ASP A 555 48.96 2.81 52.55
C ASP A 555 48.70 1.90 53.74
N THR A 556 48.14 0.72 53.48
CA THR A 556 47.81 -0.16 54.60
C THR A 556 49.05 -0.72 55.28
N GLN A 557 50.25 -0.51 54.74
CA GLN A 557 51.42 -1.01 55.43
C GLN A 557 51.86 -0.08 56.56
N THR A 558 51.58 1.22 56.45
CA THR A 558 51.90 2.19 57.48
C THR A 558 50.68 2.81 58.13
N GLY A 559 49.51 2.68 57.52
CA GLY A 559 48.37 3.45 57.95
C GLY A 559 48.40 4.91 57.52
N THR A 560 49.28 5.26 56.59
CA THR A 560 49.33 6.63 56.11
C THR A 560 48.10 6.90 55.25
N ILE A 561 47.45 8.03 55.49
CA ILE A 561 46.27 8.46 54.73
C ILE A 561 46.52 9.86 54.18
N SER A 562 46.22 10.05 52.89
CA SER A 562 46.46 11.35 52.26
C SER A 562 45.31 11.73 51.33
N GLN A 563 45.22 13.02 51.05
CA GLN A 563 44.18 13.53 50.15
C GLN A 563 44.80 14.41 49.08
N GLN A 564 44.14 14.43 47.92
CA GLN A 564 44.44 15.45 46.94
C GLN A 564 43.28 15.55 45.97
N HIS A 565 43.10 16.75 45.45
CA HIS A 565 42.09 17.07 44.45
C HIS A 565 42.17 16.07 43.30
N PHE A 566 41.09 15.33 43.08
CA PHE A 566 41.10 14.31 42.04
C PHE A 566 40.82 14.93 40.68
N LEU A 567 41.75 14.76 39.75
CA LEU A 567 41.65 15.32 38.42
C LEU A 567 41.77 14.17 37.41
N LEU A 568 40.82 14.11 36.47
CA LEU A 568 40.81 12.99 35.52
C LEU A 568 42.09 12.95 34.72
N ASP A 569 42.59 14.11 34.32
CA ASP A 569 43.85 14.18 33.58
C ASP A 569 44.85 14.90 34.46
N PRO A 570 45.86 14.20 34.99
CA PRO A 570 46.76 14.83 35.97
C PRO A 570 47.59 15.96 35.39
N GLN A 571 47.56 16.18 34.08
CA GLN A 571 48.32 17.25 33.47
C GLN A 571 47.44 18.43 33.10
N SER A 572 46.13 18.34 33.34
CA SER A 572 45.24 19.47 33.12
C SER A 572 45.50 20.54 34.19
N VAL A 573 45.30 21.79 33.80
CA VAL A 573 45.69 22.95 34.59
C VAL A 573 44.46 23.50 35.30
N VAL A 574 44.45 23.43 36.63
CA VAL A 574 43.37 24.05 37.39
C VAL A 574 43.68 25.53 37.53
N THR A 575 42.86 26.38 36.91
CA THR A 575 43.00 27.82 37.03
C THR A 575 42.04 28.46 38.04
N ARG A 576 41.01 27.75 38.47
CA ARG A 576 40.13 28.26 39.50
C ARG A 576 40.82 28.25 40.85
N PRO A 577 41.07 29.39 41.48
CA PRO A 577 41.70 29.39 42.79
C PRO A 577 40.73 28.95 43.86
N SER A 578 41.29 28.39 44.93
CA SER A 578 40.54 27.99 46.10
C SER A 578 41.19 28.55 47.34
N GLN A 579 40.40 29.21 48.18
CA GLN A 579 40.95 29.71 49.44
C GLN A 579 41.41 28.58 50.36
N PHE A 580 40.93 27.35 50.16
CA PHE A 580 41.33 26.21 50.96
C PHE A 580 42.38 25.33 50.30
N ASN A 581 42.93 25.76 49.16
CA ASN A 581 43.99 25.05 48.46
C ASN A 581 43.62 23.62 48.11
N TYR A 582 42.34 23.37 47.80
CA TYR A 582 41.86 22.06 47.38
C TYR A 582 42.24 20.98 48.40
N LEU A 583 41.95 21.31 49.66
CA LEU A 583 42.00 20.37 50.78
C LEU A 583 40.62 20.38 51.44
N TRP A 584 40.20 19.21 51.92
CA TRP A 584 38.89 19.05 52.54
C TRP A 584 39.06 18.47 53.94
N ILE A 585 38.04 18.67 54.77
CA ILE A 585 37.90 17.94 56.03
C ILE A 585 36.93 16.79 55.76
N VAL A 586 37.43 15.55 55.79
CA VAL A 586 36.73 14.42 55.19
C VAL A 586 36.28 13.46 56.29
N PRO A 587 34.98 13.14 56.37
CA PRO A 587 34.52 12.08 57.29
C PRO A 587 34.73 10.72 56.67
N ILE A 588 35.38 9.81 57.42
CA ILE A 588 35.81 8.54 56.87
C ILE A 588 35.37 7.39 57.77
N SER A 589 34.34 6.64 57.32
CA SER A 589 33.99 5.34 57.89
C SER A 589 34.86 4.24 57.29
N SER A 590 34.95 3.12 57.99
CA SER A 590 35.75 2.02 57.50
C SER A 590 35.34 0.70 58.14
N VAL A 591 35.76 -0.39 57.52
CA VAL A 591 35.66 -1.72 58.09
C VAL A 591 37.02 -2.37 57.96
N ARG A 592 37.29 -3.33 58.83
CA ARG A 592 38.51 -4.14 58.79
C ARG A 592 38.03 -5.57 58.60
N SER A 593 38.24 -6.10 57.40
CA SER A 593 37.75 -7.43 57.04
C SER A 593 36.29 -7.63 57.45
N GLY A 594 35.47 -6.62 57.18
CA GLY A 594 34.05 -6.70 57.42
C GLY A 594 33.60 -6.15 58.76
N SER A 595 34.49 -6.08 59.74
CA SER A 595 34.13 -5.62 61.08
C SER A 595 34.15 -4.10 61.15
N PRO A 596 33.08 -3.46 61.59
CA PRO A 596 33.08 -1.98 61.64
C PRO A 596 34.19 -1.44 62.54
N GLN A 597 34.74 -0.31 62.13
CA GLN A 597 35.82 0.35 62.85
C GLN A 597 35.33 1.68 63.39
N ALA A 598 36.15 2.27 64.26
CA ALA A 598 35.86 3.61 64.75
C ALA A 598 35.87 4.60 63.59
N HIS A 599 34.97 5.58 63.66
CA HIS A 599 34.91 6.61 62.65
C HIS A 599 36.10 7.56 62.76
N TYR A 600 36.54 8.09 61.62
CA TYR A 600 37.71 8.94 61.58
C TYR A 600 37.41 10.17 60.72
N TRP A 601 37.99 11.30 61.07
CA TRP A 601 37.94 12.50 60.23
C TRP A 601 39.36 12.87 59.80
N LEU A 602 39.56 13.02 58.48
CA LEU A 602 40.83 13.53 57.99
C LEU A 602 40.74 15.05 58.03
N PRO A 603 41.57 15.73 58.81
CA PRO A 603 41.49 17.21 58.82
C PRO A 603 42.01 17.77 57.51
N GLY A 604 41.87 19.08 57.31
CA GLY A 604 42.35 19.70 56.10
C GLY A 604 43.86 19.64 55.93
N VAL A 605 44.44 18.44 55.97
CA VAL A 605 45.86 18.24 55.79
C VAL A 605 46.08 17.32 54.60
N GLU A 606 47.25 17.46 53.96
CA GLU A 606 47.60 16.58 52.84
C GLU A 606 47.77 15.14 53.28
N LYS A 607 48.36 14.92 54.46
CA LYS A 607 48.79 13.58 54.87
C LYS A 607 48.63 13.42 56.37
N ALA A 608 48.23 12.22 56.79
CA ALA A 608 48.21 11.86 58.19
C ALA A 608 48.51 10.37 58.30
N GLN A 609 48.48 9.87 59.54
CA GLN A 609 48.70 8.46 59.81
C GLN A 609 47.75 8.03 60.91
N ASN A 610 47.20 6.82 60.76
CA ASN A 610 46.36 6.25 61.81
C ASN A 610 46.35 4.74 61.67
N ASP A 611 46.47 4.05 62.81
CA ASP A 611 46.48 2.59 62.77
C ASP A 611 45.14 2.00 62.33
N LEU A 612 44.06 2.79 62.37
CA LEU A 612 42.81 2.36 61.74
C LEU A 612 43.02 1.90 60.31
N PHE A 613 44.01 2.48 59.62
CA PHE A 613 44.24 2.17 58.22
C PHE A 613 45.50 1.34 58.01
N LYS A 614 46.11 0.80 59.06
CA LYS A 614 47.21 -0.14 58.93
C LYS A 614 46.71 -1.57 59.12
N THR A 615 47.27 -2.50 58.35
CA THR A 615 46.82 -3.88 58.35
C THR A 615 48.01 -4.83 58.39
N THR A 616 47.74 -6.07 58.81
CA THR A 616 48.65 -7.18 58.64
C THR A 616 48.23 -8.00 57.41
N ALA A 617 48.95 -9.10 57.18
CA ALA A 617 48.74 -9.85 55.94
C ALA A 617 47.39 -10.55 55.87
N ASN A 618 46.68 -10.69 56.98
CA ASN A 618 45.41 -11.39 57.01
C ASN A 618 44.19 -10.46 57.00
N ASP A 619 44.40 -9.15 56.97
CA ASP A 619 43.32 -8.18 57.06
C ASP A 619 43.38 -7.19 55.91
N TRP A 620 42.20 -6.71 55.52
CA TRP A 620 42.07 -5.60 54.59
C TRP A 620 41.19 -4.54 55.23
N VAL A 621 41.30 -3.32 54.73
CA VAL A 621 40.42 -2.26 55.18
C VAL A 621 39.68 -1.71 53.97
N LEU A 622 38.52 -1.15 54.23
CA LEU A 622 37.64 -0.61 53.19
C LEU A 622 37.08 0.69 53.74
N LEU A 623 37.26 1.78 53.01
CA LEU A 623 36.87 3.09 53.49
C LEU A 623 35.58 3.52 52.81
N ASN A 624 34.82 4.39 53.51
CA ASN A 624 33.59 5.00 52.99
C ASN A 624 32.50 3.97 52.73
N LEU A 625 32.05 3.26 53.77
CA LEU A 625 30.93 2.33 53.56
C LEU A 625 29.68 3.02 53.06
N ASN A 626 29.03 2.36 52.11
CA ASN A 626 27.82 2.89 51.51
C ASN A 626 28.07 4.19 50.75
N VAL A 627 29.34 4.55 50.57
CA VAL A 627 29.76 5.73 49.81
C VAL A 627 28.93 6.92 50.30
N THR A 628 28.85 7.08 51.63
CA THR A 628 28.19 8.24 52.20
C THR A 628 28.97 9.54 51.95
N GLY A 629 30.29 9.46 51.84
CA GLY A 629 31.12 10.63 51.64
C GLY A 629 31.47 10.84 50.18
N TYR A 630 31.52 12.10 49.78
CA TYR A 630 31.78 12.52 48.39
C TYR A 630 33.28 12.52 48.11
N TYR A 631 33.84 11.32 47.91
CA TYR A 631 35.27 11.18 47.58
C TYR A 631 35.54 9.77 47.05
N LEU A 632 36.67 9.65 46.33
CA LEU A 632 37.21 8.35 45.96
C LEU A 632 38.24 7.87 46.97
N VAL A 633 38.40 6.55 47.02
CA VAL A 633 39.38 5.89 47.87
C VAL A 633 40.31 5.07 46.98
N ASN A 634 41.61 5.24 47.20
CA ASN A 634 42.62 4.38 46.60
C ASN A 634 43.43 3.74 47.72
N TYR A 635 43.92 2.54 47.47
CA TYR A 635 44.71 1.79 48.41
C TYR A 635 46.00 1.34 47.76
N ASP A 636 46.95 0.91 48.58
CA ASP A 636 48.12 0.22 48.08
C ASP A 636 47.71 -1.06 47.34
N ASN A 637 48.59 -1.49 46.44
CA ASN A 637 48.35 -2.68 45.64
C ASN A 637 48.00 -3.91 46.50
N GLU A 638 48.64 -4.09 47.65
CA GLU A 638 48.38 -5.29 48.45
C GLU A 638 46.97 -5.30 48.99
N ASN A 639 46.47 -4.14 49.45
CA ASN A 639 45.09 -4.09 49.93
C ASN A 639 44.11 -4.41 48.80
N TRP A 640 44.34 -3.84 47.61
CA TRP A 640 43.45 -4.14 46.49
C TRP A 640 43.38 -5.63 46.24
N LYS A 641 44.53 -6.32 46.27
CA LYS A 641 44.53 -7.77 46.05
C LYS A 641 43.68 -8.48 47.10
N LYS A 642 43.77 -8.05 48.36
CA LYS A 642 43.00 -8.69 49.41
C LYS A 642 41.51 -8.47 49.21
N ILE A 643 41.12 -7.28 48.77
CA ILE A 643 39.72 -7.02 48.42
C ILE A 643 39.29 -7.89 47.24
N GLN A 644 40.16 -8.03 46.24
CA GLN A 644 39.81 -8.88 45.10
C GLN A 644 39.63 -10.34 45.53
N THR A 645 40.49 -10.81 46.45
CA THR A 645 40.36 -12.19 46.94
C THR A 645 39.06 -12.37 47.71
N GLN A 646 38.69 -11.37 48.51
CA GLN A 646 37.44 -11.44 49.25
C GLN A 646 36.26 -11.54 48.29
N LEU A 647 36.27 -10.70 47.25
CA LEU A 647 35.21 -10.73 46.24
C LEU A 647 35.13 -12.07 45.55
N GLN A 648 36.26 -12.73 45.35
CA GLN A 648 36.22 -14.00 44.65
C GLN A 648 35.92 -15.16 45.59
N THR A 649 36.26 -15.02 46.88
CA THR A 649 36.02 -16.05 47.90
C THR A 649 34.63 -15.97 48.52
N ASP A 650 34.19 -14.78 48.92
CA ASP A 650 32.85 -14.60 49.48
C ASP A 650 32.48 -13.12 49.35
N LEU A 651 31.90 -12.77 48.20
CA LEU A 651 31.62 -11.36 47.91
C LEU A 651 30.63 -10.74 48.89
N SER A 652 29.79 -11.56 49.53
CA SER A 652 28.77 -11.01 50.41
C SER A 652 29.36 -10.31 51.62
N VAL A 653 30.65 -10.55 51.90
CA VAL A 653 31.28 -9.90 53.04
C VAL A 653 31.40 -8.40 52.80
N ILE A 654 31.52 -8.00 51.54
CA ILE A 654 31.61 -6.59 51.17
C ILE A 654 30.19 -6.09 50.91
N PRO A 655 29.71 -5.06 51.61
CA PRO A 655 28.36 -4.56 51.33
C PRO A 655 28.19 -4.18 49.87
N VAL A 656 26.94 -4.30 49.40
CA VAL A 656 26.70 -4.28 47.95
C VAL A 656 27.11 -2.94 47.36
N ILE A 657 26.83 -1.85 48.07
CA ILE A 657 27.17 -0.53 47.55
C ILE A 657 28.67 -0.39 47.42
N ASN A 658 29.42 -1.01 48.33
CA ASN A 658 30.89 -0.92 48.30
C ASN A 658 31.49 -1.86 47.26
N ARG A 659 30.75 -2.90 46.87
CA ARG A 659 31.14 -3.67 45.71
C ARG A 659 31.07 -2.81 44.45
N ALA A 660 30.02 -1.98 44.35
CA ALA A 660 29.98 -0.99 43.27
C ALA A 660 31.10 0.04 43.42
N GLN A 661 31.40 0.42 44.66
CA GLN A 661 32.46 1.41 44.88
C GLN A 661 33.82 0.92 44.36
N VAL A 662 34.20 -0.31 44.66
CA VAL A 662 35.56 -0.73 44.28
C VAL A 662 35.68 -0.83 42.78
N ILE A 663 34.58 -1.09 42.08
CA ILE A 663 34.59 -1.04 40.64
C ILE A 663 34.66 0.40 40.15
N HIS A 664 33.74 1.24 40.63
CA HIS A 664 33.69 2.62 40.14
C HIS A 664 34.99 3.36 40.42
N ASP A 665 35.49 3.29 41.67
CA ASP A 665 36.68 4.07 41.99
C ASP A 665 37.90 3.56 41.24
N ALA A 666 38.07 2.25 41.11
CA ALA A 666 39.24 1.76 40.37
C ALA A 666 39.24 2.26 38.93
N PHE A 667 38.05 2.34 38.30
CA PHE A 667 37.99 2.80 36.92
C PHE A 667 38.25 4.30 36.82
N ASN A 668 37.68 5.09 37.73
CA ASN A 668 38.05 6.50 37.82
C ASN A 668 39.55 6.66 38.04
N LEU A 669 40.11 5.90 38.99
CA LEU A 669 41.52 6.03 39.29
C LEU A 669 42.39 5.63 38.11
N ALA A 670 41.99 4.57 37.39
CA ALA A 670 42.75 4.15 36.23
C ALA A 670 42.75 5.22 35.15
N SER A 671 41.60 5.84 34.91
CA SER A 671 41.58 6.84 33.87
C SER A 671 42.44 8.06 34.21
N ALA A 672 42.88 8.18 35.46
CA ALA A 672 43.69 9.31 35.89
C ALA A 672 45.13 8.93 36.21
N GLN A 673 45.60 7.76 35.77
CA GLN A 673 46.97 7.31 35.99
C GLN A 673 47.31 7.09 37.46
N LYS A 674 46.32 6.90 38.33
CA LYS A 674 46.63 6.63 39.73
C LYS A 674 46.61 5.16 40.08
N VAL A 675 45.98 4.32 39.27
CA VAL A 675 46.20 2.88 39.33
C VAL A 675 46.44 2.40 37.90
N PRO A 676 47.08 1.25 37.73
CA PRO A 676 47.12 0.64 36.40
C PRO A 676 45.71 0.27 35.94
N VAL A 677 45.50 0.37 34.63
CA VAL A 677 44.18 0.03 34.09
C VAL A 677 43.84 -1.43 34.36
N THR A 678 44.85 -2.30 34.50
CA THR A 678 44.55 -3.71 34.75
C THR A 678 43.98 -3.93 36.13
N LEU A 679 44.15 -3.00 37.06
CA LEU A 679 43.54 -3.20 38.37
C LEU A 679 42.04 -2.93 38.29
N ALA A 680 41.63 -1.89 37.56
CA ALA A 680 40.21 -1.67 37.32
C ALA A 680 39.58 -2.88 36.63
N LEU A 681 40.24 -3.39 35.60
CA LEU A 681 39.71 -4.55 34.89
C LEU A 681 39.70 -5.79 35.79
N ASN A 682 40.76 -5.99 36.61
CA ASN A 682 40.74 -7.13 37.53
C ASN A 682 39.56 -7.05 38.50
N ASN A 683 39.14 -5.83 38.83
CA ASN A 683 38.00 -5.66 39.73
C ASN A 683 36.66 -6.06 39.10
N THR A 684 36.62 -6.38 37.79
CA THR A 684 35.38 -6.84 37.18
C THR A 684 35.30 -8.35 37.09
N LEU A 685 36.38 -9.06 37.40
CA LEU A 685 36.40 -10.51 37.25
C LEU A 685 35.32 -11.18 38.09
N PHE A 686 35.12 -10.70 39.33
CA PHE A 686 34.17 -11.35 40.22
C PHE A 686 32.73 -11.22 39.74
N LEU A 687 32.43 -10.30 38.81
CA LEU A 687 31.05 -10.13 38.36
C LEU A 687 30.46 -11.43 37.82
N ILE A 688 31.30 -12.36 37.39
CA ILE A 688 30.79 -13.59 36.82
C ILE A 688 29.96 -14.35 37.84
N GLN A 689 30.10 -14.04 39.14
CA GLN A 689 29.27 -14.67 40.17
C GLN A 689 28.37 -13.67 40.90
N GLU A 690 28.26 -12.44 40.43
CA GLU A 690 27.42 -11.43 41.06
C GLU A 690 26.06 -11.40 40.39
N THR A 691 25.00 -11.37 41.21
CA THR A 691 23.66 -11.20 40.68
C THR A 691 22.98 -9.90 41.11
N GLU A 692 23.59 -9.10 41.97
CA GLU A 692 22.98 -7.86 42.42
C GLU A 692 23.04 -6.79 41.33
N TYR A 693 22.04 -5.90 41.34
CA TYR A 693 21.96 -4.84 40.35
C TYR A 693 23.13 -3.87 40.44
N MET A 694 23.37 -3.28 41.61
CA MET A 694 24.24 -2.10 41.66
C MET A 694 25.68 -2.35 41.26
N PRO A 695 26.36 -3.42 41.67
CA PRO A 695 27.74 -3.61 41.21
C PRO A 695 27.82 -3.83 39.71
N TRP A 696 26.86 -4.54 39.13
CA TRP A 696 26.83 -4.69 37.68
C TRP A 696 26.57 -3.36 36.98
N GLN A 697 25.69 -2.53 37.53
CA GLN A 697 25.43 -1.23 36.91
C GLN A 697 26.64 -0.34 36.98
N ALA A 698 27.36 -0.36 38.11
CA ALA A 698 28.58 0.42 38.21
C ALA A 698 29.62 -0.04 37.20
N ALA A 699 29.75 -1.37 37.02
CA ALA A 699 30.68 -1.89 36.02
C ALA A 699 30.28 -1.45 34.61
N LEU A 700 28.99 -1.58 34.27
CA LEU A 700 28.54 -1.21 32.93
C LEU A 700 28.73 0.29 32.68
N SER A 701 28.51 1.12 33.71
CA SER A 701 28.69 2.56 33.51
C SER A 701 30.15 2.93 33.36
N SER A 702 31.03 2.30 34.13
CA SER A 702 32.46 2.50 33.97
C SER A 702 32.94 1.99 32.62
N LEU A 703 32.52 0.77 32.26
CA LEU A 703 32.93 0.17 31.00
C LEU A 703 32.38 0.93 29.80
N SER A 704 31.39 1.79 29.99
CA SER A 704 30.88 2.54 28.85
C SER A 704 31.88 3.59 28.39
N TYR A 705 32.74 4.07 29.30
CA TYR A 705 33.88 4.85 28.85
C TYR A 705 34.79 4.04 27.95
N PHE A 706 35.05 2.77 28.33
CA PHE A 706 35.84 1.91 27.46
C PHE A 706 35.16 1.70 26.11
N LYS A 707 33.85 1.50 26.12
CA LYS A 707 33.10 1.38 24.87
C LYS A 707 33.26 2.64 24.01
N LEU A 708 33.05 3.80 24.61
CA LEU A 708 33.18 5.05 23.86
C LEU A 708 34.59 5.24 23.32
N MET A 709 35.61 4.83 24.09
CA MET A 709 36.97 5.00 23.60
C MET A 709 37.37 3.93 22.58
N PHE A 710 36.81 2.72 22.67
CA PHE A 710 37.35 1.60 21.90
C PHE A 710 36.41 0.98 20.87
N ASP A 711 35.14 1.37 20.81
CA ASP A 711 34.22 0.62 19.94
C ASP A 711 34.36 0.96 18.47
N ARG A 712 35.35 1.78 18.10
CA ARG A 712 35.72 1.98 16.71
C ARG A 712 37.13 1.48 16.43
N SER A 713 37.66 0.58 17.27
CA SER A 713 39.06 0.16 17.15
C SER A 713 39.15 -1.36 17.30
N GLU A 714 40.36 -1.88 17.03
CA GLU A 714 40.65 -3.30 17.21
C GLU A 714 40.41 -3.79 18.63
N VAL A 715 40.35 -2.91 19.63
CA VAL A 715 40.13 -3.38 20.99
C VAL A 715 38.71 -3.94 21.17
N TYR A 716 37.79 -3.56 20.29
CA TYR A 716 36.38 -3.81 20.58
C TYR A 716 36.04 -5.30 20.52
N GLY A 717 36.62 -6.04 19.59
CA GLY A 717 36.38 -7.47 19.48
C GLY A 717 36.70 -8.21 20.77
N PRO A 718 37.92 -8.05 21.25
CA PRO A 718 38.26 -8.68 22.55
C PRO A 718 37.43 -8.13 23.71
N MET A 719 37.10 -6.83 23.70
CA MET A 719 36.21 -6.28 24.72
C MET A 719 34.89 -7.02 24.78
N LYS A 720 34.22 -7.12 23.63
CA LYS A 720 32.90 -7.75 23.61
C LYS A 720 32.97 -9.20 24.06
N ARG A 721 34.04 -9.91 23.67
CA ARG A 721 34.14 -11.31 24.08
C ARG A 721 34.31 -11.43 25.58
N TYR A 722 34.98 -10.46 26.21
CA TYR A 722 35.07 -10.46 27.67
C TYR A 722 33.71 -10.19 28.33
N LEU A 723 32.98 -9.16 27.86
CA LEU A 723 31.68 -8.86 28.46
C LEU A 723 30.69 -9.99 28.23
N LYS A 724 30.74 -10.60 27.04
CA LYS A 724 29.91 -11.78 26.77
C LYS A 724 30.18 -12.87 27.79
N LYS A 725 31.47 -13.13 28.07
CA LYS A 725 31.82 -14.16 29.04
C LYS A 725 31.32 -13.81 30.44
N GLN A 726 31.50 -12.55 30.86
CA GLN A 726 31.15 -12.18 32.23
C GLN A 726 29.64 -12.22 32.46
N VAL A 727 28.83 -11.92 31.43
CA VAL A 727 27.40 -11.74 31.65
C VAL A 727 26.60 -13.01 31.34
N THR A 728 27.19 -14.00 30.67
CA THR A 728 26.41 -15.18 30.30
C THR A 728 25.85 -15.92 31.53
N PRO A 729 26.61 -16.16 32.62
CA PRO A 729 25.98 -16.79 33.79
C PRO A 729 24.89 -15.97 34.42
N LEU A 730 25.01 -14.64 34.41
CA LEU A 730 23.92 -13.79 34.88
C LEU A 730 22.70 -13.93 34.00
N PHE A 731 22.89 -13.94 32.67
CA PHE A 731 21.75 -14.18 31.79
C PHE A 731 21.08 -15.52 32.10
N ASN A 732 21.88 -16.58 32.22
CA ASN A 732 21.31 -17.90 32.48
C ASN A 732 20.65 -17.98 33.85
N HIS A 733 21.22 -17.26 34.84
CA HIS A 733 20.62 -17.23 36.16
C HIS A 733 19.19 -16.70 36.08
N PHE A 734 18.97 -15.63 35.32
CA PHE A 734 17.64 -15.07 35.21
C PHE A 734 16.73 -15.92 34.35
N GLU A 735 17.27 -16.57 33.34
CA GLU A 735 16.43 -17.50 32.58
C GLU A 735 15.87 -18.59 33.49
N ARG A 736 16.69 -19.06 34.46
CA ARG A 736 16.20 -20.07 35.40
C ARG A 736 15.20 -19.49 36.40
N VAL A 737 15.57 -18.41 37.10
CA VAL A 737 14.68 -17.93 38.17
C VAL A 737 13.41 -17.28 37.61
N THR A 738 13.37 -16.87 36.34
CA THR A 738 12.14 -16.33 35.79
C THR A 738 11.35 -17.39 35.04
N LYS A 739 11.72 -18.66 35.16
CA LYS A 739 11.09 -19.76 34.43
C LYS A 739 10.96 -19.46 32.94
N ASN A 740 12.11 -19.23 32.29
CA ASN A 740 12.16 -18.87 30.87
C ASN A 740 11.40 -17.60 30.56
N TRP A 741 11.65 -16.56 31.37
CA TRP A 741 11.22 -15.20 31.06
C TRP A 741 9.70 -15.08 31.11
N THR A 742 9.08 -15.81 32.03
CA THR A 742 7.64 -15.75 32.24
C THR A 742 7.24 -15.29 33.64
N ASP A 743 8.13 -15.40 34.61
CA ASP A 743 7.87 -15.02 36.00
C ASP A 743 8.99 -14.08 36.46
N HIS A 744 8.82 -12.78 36.25
CA HIS A 744 9.90 -11.83 36.48
C HIS A 744 10.05 -11.48 37.96
N PRO A 745 11.24 -11.04 38.39
CA PRO A 745 11.52 -10.96 39.83
C PRO A 745 10.67 -9.92 40.55
N GLN A 746 10.64 -10.07 41.88
CA GLN A 746 9.75 -9.32 42.73
C GLN A 746 10.30 -7.96 43.14
N THR A 747 11.56 -7.90 43.55
CA THR A 747 12.09 -6.64 44.02
C THR A 747 12.47 -5.75 42.84
N LEU A 748 12.39 -4.44 43.07
CA LEU A 748 12.82 -3.48 42.06
C LEU A 748 14.27 -3.72 41.66
N MET A 749 15.15 -3.93 42.67
CA MET A 749 16.57 -4.16 42.39
C MET A 749 16.80 -5.37 41.50
N ASP A 750 16.13 -6.49 41.81
CA ASP A 750 16.32 -7.68 40.99
C ASP A 750 15.74 -7.50 39.60
N GLN A 751 14.63 -6.76 39.47
CA GLN A 751 14.11 -6.43 38.14
C GLN A 751 15.13 -5.62 37.35
N TYR A 752 15.77 -4.64 38.00
CA TYR A 752 16.81 -3.85 37.33
C TYR A 752 17.99 -4.74 36.95
N SER A 753 18.35 -5.67 37.82
CA SER A 753 19.45 -6.58 37.49
C SER A 753 19.09 -7.46 36.29
N GLU A 754 17.85 -7.93 36.26
CA GLU A 754 17.37 -8.71 35.10
C GLU A 754 17.48 -7.91 33.80
N ILE A 755 17.00 -6.66 33.79
CA ILE A 755 17.08 -5.81 32.60
C ILE A 755 18.52 -5.64 32.14
N ASN A 756 19.43 -5.39 33.09
CA ASN A 756 20.84 -5.26 32.71
C ASN A 756 21.38 -6.55 32.10
N ALA A 757 21.01 -7.69 32.68
CA ALA A 757 21.45 -8.98 32.14
C ALA A 757 20.99 -9.17 30.71
N VAL A 758 19.72 -8.85 30.44
CA VAL A 758 19.18 -9.07 29.10
C VAL A 758 19.77 -8.06 28.12
N SER A 759 19.81 -6.78 28.50
CA SER A 759 20.39 -5.78 27.59
C SER A 759 21.85 -6.10 27.27
N THR A 760 22.64 -6.43 28.30
CA THR A 760 24.06 -6.67 28.08
C THR A 760 24.31 -7.97 27.31
N ALA A 761 23.58 -9.03 27.63
CA ALA A 761 23.74 -10.29 26.90
C ALA A 761 23.43 -10.11 25.42
N CYS A 762 22.35 -9.38 25.11
CA CYS A 762 22.00 -9.22 23.70
C CYS A 762 22.99 -8.31 22.99
N SER A 763 23.39 -7.21 23.63
CA SER A 763 24.37 -6.30 23.03
C SER A 763 25.67 -7.01 22.66
N TYR A 764 26.10 -7.99 23.44
CA TYR A 764 27.41 -8.58 23.22
C TYR A 764 27.36 -10.01 22.69
N GLY A 765 26.21 -10.46 22.19
CA GLY A 765 26.18 -11.64 21.35
C GLY A 765 25.92 -12.96 22.05
N VAL A 766 25.28 -12.94 23.21
CA VAL A 766 24.86 -14.19 23.85
C VAL A 766 23.74 -14.77 22.99
N PRO A 767 23.96 -15.87 22.28
CA PRO A 767 22.96 -16.27 21.27
C PRO A 767 21.61 -16.61 21.87
N GLU A 768 21.60 -17.08 23.10
CA GLU A 768 20.36 -17.38 23.81
C GLU A 768 19.56 -16.11 24.08
N CYS A 769 20.22 -14.99 24.33
CA CYS A 769 19.51 -13.72 24.41
C CYS A 769 19.05 -13.25 23.03
N GLU A 770 19.89 -13.41 22.02
CA GLU A 770 19.46 -13.01 20.68
C GLU A 770 18.22 -13.79 20.27
N LYS A 771 18.16 -15.07 20.61
CA LYS A 771 17.00 -15.91 20.29
C LYS A 771 15.75 -15.39 20.98
N LEU A 772 15.86 -15.13 22.28
CA LEU A 772 14.75 -14.60 23.06
C LEU A 772 14.19 -13.33 22.45
N ALA A 773 15.08 -12.39 22.08
CA ALA A 773 14.61 -11.13 21.53
C ALA A 773 13.97 -11.34 20.16
N ALA A 774 14.57 -12.19 19.32
CA ALA A 774 14.03 -12.40 17.99
C ALA A 774 12.64 -13.03 18.07
N THR A 775 12.49 -14.01 18.96
CA THR A 775 11.23 -14.73 19.13
C THR A 775 10.12 -13.83 19.66
N LEU A 776 10.42 -13.02 20.68
CA LEU A 776 9.41 -12.08 21.19
C LEU A 776 8.98 -11.07 20.14
N PHE A 777 9.94 -10.52 19.39
CA PHE A 777 9.58 -9.54 18.37
C PHE A 777 8.76 -10.17 17.24
N ALA A 778 9.16 -11.37 16.80
CA ALA A 778 8.39 -12.05 15.77
C ALA A 778 6.97 -12.32 16.26
N GLN A 779 6.81 -12.69 17.52
CA GLN A 779 5.47 -12.93 18.05
C GLN A 779 4.66 -11.64 18.10
N TRP A 780 5.27 -10.55 18.57
CA TRP A 780 4.61 -9.24 18.55
C TRP A 780 4.11 -8.90 17.15
N LYS A 781 4.98 -9.05 16.15
CA LYS A 781 4.64 -8.58 14.81
C LYS A 781 3.54 -9.42 14.17
N LYS A 782 3.32 -10.65 14.66
CA LYS A 782 2.27 -11.47 14.08
C LYS A 782 0.87 -10.98 14.47
N ASN A 783 0.78 -10.19 15.52
CA ASN A 783 -0.47 -9.62 16.01
C ASN A 783 -0.16 -8.45 16.93
N PRO A 784 0.04 -7.24 16.37
CA PRO A 784 0.48 -6.11 17.19
C PRO A 784 -0.58 -5.54 18.10
N GLN A 785 -1.86 -5.88 17.95
CA GLN A 785 -2.81 -5.41 18.96
C GLN A 785 -2.58 -6.08 20.31
N ASN A 786 -1.77 -7.13 20.36
CA ASN A 786 -1.38 -7.76 21.62
C ASN A 786 0.15 -7.70 21.72
N ASN A 787 0.67 -6.95 22.68
CA ASN A 787 2.10 -6.89 22.93
C ASN A 787 2.53 -7.93 23.94
N PRO A 788 3.23 -9.00 23.54
CA PRO A 788 3.65 -10.04 24.48
C PRO A 788 4.97 -9.74 25.17
N ILE A 789 5.62 -8.62 24.90
CA ILE A 789 6.92 -8.32 25.50
C ILE A 789 6.70 -7.61 26.82
N HIS A 790 7.20 -8.19 27.90
CA HIS A 790 7.16 -7.49 29.18
C HIS A 790 7.75 -6.09 29.03
N PRO A 791 7.10 -5.06 29.56
CA PRO A 791 7.62 -3.69 29.40
C PRO A 791 9.04 -3.48 29.86
N ASN A 792 9.51 -4.17 30.90
CA ASN A 792 10.90 -4.05 31.35
C ASN A 792 11.89 -4.49 30.29
N LEU A 793 11.44 -5.32 29.36
CA LEU A 793 12.27 -5.89 28.30
C LEU A 793 12.10 -5.19 26.96
N ARG A 794 11.14 -4.27 26.83
CA ARG A 794 10.80 -3.77 25.50
C ARG A 794 11.97 -3.05 24.84
N SER A 795 12.64 -2.13 25.55
CA SER A 795 13.77 -1.42 24.94
C SER A 795 14.81 -2.37 24.37
N THR A 796 15.18 -3.41 25.12
CA THR A 796 16.16 -4.36 24.60
C THR A 796 15.60 -5.13 23.40
N VAL A 797 14.36 -5.59 23.49
CA VAL A 797 13.78 -6.40 22.39
C VAL A 797 13.61 -5.54 21.15
N TYR A 798 13.07 -4.33 21.31
CA TYR A 798 12.90 -3.44 20.17
C TYR A 798 14.23 -3.10 19.53
N CYS A 799 15.22 -2.73 20.35
CA CYS A 799 16.53 -2.35 19.82
C CYS A 799 17.18 -3.50 19.06
N ASN A 800 17.11 -4.72 19.61
CA ASN A 800 17.80 -5.82 18.97
C ASN A 800 17.12 -6.23 17.68
N ALA A 801 15.80 -6.14 17.63
CA ALA A 801 15.08 -6.46 16.41
C ALA A 801 15.43 -5.50 15.30
N ILE A 802 15.59 -4.22 15.63
CA ILE A 802 16.00 -3.24 14.63
C ILE A 802 17.45 -3.48 14.24
N ALA A 803 18.33 -3.73 15.21
CA ALA A 803 19.74 -3.97 14.92
C ALA A 803 19.94 -5.22 14.05
N GLN A 804 19.19 -6.28 14.36
CA GLN A 804 19.29 -7.53 13.60
C GLN A 804 18.56 -7.48 12.26
N GLY A 805 17.71 -6.49 12.04
CA GLY A 805 16.86 -6.47 10.86
C GLY A 805 17.18 -5.41 9.83
N GLY A 806 16.17 -4.98 9.10
CA GLY A 806 16.33 -3.98 8.06
C GLY A 806 15.19 -2.97 8.02
N GLU A 807 14.96 -2.37 6.85
CA GLU A 807 13.93 -1.33 6.71
C GLU A 807 12.57 -1.82 7.19
N GLU A 808 12.22 -3.08 6.95
CA GLU A 808 10.89 -3.55 7.33
C GLU A 808 10.68 -3.47 8.84
N GLU A 809 11.65 -3.97 9.62
CA GLU A 809 11.50 -3.88 11.07
C GLU A 809 11.50 -2.42 11.53
N TRP A 810 12.36 -1.59 10.92
CA TRP A 810 12.39 -0.17 11.27
C TRP A 810 11.04 0.49 11.00
N ASN A 811 10.49 0.27 9.82
CA ASN A 811 9.21 0.88 9.44
C ASN A 811 8.08 0.42 10.35
N PHE A 812 8.08 -0.85 10.73
CA PHE A 812 7.04 -1.36 11.65
C PHE A 812 7.10 -0.64 12.99
N VAL A 813 8.31 -0.51 13.55
CA VAL A 813 8.45 0.19 14.82
C VAL A 813 8.08 1.66 14.67
N TRP A 814 8.43 2.27 13.54
CA TRP A 814 8.12 3.68 13.34
C TRP A 814 6.61 3.88 13.26
N GLU A 815 5.92 2.94 12.60
CA GLU A 815 4.47 2.99 12.58
C GLU A 815 3.87 2.83 13.96
N GLN A 816 4.42 1.94 14.79
CA GLN A 816 3.91 1.82 16.14
C GLN A 816 4.15 3.11 16.92
N PHE A 817 5.34 3.71 16.74
CA PHE A 817 5.66 4.98 17.39
C PHE A 817 4.66 6.06 17.03
N LEU A 818 4.32 6.17 15.74
CA LEU A 818 3.43 7.24 15.29
C LEU A 818 2.04 7.14 15.89
N LYS A 819 1.58 5.95 16.26
CA LYS A 819 0.29 5.77 16.91
C LYS A 819 0.37 5.54 18.41
N ALA A 820 1.57 5.61 19.01
CA ALA A 820 1.72 5.29 20.44
C ALA A 820 1.11 6.41 21.29
N GLU A 821 0.02 6.09 21.97
CA GLU A 821 -0.74 7.00 22.83
C GLU A 821 0.02 7.27 24.14
N LEU A 822 0.63 6.23 24.70
CA LEU A 822 1.34 6.29 25.98
C LEU A 822 2.77 6.75 25.72
N VAL A 823 3.18 7.86 26.33
CA VAL A 823 4.52 8.36 26.03
C VAL A 823 5.60 7.37 26.48
N ASN A 824 5.39 6.65 27.60
CA ASN A 824 6.35 5.62 28.01
C ASN A 824 6.66 4.66 26.87
N GLU A 825 5.60 4.19 26.20
CA GLU A 825 5.79 3.26 25.09
C GLU A 825 6.41 3.94 23.87
N ALA A 826 5.91 5.13 23.52
CA ALA A 826 6.51 5.89 22.41
C ALA A 826 8.00 6.08 22.62
N ASP A 827 8.41 6.36 23.86
CA ASP A 827 9.81 6.59 24.18
C ASP A 827 10.65 5.35 23.88
N LYS A 828 10.12 4.18 24.21
CA LYS A 828 10.88 2.96 23.99
C LYS A 828 11.00 2.67 22.50
N LEU A 829 9.93 2.90 21.75
CA LEU A 829 9.95 2.70 20.31
C LEU A 829 10.91 3.68 19.65
N ARG A 830 10.81 4.95 20.04
CA ARG A 830 11.68 5.97 19.49
C ARG A 830 13.16 5.65 19.77
N GLY A 831 13.47 5.20 20.98
CA GLY A 831 14.85 4.89 21.29
C GLY A 831 15.38 3.73 20.46
N ALA A 832 14.55 2.71 20.24
CA ALA A 832 15.02 1.52 19.52
C ALA A 832 15.27 1.83 18.04
N LEU A 833 14.56 2.81 17.48
CA LEU A 833 14.79 3.24 16.11
C LEU A 833 16.21 3.74 15.88
N ALA A 834 16.90 4.17 16.94
CA ALA A 834 18.29 4.58 16.83
C ALA A 834 19.25 3.41 16.69
N CYS A 835 18.75 2.18 16.72
CA CYS A 835 19.62 0.99 16.73
C CYS A 835 19.90 0.44 15.34
N SER A 836 19.46 1.11 14.29
CA SER A 836 19.70 0.64 12.93
C SER A 836 21.18 0.67 12.60
N ASN A 837 21.64 -0.34 11.85
CA ASN A 837 22.99 -0.35 11.34
C ASN A 837 23.08 0.14 9.90
N GLN A 838 22.00 0.76 9.38
CA GLN A 838 21.96 1.28 8.02
C GLN A 838 22.14 2.79 8.06
N VAL A 839 23.19 3.29 7.40
CA VAL A 839 23.42 4.74 7.36
C VAL A 839 22.22 5.47 6.79
N TRP A 840 21.64 4.96 5.67
CA TRP A 840 20.55 5.70 5.06
C TRP A 840 19.33 5.76 5.96
N ILE A 841 19.07 4.71 6.76
CA ILE A 841 17.92 4.70 7.67
C ILE A 841 18.16 5.64 8.84
N LEU A 842 19.40 5.68 9.36
CA LEU A 842 19.71 6.63 10.42
C LEU A 842 19.62 8.06 9.92
N ASN A 843 20.07 8.32 8.70
CA ASN A 843 19.99 9.69 8.21
C ASN A 843 18.54 10.07 7.89
N ARG A 844 17.74 9.13 7.41
CA ARG A 844 16.32 9.44 7.23
C ARG A 844 15.68 9.78 8.57
N PHE A 845 15.97 8.98 9.60
CA PHE A 845 15.49 9.27 10.96
C PHE A 845 15.91 10.65 11.39
N LEU A 846 17.18 11.00 11.15
CA LEU A 846 17.69 12.32 11.50
C LEU A 846 16.86 13.42 10.82
N SER A 847 16.52 13.25 9.54
CA SER A 847 15.69 14.25 8.85
C SER A 847 14.32 14.40 9.52
N TYR A 848 13.77 13.33 10.08
CA TYR A 848 12.47 13.45 10.74
C TYR A 848 12.55 14.32 12.00
N THR A 849 13.71 14.40 12.66
CA THR A 849 13.79 15.21 13.87
C THR A 849 13.61 16.71 13.60
N LEU A 850 13.74 17.14 12.36
CA LEU A 850 13.52 18.56 12.12
C LEU A 850 12.09 18.86 11.71
N ASP A 851 11.23 17.86 11.74
CA ASP A 851 9.80 18.02 11.45
C ASP A 851 9.00 17.89 12.74
N PRO A 852 8.45 18.97 13.29
CA PRO A 852 7.66 18.85 14.52
C PRO A 852 6.37 18.07 14.37
N ASN A 853 5.94 17.74 13.14
CA ASN A 853 4.81 16.83 12.97
C ASN A 853 5.19 15.39 13.31
N LEU A 854 6.48 15.07 13.33
CA LEU A 854 6.95 13.70 13.56
C LEU A 854 7.67 13.52 14.89
N ILE A 855 8.55 14.46 15.25
CA ILE A 855 9.27 14.43 16.51
C ILE A 855 9.02 15.77 17.18
N ARG A 856 8.44 15.76 18.37
CA ARG A 856 8.20 17.03 19.06
C ARG A 856 9.53 17.69 19.40
N LYS A 857 9.53 19.02 19.40
CA LYS A 857 10.71 19.77 19.80
C LYS A 857 11.30 19.24 21.10
N GLN A 858 10.44 18.85 22.05
CA GLN A 858 10.93 18.37 23.35
C GLN A 858 11.70 17.06 23.27
N ASP A 859 11.69 16.36 22.13
CA ASP A 859 12.27 15.02 22.04
C ASP A 859 13.45 14.99 21.10
N VAL A 860 13.79 16.13 20.48
CA VAL A 860 14.81 16.16 19.44
C VAL A 860 16.16 15.78 20.01
N THR A 861 16.52 16.43 21.10
CA THR A 861 17.85 16.29 21.65
C THR A 861 18.08 14.88 22.19
N SER A 862 17.07 14.31 22.84
CA SER A 862 17.11 12.91 23.25
C SER A 862 17.28 11.98 22.04
N THR A 863 16.58 12.27 20.95
CA THR A 863 16.69 11.41 19.78
C THR A 863 18.08 11.51 19.18
N LEU A 864 18.61 12.74 19.06
CA LEU A 864 19.96 12.90 18.52
C LEU A 864 20.99 12.18 19.39
N SER A 865 20.83 12.24 20.71
CA SER A 865 21.75 11.53 21.59
C SER A 865 21.72 10.03 21.37
N SER A 866 20.51 9.46 21.24
CA SER A 866 20.41 8.01 21.05
C SER A 866 21.10 7.60 19.75
N ILE A 867 20.93 8.41 18.69
CA ILE A 867 21.53 8.03 17.42
C ILE A 867 23.04 8.15 17.50
N SER A 868 23.54 9.15 18.22
CA SER A 868 24.99 9.24 18.34
C SER A 868 25.57 8.13 19.21
N SER A 869 24.79 7.53 20.10
CA SER A 869 25.31 6.41 20.87
C SER A 869 25.57 5.19 19.99
N ASN A 870 24.84 5.11 18.87
CA ASN A 870 25.07 4.09 17.86
C ASN A 870 26.41 4.36 17.19
N VAL A 871 27.29 3.35 17.15
CA VAL A 871 28.63 3.59 16.62
C VAL A 871 28.58 4.08 15.17
N VAL A 872 27.62 3.57 14.38
CA VAL A 872 27.44 4.05 13.00
C VAL A 872 26.87 5.47 12.99
N GLY A 873 26.05 5.81 13.98
CA GLY A 873 25.47 7.15 14.03
C GLY A 873 26.40 8.23 14.56
N GLN A 874 27.52 7.86 15.16
CA GLN A 874 28.48 8.84 15.67
C GLN A 874 28.77 9.95 14.68
N THR A 875 29.30 9.59 13.51
CA THR A 875 29.68 10.62 12.54
C THR A 875 28.44 11.26 11.94
N LEU A 876 27.34 10.51 11.79
CA LEU A 876 26.14 11.10 11.22
C LEU A 876 25.58 12.20 12.09
N VAL A 877 25.56 12.02 13.40
CA VAL A 877 24.97 13.04 14.26
C VAL A 877 25.90 14.25 14.40
N TRP A 878 27.20 14.00 14.49
CA TRP A 878 28.18 15.09 14.50
C TRP A 878 28.00 15.96 13.26
N ASP A 879 27.93 15.34 12.08
CA ASP A 879 27.73 16.11 10.85
C ASP A 879 26.37 16.82 10.84
N PHE A 880 25.31 16.13 11.32
CA PHE A 880 23.97 16.73 11.33
C PHE A 880 23.90 17.94 12.25
N VAL A 881 24.46 17.82 13.45
CA VAL A 881 24.49 18.95 14.37
C VAL A 881 25.21 20.14 13.73
N GLN A 882 26.34 19.88 13.08
CA GLN A 882 27.08 20.97 12.45
C GLN A 882 26.30 21.55 11.27
N SER A 883 25.59 20.70 10.53
CA SER A 883 24.88 21.16 9.34
C SER A 883 23.62 21.93 9.70
N ASN A 884 22.97 21.58 10.82
CA ASN A 884 21.76 22.27 11.26
C ASN A 884 21.99 23.14 12.49
N TRP A 885 23.23 23.61 12.67
CA TRP A 885 23.59 24.34 13.89
C TRP A 885 22.63 25.49 14.19
N LYS A 886 22.34 26.34 13.19
CA LYS A 886 21.63 27.58 13.49
C LYS A 886 20.24 27.30 14.04
N LYS A 887 19.55 26.31 13.47
CA LYS A 887 18.25 25.90 13.97
C LYS A 887 18.34 25.36 15.38
N LEU A 888 19.31 24.47 15.63
CA LEU A 888 19.47 23.90 16.95
C LEU A 888 19.82 24.97 17.97
N PHE A 889 20.67 25.92 17.58
CA PHE A 889 21.02 27.00 18.50
C PHE A 889 19.81 27.87 18.85
N GLN A 890 19.03 28.28 17.84
CA GLN A 890 17.81 29.02 18.13
C GLN A 890 16.91 28.26 19.07
N ASP A 891 16.73 26.95 18.82
CA ASP A 891 15.72 26.20 19.57
C ASP A 891 16.16 25.95 21.01
N TYR A 892 17.44 25.65 21.23
CA TYR A 892 17.85 25.18 22.55
C TYR A 892 18.99 25.96 23.19
N GLY A 893 19.59 26.91 22.49
CA GLY A 893 20.81 27.57 22.94
C GLY A 893 20.65 28.49 24.15
N THR A 894 19.44 28.93 24.47
CA THR A 894 19.20 29.72 25.67
C THR A 894 18.40 28.95 26.71
N GLY A 895 18.11 27.68 26.46
CA GLY A 895 17.36 26.87 27.40
C GLY A 895 18.26 26.01 28.26
N SER A 896 17.64 25.32 29.20
CA SER A 896 18.33 24.39 30.07
C SER A 896 18.28 22.98 29.53
N PHE A 897 19.25 22.17 29.96
CA PHE A 897 19.38 20.73 29.76
C PHE A 897 19.68 20.29 28.33
N SER A 898 18.81 20.59 27.37
CA SER A 898 18.91 19.92 26.08
C SER A 898 20.19 20.24 25.33
N PHE A 899 20.60 21.50 25.30
CA PHE A 899 21.69 21.85 24.41
C PHE A 899 23.02 21.40 24.99
N SER A 900 23.22 21.55 26.29
CA SER A 900 24.44 21.01 26.90
C SER A 900 24.46 19.48 26.87
N ASN A 901 23.28 18.85 27.00
CA ASN A 901 23.22 17.41 26.82
C ASN A 901 23.69 17.01 25.44
N LEU A 902 23.24 17.74 24.41
CA LEU A 902 23.58 17.41 23.04
C LEU A 902 25.07 17.54 22.78
N ILE A 903 25.68 18.65 23.23
CA ILE A 903 27.12 18.84 23.05
C ILE A 903 27.89 17.72 23.72
N GLN A 904 27.46 17.32 24.90
CA GLN A 904 28.20 16.26 25.59
C GLN A 904 28.03 14.93 24.86
N ALA A 905 26.81 14.62 24.41
CA ALA A 905 26.56 13.35 23.75
C ALA A 905 27.36 13.20 22.48
N VAL A 906 27.42 14.24 21.64
CA VAL A 906 28.00 14.07 20.31
C VAL A 906 29.51 14.05 20.34
N THR A 907 30.15 14.54 21.41
CA THR A 907 31.60 14.62 21.50
C THR A 907 32.20 13.53 22.39
N ARG A 908 31.37 12.74 23.08
CA ARG A 908 31.83 11.74 24.06
C ARG A 908 32.96 10.86 23.53
N ARG A 909 32.89 10.46 22.27
CA ARG A 909 33.82 9.47 21.73
C ARG A 909 35.17 10.05 21.34
N PHE A 910 35.30 11.38 21.28
CA PHE A 910 36.47 11.98 20.68
C PHE A 910 37.73 11.57 21.43
N SER A 911 38.71 11.03 20.70
CA SER A 911 39.88 10.44 21.35
C SER A 911 41.13 10.48 20.48
N THR A 912 41.13 11.17 19.35
CA THR A 912 42.28 11.21 18.46
C THR A 912 42.69 12.65 18.20
N GLU A 913 43.93 12.81 17.70
CA GLU A 913 44.39 14.13 17.31
C GLU A 913 43.47 14.74 16.27
N PHE A 914 43.04 13.95 15.27
CA PHE A 914 42.13 14.45 14.26
C PHE A 914 40.83 14.96 14.86
N GLU A 915 40.23 14.17 15.75
CA GLU A 915 38.95 14.55 16.33
C GLU A 915 39.10 15.78 17.21
N LEU A 916 40.21 15.89 17.94
CA LEU A 916 40.45 17.12 18.69
C LEU A 916 40.53 18.33 17.75
N GLN A 917 41.28 18.21 16.66
CA GLN A 917 41.38 19.31 15.73
C GLN A 917 40.02 19.67 15.14
N GLN A 918 39.18 18.66 14.87
CA GLN A 918 37.84 18.88 14.31
C GLN A 918 36.91 19.57 15.31
N LEU A 919 37.07 19.28 16.62
CA LEU A 919 36.29 19.99 17.62
C LEU A 919 36.75 21.44 17.74
N GLU A 920 38.05 21.69 17.72
CA GLU A 920 38.53 23.07 17.66
C GLU A 920 38.02 23.78 16.41
N GLN A 921 38.01 23.09 15.26
CA GLN A 921 37.48 23.70 14.03
C GLN A 921 35.99 24.00 14.17
N PHE A 922 35.24 23.07 14.76
CA PHE A 922 33.82 23.27 15.04
C PHE A 922 33.62 24.53 15.88
N LYS A 923 34.38 24.68 16.96
CA LYS A 923 34.28 25.88 17.79
C LYS A 923 34.53 27.14 16.96
N LYS A 924 35.56 27.11 16.12
CA LYS A 924 35.84 28.23 15.22
C LYS A 924 34.70 28.44 14.22
N ASN A 925 34.18 27.35 13.63
CA ASN A 925 33.12 27.51 12.64
C ASN A 925 31.90 28.21 13.22
N ASN A 926 31.66 28.08 14.53
CA ASN A 926 30.44 28.61 15.14
C ASN A 926 30.70 29.76 16.10
N MET A 927 31.73 30.55 15.84
CA MET A 927 31.93 31.67 16.73
C MET A 927 30.87 32.75 16.50
N ASP A 928 30.16 32.69 15.37
CA ASP A 928 29.14 33.71 15.12
C ASP A 928 27.99 33.58 16.12
N THR A 929 27.53 32.36 16.41
CA THR A 929 26.52 32.19 17.45
C THR A 929 27.10 32.07 18.85
N GLY A 930 28.32 31.56 18.98
CA GLY A 930 28.73 31.16 20.32
C GLY A 930 27.99 29.89 20.72
N PHE A 931 28.00 29.60 22.01
CA PHE A 931 27.55 28.29 22.45
C PHE A 931 26.48 28.35 23.54
N GLY A 932 26.01 29.56 23.87
CA GLY A 932 24.84 29.72 24.71
C GLY A 932 24.96 28.92 25.99
N SER A 933 23.88 28.19 26.33
CA SER A 933 23.80 27.37 27.55
C SER A 933 24.66 26.09 27.49
N ALA A 934 25.50 25.93 26.47
CA ALA A 934 26.43 24.81 26.40
C ALA A 934 27.87 25.30 26.36
N THR A 935 28.11 26.55 26.78
CA THR A 935 29.45 27.11 26.73
C THR A 935 30.41 26.36 27.65
N ARG A 936 30.02 26.16 28.93
CA ARG A 936 30.86 25.35 29.80
C ARG A 936 30.96 23.91 29.29
N ALA A 937 29.85 23.36 28.80
CA ALA A 937 29.89 21.99 28.30
C ALA A 937 30.93 21.83 27.21
N LEU A 938 31.04 22.84 26.32
CA LEU A 938 32.05 22.76 25.26
C LEU A 938 33.46 22.81 25.82
N GLU A 939 33.69 23.62 26.85
CA GLU A 939 35.02 23.63 27.44
C GLU A 939 35.31 22.29 28.11
N GLN A 940 34.30 21.66 28.69
CA GLN A 940 34.51 20.37 29.32
C GLN A 940 34.77 19.31 28.26
N ALA A 941 34.11 19.43 27.09
CA ALA A 941 34.32 18.49 26.00
C ALA A 941 35.74 18.60 25.45
N LEU A 942 36.28 19.82 25.38
CA LEU A 942 37.67 19.98 24.98
C LEU A 942 38.61 19.34 26.00
N GLU A 943 38.42 19.64 27.29
CA GLU A 943 39.26 19.01 28.32
C GLU A 943 39.18 17.50 28.24
N LYS A 944 37.96 16.96 28.13
CA LYS A 944 37.82 15.51 28.07
C LYS A 944 38.49 14.92 26.84
N THR A 945 38.33 15.56 25.68
CA THR A 945 38.92 15.03 24.45
C THR A 945 40.45 14.96 24.57
N LYS A 946 41.07 16.01 25.11
CA LYS A 946 42.51 15.97 25.34
C LYS A 946 42.90 14.85 26.29
N ALA A 947 42.14 14.65 27.36
CA ALA A 947 42.44 13.55 28.27
C ALA A 947 42.27 12.19 27.59
N ASN A 948 41.18 12.03 26.81
CA ASN A 948 40.92 10.80 26.08
C ASN A 948 42.06 10.44 25.14
N LEU A 949 42.49 11.42 24.35
CA LEU A 949 43.56 11.24 23.39
C LEU A 949 44.81 10.66 24.05
N LYS A 950 45.19 11.18 25.23
CA LYS A 950 46.38 10.69 25.91
C LYS A 950 46.13 9.33 26.53
N TRP A 951 44.94 9.14 27.11
CA TRP A 951 44.65 7.89 27.77
C TRP A 951 44.58 6.74 26.76
N VAL A 952 43.97 6.98 25.59
CA VAL A 952 43.91 5.92 24.59
C VAL A 952 45.31 5.57 24.12
N LYS A 953 46.15 6.58 23.90
CA LYS A 953 47.51 6.32 23.44
C LYS A 953 48.28 5.49 24.45
N GLU A 954 48.09 5.77 25.75
CA GLU A 954 48.87 5.12 26.79
C GLU A 954 48.34 3.72 27.15
N ASN A 955 47.03 3.48 26.98
CA ASN A 955 46.45 2.23 27.44
C ASN A 955 45.84 1.32 26.38
N LYS A 956 45.84 1.70 25.10
CA LYS A 956 45.21 0.82 24.11
C LYS A 956 45.84 -0.57 24.11
N ASP A 957 47.17 -0.64 24.22
CA ASP A 957 47.84 -1.93 24.10
C ASP A 957 47.67 -2.78 25.35
N VAL A 958 47.75 -2.20 26.54
CA VAL A 958 47.54 -3.00 27.75
C VAL A 958 46.09 -3.47 27.83
N VAL A 959 45.15 -2.62 27.41
CA VAL A 959 43.73 -2.99 27.43
C VAL A 959 43.45 -4.13 26.45
N LEU A 960 43.95 -4.00 25.22
CA LEU A 960 43.89 -5.12 24.28
C LEU A 960 44.41 -6.41 24.89
N ARG A 961 45.62 -6.36 25.45
CA ARG A 961 46.22 -7.56 26.04
C ARG A 961 45.39 -8.09 27.21
N TRP A 962 44.87 -7.21 28.06
CA TRP A 962 44.12 -7.70 29.21
C TRP A 962 42.84 -8.40 28.75
N PHE A 963 42.10 -7.82 27.79
CA PHE A 963 40.86 -8.46 27.37
C PHE A 963 41.14 -9.80 26.70
N THR A 964 42.21 -9.86 25.92
CA THR A 964 42.58 -11.11 25.26
C THR A 964 42.90 -12.18 26.29
N GLU A 965 43.70 -11.85 27.30
CA GLU A 965 44.12 -12.87 28.27
C GLU A 965 43.01 -13.28 29.24
N ASN A 966 42.11 -12.37 29.64
CA ASN A 966 41.05 -12.75 30.58
C ASN A 966 39.75 -13.13 29.89
N SER A 967 39.78 -13.41 28.60
CA SER A 967 38.58 -13.85 27.91
C SER A 967 38.60 -15.37 27.70
N PRO B 68 -24.32 -47.92 -39.34
CA PRO B 68 -23.55 -48.04 -38.09
C PRO B 68 -22.77 -46.77 -37.77
N TRP B 69 -22.43 -45.97 -38.80
CA TRP B 69 -21.77 -44.68 -38.53
C TRP B 69 -22.71 -43.68 -37.88
N ASN B 70 -23.97 -44.03 -37.65
CA ASN B 70 -24.92 -43.10 -37.03
C ASN B 70 -25.20 -43.47 -35.58
N VAL B 71 -24.49 -44.46 -35.07
CA VAL B 71 -24.63 -45.04 -33.74
C VAL B 71 -23.44 -44.60 -32.92
N TYR B 72 -23.64 -44.45 -31.59
CA TYR B 72 -22.61 -43.88 -30.71
C TYR B 72 -21.62 -44.91 -30.14
N ARG B 73 -21.82 -46.20 -30.37
CA ARG B 73 -20.84 -47.22 -30.02
C ARG B 73 -20.22 -47.76 -31.31
N LEU B 74 -18.91 -48.03 -31.28
CA LEU B 74 -18.23 -48.64 -32.41
C LEU B 74 -18.72 -50.06 -32.66
N PRO B 75 -18.61 -50.56 -33.90
CA PRO B 75 -18.83 -51.98 -34.13
C PRO B 75 -17.76 -52.82 -33.44
N LYS B 76 -18.06 -54.10 -33.23
CA LYS B 76 -17.12 -55.04 -32.65
C LYS B 76 -16.35 -55.82 -33.71
N THR B 77 -16.55 -55.46 -34.98
CA THR B 77 -16.03 -56.24 -36.11
C THR B 77 -14.51 -56.12 -36.26
N LEU B 78 -13.92 -54.97 -35.90
CA LEU B 78 -12.49 -54.71 -36.05
C LEU B 78 -11.94 -54.27 -34.69
N ILE B 79 -10.84 -54.90 -34.27
CA ILE B 79 -10.30 -54.73 -32.93
C ILE B 79 -8.84 -54.32 -33.06
N PRO B 80 -8.45 -53.16 -32.55
CA PRO B 80 -7.07 -52.69 -32.73
C PRO B 80 -6.09 -53.50 -31.90
N ASP B 81 -4.86 -53.55 -32.40
CA ASP B 81 -3.71 -54.13 -31.72
C ASP B 81 -2.72 -53.08 -31.25
N SER B 82 -2.40 -52.12 -32.10
CA SER B 82 -1.32 -51.21 -31.75
C SER B 82 -1.36 -50.02 -32.71
N TYR B 83 -0.88 -48.89 -32.21
CA TYR B 83 -0.83 -47.62 -32.93
C TYR B 83 0.61 -47.09 -32.95
N ASN B 84 0.99 -46.51 -34.10
CA ASN B 84 2.14 -45.61 -34.20
C ASN B 84 1.56 -44.22 -34.37
N VAL B 85 2.02 -43.25 -33.59
CA VAL B 85 1.50 -41.89 -33.70
C VAL B 85 2.68 -40.94 -33.68
N THR B 86 2.81 -40.12 -34.71
CA THR B 86 3.85 -39.09 -34.75
C THR B 86 3.17 -37.73 -34.77
N LEU B 87 3.50 -36.87 -33.80
CA LEU B 87 2.88 -35.55 -33.68
C LEU B 87 3.91 -34.44 -33.65
N ARG B 88 3.54 -33.30 -34.25
CA ARG B 88 4.38 -32.12 -34.33
C ARG B 88 3.58 -30.89 -33.91
N PRO B 89 3.69 -30.45 -32.66
CA PRO B 89 3.01 -29.22 -32.23
C PRO B 89 3.73 -27.97 -32.70
N TYR B 90 2.96 -27.00 -33.20
CA TYR B 90 3.50 -25.69 -33.57
C TYR B 90 3.05 -24.71 -32.50
N LEU B 91 3.97 -24.29 -31.64
CA LEU B 91 3.62 -23.44 -30.50
C LEU B 91 3.70 -21.95 -30.81
N THR B 92 3.77 -21.58 -32.08
CA THR B 92 3.57 -20.21 -32.52
C THR B 92 2.36 -20.18 -33.44
N PRO B 93 1.52 -19.16 -33.32
CA PRO B 93 0.31 -19.10 -34.15
C PRO B 93 0.69 -19.01 -35.61
N ASN B 94 -0.17 -19.54 -36.48
CA ASN B 94 0.10 -19.44 -37.90
C ASN B 94 -0.43 -18.10 -38.37
N ASN B 95 -0.38 -17.88 -39.68
CA ASN B 95 -0.84 -16.62 -40.25
C ASN B 95 -2.30 -16.39 -39.96
N LYS B 96 -3.03 -17.48 -39.75
CA LYS B 96 -4.47 -17.48 -39.68
C LYS B 96 -4.94 -17.41 -38.23
N GLY B 97 -4.01 -17.18 -37.30
CA GLY B 97 -4.28 -17.06 -35.90
C GLY B 97 -4.19 -18.35 -35.09
N LEU B 98 -4.21 -19.51 -35.75
CA LEU B 98 -4.37 -20.79 -35.06
C LEU B 98 -3.02 -21.37 -34.61
N TYR B 99 -3.02 -21.96 -33.42
CA TYR B 99 -1.98 -22.90 -33.03
C TYR B 99 -2.41 -24.26 -33.55
N VAL B 100 -1.51 -24.95 -34.22
CA VAL B 100 -1.89 -26.19 -34.87
C VAL B 100 -0.88 -27.26 -34.49
N PHE B 101 -1.32 -28.51 -34.61
CA PHE B 101 -0.39 -29.63 -34.67
C PHE B 101 -0.65 -30.42 -35.94
N THR B 102 0.41 -30.99 -36.46
CA THR B 102 0.27 -31.94 -37.55
C THR B 102 0.67 -33.32 -37.04
N GLY B 103 0.20 -34.35 -37.74
CA GLY B 103 0.62 -35.68 -37.35
C GLY B 103 0.41 -36.68 -38.45
N THR B 104 0.92 -37.89 -38.18
CA THR B 104 0.61 -39.08 -38.97
C THR B 104 0.31 -40.18 -37.97
N ASN B 105 -0.46 -41.19 -38.37
CA ASN B 105 -0.50 -42.36 -37.51
C ASN B 105 -0.74 -43.62 -38.34
N ILE B 106 -0.50 -44.75 -37.70
CA ILE B 106 -0.80 -46.07 -38.23
C ILE B 106 -1.54 -46.84 -37.16
N VAL B 107 -2.67 -47.44 -37.50
CA VAL B 107 -3.38 -48.27 -36.55
C VAL B 107 -3.40 -49.66 -37.14
N ARG B 108 -2.87 -50.64 -36.40
CA ARG B 108 -2.95 -52.03 -36.81
C ARG B 108 -4.08 -52.70 -36.08
N PHE B 109 -4.94 -53.40 -36.81
CA PHE B 109 -6.10 -54.04 -36.20
C PHE B 109 -6.34 -55.39 -36.88
N THR B 110 -7.12 -56.22 -36.21
CA THR B 110 -7.50 -57.53 -36.73
C THR B 110 -8.97 -57.48 -37.12
N CYS B 111 -9.29 -58.01 -38.30
CA CYS B 111 -10.68 -58.21 -38.64
C CYS B 111 -11.19 -59.42 -37.87
N LYS B 112 -12.18 -59.21 -37.01
CA LYS B 112 -12.75 -60.30 -36.26
C LYS B 112 -13.98 -60.88 -36.93
N GLU B 113 -14.67 -60.06 -37.70
CA GLU B 113 -15.93 -60.41 -38.35
C GLU B 113 -15.94 -59.68 -39.70
N SER B 114 -16.29 -60.38 -40.78
CA SER B 114 -16.17 -59.78 -42.10
C SER B 114 -17.02 -58.52 -42.20
N THR B 115 -16.45 -57.49 -42.82
CA THR B 115 -17.15 -56.22 -42.94
C THR B 115 -16.48 -55.44 -44.07
N ASN B 116 -17.26 -54.62 -44.76
CA ASN B 116 -16.72 -53.83 -45.86
C ASN B 116 -16.50 -52.37 -45.47
N ILE B 117 -16.61 -52.05 -44.18
CA ILE B 117 -16.44 -50.67 -43.72
C ILE B 117 -15.54 -50.64 -42.49
N VAL B 118 -14.72 -49.61 -42.40
CA VAL B 118 -13.92 -49.32 -41.22
C VAL B 118 -14.52 -48.08 -40.58
N ILE B 119 -14.96 -48.21 -39.33
CA ILE B 119 -15.51 -47.09 -38.59
C ILE B 119 -14.54 -46.82 -37.46
N ILE B 120 -13.99 -45.60 -37.43
CA ILE B 120 -12.99 -45.23 -36.45
C ILE B 120 -13.29 -43.80 -36.00
N HIS B 121 -12.84 -43.44 -34.79
CA HIS B 121 -13.19 -42.15 -34.23
C HIS B 121 -12.26 -41.06 -34.79
N SER B 122 -12.83 -39.87 -34.99
CA SER B 122 -12.09 -38.71 -35.48
C SER B 122 -12.88 -37.46 -35.15
N LYS B 123 -12.22 -36.47 -34.54
CA LYS B 123 -12.88 -35.28 -34.06
C LYS B 123 -11.98 -34.08 -34.34
N ARG B 124 -12.50 -33.11 -35.11
CA ARG B 124 -11.80 -31.86 -35.39
C ARG B 124 -10.41 -32.10 -35.98
N LEU B 125 -10.28 -33.15 -36.78
CA LEU B 125 -9.07 -33.46 -37.51
C LEU B 125 -9.30 -33.20 -38.98
N ASN B 126 -8.34 -32.53 -39.63
CA ASN B 126 -8.36 -32.30 -41.08
C ASN B 126 -7.34 -33.22 -41.71
N TYR B 127 -7.72 -33.90 -42.80
CA TYR B 127 -6.85 -34.92 -43.39
C TYR B 127 -6.23 -34.44 -44.69
N THR B 128 -4.96 -34.80 -44.90
CA THR B 128 -4.32 -34.62 -46.20
C THR B 128 -4.58 -35.89 -47.01
N SER B 129 -5.37 -35.76 -48.07
CA SER B 129 -5.78 -36.93 -48.81
C SER B 129 -4.62 -37.43 -49.65
N HIS B 130 -4.63 -38.74 -49.92
CA HIS B 130 -3.56 -39.37 -50.67
C HIS B 130 -4.23 -40.38 -51.59
N GLN B 131 -3.90 -40.33 -52.89
CA GLN B 131 -4.51 -41.21 -53.90
C GLN B 131 -6.03 -41.08 -53.90
N GLY B 132 -6.54 -39.90 -53.56
CA GLY B 132 -7.96 -39.64 -53.57
C GLY B 132 -8.71 -39.92 -52.30
N HIS B 133 -8.05 -40.32 -51.21
CA HIS B 133 -8.77 -40.70 -50.00
C HIS B 133 -8.06 -40.21 -48.76
N MET B 134 -8.85 -40.14 -47.68
CA MET B 134 -8.43 -39.53 -46.42
C MET B 134 -7.42 -40.41 -45.69
N VAL B 135 -7.41 -41.70 -45.95
CA VAL B 135 -6.48 -42.64 -45.34
C VAL B 135 -6.05 -43.62 -46.41
N ALA B 136 -5.04 -44.42 -46.08
CA ALA B 136 -4.64 -45.57 -46.85
C ALA B 136 -4.81 -46.81 -45.98
N LEU B 137 -5.04 -47.96 -46.62
CA LEU B 137 -5.26 -49.18 -45.84
C LEU B 137 -4.66 -50.33 -46.62
N SER B 138 -3.84 -51.16 -45.97
CA SER B 138 -3.52 -52.43 -46.61
C SER B 138 -3.45 -53.56 -45.60
N GLY B 139 -3.30 -54.77 -46.12
CA GLY B 139 -3.22 -55.95 -45.29
C GLY B 139 -1.81 -56.20 -44.82
N VAL B 140 -1.70 -56.68 -43.58
CA VAL B 140 -0.40 -56.96 -42.99
C VAL B 140 0.21 -58.21 -43.59
N GLY B 141 1.49 -58.14 -43.94
CA GLY B 141 2.16 -59.25 -44.59
C GLY B 141 2.09 -59.13 -46.10
N GLY B 142 2.16 -60.30 -46.76
CA GLY B 142 2.03 -60.38 -48.20
C GLY B 142 0.72 -59.76 -48.65
N PHE B 143 -0.30 -60.59 -48.81
CA PHE B 143 -1.67 -60.15 -49.03
C PHE B 143 -2.66 -61.32 -49.00
N HIS B 144 -3.05 -61.87 -50.17
CA HIS B 144 -4.04 -62.90 -50.51
C HIS B 144 -5.15 -62.23 -51.32
N PRO B 145 -5.80 -61.16 -50.82
CA PRO B 145 -6.29 -60.12 -51.73
C PRO B 145 -5.66 -58.81 -51.30
N GLN B 146 -6.35 -57.71 -51.45
CA GLN B 146 -5.81 -56.47 -50.89
C GLN B 146 -6.94 -55.46 -50.90
N PRO B 147 -7.21 -54.80 -49.77
CA PRO B 147 -8.39 -53.93 -49.70
C PRO B 147 -8.30 -52.79 -50.71
N VAL B 148 -9.45 -52.33 -51.17
CA VAL B 148 -9.51 -51.21 -52.08
C VAL B 148 -10.51 -50.22 -51.51
N ILE B 149 -10.05 -49.01 -51.21
CA ILE B 149 -10.96 -48.00 -50.71
C ILE B 149 -11.86 -47.53 -51.84
N VAL B 150 -13.16 -47.44 -51.55
CA VAL B 150 -14.14 -46.86 -52.44
C VAL B 150 -14.38 -45.40 -52.11
N ARG B 151 -14.61 -45.08 -50.84
CA ARG B 151 -14.76 -43.70 -50.43
C ARG B 151 -14.43 -43.58 -48.94
N THR B 152 -13.99 -42.39 -48.54
CA THR B 152 -13.83 -42.04 -47.13
C THR B 152 -14.68 -40.82 -46.85
N GLU B 153 -15.24 -40.76 -45.64
CA GLU B 153 -16.06 -39.62 -45.28
C GLU B 153 -15.96 -39.42 -43.79
N LEU B 154 -16.15 -38.18 -43.37
CA LEU B 154 -16.21 -37.86 -41.95
C LEU B 154 -17.68 -37.69 -41.59
N VAL B 155 -18.09 -38.29 -40.49
CA VAL B 155 -19.43 -38.14 -39.95
C VAL B 155 -19.25 -37.37 -38.65
N GLU B 156 -19.53 -36.06 -38.68
CA GLU B 156 -19.16 -35.20 -37.55
C GLU B 156 -19.95 -35.54 -36.29
N LEU B 157 -21.25 -35.79 -36.45
CA LEU B 157 -22.15 -35.93 -35.32
C LEU B 157 -21.71 -37.05 -34.38
N THR B 158 -21.39 -38.21 -34.92
CA THR B 158 -20.89 -39.31 -34.10
C THR B 158 -19.37 -39.37 -34.04
N GLU B 159 -18.68 -38.37 -34.61
CA GLU B 159 -17.23 -38.26 -34.50
C GLU B 159 -16.51 -39.48 -35.09
N TYR B 160 -16.92 -39.86 -36.30
CA TYR B 160 -16.32 -40.99 -37.00
C TYR B 160 -15.65 -40.56 -38.29
N LEU B 161 -14.62 -41.32 -38.64
CA LEU B 161 -14.08 -41.40 -39.99
C LEU B 161 -14.52 -42.76 -40.54
N VAL B 162 -15.16 -42.76 -41.70
CA VAL B 162 -15.73 -43.99 -42.26
C VAL B 162 -15.02 -44.31 -43.57
N VAL B 163 -14.46 -45.52 -43.64
CA VAL B 163 -13.75 -46.01 -44.83
C VAL B 163 -14.63 -47.09 -45.46
N HIS B 164 -15.11 -46.85 -46.68
CA HIS B 164 -15.88 -47.84 -47.42
C HIS B 164 -14.96 -48.63 -48.34
N LEU B 165 -15.06 -49.94 -48.29
CA LEU B 165 -14.19 -50.78 -49.11
C LEU B 165 -14.99 -51.50 -50.21
N GLN B 166 -14.26 -51.91 -51.24
CA GLN B 166 -14.89 -52.55 -52.37
C GLN B 166 -15.29 -53.98 -52.04
N GLU B 167 -14.41 -54.71 -51.36
CA GLU B 167 -14.60 -56.08 -50.90
C GLU B 167 -14.53 -56.12 -49.37
N PRO B 168 -15.25 -57.05 -48.74
CA PRO B 168 -15.15 -57.15 -47.29
C PRO B 168 -13.75 -57.54 -46.85
N LEU B 169 -13.34 -56.97 -45.71
CA LEU B 169 -12.16 -57.44 -45.01
C LEU B 169 -12.35 -58.91 -44.63
N VAL B 170 -11.25 -59.62 -44.42
CA VAL B 170 -11.29 -61.05 -44.15
C VAL B 170 -11.06 -61.29 -42.67
N ALA B 171 -11.95 -62.06 -42.05
CA ALA B 171 -11.78 -62.45 -40.65
C ALA B 171 -10.45 -63.16 -40.43
N GLY B 172 -9.77 -62.79 -39.35
CA GLY B 172 -8.47 -63.35 -39.03
C GLY B 172 -7.30 -62.59 -39.60
N ARG B 173 -7.52 -61.76 -40.60
CA ARG B 173 -6.43 -61.00 -41.20
C ARG B 173 -6.22 -59.70 -40.44
N GLN B 174 -4.99 -59.20 -40.51
CA GLN B 174 -4.67 -57.91 -39.92
C GLN B 174 -4.47 -56.86 -40.99
N TYR B 175 -4.81 -55.62 -40.65
CA TYR B 175 -4.74 -54.50 -41.56
C TYR B 175 -4.12 -53.33 -40.83
N GLU B 176 -3.49 -52.46 -41.61
CA GLU B 176 -2.90 -51.22 -41.12
C GLU B 176 -3.50 -50.06 -41.88
N MET B 177 -3.99 -49.07 -41.16
CA MET B 177 -4.53 -47.85 -41.74
C MET B 177 -3.58 -46.70 -41.43
N ASN B 178 -3.20 -45.96 -42.47
CA ASN B 178 -2.23 -44.86 -42.42
C ASN B 178 -2.98 -43.55 -42.68
N SER B 179 -2.70 -42.51 -41.89
CA SER B 179 -3.35 -41.22 -42.12
C SER B 179 -2.39 -40.06 -41.84
N GLU B 180 -2.66 -38.92 -42.48
CA GLU B 180 -1.90 -37.68 -42.31
C GLU B 180 -2.91 -36.58 -42.02
N PHE B 181 -2.71 -35.84 -40.92
CA PHE B 181 -3.75 -34.99 -40.39
C PHE B 181 -3.18 -33.75 -39.71
N GLN B 182 -4.06 -32.79 -39.48
CA GLN B 182 -3.79 -31.56 -38.74
C GLN B 182 -4.97 -31.30 -37.82
N GLY B 183 -4.69 -30.74 -36.64
CA GLY B 183 -5.71 -30.32 -35.72
C GLY B 183 -5.26 -29.06 -35.01
N GLU B 184 -6.16 -28.47 -34.23
CA GLU B 184 -5.88 -27.24 -33.51
C GLU B 184 -5.32 -27.53 -32.12
N LEU B 185 -4.28 -26.79 -31.74
CA LEU B 185 -3.83 -26.79 -30.36
C LEU B 185 -4.62 -25.69 -29.64
N ALA B 186 -5.89 -25.97 -29.39
CA ALA B 186 -6.81 -24.94 -28.89
C ALA B 186 -6.57 -24.68 -27.40
N ASP B 187 -7.21 -23.63 -26.87
CA ASP B 187 -7.18 -23.40 -25.43
C ASP B 187 -8.38 -24.04 -24.73
N ASP B 188 -8.84 -25.19 -25.23
CA ASP B 188 -10.09 -25.81 -24.80
C ASP B 188 -9.90 -26.88 -23.74
N LEU B 189 -8.66 -27.15 -23.31
CA LEU B 189 -8.37 -28.10 -22.25
C LEU B 189 -8.77 -29.53 -22.59
N ALA B 190 -8.87 -29.89 -23.88
CA ALA B 190 -9.32 -31.20 -24.30
C ALA B 190 -8.45 -31.72 -25.43
N GLY B 191 -8.22 -33.03 -25.46
CA GLY B 191 -7.37 -33.61 -26.50
C GLY B 191 -5.93 -33.14 -26.37
N PHE B 192 -5.28 -32.90 -27.52
CA PHE B 192 -3.99 -32.21 -27.60
C PHE B 192 -4.28 -30.70 -27.60
N TYR B 193 -3.87 -29.98 -26.54
CA TYR B 193 -4.24 -28.57 -26.44
C TYR B 193 -3.04 -27.76 -25.94
N ARG B 194 -3.21 -26.43 -25.89
CA ARG B 194 -2.10 -25.58 -25.46
C ARG B 194 -2.39 -25.02 -24.07
N SER B 195 -1.32 -24.76 -23.34
CA SER B 195 -1.36 -24.13 -22.04
C SER B 195 -0.33 -22.99 -22.05
N GLU B 196 -0.61 -21.92 -21.31
CA GLU B 196 0.20 -20.71 -21.42
C GLU B 196 0.53 -20.16 -20.04
N TYR B 197 1.68 -19.51 -19.93
CA TYR B 197 2.04 -18.82 -18.69
C TYR B 197 3.01 -17.70 -19.03
N MET B 198 3.11 -16.74 -18.12
CA MET B 198 3.99 -15.59 -18.28
C MET B 198 5.26 -15.84 -17.48
N GLU B 199 6.41 -15.68 -18.12
CA GLU B 199 7.69 -15.76 -17.42
C GLU B 199 8.38 -14.43 -17.62
N ASN B 200 8.52 -13.64 -16.56
CA ASN B 200 9.06 -12.29 -16.67
C ASN B 200 8.19 -11.60 -17.71
N GLY B 201 8.73 -11.08 -18.79
CA GLY B 201 7.60 -10.51 -19.52
C GLY B 201 7.02 -11.30 -20.67
N VAL B 202 7.38 -12.56 -20.84
CA VAL B 202 7.21 -13.27 -22.10
C VAL B 202 6.18 -14.38 -21.94
N LYS B 203 5.26 -14.47 -22.90
CA LYS B 203 4.24 -15.51 -22.86
C LYS B 203 4.85 -16.82 -23.36
N LYS B 204 4.87 -17.82 -22.49
CA LYS B 204 5.35 -19.15 -22.81
C LYS B 204 4.14 -20.02 -23.17
N VAL B 205 4.31 -20.86 -24.19
CA VAL B 205 3.23 -21.71 -24.69
C VAL B 205 3.76 -23.13 -24.72
N LEU B 206 3.02 -24.07 -24.16
CA LEU B 206 3.38 -25.47 -24.19
C LEU B 206 2.21 -26.29 -24.73
N ALA B 207 2.51 -27.52 -25.13
CA ALA B 207 1.49 -28.43 -25.67
C ALA B 207 1.30 -29.56 -24.69
N THR B 208 0.05 -29.95 -24.44
CA THR B 208 -0.20 -30.95 -23.42
C THR B 208 -1.50 -31.66 -23.77
N THR B 209 -1.81 -32.74 -23.05
CA THR B 209 -2.95 -33.59 -23.40
C THR B 209 -3.90 -33.81 -22.24
N HIS B 210 -5.17 -34.02 -22.61
CA HIS B 210 -6.15 -34.55 -21.68
C HIS B 210 -7.16 -35.31 -22.52
N MET B 211 -7.05 -36.65 -22.54
CA MET B 211 -7.92 -37.47 -23.38
C MET B 211 -9.23 -37.86 -22.72
N GLN B 212 -9.31 -37.95 -21.39
CA GLN B 212 -10.53 -38.50 -20.79
C GLN B 212 -11.69 -37.53 -20.99
N ALA B 213 -12.87 -38.05 -21.36
CA ALA B 213 -13.15 -39.46 -21.65
C ALA B 213 -13.03 -39.81 -23.13
N THR B 214 -13.50 -38.91 -24.00
CA THR B 214 -13.60 -39.22 -25.41
C THR B 214 -12.83 -38.22 -26.28
N GLU B 215 -11.64 -37.79 -25.85
CA GLU B 215 -10.92 -36.76 -26.59
C GLU B 215 -9.65 -37.25 -27.28
N ALA B 216 -9.24 -38.51 -27.10
CA ALA B 216 -8.08 -39.00 -27.84
C ALA B 216 -8.33 -38.91 -29.34
N ARG B 217 -9.57 -39.13 -29.76
CA ARG B 217 -10.01 -38.97 -31.15
C ARG B 217 -9.81 -37.57 -31.68
N LYS B 218 -9.58 -36.60 -30.80
CA LYS B 218 -9.36 -35.24 -31.22
C LYS B 218 -7.87 -34.98 -31.44
N SER B 219 -7.02 -35.97 -31.19
CA SER B 219 -5.60 -35.86 -31.48
C SER B 219 -5.09 -36.81 -32.54
N PHE B 220 -5.82 -37.87 -32.85
CA PHE B 220 -5.50 -38.78 -33.95
C PHE B 220 -6.65 -39.77 -34.12
N PRO B 221 -6.88 -40.27 -35.32
CA PRO B 221 -7.96 -41.25 -35.50
C PRO B 221 -7.64 -42.54 -34.74
N CYS B 222 -8.60 -43.04 -33.97
CA CYS B 222 -8.37 -44.21 -33.14
C CYS B 222 -9.71 -44.84 -32.77
N PHE B 223 -9.67 -46.10 -32.32
CA PHE B 223 -10.86 -46.76 -31.80
C PHE B 223 -10.97 -46.31 -30.35
N ASP B 224 -11.70 -45.21 -30.13
CA ASP B 224 -11.60 -44.45 -28.88
C ASP B 224 -12.68 -44.88 -27.89
N GLU B 225 -12.52 -46.12 -27.40
CA GLU B 225 -13.35 -46.74 -26.35
C GLU B 225 -12.45 -47.49 -25.36
N PRO B 226 -12.77 -47.43 -24.07
CA PRO B 226 -11.81 -47.93 -23.06
C PRO B 226 -11.58 -49.44 -23.09
N ALA B 227 -12.48 -50.22 -23.68
CA ALA B 227 -12.30 -51.66 -23.78
C ALA B 227 -11.61 -52.08 -25.07
N MET B 228 -11.28 -51.13 -25.94
CA MET B 228 -10.48 -51.37 -27.14
C MET B 228 -8.99 -51.13 -26.85
N LYS B 229 -8.45 -51.85 -25.87
CA LYS B 229 -7.10 -51.53 -25.41
C LYS B 229 -6.05 -51.93 -26.45
N ALA B 230 -4.95 -51.19 -26.44
CA ALA B 230 -3.89 -51.38 -27.43
C ALA B 230 -2.59 -50.85 -26.87
N THR B 231 -1.49 -51.09 -27.59
CA THR B 231 -0.23 -50.45 -27.28
C THR B 231 -0.01 -49.24 -28.19
N PHE B 232 0.79 -48.28 -27.73
CA PHE B 232 1.02 -47.04 -28.46
C PHE B 232 2.51 -46.74 -28.55
N ASN B 233 2.97 -46.49 -29.76
CA ASN B 233 4.35 -46.08 -30.09
C ASN B 233 4.31 -44.59 -30.44
N ILE B 234 4.77 -43.74 -29.54
CA ILE B 234 4.63 -42.30 -29.70
C ILE B 234 5.95 -41.71 -30.17
N THR B 235 5.89 -40.84 -31.17
CA THR B 235 7.01 -40.01 -31.57
C THR B 235 6.55 -38.56 -31.56
N ILE B 236 7.34 -37.68 -30.98
CA ILE B 236 7.05 -36.24 -30.96
C ILE B 236 8.17 -35.50 -31.69
N ILE B 237 7.77 -34.61 -32.60
CA ILE B 237 8.70 -33.72 -33.30
C ILE B 237 8.53 -32.34 -32.70
N HIS B 238 9.62 -31.76 -32.20
CA HIS B 238 9.45 -30.60 -31.33
C HIS B 238 10.66 -29.68 -31.43
N PRO B 239 10.49 -28.39 -31.19
CA PRO B 239 11.65 -27.46 -31.19
C PRO B 239 12.75 -27.95 -30.26
N ASN B 240 14.00 -27.68 -30.66
CA ASN B 240 15.12 -28.34 -29.98
C ASN B 240 15.41 -27.75 -28.62
N ASN B 241 14.83 -26.60 -28.27
CA ASN B 241 14.95 -26.07 -26.92
C ASN B 241 13.90 -26.62 -25.96
N LEU B 242 12.92 -27.39 -26.45
CA LEU B 242 11.89 -27.96 -25.59
C LEU B 242 12.07 -29.47 -25.42
N VAL B 243 11.46 -30.01 -24.37
CA VAL B 243 11.56 -31.43 -24.04
C VAL B 243 10.19 -32.08 -24.22
N ALA B 244 10.17 -33.28 -24.79
CA ALA B 244 8.93 -34.05 -24.92
C ALA B 244 8.84 -35.08 -23.81
N LEU B 245 7.66 -35.17 -23.19
CA LEU B 245 7.32 -36.26 -22.29
C LEU B 245 6.13 -37.02 -22.82
N SER B 246 6.04 -38.28 -22.41
CA SER B 246 4.87 -39.11 -22.71
C SER B 246 4.75 -40.17 -21.62
N ASN B 247 3.86 -41.15 -21.81
CA ASN B 247 3.62 -42.18 -20.79
C ASN B 247 4.91 -42.91 -20.43
N MET B 248 5.70 -43.25 -21.44
CA MET B 248 6.87 -44.10 -21.34
C MET B 248 8.14 -43.25 -21.36
N LEU B 249 9.29 -43.89 -21.10
CA LEU B 249 10.57 -43.24 -21.31
C LEU B 249 10.92 -43.20 -22.80
N PRO B 250 11.77 -42.25 -23.21
CA PRO B 250 12.24 -42.26 -24.60
C PRO B 250 13.08 -43.51 -24.89
N ARG B 251 12.98 -43.98 -26.14
CA ARG B 251 13.79 -45.10 -26.59
C ARG B 251 15.28 -44.82 -26.48
N GLY B 252 15.67 -43.55 -26.60
CA GLY B 252 17.05 -43.15 -26.53
C GLY B 252 17.07 -41.65 -26.68
N PRO B 253 18.26 -41.06 -26.83
CA PRO B 253 18.33 -39.60 -26.94
C PRO B 253 17.63 -39.09 -28.19
N SER B 254 17.13 -37.86 -28.11
CA SER B 254 16.50 -37.26 -29.28
C SER B 254 17.53 -37.03 -30.37
N VAL B 255 17.06 -37.07 -31.61
CA VAL B 255 17.92 -36.85 -32.77
C VAL B 255 17.40 -35.63 -33.53
N PRO B 256 18.24 -34.94 -34.28
CA PRO B 256 17.72 -33.79 -35.06
C PRO B 256 16.73 -34.25 -36.13
N PHE B 257 15.72 -33.43 -36.33
CA PHE B 257 14.72 -33.68 -37.37
C PHE B 257 15.30 -33.36 -38.75
N GLY B 258 15.29 -34.36 -39.64
CA GLY B 258 15.82 -34.23 -40.99
C GLY B 258 15.44 -32.97 -41.74
N GLU B 259 14.14 -32.70 -41.92
CA GLU B 259 13.75 -31.54 -42.72
C GLU B 259 14.01 -30.20 -42.05
N ASP B 260 14.30 -30.17 -40.74
CA ASP B 260 14.57 -28.89 -40.10
C ASP B 260 15.26 -29.11 -38.75
N PRO B 261 16.59 -29.07 -38.70
CA PRO B 261 17.29 -29.45 -37.46
C PRO B 261 17.17 -28.44 -36.33
N THR B 262 16.42 -27.35 -36.49
CA THR B 262 16.01 -26.59 -35.31
C THR B 262 14.92 -27.30 -34.51
N TRP B 263 14.48 -28.44 -35.02
CA TRP B 263 13.55 -29.36 -34.40
C TRP B 263 14.26 -30.67 -34.09
N LYS B 264 13.81 -31.34 -33.03
CA LYS B 264 14.30 -32.65 -32.61
C LYS B 264 13.19 -33.69 -32.70
N VAL B 265 13.61 -34.95 -32.66
CA VAL B 265 12.68 -36.07 -32.70
C VAL B 265 12.91 -36.91 -31.45
N THR B 266 11.85 -37.09 -30.66
CA THR B 266 11.92 -37.94 -29.46
C THR B 266 10.94 -39.09 -29.66
N GLU B 267 11.46 -40.31 -29.66
CA GLU B 267 10.64 -41.51 -29.76
C GLU B 267 10.56 -42.22 -28.42
N PHE B 268 9.37 -42.67 -28.05
CA PHE B 268 9.13 -43.27 -26.74
C PHE B 268 8.95 -44.77 -26.83
N GLU B 269 9.31 -45.45 -25.75
CA GLU B 269 9.08 -46.89 -25.63
C GLU B 269 7.60 -47.19 -25.78
N THR B 270 7.31 -48.42 -26.23
CA THR B 270 5.94 -48.87 -26.41
C THR B 270 5.20 -48.88 -25.09
N THR B 271 3.95 -48.38 -25.08
CA THR B 271 3.18 -48.43 -23.84
C THR B 271 2.77 -49.87 -23.54
N PRO B 272 2.36 -50.16 -22.33
CA PRO B 272 1.59 -51.38 -22.10
C PRO B 272 0.26 -51.32 -22.83
N ILE B 273 -0.40 -52.48 -22.90
CA ILE B 273 -1.79 -52.55 -23.34
C ILE B 273 -2.63 -51.66 -22.46
N MET B 274 -3.37 -50.73 -23.07
CA MET B 274 -3.98 -49.66 -22.27
C MET B 274 -5.02 -48.93 -23.09
N SER B 275 -5.90 -48.21 -22.39
CA SER B 275 -7.00 -47.51 -23.03
C SER B 275 -6.52 -46.24 -23.70
N THR B 276 -7.19 -45.84 -24.79
CA THR B 276 -6.83 -44.59 -25.46
C THR B 276 -6.93 -43.39 -24.53
N TYR B 277 -7.87 -43.38 -23.57
CA TYR B 277 -8.02 -42.18 -22.76
C TYR B 277 -6.87 -41.95 -21.78
N LEU B 278 -5.91 -42.87 -21.70
CA LEU B 278 -4.76 -42.75 -20.79
C LEU B 278 -3.50 -42.27 -21.47
N LEU B 279 -3.52 -42.08 -22.79
CA LEU B 279 -2.36 -41.59 -23.51
C LEU B 279 -2.08 -40.13 -23.19
N ALA B 280 -0.80 -39.79 -23.05
CA ALA B 280 -0.41 -38.41 -22.76
C ALA B 280 0.92 -38.09 -23.42
N TYR B 281 1.06 -36.84 -23.82
CA TYR B 281 2.34 -36.33 -24.32
C TYR B 281 2.36 -34.82 -24.17
N ILE B 282 3.53 -34.29 -23.84
CA ILE B 282 3.66 -32.90 -23.40
C ILE B 282 4.97 -32.36 -23.95
N VAL B 283 4.94 -31.15 -24.49
CA VAL B 283 6.13 -30.47 -25.01
C VAL B 283 6.25 -29.14 -24.29
N SER B 284 7.36 -28.91 -23.58
CA SER B 284 7.49 -27.72 -22.74
C SER B 284 8.96 -27.44 -22.45
N GLU B 285 9.21 -26.28 -21.82
CA GLU B 285 10.49 -25.98 -21.15
C GLU B 285 10.47 -26.28 -19.66
N PHE B 286 9.60 -27.16 -19.18
CA PHE B 286 9.51 -27.34 -17.74
C PHE B 286 10.80 -27.94 -17.17
N SER B 287 11.00 -27.77 -15.87
CA SER B 287 12.08 -28.47 -15.18
C SER B 287 11.47 -29.40 -14.13
N TYR B 288 12.32 -30.07 -13.36
CA TYR B 288 11.84 -31.13 -12.48
C TYR B 288 12.79 -31.37 -11.33
N VAL B 289 12.26 -31.98 -10.28
CA VAL B 289 13.03 -32.64 -9.24
C VAL B 289 12.72 -34.14 -9.33
N GLU B 290 13.62 -34.94 -8.77
CA GLU B 290 13.71 -36.34 -9.12
C GLU B 290 14.13 -37.16 -7.92
N THR B 291 13.54 -38.34 -7.79
CA THR B 291 14.09 -39.29 -6.83
C THR B 291 13.67 -40.66 -7.32
N ARG B 292 14.28 -41.70 -6.77
CA ARG B 292 13.84 -43.06 -7.07
C ARG B 292 13.20 -43.68 -5.84
N ALA B 293 12.00 -44.22 -6.03
CA ALA B 293 11.33 -44.94 -4.96
C ALA B 293 12.14 -46.17 -4.57
N PRO B 294 12.01 -46.65 -3.32
CA PRO B 294 12.74 -47.88 -2.93
C PRO B 294 12.48 -49.04 -3.88
N SER B 295 11.30 -49.09 -4.49
CA SER B 295 11.02 -50.11 -5.49
C SER B 295 11.90 -49.96 -6.74
N GLY B 296 12.52 -48.80 -6.93
CA GLY B 296 13.25 -48.50 -8.14
C GLY B 296 12.52 -47.64 -9.14
N VAL B 297 11.22 -47.42 -8.95
CA VAL B 297 10.47 -46.58 -9.88
C VAL B 297 11.00 -45.16 -9.81
N LEU B 298 11.33 -44.58 -10.96
CA LEU B 298 11.78 -43.19 -11.07
C LEU B 298 10.61 -42.23 -10.91
N ILE B 299 10.71 -41.30 -9.96
CA ILE B 299 9.68 -40.31 -9.70
C ILE B 299 10.22 -38.94 -10.07
N ARG B 300 9.49 -38.20 -10.89
CA ARG B 300 9.87 -36.83 -11.23
C ARG B 300 8.67 -35.92 -11.05
N ILE B 301 8.91 -34.71 -10.54
CA ILE B 301 7.88 -33.70 -10.38
C ILE B 301 8.24 -32.55 -11.31
N TRP B 302 7.39 -32.31 -12.30
CA TRP B 302 7.63 -31.32 -13.34
C TRP B 302 6.71 -30.11 -13.19
N ALA B 303 7.23 -28.92 -13.48
CA ALA B 303 6.43 -27.69 -13.41
C ALA B 303 7.21 -26.57 -14.05
N ARG B 304 6.57 -25.42 -14.16
CA ARG B 304 7.25 -24.18 -14.55
C ARG B 304 8.58 -24.08 -13.82
N PRO B 305 9.67 -23.74 -14.51
CA PRO B 305 10.97 -23.66 -13.83
C PRO B 305 10.95 -22.81 -12.58
N SER B 306 10.31 -21.64 -12.64
CA SER B 306 10.21 -20.79 -11.45
C SER B 306 9.66 -21.54 -10.25
N ALA B 307 8.65 -22.40 -10.47
CA ALA B 307 8.04 -23.13 -9.36
C ALA B 307 8.97 -24.21 -8.82
N ILE B 308 9.62 -24.97 -9.70
CA ILE B 308 10.55 -26.01 -9.25
C ILE B 308 11.72 -25.37 -8.50
N ASN B 309 12.23 -24.25 -9.00
CA ASN B 309 13.37 -23.59 -8.36
C ASN B 309 13.02 -23.06 -6.98
N GLN B 310 11.75 -22.68 -6.76
CA GLN B 310 11.31 -22.26 -5.44
C GLN B 310 11.01 -23.40 -4.49
N GLY B 311 11.21 -24.65 -4.92
CA GLY B 311 10.89 -25.78 -4.08
C GLY B 311 9.44 -26.22 -4.08
N HIS B 312 8.62 -25.73 -5.03
CA HIS B 312 7.19 -26.00 -4.93
C HIS B 312 6.85 -27.44 -5.30
N GLY B 313 7.78 -28.19 -5.87
CA GLY B 313 7.58 -29.60 -6.14
C GLY B 313 8.08 -30.52 -5.06
N ASP B 314 8.64 -29.98 -3.98
CA ASP B 314 9.38 -30.84 -3.05
C ASP B 314 8.43 -31.73 -2.26
N TYR B 315 7.29 -31.19 -1.83
CA TYR B 315 6.34 -32.01 -1.07
C TYR B 315 5.83 -33.18 -1.90
N ALA B 316 5.44 -32.92 -3.16
CA ALA B 316 5.03 -34.03 -4.03
C ALA B 316 6.13 -35.08 -4.17
N LEU B 317 7.39 -34.65 -4.33
CA LEU B 317 8.51 -35.60 -4.40
C LEU B 317 8.61 -36.44 -3.14
N LYS B 318 8.24 -35.85 -1.99
CA LYS B 318 8.36 -36.57 -0.73
C LYS B 318 7.35 -37.70 -0.63
N VAL B 319 6.13 -37.46 -1.08
CA VAL B 319 5.05 -38.41 -0.80
C VAL B 319 4.76 -39.38 -1.94
N THR B 320 5.12 -39.02 -3.18
CA THR B 320 4.63 -39.77 -4.34
C THR B 320 5.20 -41.18 -4.37
N GLY B 321 6.52 -41.32 -4.38
CA GLY B 321 7.11 -42.63 -4.39
C GLY B 321 6.66 -43.52 -3.25
N PRO B 322 6.66 -42.99 -2.02
CA PRO B 322 6.20 -43.83 -0.89
C PRO B 322 4.75 -44.28 -1.03
N ILE B 323 3.85 -43.44 -1.53
CA ILE B 323 2.48 -43.88 -1.73
C ILE B 323 2.40 -44.94 -2.82
N LEU B 324 3.12 -44.73 -3.93
CA LEU B 324 3.11 -45.70 -5.01
C LEU B 324 3.54 -47.08 -4.51
N ASP B 325 4.64 -47.13 -3.76
CA ASP B 325 5.14 -48.39 -3.22
C ASP B 325 4.17 -48.99 -2.20
N PHE B 326 3.52 -48.13 -1.41
CA PHE B 326 2.53 -48.61 -0.44
C PHE B 326 1.38 -49.34 -1.14
N PHE B 327 0.92 -48.80 -2.26
CA PHE B 327 -0.15 -49.43 -3.02
C PHE B 327 0.33 -50.73 -3.64
N SER B 328 1.55 -50.74 -4.20
CA SER B 328 2.11 -51.95 -4.78
C SER B 328 2.13 -53.07 -3.75
N GLN B 329 2.56 -52.75 -2.53
CA GLN B 329 2.63 -53.76 -1.48
C GLN B 329 1.25 -54.10 -0.95
N HIS B 330 0.40 -53.09 -0.76
CA HIS B 330 -0.90 -53.32 -0.16
C HIS B 330 -1.76 -54.25 -1.00
N TYR B 331 -1.76 -54.08 -2.32
CA TYR B 331 -2.57 -54.90 -3.20
C TYR B 331 -1.78 -56.05 -3.82
N ASP B 332 -0.54 -56.25 -3.39
CA ASP B 332 0.25 -57.39 -3.83
C ASP B 332 0.34 -57.41 -5.36
N THR B 333 0.46 -56.22 -5.94
CA THR B 333 0.40 -56.04 -7.39
C THR B 333 1.33 -54.90 -7.72
N PRO B 334 2.57 -55.18 -8.10
CA PRO B 334 3.56 -54.10 -8.23
C PRO B 334 3.32 -53.25 -9.46
N TYR B 335 3.47 -51.93 -9.29
CA TYR B 335 3.44 -50.97 -10.37
C TYR B 335 4.42 -51.39 -11.47
N PRO B 336 3.96 -51.61 -12.70
CA PRO B 336 4.81 -52.27 -13.69
C PRO B 336 5.72 -51.38 -14.51
N LEU B 337 5.60 -50.06 -14.47
CA LEU B 337 6.40 -49.21 -15.36
C LEU B 337 7.65 -48.71 -14.65
N ASN B 338 8.59 -48.19 -15.46
CA ASN B 338 9.87 -47.75 -14.93
C ASN B 338 9.83 -46.37 -14.30
N LYS B 339 8.78 -45.59 -14.55
CA LYS B 339 8.70 -44.24 -14.00
C LYS B 339 7.25 -43.86 -13.81
N SER B 340 7.05 -42.87 -12.93
CA SER B 340 5.78 -42.18 -12.80
C SER B 340 6.10 -40.69 -12.71
N ASP B 341 5.88 -39.97 -13.81
CA ASP B 341 6.00 -38.52 -13.81
C ASP B 341 4.74 -37.86 -13.30
N GLN B 342 4.92 -36.83 -12.46
CA GLN B 342 3.83 -35.97 -11.99
C GLN B 342 4.11 -34.57 -12.54
N ILE B 343 3.15 -33.97 -13.25
CA ILE B 343 3.43 -32.69 -13.88
C ILE B 343 2.27 -31.74 -13.63
N ALA B 344 2.61 -30.51 -13.32
CA ALA B 344 1.65 -29.47 -12.98
C ALA B 344 1.47 -28.55 -14.18
N LEU B 345 0.21 -28.45 -14.68
CA LEU B 345 -0.09 -27.62 -15.85
C LEU B 345 -0.75 -26.32 -15.42
N PRO B 346 -0.43 -25.20 -16.08
CA PRO B 346 -1.12 -23.94 -15.76
C PRO B 346 -2.57 -23.90 -16.22
N ASP B 347 -2.96 -24.70 -17.22
CA ASP B 347 -4.34 -24.79 -17.69
C ASP B 347 -4.78 -26.24 -17.72
N PHE B 348 -5.77 -26.58 -16.89
CA PHE B 348 -6.20 -27.96 -16.70
C PHE B 348 -7.63 -27.96 -16.17
N ASN B 349 -8.52 -28.74 -16.78
CA ASN B 349 -9.94 -28.67 -16.43
C ASN B 349 -10.24 -29.35 -15.09
N ALA B 350 -9.84 -30.62 -14.96
CA ALA B 350 -10.23 -31.45 -13.85
C ALA B 350 -9.35 -31.29 -12.59
N GLY B 351 -8.25 -30.60 -12.61
CA GLY B 351 -7.61 -30.92 -11.33
C GLY B 351 -6.56 -32.02 -11.24
N ALA B 352 -6.81 -33.26 -11.70
CA ALA B 352 -5.71 -34.15 -12.09
C ALA B 352 -6.23 -35.28 -12.99
N MET B 353 -5.31 -35.95 -13.68
CA MET B 353 -5.70 -37.03 -14.60
C MET B 353 -4.64 -38.12 -14.50
N GLU B 354 -5.06 -39.39 -14.44
CA GLU B 354 -4.16 -40.47 -14.06
C GLU B 354 -3.37 -41.11 -15.21
N ASN B 355 -3.01 -40.37 -16.27
CA ASN B 355 -2.34 -40.96 -17.43
C ASN B 355 -1.16 -41.82 -17.01
N TRP B 356 -1.17 -43.07 -17.49
CA TRP B 356 -0.22 -44.10 -17.02
C TRP B 356 1.21 -43.70 -17.31
N GLY B 357 1.99 -43.39 -16.29
CA GLY B 357 3.33 -42.92 -16.46
C GLY B 357 3.50 -41.41 -16.53
N LEU B 358 2.41 -40.65 -16.77
CA LEU B 358 2.55 -39.18 -16.93
C LEU B 358 1.29 -38.54 -16.35
N VAL B 359 1.25 -38.45 -15.02
CA VAL B 359 0.07 -38.01 -14.30
C VAL B 359 0.05 -36.48 -14.30
N THR B 360 -1.05 -35.91 -14.79
CA THR B 360 -1.16 -34.47 -14.96
C THR B 360 -2.03 -33.87 -13.86
N TYR B 361 -1.74 -32.61 -13.51
CA TYR B 361 -2.33 -31.98 -12.35
C TYR B 361 -2.54 -30.49 -12.63
N ARG B 362 -3.63 -29.94 -12.07
CA ARG B 362 -3.65 -28.51 -11.80
C ARG B 362 -2.48 -28.15 -10.88
N GLU B 363 -1.89 -26.97 -11.09
CA GLU B 363 -0.84 -26.51 -10.17
C GLU B 363 -1.34 -26.50 -8.73
N SER B 364 -2.59 -26.09 -8.53
CA SER B 364 -3.22 -26.08 -7.20
C SER B 364 -3.38 -27.46 -6.61
N ALA B 365 -3.16 -28.52 -7.35
CA ALA B 365 -3.34 -29.87 -6.82
C ALA B 365 -2.02 -30.61 -6.59
N LEU B 366 -0.89 -30.01 -6.97
CA LEU B 366 0.39 -30.70 -6.92
C LEU B 366 1.47 -29.88 -6.24
N LEU B 367 1.48 -28.57 -6.45
CA LEU B 367 2.54 -27.72 -5.91
C LEU B 367 2.21 -27.25 -4.50
N TYR B 368 3.25 -26.97 -3.73
CA TYR B 368 3.04 -26.61 -2.34
C TYR B 368 4.19 -25.71 -1.90
N ASP B 369 3.87 -24.54 -1.34
CA ASP B 369 4.84 -23.60 -0.80
C ASP B 369 4.77 -23.67 0.72
N ARG B 370 5.86 -24.08 1.36
CA ARG B 370 5.72 -24.33 2.78
C ARG B 370 5.62 -23.05 3.60
N GLN B 371 5.95 -21.88 3.04
CA GLN B 371 5.67 -20.63 3.73
C GLN B 371 4.33 -20.02 3.39
N SER B 372 3.77 -20.28 2.19
CA SER B 372 2.61 -19.53 1.74
C SER B 372 1.36 -20.36 1.48
N SER B 373 1.48 -21.68 1.29
CA SER B 373 0.31 -22.54 1.14
C SER B 373 -0.33 -22.84 2.49
N SER B 374 -1.63 -23.15 2.47
CA SER B 374 -2.34 -23.43 3.70
C SER B 374 -2.31 -24.92 4.04
N SER B 375 -2.78 -25.25 5.25
CA SER B 375 -2.91 -26.65 5.65
C SER B 375 -3.87 -27.39 4.74
N GLY B 376 -4.99 -26.74 4.42
CA GLY B 376 -5.93 -27.31 3.46
C GLY B 376 -5.29 -27.54 2.10
N ASN B 377 -4.43 -26.61 1.66
CA ASN B 377 -3.77 -26.80 0.38
C ASN B 377 -2.90 -28.05 0.40
N GLN B 378 -2.21 -28.29 1.52
CA GLN B 378 -1.34 -29.46 1.61
C GLN B 378 -2.15 -30.75 1.63
N GLU B 379 -3.25 -30.77 2.38
CA GLU B 379 -4.11 -31.95 2.36
C GLU B 379 -4.62 -32.26 0.96
N ARG B 380 -4.97 -31.22 0.20
CA ARG B 380 -5.43 -31.41 -1.17
C ARG B 380 -4.35 -32.07 -2.03
N VAL B 381 -3.10 -31.60 -1.91
CA VAL B 381 -2.02 -32.19 -2.69
C VAL B 381 -1.86 -33.69 -2.39
N VAL B 382 -1.74 -34.06 -1.11
CA VAL B 382 -1.47 -35.47 -0.83
C VAL B 382 -2.68 -36.34 -1.19
N THR B 383 -3.89 -35.82 -1.02
CA THR B 383 -5.09 -36.58 -1.36
C THR B 383 -5.21 -36.79 -2.87
N VAL B 384 -4.98 -35.71 -3.65
CA VAL B 384 -5.06 -35.82 -5.10
C VAL B 384 -3.99 -36.78 -5.63
N ILE B 385 -2.75 -36.62 -5.16
CA ILE B 385 -1.68 -37.53 -5.57
C ILE B 385 -2.09 -38.98 -5.25
N ALA B 386 -2.58 -39.23 -4.02
CA ALA B 386 -2.98 -40.59 -3.66
C ALA B 386 -4.10 -41.11 -4.54
N HIS B 387 -5.04 -40.23 -4.87
CA HIS B 387 -6.09 -40.58 -5.83
C HIS B 387 -5.54 -40.96 -7.20
N GLU B 388 -4.64 -40.15 -7.76
CA GLU B 388 -4.10 -40.47 -9.07
C GLU B 388 -3.29 -41.75 -9.03
N LEU B 389 -2.51 -41.96 -7.97
CA LEU B 389 -1.75 -43.20 -7.86
C LEU B 389 -2.66 -44.41 -7.69
N ALA B 390 -3.74 -44.30 -6.91
CA ALA B 390 -4.70 -45.40 -6.79
C ALA B 390 -5.21 -45.84 -8.15
N HIS B 391 -5.47 -44.88 -9.05
CA HIS B 391 -5.91 -45.21 -10.41
C HIS B 391 -4.91 -46.05 -11.19
N GLN B 392 -3.63 -46.01 -10.84
CA GLN B 392 -2.68 -46.81 -11.60
C GLN B 392 -3.11 -48.28 -11.55
N TRP B 393 -3.77 -48.68 -10.47
CA TRP B 393 -4.41 -49.98 -10.35
C TRP B 393 -5.86 -49.91 -10.81
N PHE B 394 -6.67 -49.06 -10.16
CA PHE B 394 -8.09 -48.97 -10.45
C PHE B 394 -8.33 -47.95 -11.55
N GLY B 395 -8.11 -48.41 -12.78
CA GLY B 395 -8.40 -47.66 -13.97
C GLY B 395 -7.38 -47.89 -15.06
N ASN B 396 -6.08 -47.94 -14.72
CA ASN B 396 -5.04 -48.15 -15.73
C ASN B 396 -4.75 -49.63 -15.95
N LEU B 397 -4.34 -50.34 -14.89
CA LEU B 397 -4.09 -51.77 -14.99
C LEU B 397 -5.39 -52.54 -15.27
N VAL B 398 -6.42 -52.24 -14.49
CA VAL B 398 -7.75 -52.80 -14.67
C VAL B 398 -8.72 -51.65 -14.95
N THR B 399 -9.49 -51.76 -16.03
CA THR B 399 -10.27 -50.64 -16.54
C THR B 399 -11.74 -51.02 -16.67
N LEU B 400 -12.63 -50.08 -16.37
CA LEU B 400 -14.05 -50.28 -16.64
C LEU B 400 -14.27 -50.72 -18.08
N GLU B 401 -15.28 -51.57 -18.27
CA GLU B 401 -15.72 -51.98 -19.60
C GLU B 401 -16.34 -50.82 -20.35
N TRP B 402 -17.21 -50.05 -19.68
CA TRP B 402 -17.86 -48.92 -20.31
C TRP B 402 -18.18 -47.91 -19.22
N TRP B 403 -18.44 -46.68 -19.64
CA TRP B 403 -18.50 -45.54 -18.72
C TRP B 403 -19.69 -45.57 -17.79
N ASN B 404 -20.70 -46.43 -18.04
CA ASN B 404 -21.80 -46.48 -17.11
C ASN B 404 -21.38 -47.09 -15.79
N ASP B 405 -20.20 -47.67 -15.74
CA ASP B 405 -19.65 -48.32 -14.56
C ASP B 405 -18.45 -47.51 -14.07
N LEU B 406 -18.56 -46.18 -14.18
CA LEU B 406 -17.41 -45.32 -13.88
C LEU B 406 -16.89 -45.53 -12.46
N TRP B 407 -17.79 -45.85 -11.52
CA TRP B 407 -17.40 -46.08 -10.13
C TRP B 407 -16.32 -47.14 -9.97
N LEU B 408 -16.22 -48.08 -10.92
CA LEU B 408 -15.14 -49.08 -10.80
C LEU B 408 -13.78 -48.43 -10.84
N ASN B 409 -13.63 -47.35 -11.61
CA ASN B 409 -12.44 -46.52 -11.63
C ASN B 409 -12.47 -45.50 -10.50
N GLU B 410 -13.52 -44.67 -10.48
CA GLU B 410 -13.54 -43.49 -9.63
C GLU B 410 -13.97 -43.77 -8.20
N GLY B 411 -14.84 -44.74 -7.97
CA GLY B 411 -15.19 -45.09 -6.60
C GLY B 411 -14.01 -45.71 -5.86
N PHE B 412 -13.34 -46.66 -6.52
CA PHE B 412 -12.14 -47.25 -5.93
C PHE B 412 -11.08 -46.18 -5.69
N ALA B 413 -10.84 -45.34 -6.70
CA ALA B 413 -9.81 -44.33 -6.50
C ALA B 413 -10.17 -43.41 -5.34
N SER B 414 -11.45 -43.05 -5.21
CA SER B 414 -11.86 -42.12 -4.18
C SER B 414 -11.83 -42.76 -2.80
N TYR B 415 -12.05 -44.07 -2.72
CA TYR B 415 -11.91 -44.77 -1.44
C TYR B 415 -10.43 -44.99 -1.11
N VAL B 416 -9.68 -45.51 -2.08
CA VAL B 416 -8.28 -45.88 -1.84
C VAL B 416 -7.40 -44.65 -1.62
N GLU B 417 -7.83 -43.47 -2.10
CA GLU B 417 -7.02 -42.27 -1.86
C GLU B 417 -6.82 -42.09 -0.35
N TYR B 418 -7.78 -42.49 0.47
CA TYR B 418 -7.64 -42.29 1.91
C TYR B 418 -6.57 -43.22 2.49
N LEU B 419 -6.49 -44.45 1.99
CA LEU B 419 -5.46 -45.38 2.45
C LEU B 419 -4.07 -44.84 2.11
N GLY B 420 -3.88 -44.35 0.88
CA GLY B 420 -2.59 -43.83 0.49
C GLY B 420 -2.23 -42.53 1.18
N ALA B 421 -3.18 -41.61 1.30
CA ALA B 421 -2.85 -40.33 1.92
C ALA B 421 -2.59 -40.53 3.40
N ASP B 422 -3.31 -41.46 4.03
CA ASP B 422 -3.09 -41.69 5.45
C ASP B 422 -1.76 -42.36 5.69
N PHE B 423 -1.30 -43.19 4.75
CA PHE B 423 0.04 -43.74 4.85
C PHE B 423 1.08 -42.63 4.89
N ALA B 424 0.94 -41.61 4.04
CA ALA B 424 1.96 -40.58 3.89
C ALA B 424 1.88 -39.52 4.98
N GLU B 425 0.68 -39.27 5.50
CA GLU B 425 0.47 -38.29 6.57
C GLU B 425 -0.33 -38.94 7.68
N PRO B 426 0.28 -39.87 8.42
CA PRO B 426 -0.49 -40.63 9.42
C PRO B 426 -0.98 -39.82 10.62
N THR B 427 -0.34 -38.70 10.96
CA THR B 427 -0.78 -37.93 12.12
C THR B 427 -2.04 -37.12 11.83
N TRP B 428 -2.45 -37.04 10.56
CA TRP B 428 -3.57 -36.18 10.18
C TRP B 428 -4.91 -36.83 10.46
N ASN B 429 -4.97 -38.16 10.55
CA ASN B 429 -6.21 -38.92 10.71
C ASN B 429 -7.19 -38.64 9.56
N LEU B 430 -6.66 -38.72 8.34
CA LEU B 430 -7.45 -38.38 7.17
C LEU B 430 -8.64 -39.32 6.95
N LYS B 431 -8.55 -40.60 7.35
CA LYS B 431 -9.63 -41.51 7.00
C LYS B 431 -10.96 -41.12 7.62
N ASP B 432 -10.95 -40.41 8.74
CA ASP B 432 -12.23 -40.02 9.32
C ASP B 432 -12.94 -38.97 8.47
N LEU B 433 -12.19 -38.14 7.71
CA LEU B 433 -12.86 -37.12 6.91
C LEU B 433 -13.63 -37.69 5.74
N MET B 434 -13.52 -38.98 5.48
CA MET B 434 -14.26 -39.55 4.36
C MET B 434 -15.76 -39.34 4.55
N VAL B 435 -16.21 -39.28 5.80
CA VAL B 435 -17.63 -39.08 6.06
C VAL B 435 -18.08 -37.69 5.62
N LEU B 436 -17.35 -36.64 6.02
CA LEU B 436 -17.72 -35.30 5.56
C LEU B 436 -17.47 -35.12 4.06
N ASN B 437 -16.32 -35.57 3.56
CA ASN B 437 -15.88 -35.18 2.22
C ASN B 437 -16.50 -36.04 1.13
N ASP B 438 -16.96 -37.25 1.43
CA ASP B 438 -17.58 -38.10 0.42
C ASP B 438 -18.99 -38.53 0.78
N VAL B 439 -19.20 -39.16 1.94
CA VAL B 439 -20.54 -39.65 2.29
C VAL B 439 -21.53 -38.49 2.28
N TYR B 440 -21.23 -37.45 3.05
CA TYR B 440 -22.18 -36.35 3.14
C TYR B 440 -22.21 -35.49 1.88
N ARG B 441 -21.14 -35.50 1.10
CA ARG B 441 -21.17 -34.76 -0.16
C ARG B 441 -22.23 -35.33 -1.10
N VAL B 442 -22.40 -36.65 -1.16
CA VAL B 442 -23.24 -37.26 -2.19
C VAL B 442 -24.66 -37.55 -1.70
N MET B 443 -24.89 -37.72 -0.40
CA MET B 443 -26.24 -37.96 0.08
C MET B 443 -27.23 -36.88 -0.37
N ALA B 444 -26.77 -35.63 -0.52
CA ALA B 444 -27.69 -34.58 -0.94
C ALA B 444 -28.26 -34.87 -2.33
N VAL B 445 -27.42 -35.29 -3.27
CA VAL B 445 -27.98 -35.52 -4.61
C VAL B 445 -28.64 -36.90 -4.69
N ASP B 446 -28.15 -37.88 -3.94
CA ASP B 446 -28.72 -39.23 -3.97
C ASP B 446 -30.05 -39.34 -3.25
N ALA B 447 -30.52 -38.27 -2.60
CA ALA B 447 -31.85 -38.16 -2.04
C ALA B 447 -32.88 -37.64 -3.03
N LEU B 448 -32.51 -37.49 -4.30
CA LEU B 448 -33.43 -37.02 -5.33
C LEU B 448 -33.90 -38.15 -6.24
N ALA B 449 -35.12 -37.99 -6.77
CA ALA B 449 -35.63 -38.92 -7.78
C ALA B 449 -34.83 -38.84 -9.07
N SER B 450 -34.13 -37.74 -9.30
CA SER B 450 -33.28 -37.54 -10.47
C SER B 450 -31.81 -37.90 -10.20
N SER B 451 -31.54 -38.65 -9.13
CA SER B 451 -30.22 -39.24 -8.95
C SER B 451 -30.05 -40.36 -9.99
N HIS B 452 -28.97 -41.12 -9.91
CA HIS B 452 -28.83 -42.30 -10.76
C HIS B 452 -28.04 -43.34 -10.00
N PRO B 453 -28.22 -44.63 -10.33
CA PRO B 453 -27.46 -45.68 -9.64
C PRO B 453 -25.98 -45.64 -10.00
N LEU B 454 -25.17 -46.25 -9.12
CA LEU B 454 -23.74 -46.37 -9.37
C LEU B 454 -23.53 -47.02 -10.73
N SER B 455 -24.27 -48.07 -11.00
CA SER B 455 -24.27 -48.74 -12.30
C SER B 455 -25.57 -48.39 -13.01
N THR B 456 -25.53 -47.33 -13.78
CA THR B 456 -26.68 -46.84 -14.55
C THR B 456 -26.81 -47.67 -15.83
N PRO B 457 -28.06 -48.03 -16.25
CA PRO B 457 -28.25 -48.68 -17.55
C PRO B 457 -27.39 -48.03 -18.63
N ALA B 458 -26.63 -48.86 -19.36
CA ALA B 458 -25.69 -48.37 -20.37
C ALA B 458 -26.37 -47.51 -21.42
N SER B 459 -27.66 -47.73 -21.68
CA SER B 459 -28.41 -46.90 -22.63
C SER B 459 -28.48 -45.44 -22.21
N GLU B 460 -28.44 -45.17 -20.90
CA GLU B 460 -28.47 -43.78 -20.43
C GLU B 460 -27.12 -43.09 -20.52
N ILE B 461 -26.04 -43.84 -20.71
CA ILE B 461 -24.69 -43.27 -20.75
C ILE B 461 -24.07 -43.66 -22.07
N ASN B 462 -24.50 -42.97 -23.12
CA ASN B 462 -24.21 -43.30 -24.50
C ASN B 462 -23.33 -42.27 -25.19
N THR B 463 -23.77 -41.02 -25.19
CA THR B 463 -23.11 -39.96 -25.93
C THR B 463 -21.98 -39.37 -25.11
N PRO B 464 -21.05 -38.66 -25.76
CA PRO B 464 -20.00 -37.97 -24.98
C PRO B 464 -20.52 -36.97 -23.97
N ALA B 465 -21.67 -36.30 -24.24
CA ALA B 465 -22.22 -35.44 -23.19
C ALA B 465 -22.63 -36.24 -21.97
N GLN B 466 -23.27 -37.39 -22.18
CA GLN B 466 -23.73 -38.21 -21.06
C GLN B 466 -22.55 -38.86 -20.33
N ILE B 467 -21.51 -39.26 -21.06
CA ILE B 467 -20.29 -39.78 -20.46
C ILE B 467 -19.64 -38.72 -19.60
N SER B 468 -19.51 -37.50 -20.13
CA SER B 468 -18.92 -36.42 -19.34
C SER B 468 -19.71 -36.15 -18.07
N GLU B 469 -21.04 -36.20 -18.14
CA GLU B 469 -21.82 -35.86 -16.96
C GLU B 469 -21.64 -36.89 -15.84
N VAL B 470 -21.40 -38.15 -16.19
CA VAL B 470 -21.40 -39.17 -15.14
C VAL B 470 -20.16 -39.11 -14.28
N PHE B 471 -19.18 -38.28 -14.64
CA PHE B 471 -18.09 -37.92 -13.74
C PHE B 471 -18.65 -36.99 -12.68
N ASP B 472 -19.30 -37.60 -11.67
CA ASP B 472 -20.16 -36.84 -10.78
C ASP B 472 -20.00 -37.39 -9.36
N SER B 473 -20.73 -36.81 -8.42
CA SER B 473 -20.55 -37.21 -7.03
C SER B 473 -21.03 -38.63 -6.76
N ILE B 474 -21.94 -39.16 -7.58
CA ILE B 474 -22.33 -40.56 -7.45
C ILE B 474 -21.14 -41.47 -7.74
N SER B 475 -20.56 -41.33 -8.94
CA SER B 475 -19.48 -42.22 -9.36
C SER B 475 -18.27 -42.12 -8.44
N TYR B 476 -17.98 -40.90 -7.97
CA TYR B 476 -16.83 -40.68 -7.09
C TYR B 476 -17.17 -41.00 -5.64
N SER B 477 -18.07 -40.22 -5.06
CA SER B 477 -18.26 -40.24 -3.62
C SER B 477 -19.21 -41.33 -3.14
N LYS B 478 -20.31 -41.60 -3.84
CA LYS B 478 -21.07 -42.79 -3.47
C LYS B 478 -20.25 -44.05 -3.73
N GLY B 479 -19.49 -44.06 -4.82
CA GLY B 479 -18.60 -45.19 -5.07
C GLY B 479 -17.68 -45.46 -3.90
N ALA B 480 -17.01 -44.40 -3.42
CA ALA B 480 -16.16 -44.51 -2.25
C ALA B 480 -16.94 -44.95 -1.02
N SER B 481 -18.17 -44.43 -0.85
CA SER B 481 -18.95 -44.70 0.35
C SER B 481 -19.39 -46.17 0.42
N VAL B 482 -19.82 -46.75 -0.70
CA VAL B 482 -20.26 -48.14 -0.65
C VAL B 482 -19.09 -49.09 -0.51
N LEU B 483 -17.93 -48.76 -1.09
CA LEU B 483 -16.76 -49.59 -0.86
C LEU B 483 -16.26 -49.49 0.59
N ARG B 484 -16.26 -48.29 1.17
CA ARG B 484 -15.99 -48.15 2.61
C ARG B 484 -16.89 -49.07 3.43
N MET B 485 -18.17 -49.07 3.10
CA MET B 485 -19.11 -49.87 3.87
C MET B 485 -18.81 -51.35 3.67
N LEU B 486 -18.51 -51.74 2.42
CA LEU B 486 -18.18 -53.13 2.09
C LEU B 486 -16.90 -53.57 2.79
N SER B 487 -15.85 -52.77 2.67
CA SER B 487 -14.62 -53.05 3.40
C SER B 487 -14.90 -53.21 4.89
N ASN B 488 -15.81 -52.41 5.44
CA ASN B 488 -16.08 -52.50 6.86
C ASN B 488 -16.76 -53.82 7.23
N PHE B 489 -17.80 -54.24 6.48
CA PHE B 489 -18.55 -55.38 7.01
C PHE B 489 -17.94 -56.73 6.65
N LEU B 490 -17.19 -56.84 5.58
CA LEU B 490 -16.21 -57.90 5.41
C LEU B 490 -14.87 -57.23 5.53
N THR B 491 -14.18 -57.49 6.63
CA THR B 491 -13.03 -56.73 7.12
C THR B 491 -12.08 -56.22 6.06
N GLU B 492 -11.26 -55.24 6.42
CA GLU B 492 -10.31 -54.67 5.47
C GLU B 492 -9.38 -55.75 4.92
N ASP B 493 -8.91 -56.67 5.77
CA ASP B 493 -7.87 -57.58 5.29
C ASP B 493 -8.48 -58.64 4.37
N LEU B 494 -9.76 -58.95 4.55
CA LEU B 494 -10.46 -59.85 3.66
C LEU B 494 -10.79 -59.15 2.34
N PHE B 495 -11.28 -57.90 2.44
CA PHE B 495 -11.56 -57.07 1.27
C PHE B 495 -10.33 -56.97 0.37
N LYS B 496 -9.20 -56.64 0.99
CA LYS B 496 -7.96 -56.45 0.26
C LYS B 496 -7.49 -57.73 -0.42
N MET B 497 -7.71 -58.89 0.21
CA MET B 497 -7.37 -60.14 -0.47
C MET B 497 -8.22 -60.34 -1.73
N GLY B 498 -9.52 -60.00 -1.67
CA GLY B 498 -10.36 -60.15 -2.85
C GLY B 498 -10.02 -59.16 -3.95
N ILE B 499 -9.66 -57.92 -3.57
CA ILE B 499 -9.22 -56.95 -4.56
C ILE B 499 -7.95 -57.42 -5.25
N ALA B 500 -6.99 -57.94 -4.47
CA ALA B 500 -5.76 -58.48 -5.05
C ALA B 500 -6.05 -59.55 -6.10
N SER B 501 -6.97 -60.45 -5.79
CA SER B 501 -7.39 -61.48 -6.74
C SER B 501 -7.98 -60.85 -8.00
N TYR B 502 -8.90 -59.90 -7.82
CA TYR B 502 -9.54 -59.19 -8.93
C TYR B 502 -8.50 -58.52 -9.81
N LEU B 503 -7.58 -57.78 -9.21
CA LEU B 503 -6.50 -57.15 -9.97
C LEU B 503 -5.68 -58.18 -10.73
N HIS B 504 -5.28 -59.27 -10.05
CA HIS B 504 -4.43 -60.27 -10.69
C HIS B 504 -5.12 -60.92 -11.89
N THR B 505 -6.45 -61.09 -11.83
CA THR B 505 -7.12 -61.80 -12.92
C THR B 505 -7.36 -60.90 -14.13
N TYR B 506 -7.68 -59.63 -13.90
CA TYR B 506 -8.12 -58.77 -15.00
C TYR B 506 -7.09 -57.74 -15.42
N LYS B 507 -5.84 -57.90 -14.99
CA LYS B 507 -4.82 -56.93 -15.36
C LYS B 507 -4.66 -56.84 -16.88
N TYR B 508 -4.49 -55.61 -17.35
CA TYR B 508 -4.43 -55.25 -18.76
C TYR B 508 -5.72 -55.59 -19.50
N GLY B 509 -6.81 -55.76 -18.76
CA GLY B 509 -8.13 -55.97 -19.34
C GLY B 509 -9.21 -55.07 -18.75
N ASN B 510 -10.47 -55.44 -18.95
CA ASN B 510 -11.60 -54.61 -18.54
C ASN B 510 -12.58 -55.43 -17.72
N THR B 511 -13.28 -54.77 -16.78
CA THR B 511 -14.14 -55.47 -15.85
C THR B 511 -15.58 -54.98 -15.88
N ILE B 512 -16.46 -55.87 -15.44
CA ILE B 512 -17.85 -55.58 -15.12
C ILE B 512 -18.01 -55.84 -13.63
N TYR B 513 -19.01 -55.20 -13.03
CA TYR B 513 -19.12 -55.28 -11.56
C TYR B 513 -19.25 -56.73 -11.10
N LEU B 514 -19.82 -57.59 -11.93
CA LEU B 514 -19.99 -59.00 -11.56
C LEU B 514 -18.64 -59.67 -11.30
N ASN B 515 -17.61 -59.26 -12.06
CA ASN B 515 -16.26 -59.76 -11.85
C ASN B 515 -15.76 -59.45 -10.46
N LEU B 516 -16.07 -58.25 -9.95
CA LEU B 516 -15.64 -57.86 -8.61
C LEU B 516 -16.27 -58.77 -7.56
N TRP B 517 -17.59 -58.91 -7.57
CA TRP B 517 -18.25 -59.71 -6.54
C TRP B 517 -17.76 -61.15 -6.54
N GLU B 518 -17.48 -61.74 -7.70
CA GLU B 518 -17.02 -63.13 -7.71
C GLU B 518 -15.72 -63.30 -6.93
N HIS B 519 -14.76 -62.40 -7.15
CA HIS B 519 -13.48 -62.53 -6.46
C HIS B 519 -13.59 -62.22 -4.98
N LEU B 520 -14.51 -61.34 -4.58
CA LEU B 520 -14.73 -61.12 -3.15
C LEU B 520 -15.43 -62.31 -2.52
N GLN B 521 -16.36 -62.91 -3.27
CA GLN B 521 -17.06 -64.07 -2.79
C GLN B 521 -16.12 -65.28 -2.70
N GLN B 522 -15.20 -65.42 -3.66
CA GLN B 522 -14.22 -66.49 -3.56
C GLN B 522 -13.50 -66.43 -2.23
N VAL B 523 -13.03 -65.22 -1.88
CA VAL B 523 -12.24 -65.02 -0.67
C VAL B 523 -13.09 -65.25 0.59
N VAL B 524 -14.35 -64.82 0.56
CA VAL B 524 -15.24 -65.07 1.68
C VAL B 524 -15.50 -66.58 1.84
N ASP B 525 -15.57 -67.30 0.71
CA ASP B 525 -15.91 -68.72 0.75
C ASP B 525 -14.79 -69.61 1.28
N LYS B 526 -13.52 -69.28 1.01
CA LYS B 526 -12.39 -70.14 1.40
C LYS B 526 -11.88 -69.82 2.79
N GLN B 527 -12.78 -69.51 3.70
CA GLN B 527 -12.44 -68.89 4.97
C GLN B 527 -13.64 -69.02 5.91
N PRO B 528 -13.47 -69.64 7.08
CA PRO B 528 -14.65 -70.01 7.89
C PRO B 528 -15.12 -68.97 8.88
N THR B 529 -14.33 -67.93 9.13
CA THR B 529 -14.58 -66.98 10.21
C THR B 529 -15.70 -65.99 9.86
N ILE B 530 -15.47 -65.14 8.86
CA ILE B 530 -16.40 -64.05 8.54
C ILE B 530 -17.49 -64.57 7.61
N LYS B 531 -18.76 -64.47 8.04
CA LYS B 531 -19.92 -64.97 7.28
C LYS B 531 -20.97 -63.86 7.11
N LEU B 532 -21.55 -63.77 5.90
CA LEU B 532 -22.54 -62.78 5.48
C LEU B 532 -23.94 -63.36 5.49
N PRO B 533 -24.97 -62.51 5.59
CA PRO B 533 -26.36 -63.01 5.51
C PRO B 533 -26.82 -63.41 4.12
N ASP B 534 -26.06 -63.08 3.08
CA ASP B 534 -26.43 -63.38 1.70
C ASP B 534 -25.13 -63.30 0.92
N THR B 535 -25.23 -63.52 -0.39
CA THR B 535 -24.01 -63.47 -1.18
C THR B 535 -23.53 -62.02 -1.26
N VAL B 536 -22.26 -61.85 -1.63
CA VAL B 536 -21.75 -60.50 -1.87
C VAL B 536 -22.58 -59.82 -2.95
N SER B 537 -22.84 -60.55 -4.03
CA SER B 537 -23.64 -60.02 -5.13
C SER B 537 -25.01 -59.56 -4.65
N ALA B 538 -25.71 -60.41 -3.89
CA ALA B 538 -27.06 -60.04 -3.46
C ALA B 538 -27.03 -58.79 -2.57
N ILE B 539 -26.05 -58.69 -1.68
CA ILE B 539 -25.97 -57.52 -0.81
C ILE B 539 -25.59 -56.29 -1.63
N MET B 540 -24.57 -56.43 -2.47
CA MET B 540 -23.98 -55.28 -3.14
C MET B 540 -24.80 -54.80 -4.34
N ASP B 541 -25.50 -55.71 -5.04
CA ASP B 541 -26.38 -55.30 -6.14
C ASP B 541 -27.39 -54.24 -5.68
N ARG B 542 -27.83 -54.33 -4.43
CA ARG B 542 -28.80 -53.39 -3.92
C ARG B 542 -28.24 -51.99 -3.72
N TRP B 543 -26.93 -51.87 -3.53
CA TRP B 543 -26.24 -50.58 -3.43
C TRP B 543 -25.70 -50.10 -4.76
N ILE B 544 -25.59 -50.99 -5.76
CA ILE B 544 -25.00 -50.67 -7.05
C ILE B 544 -26.05 -50.42 -8.12
N LEU B 545 -27.08 -51.26 -8.17
CA LEU B 545 -28.00 -51.26 -9.30
C LEU B 545 -29.21 -50.37 -9.08
N GLN B 546 -29.48 -50.01 -7.84
CA GLN B 546 -30.54 -49.05 -7.59
C GLN B 546 -29.94 -47.82 -6.91
N MET B 547 -30.50 -46.68 -7.27
CA MET B 547 -30.12 -45.37 -6.79
C MET B 547 -30.60 -45.19 -5.36
N GLY B 548 -30.05 -44.18 -4.69
CA GLY B 548 -30.53 -43.77 -3.40
C GLY B 548 -29.99 -44.59 -2.23
N PHE B 549 -30.57 -44.31 -1.07
CA PHE B 549 -30.19 -44.97 0.17
C PHE B 549 -31.39 -44.95 1.08
N PRO B 550 -31.44 -45.83 2.09
CA PRO B 550 -32.52 -45.78 3.08
C PRO B 550 -32.30 -44.83 4.23
N VAL B 551 -33.42 -44.36 4.77
CA VAL B 551 -33.44 -43.93 6.15
C VAL B 551 -33.88 -45.14 6.98
N ILE B 552 -33.09 -45.47 7.98
CA ILE B 552 -33.40 -46.51 8.95
C ILE B 552 -34.05 -45.83 10.15
N THR B 553 -35.30 -46.16 10.43
CA THR B 553 -36.03 -45.52 11.52
C THR B 553 -36.25 -46.51 12.66
N VAL B 554 -35.88 -46.10 13.86
CA VAL B 554 -35.96 -46.91 15.07
C VAL B 554 -36.97 -46.28 16.02
N ASP B 555 -37.97 -47.06 16.41
CA ASP B 555 -38.85 -46.79 17.56
C ASP B 555 -38.28 -47.47 18.79
N THR B 556 -37.59 -46.70 19.65
CA THR B 556 -36.99 -47.30 20.84
C THR B 556 -38.01 -47.65 21.92
N GLN B 557 -39.27 -47.28 21.76
CA GLN B 557 -40.25 -47.75 22.72
C GLN B 557 -40.58 -49.22 22.47
N THR B 558 -40.55 -49.66 21.22
CA THR B 558 -40.88 -51.03 20.87
C THR B 558 -39.70 -51.80 20.30
N GLY B 559 -38.63 -51.14 19.89
CA GLY B 559 -37.58 -51.84 19.17
C GLY B 559 -37.91 -52.13 17.73
N THR B 560 -38.91 -51.45 17.17
CA THR B 560 -39.19 -51.62 15.75
C THR B 560 -38.17 -50.86 14.92
N ILE B 561 -37.68 -51.51 13.87
CA ILE B 561 -36.69 -50.92 12.96
C ILE B 561 -37.20 -51.05 11.53
N SER B 562 -37.17 -49.95 10.78
CA SER B 562 -37.74 -49.96 9.44
C SER B 562 -36.85 -49.19 8.48
N GLN B 563 -37.06 -49.45 7.19
CA GLN B 563 -36.30 -48.78 6.17
C GLN B 563 -37.24 -48.22 5.12
N GLN B 564 -36.87 -47.07 4.56
CA GLN B 564 -37.48 -46.68 3.31
C GLN B 564 -36.52 -45.80 2.52
N HIS B 565 -36.67 -45.86 1.20
CA HIS B 565 -35.94 -44.98 0.31
C HIS B 565 -36.08 -43.53 0.76
N PHE B 566 -34.95 -42.91 1.08
CA PHE B 566 -34.97 -41.55 1.61
C PHE B 566 -35.06 -40.54 0.48
N LEU B 567 -36.10 -39.73 0.49
CA LEU B 567 -36.30 -38.74 -0.56
C LEU B 567 -36.46 -37.35 0.06
N LEU B 568 -35.76 -36.36 -0.52
CA LEU B 568 -35.72 -35.04 0.09
C LEU B 568 -37.11 -34.43 0.08
N ASP B 569 -37.87 -34.65 -0.98
CA ASP B 569 -39.19 -34.08 -1.11
C ASP B 569 -40.21 -35.21 -1.02
N PRO B 570 -40.98 -35.29 0.08
CA PRO B 570 -41.89 -36.43 0.27
C PRO B 570 -43.05 -36.49 -0.69
N GLN B 571 -43.19 -35.49 -1.58
CA GLN B 571 -44.15 -35.58 -2.67
C GLN B 571 -43.48 -35.94 -3.97
N SER B 572 -42.17 -36.16 -3.97
CA SER B 572 -41.44 -36.34 -5.20
C SER B 572 -41.68 -37.75 -5.70
N VAL B 573 -41.86 -37.89 -7.01
CA VAL B 573 -42.32 -39.12 -7.63
C VAL B 573 -41.11 -39.85 -8.20
N VAL B 574 -40.78 -41.01 -7.65
CA VAL B 574 -39.72 -41.82 -8.24
C VAL B 574 -40.30 -42.61 -9.41
N THR B 575 -39.76 -42.39 -10.60
CA THR B 575 -40.15 -43.16 -11.78
C THR B 575 -39.13 -44.21 -12.16
N ARG B 576 -37.87 -44.06 -11.74
CA ARG B 576 -36.86 -45.08 -12.02
C ARG B 576 -37.24 -46.38 -11.32
N PRO B 577 -37.57 -47.44 -12.07
CA PRO B 577 -37.88 -48.72 -11.43
C PRO B 577 -36.65 -49.36 -10.82
N SER B 578 -36.88 -50.17 -9.79
CA SER B 578 -35.82 -50.98 -9.21
C SER B 578 -36.32 -52.40 -9.03
N GLN B 579 -35.52 -53.38 -9.47
CA GLN B 579 -35.88 -54.78 -9.27
C GLN B 579 -35.93 -55.16 -7.78
N PHE B 580 -35.38 -54.34 -6.89
CA PHE B 580 -35.45 -54.62 -5.46
C PHE B 580 -36.48 -53.79 -4.71
N ASN B 581 -37.29 -52.99 -5.43
CA ASN B 581 -38.33 -52.18 -4.79
C ASN B 581 -37.76 -51.23 -3.73
N TYR B 582 -36.53 -50.76 -3.94
CA TYR B 582 -35.93 -49.78 -3.05
C TYR B 582 -35.92 -50.28 -1.60
N LEU B 583 -35.46 -51.52 -1.46
CA LEU B 583 -35.15 -52.14 -0.18
C LEU B 583 -33.69 -52.55 -0.24
N TRP B 584 -33.01 -52.45 0.90
CA TRP B 584 -31.59 -52.78 0.98
C TRP B 584 -31.37 -53.83 2.06
N ILE B 585 -30.22 -54.49 1.99
CA ILE B 585 -29.72 -55.34 3.06
C ILE B 585 -28.63 -54.55 3.76
N VAL B 586 -28.87 -54.18 5.02
CA VAL B 586 -28.17 -53.07 5.66
C VAL B 586 -27.40 -53.57 6.89
N PRO B 587 -26.08 -53.36 6.96
CA PRO B 587 -25.34 -53.73 8.17
C PRO B 587 -25.43 -52.60 9.20
N ILE B 588 -25.77 -52.95 10.44
CA ILE B 588 -26.13 -51.96 11.45
C ILE B 588 -25.33 -52.23 12.73
N SER B 589 -24.35 -51.39 13.00
CA SER B 589 -23.72 -51.36 14.31
C SER B 589 -24.53 -50.47 15.23
N SER B 590 -24.32 -50.62 16.55
CA SER B 590 -25.04 -49.81 17.51
C SER B 590 -24.36 -49.86 18.89
N VAL B 591 -24.64 -48.83 19.69
CA VAL B 591 -24.22 -48.82 21.10
C VAL B 591 -25.47 -48.51 21.92
N ARG B 592 -25.47 -48.96 23.18
CA ARG B 592 -26.52 -48.58 24.11
C ARG B 592 -25.84 -47.79 25.22
N SER B 593 -26.08 -46.47 25.23
CA SER B 593 -25.42 -45.54 26.16
C SER B 593 -23.91 -45.74 26.16
N GLY B 594 -23.34 -45.95 24.98
CA GLY B 594 -21.91 -46.14 24.83
C GLY B 594 -21.42 -47.58 24.98
N SER B 595 -22.26 -48.49 25.47
CA SER B 595 -21.83 -49.88 25.58
C SER B 595 -22.02 -50.61 24.25
N PRO B 596 -21.08 -51.48 23.89
CA PRO B 596 -21.15 -52.15 22.59
C PRO B 596 -22.34 -53.09 22.54
N GLN B 597 -23.01 -53.12 21.41
CA GLN B 597 -24.18 -53.97 21.19
C GLN B 597 -23.79 -54.94 20.09
N ALA B 598 -24.44 -56.11 20.07
CA ALA B 598 -24.25 -57.03 18.95
C ALA B 598 -24.58 -56.37 17.61
N HIS B 599 -23.80 -56.67 16.59
CA HIS B 599 -24.09 -56.24 15.23
C HIS B 599 -25.39 -56.86 14.73
N TYR B 600 -26.04 -56.17 13.79
CA TYR B 600 -27.30 -56.67 13.25
C TYR B 600 -27.40 -56.33 11.76
N TRP B 601 -27.92 -57.27 10.97
CA TRP B 601 -28.23 -57.01 9.57
C TRP B 601 -29.73 -56.88 9.42
N LEU B 602 -30.17 -55.77 8.85
CA LEU B 602 -31.56 -55.64 8.46
C LEU B 602 -31.71 -56.27 7.09
N PRO B 603 -32.49 -57.32 6.94
CA PRO B 603 -32.67 -57.92 5.61
C PRO B 603 -33.47 -56.97 4.71
N GLY B 604 -33.52 -57.33 3.44
CA GLY B 604 -34.36 -56.61 2.52
C GLY B 604 -35.83 -56.64 2.85
N VAL B 605 -36.20 -56.21 4.05
CA VAL B 605 -37.60 -56.12 4.45
C VAL B 605 -37.87 -54.72 4.95
N GLU B 606 -39.13 -54.29 4.83
CA GLU B 606 -39.47 -52.92 5.19
C GLU B 606 -39.42 -52.72 6.70
N LYS B 607 -39.76 -53.74 7.47
CA LYS B 607 -39.86 -53.55 8.92
C LYS B 607 -39.45 -54.84 9.63
N ALA B 608 -38.77 -54.69 10.76
CA ALA B 608 -38.43 -55.81 11.64
C ALA B 608 -38.52 -55.34 13.09
N GLN B 609 -38.36 -56.28 14.02
CA GLN B 609 -38.34 -55.94 15.44
C GLN B 609 -37.13 -56.59 16.07
N ASN B 610 -36.42 -55.85 16.91
CA ASN B 610 -35.34 -56.45 17.68
C ASN B 610 -35.12 -55.60 18.93
N ASP B 611 -35.03 -56.27 20.09
CA ASP B 611 -34.83 -55.58 21.37
C ASP B 611 -33.43 -54.96 21.50
N LEU B 612 -32.49 -55.27 20.60
CA LEU B 612 -31.31 -54.43 20.42
C LEU B 612 -31.68 -52.95 20.30
N PHE B 613 -32.84 -52.63 19.73
CA PHE B 613 -33.23 -51.24 19.48
C PHE B 613 -34.36 -50.77 20.39
N LYS B 614 -34.67 -51.54 21.43
CA LYS B 614 -35.58 -51.15 22.49
C LYS B 614 -34.81 -50.59 23.67
N THR B 615 -35.31 -49.50 24.25
CA THR B 615 -34.73 -48.95 25.46
C THR B 615 -35.79 -48.76 26.52
N THR B 616 -35.36 -48.75 27.77
CA THR B 616 -36.16 -48.20 28.85
C THR B 616 -35.54 -46.87 29.26
N ALA B 617 -36.32 -46.04 29.96
CA ALA B 617 -35.80 -44.75 30.37
C ALA B 617 -34.48 -44.95 31.09
N ASN B 618 -33.55 -44.00 30.88
CA ASN B 618 -32.14 -44.02 31.29
C ASN B 618 -31.19 -44.50 30.19
N ASP B 619 -31.68 -45.18 29.14
CA ASP B 619 -30.81 -45.59 28.06
C ASP B 619 -31.22 -44.99 26.72
N TRP B 620 -30.21 -44.63 25.92
CA TRP B 620 -30.36 -44.31 24.51
C TRP B 620 -29.61 -45.33 23.67
N VAL B 621 -30.01 -45.46 22.40
CA VAL B 621 -29.21 -46.21 21.45
C VAL B 621 -28.75 -45.26 20.36
N LEU B 622 -27.65 -45.64 19.72
CA LEU B 622 -27.09 -44.92 18.60
C LEU B 622 -26.69 -45.93 17.54
N LEU B 623 -27.15 -45.72 16.30
CA LEU B 623 -26.87 -46.62 15.18
C LEU B 623 -25.83 -46.04 14.22
N ASN B 624 -25.11 -46.95 13.57
CA ASN B 624 -24.14 -46.64 12.52
C ASN B 624 -22.94 -45.94 13.11
N LEU B 625 -22.21 -46.65 13.98
CA LEU B 625 -21.02 -46.09 14.59
C LEU B 625 -20.00 -45.70 13.53
N ASN B 626 -19.50 -44.47 13.67
CA ASN B 626 -18.57 -43.81 12.78
C ASN B 626 -19.07 -43.77 11.34
N VAL B 627 -20.38 -43.88 11.17
CA VAL B 627 -21.07 -43.77 9.89
C VAL B 627 -20.33 -44.62 8.85
N THR B 628 -20.14 -45.90 9.16
CA THR B 628 -19.56 -46.81 8.18
C THR B 628 -20.55 -47.24 7.11
N GLY B 629 -21.85 -47.26 7.44
CA GLY B 629 -22.87 -47.62 6.48
C GLY B 629 -23.45 -46.40 5.79
N TYR B 630 -23.84 -46.60 4.52
CA TYR B 630 -24.39 -45.55 3.65
C TYR B 630 -25.91 -45.45 3.85
N TYR B 631 -26.31 -44.88 4.98
CA TYR B 631 -27.73 -44.69 5.27
C TYR B 631 -27.89 -43.64 6.36
N LEU B 632 -29.10 -43.07 6.45
CA LEU B 632 -29.44 -42.20 7.57
C LEU B 632 -30.17 -42.94 8.66
N VAL B 633 -30.17 -42.34 9.85
CA VAL B 633 -30.83 -42.93 11.00
C VAL B 633 -31.78 -41.91 11.60
N ASN B 634 -33.02 -42.31 11.81
CA ASN B 634 -33.98 -41.53 12.55
C ASN B 634 -34.46 -42.34 13.73
N TYR B 635 -34.81 -41.65 14.81
CA TYR B 635 -35.29 -42.27 16.03
C TYR B 635 -36.61 -41.63 16.42
N ASP B 636 -37.30 -42.27 17.35
CA ASP B 636 -38.40 -41.62 18.04
C ASP B 636 -37.90 -40.41 18.81
N ASN B 637 -38.83 -39.53 19.13
CA ASN B 637 -38.42 -38.27 19.73
C ASN B 637 -37.82 -38.47 21.13
N GLU B 638 -38.27 -39.49 21.87
CA GLU B 638 -37.68 -39.77 23.17
C GLU B 638 -36.19 -40.03 23.07
N ASN B 639 -35.77 -40.89 22.13
CA ASN B 639 -34.35 -41.18 21.95
C ASN B 639 -33.56 -39.93 21.56
N TRP B 640 -34.09 -39.13 20.64
CA TRP B 640 -33.46 -37.86 20.27
C TRP B 640 -33.22 -36.97 21.48
N LYS B 641 -34.24 -36.82 22.34
CA LYS B 641 -34.05 -36.06 23.57
C LYS B 641 -32.91 -36.60 24.42
N LYS B 642 -32.83 -37.92 24.56
CA LYS B 642 -31.77 -38.49 25.38
C LYS B 642 -30.41 -38.23 24.76
N ILE B 643 -30.33 -38.24 23.43
CA ILE B 643 -29.06 -37.93 22.77
C ILE B 643 -28.71 -36.46 22.97
N GLN B 644 -29.70 -35.57 22.87
CA GLN B 644 -29.46 -34.16 23.16
C GLN B 644 -28.95 -33.96 24.59
N THR B 645 -29.59 -34.63 25.56
CA THR B 645 -29.16 -34.50 26.94
C THR B 645 -27.72 -34.98 27.11
N GLN B 646 -27.37 -36.10 26.45
CA GLN B 646 -26.00 -36.61 26.52
C GLN B 646 -25.03 -35.57 25.99
N LEU B 647 -25.39 -34.92 24.88
CA LEU B 647 -24.50 -33.93 24.25
C LEU B 647 -24.22 -32.75 25.14
N GLN B 648 -25.18 -32.35 25.96
CA GLN B 648 -24.90 -31.25 26.89
C GLN B 648 -24.39 -31.73 28.23
N THR B 649 -24.56 -33.00 28.57
CA THR B 649 -24.04 -33.51 29.83
C THR B 649 -22.58 -33.93 29.71
N ASP B 650 -22.28 -34.79 28.74
CA ASP B 650 -20.91 -35.21 28.46
C ASP B 650 -20.88 -35.66 27.00
N LEU B 651 -20.66 -34.69 26.09
CA LEU B 651 -20.63 -35.00 24.67
C LEU B 651 -19.55 -36.01 24.30
N SER B 652 -18.49 -36.13 25.12
CA SER B 652 -17.40 -37.04 24.81
C SER B 652 -17.86 -38.49 24.73
N VAL B 653 -19.02 -38.83 25.28
CA VAL B 653 -19.49 -40.21 25.27
C VAL B 653 -20.00 -40.62 23.89
N ILE B 654 -20.38 -39.68 23.04
CA ILE B 654 -20.79 -39.98 21.66
C ILE B 654 -19.56 -39.79 20.79
N PRO B 655 -19.11 -40.81 20.03
CA PRO B 655 -17.94 -40.62 19.17
C PRO B 655 -18.11 -39.39 18.29
N VAL B 656 -16.98 -38.72 18.05
CA VAL B 656 -16.99 -37.44 17.32
C VAL B 656 -17.67 -37.56 15.95
N ILE B 657 -17.44 -38.66 15.21
CA ILE B 657 -18.10 -38.80 13.91
C ILE B 657 -19.61 -38.90 14.08
N ASN B 658 -20.06 -39.55 15.16
CA ASN B 658 -21.48 -39.68 15.44
C ASN B 658 -22.09 -38.39 15.98
N ARG B 659 -21.27 -37.52 16.58
CA ARG B 659 -21.73 -36.17 16.88
C ARG B 659 -22.01 -35.41 15.57
N ALA B 660 -21.14 -35.58 14.57
CA ALA B 660 -21.42 -35.04 13.24
C ALA B 660 -22.66 -35.70 12.64
N GLN B 661 -22.83 -37.01 12.85
CA GLN B 661 -23.99 -37.71 12.31
C GLN B 661 -25.31 -37.19 12.87
N VAL B 662 -25.41 -37.03 14.19
CA VAL B 662 -26.70 -36.62 14.75
C VAL B 662 -27.10 -35.24 14.25
N ILE B 663 -26.11 -34.39 13.96
CA ILE B 663 -26.40 -33.08 13.35
C ILE B 663 -26.81 -33.27 11.90
N HIS B 664 -25.94 -33.92 11.10
CA HIS B 664 -26.20 -34.05 9.68
C HIS B 664 -27.53 -34.76 9.43
N ASP B 665 -27.74 -35.90 10.09
CA ASP B 665 -28.93 -36.70 9.81
C ASP B 665 -30.21 -35.93 10.15
N ALA B 666 -30.25 -35.27 11.31
CA ALA B 666 -31.43 -34.49 11.68
C ALA B 666 -31.73 -33.41 10.65
N PHE B 667 -30.70 -32.72 10.14
CA PHE B 667 -30.97 -31.67 9.16
C PHE B 667 -31.51 -32.26 7.86
N ASN B 668 -30.95 -33.38 7.42
CA ASN B 668 -31.50 -34.07 6.25
C ASN B 668 -32.95 -34.49 6.50
N LEU B 669 -33.19 -35.11 7.66
CA LEU B 669 -34.54 -35.55 8.00
C LEU B 669 -35.50 -34.37 8.06
N ALA B 670 -35.05 -33.22 8.58
CA ALA B 670 -35.92 -32.04 8.68
C ALA B 670 -36.22 -31.47 7.29
N SER B 671 -35.24 -31.45 6.41
CA SER B 671 -35.52 -30.97 5.06
C SER B 671 -36.52 -31.87 4.33
N ALA B 672 -36.74 -33.10 4.81
CA ALA B 672 -37.64 -34.07 4.21
C ALA B 672 -38.91 -34.31 5.01
N GLN B 673 -39.22 -33.47 6.01
CA GLN B 673 -40.42 -33.61 6.86
C GLN B 673 -40.46 -34.87 7.69
N LYS B 674 -39.34 -35.51 7.98
CA LYS B 674 -39.42 -36.68 8.85
C LYS B 674 -39.16 -36.35 10.31
N VAL B 675 -38.60 -35.18 10.60
CA VAL B 675 -38.59 -34.63 11.94
C VAL B 675 -38.95 -33.17 11.85
N PRO B 676 -39.40 -32.56 12.95
CA PRO B 676 -39.58 -31.10 12.94
C PRO B 676 -38.24 -30.41 12.77
N VAL B 677 -38.25 -29.29 12.06
CA VAL B 677 -37.03 -28.53 11.84
C VAL B 677 -36.40 -28.10 13.16
N THR B 678 -37.21 -27.88 14.20
CA THR B 678 -36.67 -27.48 15.50
C THR B 678 -35.85 -28.59 16.15
N LEU B 679 -36.01 -29.85 15.72
CA LEU B 679 -35.15 -30.91 16.24
C LEU B 679 -33.74 -30.80 15.67
N ALA B 680 -33.61 -30.55 14.37
CA ALA B 680 -32.28 -30.32 13.79
C ALA B 680 -31.62 -29.10 14.43
N LEU B 681 -32.37 -28.02 14.62
CA LEU B 681 -31.78 -26.83 15.23
C LEU B 681 -31.40 -27.09 16.69
N ASN B 682 -32.27 -27.77 17.45
CA ASN B 682 -31.93 -28.11 18.84
C ASN B 682 -30.66 -28.97 18.92
N ASN B 683 -30.41 -29.79 17.92
CA ASN B 683 -29.20 -30.60 17.85
C ASN B 683 -27.94 -29.78 17.61
N THR B 684 -28.04 -28.47 17.35
CA THR B 684 -26.85 -27.63 17.28
C THR B 684 -26.55 -26.89 18.57
N LEU B 685 -27.45 -26.94 19.56
CA LEU B 685 -27.26 -26.13 20.74
C LEU B 685 -25.98 -26.51 21.50
N PHE B 686 -25.58 -27.80 21.48
CA PHE B 686 -24.40 -28.20 22.23
C PHE B 686 -23.09 -27.64 21.64
N LEU B 687 -23.12 -27.14 20.40
CA LEU B 687 -21.90 -26.65 19.76
C LEU B 687 -21.21 -25.55 20.56
N ILE B 688 -21.94 -24.86 21.44
CA ILE B 688 -21.32 -23.80 22.22
C ILE B 688 -20.22 -24.33 23.14
N GLN B 689 -20.19 -25.64 23.39
CA GLN B 689 -19.12 -26.24 24.18
C GLN B 689 -18.29 -27.25 23.38
N GLU B 690 -18.43 -27.29 22.07
CA GLU B 690 -17.70 -28.22 21.22
C GLU B 690 -16.50 -27.50 20.61
N THR B 691 -15.34 -28.15 20.62
CA THR B 691 -14.18 -27.60 19.94
C THR B 691 -13.65 -28.49 18.83
N GLU B 692 -14.22 -29.67 18.63
CA GLU B 692 -13.76 -30.54 17.55
C GLU B 692 -14.20 -30.03 16.19
N TYR B 693 -13.34 -30.26 15.19
CA TYR B 693 -13.62 -29.84 13.82
C TYR B 693 -14.87 -30.49 13.25
N MET B 694 -14.96 -31.82 13.32
CA MET B 694 -16.02 -32.41 12.48
C MET B 694 -17.45 -32.10 12.86
N PRO B 695 -17.85 -32.07 14.14
CA PRO B 695 -19.26 -31.72 14.39
C PRO B 695 -19.56 -30.29 14.00
N TRP B 696 -18.63 -29.35 14.22
CA TRP B 696 -18.85 -27.99 13.75
C TRP B 696 -18.96 -27.93 12.23
N GLN B 697 -18.11 -28.68 11.51
CA GLN B 697 -18.16 -28.62 10.06
C GLN B 697 -19.48 -29.19 9.55
N ALA B 698 -19.95 -30.28 10.17
CA ALA B 698 -21.25 -30.84 9.80
C ALA B 698 -22.36 -29.84 10.03
N ALA B 699 -22.31 -29.09 11.13
CA ALA B 699 -23.35 -28.10 11.38
C ALA B 699 -23.27 -26.94 10.38
N LEU B 700 -22.07 -26.42 10.12
CA LEU B 700 -21.92 -25.35 9.14
C LEU B 700 -22.39 -25.79 7.75
N SER B 701 -22.05 -27.03 7.35
CA SER B 701 -22.47 -27.51 6.04
C SER B 701 -23.98 -27.71 5.97
N SER B 702 -24.58 -28.25 7.04
CA SER B 702 -26.03 -28.38 7.08
C SER B 702 -26.72 -27.02 7.14
N LEU B 703 -26.20 -26.10 7.97
CA LEU B 703 -26.80 -24.78 8.06
C LEU B 703 -26.60 -23.95 6.80
N SER B 704 -25.65 -24.34 5.95
CA SER B 704 -25.50 -23.63 4.70
C SER B 704 -26.75 -23.76 3.83
N TYR B 705 -27.52 -24.84 3.99
CA TYR B 705 -28.82 -24.90 3.33
C TYR B 705 -29.75 -23.82 3.88
N PHE B 706 -29.76 -23.63 5.20
CA PHE B 706 -30.56 -22.56 5.77
C PHE B 706 -30.09 -21.19 5.27
N LYS B 707 -28.78 -21.02 5.12
CA LYS B 707 -28.27 -19.77 4.54
C LYS B 707 -28.74 -19.59 3.11
N LEU B 708 -28.65 -20.64 2.30
CA LEU B 708 -29.11 -20.53 0.92
C LEU B 708 -30.60 -20.19 0.86
N MET B 709 -31.38 -20.75 1.78
CA MET B 709 -32.82 -20.56 1.75
C MET B 709 -33.22 -19.21 2.32
N PHE B 710 -32.48 -18.70 3.31
CA PHE B 710 -32.96 -17.58 4.12
C PHE B 710 -32.09 -16.34 4.12
N ASP B 711 -30.91 -16.35 3.48
CA ASP B 711 -30.02 -15.20 3.64
C ASP B 711 -30.45 -13.98 2.83
N ARG B 712 -31.62 -14.03 2.17
CA ARG B 712 -32.23 -12.89 1.52
C ARG B 712 -33.58 -12.56 2.15
N SER B 713 -33.79 -12.94 3.42
CA SER B 713 -35.09 -12.83 4.08
C SER B 713 -34.89 -12.33 5.50
N GLU B 714 -36.00 -12.03 6.18
CA GLU B 714 -35.93 -11.54 7.54
C GLU B 714 -35.39 -12.59 8.52
N VAL B 715 -35.33 -13.86 8.11
CA VAL B 715 -34.75 -14.90 8.96
C VAL B 715 -33.26 -14.68 9.17
N TYR B 716 -32.60 -13.94 8.28
CA TYR B 716 -31.15 -13.93 8.30
C TYR B 716 -30.60 -13.21 9.51
N GLY B 717 -31.22 -12.10 9.93
CA GLY B 717 -30.77 -11.41 11.11
C GLY B 717 -30.67 -12.32 12.33
N PRO B 718 -31.78 -12.92 12.74
CA PRO B 718 -31.72 -13.88 13.85
C PRO B 718 -30.84 -15.07 13.59
N MET B 719 -30.75 -15.58 12.35
CA MET B 719 -29.83 -16.67 12.08
C MET B 719 -28.39 -16.27 12.38
N LYS B 720 -27.96 -15.10 11.90
CA LYS B 720 -26.59 -14.66 12.16
C LYS B 720 -26.33 -14.47 13.67
N ARG B 721 -27.31 -13.94 14.40
CA ARG B 721 -27.11 -13.75 15.84
C ARG B 721 -26.93 -15.08 16.54
N TYR B 722 -27.65 -16.11 16.09
CA TYR B 722 -27.52 -17.45 16.64
C TYR B 722 -26.12 -18.01 16.39
N LEU B 723 -25.66 -17.96 15.13
CA LEU B 723 -24.33 -18.46 14.85
C LEU B 723 -23.28 -17.66 15.60
N LYS B 724 -23.49 -16.34 15.73
CA LYS B 724 -22.59 -15.50 16.52
C LYS B 724 -22.52 -15.99 17.97
N LYS B 725 -23.67 -16.24 18.58
CA LYS B 725 -23.70 -16.74 19.95
C LYS B 725 -22.98 -18.08 20.07
N GLN B 726 -23.26 -18.98 19.14
CA GLN B 726 -22.75 -20.34 19.23
C GLN B 726 -21.24 -20.38 19.02
N VAL B 727 -20.69 -19.50 18.18
CA VAL B 727 -19.27 -19.58 17.83
C VAL B 727 -18.39 -18.73 18.74
N THR B 728 -18.95 -17.74 19.45
CA THR B 728 -18.10 -16.86 20.24
C THR B 728 -17.22 -17.61 21.25
N PRO B 729 -17.71 -18.59 22.01
CA PRO B 729 -16.76 -19.29 22.91
C PRO B 729 -15.69 -20.06 22.17
N LEU B 730 -15.98 -20.63 21.02
CA LEU B 730 -14.96 -21.33 20.25
C LEU B 730 -13.89 -20.35 19.74
N PHE B 731 -14.30 -19.17 19.29
CA PHE B 731 -13.33 -18.15 18.90
C PHE B 731 -12.45 -17.76 20.09
N ASN B 732 -13.07 -17.53 21.26
CA ASN B 732 -12.27 -17.17 22.45
C ASN B 732 -11.35 -18.31 22.87
N HIS B 733 -11.78 -19.55 22.64
CA HIS B 733 -10.94 -20.69 22.94
C HIS B 733 -9.68 -20.68 22.08
N PHE B 734 -9.84 -20.44 20.77
CA PHE B 734 -8.67 -20.38 19.91
C PHE B 734 -7.84 -19.12 20.16
N GLU B 735 -8.46 -18.00 20.52
CA GLU B 735 -7.64 -16.83 20.84
C GLU B 735 -6.67 -17.14 21.97
N ARG B 736 -7.12 -17.92 22.94
CA ARG B 736 -6.31 -18.28 24.10
C ARG B 736 -5.31 -19.39 23.77
N VAL B 737 -5.71 -20.47 23.11
CA VAL B 737 -4.72 -21.51 22.85
C VAL B 737 -3.76 -21.19 21.71
N THR B 738 -4.07 -20.21 20.84
CA THR B 738 -3.09 -19.80 19.85
C THR B 738 -2.19 -18.67 20.32
N LYS B 739 -2.28 -18.28 21.60
CA LYS B 739 -1.52 -17.16 22.15
C LYS B 739 -1.81 -15.88 21.37
N ASN B 740 -3.08 -15.54 21.33
CA ASN B 740 -3.59 -14.38 20.59
C ASN B 740 -3.15 -14.41 19.11
N TRP B 741 -3.34 -15.57 18.49
CA TRP B 741 -3.22 -15.76 17.03
C TRP B 741 -1.77 -15.70 16.54
N THR B 742 -0.84 -16.17 17.35
CA THR B 742 0.55 -16.24 16.93
C THR B 742 1.08 -17.67 16.92
N ASP B 743 0.33 -18.61 17.50
CA ASP B 743 0.52 -20.03 17.33
C ASP B 743 -0.59 -20.57 16.43
N HIS B 744 -0.33 -21.73 15.88
CA HIS B 744 -1.34 -22.55 15.25
C HIS B 744 -1.44 -23.84 16.01
N PRO B 745 -2.63 -24.45 16.12
CA PRO B 745 -2.72 -25.79 16.69
C PRO B 745 -1.85 -26.78 15.91
N GLN B 746 -1.43 -27.85 16.58
CA GLN B 746 -0.49 -28.79 15.98
C GLN B 746 -1.21 -29.77 15.06
N THR B 747 -2.41 -30.19 15.46
CA THR B 747 -3.20 -31.19 14.72
C THR B 747 -3.87 -30.59 13.48
N LEU B 748 -3.95 -31.36 12.39
CA LEU B 748 -4.68 -30.88 11.21
C LEU B 748 -6.13 -30.58 11.55
N MET B 749 -6.77 -31.49 12.31
CA MET B 749 -8.17 -31.31 12.69
C MET B 749 -8.36 -30.02 13.48
N ASP B 750 -7.43 -29.72 14.41
CA ASP B 750 -7.62 -28.53 15.21
C ASP B 750 -7.32 -27.28 14.40
N GLN B 751 -6.38 -27.36 13.46
CA GLN B 751 -6.19 -26.27 12.51
C GLN B 751 -7.46 -26.01 11.70
N TYR B 752 -8.15 -27.07 11.26
CA TYR B 752 -9.40 -26.86 10.55
C TYR B 752 -10.47 -26.28 11.46
N SER B 753 -10.51 -26.71 12.71
CA SER B 753 -11.49 -26.17 13.64
C SER B 753 -11.23 -24.68 13.85
N GLU B 754 -9.95 -24.31 13.98
CA GLU B 754 -9.59 -22.89 14.11
C GLU B 754 -10.06 -22.09 12.90
N ILE B 755 -9.76 -22.59 11.71
CA ILE B 755 -10.16 -21.89 10.48
C ILE B 755 -11.66 -21.67 10.46
N ASN B 756 -12.44 -22.68 10.84
CA ASN B 756 -13.89 -22.55 10.81
C ASN B 756 -14.37 -21.58 11.88
N ALA B 757 -13.72 -21.58 13.04
CA ALA B 757 -14.07 -20.63 14.09
C ALA B 757 -13.88 -19.20 13.61
N VAL B 758 -12.73 -18.94 12.98
CA VAL B 758 -12.40 -17.58 12.54
C VAL B 758 -13.33 -17.14 11.42
N SER B 759 -13.52 -18.01 10.43
CA SER B 759 -14.42 -17.71 9.32
C SER B 759 -15.83 -17.41 9.82
N THR B 760 -16.34 -18.27 10.71
CA THR B 760 -17.70 -18.11 11.21
C THR B 760 -17.83 -16.86 12.06
N ALA B 761 -16.87 -16.64 12.97
CA ALA B 761 -16.89 -15.46 13.82
C ALA B 761 -16.87 -14.18 13.00
N CYS B 762 -16.01 -14.11 11.98
CA CYS B 762 -15.92 -12.90 11.19
C CYS B 762 -17.12 -12.71 10.26
N SER B 763 -17.75 -13.81 9.81
CA SER B 763 -18.91 -13.69 8.93
C SER B 763 -20.13 -13.19 9.69
N TYR B 764 -20.27 -13.56 10.96
CA TYR B 764 -21.53 -13.31 11.67
C TYR B 764 -21.41 -12.26 12.75
N GLY B 765 -20.32 -11.52 12.81
CA GLY B 765 -20.27 -10.29 13.55
C GLY B 765 -19.64 -10.35 14.92
N VAL B 766 -18.79 -11.33 15.20
CA VAL B 766 -18.00 -11.29 16.43
C VAL B 766 -17.05 -10.10 16.31
N PRO B 767 -17.21 -9.05 17.12
CA PRO B 767 -16.41 -7.84 16.89
C PRO B 767 -14.92 -8.07 17.05
N GLU B 768 -14.50 -8.92 18.00
CA GLU B 768 -13.09 -9.22 18.15
C GLU B 768 -12.50 -9.90 16.91
N CYS B 769 -13.32 -10.61 16.13
CA CYS B 769 -12.80 -11.21 14.91
C CYS B 769 -12.69 -10.17 13.80
N GLU B 770 -13.70 -9.31 13.67
CA GLU B 770 -13.61 -8.24 12.69
C GLU B 770 -12.40 -7.36 12.95
N LYS B 771 -12.12 -7.07 14.22
CA LYS B 771 -10.96 -6.25 14.54
C LYS B 771 -9.66 -6.94 14.14
N LEU B 772 -9.55 -8.24 14.44
CA LEU B 772 -8.36 -9.01 14.08
C LEU B 772 -8.16 -8.99 12.57
N ALA B 773 -9.21 -9.29 11.83
CA ALA B 773 -9.14 -9.30 10.37
C ALA B 773 -8.74 -7.93 9.82
N ALA B 774 -9.31 -6.86 10.37
CA ALA B 774 -8.98 -5.52 9.88
C ALA B 774 -7.52 -5.18 10.15
N THR B 775 -7.04 -5.46 11.36
CA THR B 775 -5.65 -5.18 11.73
C THR B 775 -4.70 -5.93 10.82
N LEU B 776 -4.94 -7.24 10.62
CA LEU B 776 -4.06 -8.07 9.82
C LEU B 776 -4.00 -7.58 8.38
N PHE B 777 -5.16 -7.27 7.79
CA PHE B 777 -5.14 -6.78 6.42
C PHE B 777 -4.41 -5.43 6.32
N ALA B 778 -4.65 -4.51 7.25
CA ALA B 778 -3.99 -3.20 7.17
C ALA B 778 -2.48 -3.33 7.25
N GLN B 779 -1.99 -4.26 8.08
CA GLN B 779 -0.56 -4.49 8.17
C GLN B 779 -0.01 -5.04 6.86
N TRP B 780 -0.75 -5.96 6.23
CA TRP B 780 -0.34 -6.50 4.94
C TRP B 780 -0.28 -5.40 3.88
N LYS B 781 -1.37 -4.65 3.75
CA LYS B 781 -1.40 -3.56 2.78
C LYS B 781 -0.24 -2.61 2.99
N LYS B 782 0.14 -2.40 4.25
CA LYS B 782 1.24 -1.49 4.60
C LYS B 782 2.56 -1.92 3.96
N ASN B 783 2.75 -3.21 3.79
CA ASN B 783 3.99 -3.80 3.34
C ASN B 783 3.69 -5.10 2.61
N PRO B 784 3.20 -5.05 1.37
CA PRO B 784 2.64 -6.27 0.74
C PRO B 784 3.64 -7.40 0.45
N GLN B 785 4.95 -7.15 0.39
CA GLN B 785 5.86 -8.27 0.14
C GLN B 785 6.07 -9.13 1.37
N ASN B 786 5.90 -8.55 2.56
CA ASN B 786 5.93 -9.31 3.82
C ASN B 786 4.49 -9.50 4.24
N ASN B 787 3.86 -10.58 3.76
CA ASN B 787 2.48 -10.85 4.11
C ASN B 787 2.44 -11.45 5.51
N PRO B 788 1.90 -10.73 6.49
CA PRO B 788 1.90 -11.25 7.87
C PRO B 788 0.81 -12.24 8.15
N ILE B 789 -0.16 -12.41 7.25
CA ILE B 789 -1.31 -13.25 7.55
C ILE B 789 -0.92 -14.72 7.34
N HIS B 790 -1.08 -15.52 8.39
CA HIS B 790 -0.93 -16.96 8.26
C HIS B 790 -1.78 -17.49 7.10
N PRO B 791 -1.24 -18.38 6.26
CA PRO B 791 -2.01 -18.86 5.09
C PRO B 791 -3.37 -19.44 5.43
N ASN B 792 -3.52 -20.07 6.60
CA ASN B 792 -4.79 -20.69 7.00
C ASN B 792 -5.90 -19.65 7.18
N LEU B 793 -5.53 -18.41 7.46
CA LEU B 793 -6.49 -17.36 7.75
C LEU B 793 -6.69 -16.39 6.59
N ARG B 794 -5.97 -16.57 5.49
CA ARG B 794 -5.98 -15.53 4.46
C ARG B 794 -7.34 -15.40 3.78
N SER B 795 -8.00 -16.52 3.45
CA SER B 795 -9.31 -16.40 2.80
C SER B 795 -10.27 -15.57 3.64
N THR B 796 -10.31 -15.81 4.95
CA THR B 796 -11.21 -15.02 5.80
C THR B 796 -10.77 -13.56 5.85
N VAL B 797 -9.47 -13.32 6.05
CA VAL B 797 -9.00 -11.95 6.23
C VAL B 797 -9.19 -11.16 4.93
N TYR B 798 -8.84 -11.77 3.80
CA TYR B 798 -9.03 -11.07 2.52
C TYR B 798 -10.51 -10.81 2.25
N CYS B 799 -11.35 -11.82 2.46
CA CYS B 799 -12.79 -11.64 2.22
C CYS B 799 -13.36 -10.53 3.09
N ASN B 800 -12.98 -10.48 4.37
CA ASN B 800 -13.56 -9.45 5.25
C ASN B 800 -13.07 -8.07 4.85
N ALA B 801 -11.79 -7.93 4.51
CA ALA B 801 -11.29 -6.62 4.09
C ALA B 801 -11.98 -6.15 2.84
N ILE B 802 -12.31 -7.07 1.92
CA ILE B 802 -13.01 -6.66 0.70
C ILE B 802 -14.45 -6.29 1.03
N ALA B 803 -15.10 -7.08 1.88
CA ALA B 803 -16.51 -6.82 2.22
C ALA B 803 -16.66 -5.53 3.00
N GLN B 804 -15.69 -5.22 3.87
CA GLN B 804 -15.73 -3.99 4.67
C GLN B 804 -15.25 -2.77 3.90
N GLY B 805 -14.52 -2.97 2.80
CA GLY B 805 -13.87 -1.90 2.09
C GLY B 805 -14.63 -1.45 0.87
N GLY B 806 -13.91 -0.84 -0.06
CA GLY B 806 -14.48 -0.30 -1.28
C GLY B 806 -13.60 -0.56 -2.49
N GLU B 807 -13.67 0.30 -3.52
CA GLU B 807 -12.89 0.08 -4.73
C GLU B 807 -11.40 -0.01 -4.46
N GLU B 808 -10.89 0.83 -3.56
CA GLU B 808 -9.44 0.86 -3.28
C GLU B 808 -8.94 -0.51 -2.81
N GLU B 809 -9.63 -1.12 -1.85
CA GLU B 809 -9.19 -2.43 -1.37
C GLU B 809 -9.37 -3.48 -2.44
N TRP B 810 -10.47 -3.39 -3.20
CA TRP B 810 -10.69 -4.33 -4.29
C TRP B 810 -9.57 -4.26 -5.32
N ASN B 811 -9.25 -3.03 -5.77
CA ASN B 811 -8.17 -2.85 -6.74
C ASN B 811 -6.83 -3.35 -6.21
N PHE B 812 -6.57 -3.16 -4.90
CA PHE B 812 -5.32 -3.67 -4.32
C PHE B 812 -5.25 -5.18 -4.42
N VAL B 813 -6.30 -5.86 -4.00
CA VAL B 813 -6.30 -7.33 -4.03
C VAL B 813 -6.24 -7.82 -5.48
N TRP B 814 -6.92 -7.12 -6.38
CA TRP B 814 -6.88 -7.47 -7.81
C TRP B 814 -5.46 -7.38 -8.36
N GLU B 815 -4.73 -6.30 -8.05
CA GLU B 815 -3.35 -6.21 -8.50
C GLU B 815 -2.49 -7.32 -7.91
N GLN B 816 -2.72 -7.65 -6.63
CA GLN B 816 -2.01 -8.78 -6.02
C GLN B 816 -2.33 -10.08 -6.74
N PHE B 817 -3.60 -10.29 -7.10
CA PHE B 817 -3.99 -11.47 -7.88
C PHE B 817 -3.25 -11.53 -9.21
N LEU B 818 -3.23 -10.41 -9.95
CA LEU B 818 -2.66 -10.41 -11.28
C LEU B 818 -1.18 -10.76 -11.27
N LYS B 819 -0.46 -10.48 -10.19
CA LYS B 819 0.96 -10.80 -10.16
C LYS B 819 1.26 -12.02 -9.31
N ALA B 820 0.25 -12.71 -8.80
CA ALA B 820 0.48 -13.85 -7.93
C ALA B 820 0.97 -15.04 -8.73
N GLU B 821 2.20 -15.47 -8.42
CA GLU B 821 2.89 -16.59 -9.05
C GLU B 821 2.34 -17.93 -8.53
N LEU B 822 2.11 -18.02 -7.22
CA LEU B 822 1.68 -19.25 -6.55
C LEU B 822 0.17 -19.38 -6.69
N VAL B 823 -0.30 -20.43 -7.36
CA VAL B 823 -1.74 -20.54 -7.61
C VAL B 823 -2.52 -20.67 -6.30
N ASN B 824 -1.97 -21.34 -5.27
CA ASN B 824 -2.67 -21.35 -3.97
C ASN B 824 -3.02 -19.96 -3.51
N GLU B 825 -2.08 -19.03 -3.64
CA GLU B 825 -2.32 -17.67 -3.19
C GLU B 825 -3.24 -16.91 -4.14
N ALA B 826 -3.05 -17.07 -5.46
CA ALA B 826 -3.94 -16.42 -6.41
C ALA B 826 -5.39 -16.83 -6.18
N ASP B 827 -5.60 -18.13 -5.89
CA ASP B 827 -6.92 -18.68 -5.61
C ASP B 827 -7.61 -17.96 -4.45
N LYS B 828 -6.87 -17.73 -3.35
CA LYS B 828 -7.44 -17.06 -2.20
C LYS B 828 -7.76 -15.61 -2.52
N LEU B 829 -6.85 -14.94 -3.21
CA LEU B 829 -7.11 -13.57 -3.65
C LEU B 829 -8.34 -13.53 -4.55
N ARG B 830 -8.37 -14.40 -5.55
CA ARG B 830 -9.49 -14.42 -6.49
C ARG B 830 -10.81 -14.64 -5.76
N GLY B 831 -10.86 -15.61 -4.84
CA GLY B 831 -12.09 -15.85 -4.10
C GLY B 831 -12.52 -14.65 -3.28
N ALA B 832 -11.57 -13.95 -2.67
CA ALA B 832 -11.96 -12.83 -1.82
C ALA B 832 -12.56 -11.68 -2.62
N LEU B 833 -12.11 -11.49 -3.87
CA LEU B 833 -12.66 -10.46 -4.73
C LEU B 833 -14.16 -10.63 -4.91
N ALA B 834 -14.68 -11.84 -4.70
CA ALA B 834 -16.12 -12.07 -4.83
C ALA B 834 -16.90 -11.55 -3.62
N CYS B 835 -16.22 -11.12 -2.55
CA CYS B 835 -16.90 -10.67 -1.34
C CYS B 835 -17.29 -9.19 -1.37
N SER B 836 -17.13 -8.52 -2.50
CA SER B 836 -17.53 -7.10 -2.57
C SER B 836 -19.03 -6.94 -2.37
N ASN B 837 -19.44 -5.87 -1.68
CA ASN B 837 -20.86 -5.58 -1.53
C ASN B 837 -21.38 -4.54 -2.52
N GLN B 838 -20.58 -4.18 -3.53
CA GLN B 838 -20.93 -3.17 -4.51
C GLN B 838 -21.32 -3.85 -5.81
N VAL B 839 -22.50 -3.54 -6.34
CA VAL B 839 -22.97 -4.22 -7.54
C VAL B 839 -22.04 -3.94 -8.71
N TRP B 840 -21.62 -2.68 -8.88
CA TRP B 840 -20.82 -2.37 -10.06
C TRP B 840 -19.46 -3.05 -10.01
N ILE B 841 -18.94 -3.26 -8.80
CA ILE B 841 -17.64 -3.92 -8.69
C ILE B 841 -17.77 -5.40 -9.06
N LEU B 842 -18.83 -6.06 -8.58
CA LEU B 842 -19.04 -7.47 -8.93
C LEU B 842 -19.27 -7.63 -10.43
N ASN B 843 -20.05 -6.73 -11.05
CA ASN B 843 -20.28 -6.84 -12.50
C ASN B 843 -19.00 -6.58 -13.28
N ARG B 844 -18.19 -5.63 -12.83
CA ARG B 844 -16.90 -5.42 -13.48
C ARG B 844 -16.03 -6.67 -13.38
N PHE B 845 -16.02 -7.28 -12.19
CA PHE B 845 -15.33 -8.56 -11.97
C PHE B 845 -15.88 -9.63 -12.92
N LEU B 846 -17.20 -9.72 -13.01
CA LEU B 846 -17.81 -10.67 -13.95
C LEU B 846 -17.28 -10.42 -15.36
N SER B 847 -17.14 -9.13 -15.75
CA SER B 847 -16.72 -8.88 -17.14
C SER B 847 -15.29 -9.37 -17.36
N TYR B 848 -14.46 -9.35 -16.31
CA TYR B 848 -13.10 -9.84 -16.41
C TYR B 848 -13.05 -11.33 -16.67
N THR B 849 -14.08 -12.09 -16.24
CA THR B 849 -14.05 -13.52 -16.50
C THR B 849 -14.18 -13.87 -17.98
N LEU B 850 -14.63 -12.96 -18.86
CA LEU B 850 -14.63 -13.29 -20.28
C LEU B 850 -13.31 -13.00 -20.96
N ASP B 851 -12.32 -12.54 -20.23
CA ASP B 851 -11.02 -12.22 -20.81
C ASP B 851 -10.00 -13.24 -20.33
N PRO B 852 -9.55 -14.17 -21.19
CA PRO B 852 -8.59 -15.19 -20.72
C PRO B 852 -7.23 -14.63 -20.34
N ASN B 853 -6.91 -13.37 -20.67
CA ASN B 853 -5.68 -12.77 -20.15
C ASN B 853 -5.79 -12.37 -18.70
N LEU B 854 -7.00 -12.34 -18.15
CA LEU B 854 -7.20 -12.01 -16.74
C LEU B 854 -7.64 -13.18 -15.90
N ILE B 855 -8.58 -13.98 -16.40
CA ILE B 855 -9.11 -15.16 -15.70
C ILE B 855 -8.96 -16.31 -16.67
N ARG B 856 -8.12 -17.30 -16.33
CA ARG B 856 -7.97 -18.44 -17.21
C ARG B 856 -9.30 -19.18 -17.37
N LYS B 857 -9.48 -19.78 -18.55
CA LYS B 857 -10.69 -20.53 -18.82
C LYS B 857 -10.95 -21.57 -17.72
N GLN B 858 -9.88 -22.16 -17.17
CA GLN B 858 -10.03 -23.20 -16.15
C GLN B 858 -10.54 -22.65 -14.83
N ASP B 859 -10.58 -21.32 -14.66
CA ASP B 859 -10.98 -20.72 -13.39
C ASP B 859 -12.30 -19.95 -13.47
N VAL B 860 -12.93 -19.89 -14.64
CA VAL B 860 -14.16 -19.10 -14.80
C VAL B 860 -15.27 -19.63 -13.89
N THR B 861 -15.59 -20.93 -14.00
CA THR B 861 -16.78 -21.39 -13.29
C THR B 861 -16.58 -21.34 -11.77
N SER B 862 -15.34 -21.55 -11.30
CA SER B 862 -14.99 -21.31 -9.90
C SER B 862 -15.29 -19.88 -9.49
N THR B 863 -14.87 -18.92 -10.32
CA THR B 863 -15.10 -17.51 -10.02
C THR B 863 -16.59 -17.21 -10.00
N LEU B 864 -17.32 -17.68 -11.02
CA LEU B 864 -18.75 -17.44 -11.06
C LEU B 864 -19.46 -18.03 -9.85
N SER B 865 -19.07 -19.23 -9.42
CA SER B 865 -19.65 -19.81 -8.20
C SER B 865 -19.34 -18.95 -6.99
N SER B 866 -18.10 -18.47 -6.87
CA SER B 866 -17.76 -17.61 -5.75
C SER B 866 -18.62 -16.34 -5.77
N ILE B 867 -18.80 -15.74 -6.94
CA ILE B 867 -19.58 -14.51 -6.97
C ILE B 867 -21.05 -14.81 -6.66
N SER B 868 -21.55 -15.94 -7.14
CA SER B 868 -22.93 -16.31 -6.91
C SER B 868 -23.21 -16.60 -5.44
N SER B 869 -22.19 -17.05 -4.68
CA SER B 869 -22.40 -17.29 -3.25
C SER B 869 -22.58 -16.01 -2.46
N ASN B 870 -22.04 -14.90 -2.95
CA ASN B 870 -22.33 -13.58 -2.41
C ASN B 870 -23.81 -13.25 -2.66
N VAL B 871 -24.52 -12.91 -1.58
CA VAL B 871 -25.96 -12.63 -1.67
C VAL B 871 -26.24 -11.53 -2.69
N VAL B 872 -25.33 -10.54 -2.79
CA VAL B 872 -25.48 -9.50 -3.81
C VAL B 872 -25.18 -10.06 -5.19
N GLY B 873 -24.31 -11.08 -5.27
CA GLY B 873 -23.94 -11.63 -6.56
C GLY B 873 -24.91 -12.65 -7.13
N GLN B 874 -25.80 -13.20 -6.29
CA GLN B 874 -26.74 -14.24 -6.74
C GLN B 874 -27.42 -13.88 -8.05
N THR B 875 -28.06 -12.71 -8.10
CA THR B 875 -28.83 -12.42 -9.28
C THR B 875 -27.93 -11.91 -10.40
N LEU B 876 -26.79 -11.29 -10.04
CA LEU B 876 -25.85 -10.87 -11.08
C LEU B 876 -25.29 -12.03 -11.86
N VAL B 877 -24.97 -13.14 -11.19
CA VAL B 877 -24.40 -14.29 -11.89
C VAL B 877 -25.47 -15.03 -12.69
N TRP B 878 -26.66 -15.15 -12.12
CA TRP B 878 -27.77 -15.76 -12.86
C TRP B 878 -28.04 -15.01 -14.17
N ASP B 879 -28.05 -13.68 -14.13
CA ASP B 879 -28.21 -12.92 -15.37
C ASP B 879 -26.98 -13.06 -16.27
N PHE B 880 -25.78 -13.00 -15.69
CA PHE B 880 -24.55 -13.15 -16.48
C PHE B 880 -24.51 -14.50 -17.20
N VAL B 881 -24.83 -15.58 -16.49
CA VAL B 881 -24.77 -16.88 -17.14
C VAL B 881 -25.79 -16.96 -18.28
N GLN B 882 -26.99 -16.44 -18.07
CA GLN B 882 -27.98 -16.45 -19.15
C GLN B 882 -27.55 -15.56 -20.30
N SER B 883 -26.90 -14.43 -19.98
CA SER B 883 -26.49 -13.47 -21.01
C SER B 883 -25.31 -13.96 -21.82
N ASN B 884 -24.43 -14.75 -21.21
CA ASN B 884 -23.26 -15.26 -21.91
C ASN B 884 -23.35 -16.76 -22.14
N TRP B 885 -24.57 -17.26 -22.32
CA TRP B 885 -24.80 -18.70 -22.37
C TRP B 885 -24.06 -19.38 -23.51
N LYS B 886 -24.07 -18.77 -24.69
CA LYS B 886 -23.46 -19.40 -25.87
C LYS B 886 -21.99 -19.73 -25.62
N LYS B 887 -21.23 -18.78 -25.06
CA LYS B 887 -19.80 -19.01 -24.86
C LYS B 887 -19.55 -20.00 -23.72
N LEU B 888 -20.30 -19.85 -22.62
CA LEU B 888 -20.17 -20.78 -21.50
C LEU B 888 -20.52 -22.20 -21.93
N PHE B 889 -21.59 -22.35 -22.72
CA PHE B 889 -21.93 -23.69 -23.21
C PHE B 889 -20.81 -24.21 -24.10
N GLN B 890 -20.30 -23.38 -24.99
CA GLN B 890 -19.21 -23.82 -25.85
C GLN B 890 -17.99 -24.25 -25.04
N ASP B 891 -17.63 -23.47 -24.02
CA ASP B 891 -16.40 -23.77 -23.30
C ASP B 891 -16.54 -24.96 -22.36
N TYR B 892 -17.72 -25.17 -21.75
CA TYR B 892 -17.85 -26.17 -20.69
C TYR B 892 -18.93 -27.21 -20.95
N GLY B 893 -19.79 -27.01 -21.94
CA GLY B 893 -20.92 -27.91 -22.14
C GLY B 893 -20.55 -29.31 -22.58
N THR B 894 -19.33 -29.52 -23.06
CA THR B 894 -18.91 -30.86 -23.47
C THR B 894 -17.82 -31.45 -22.59
N GLY B 895 -17.44 -30.76 -21.51
CA GLY B 895 -16.48 -31.27 -20.56
C GLY B 895 -17.14 -31.76 -19.28
N SER B 896 -16.30 -32.23 -18.37
CA SER B 896 -16.75 -32.68 -17.07
C SER B 896 -16.57 -31.60 -16.01
N PHE B 897 -17.41 -31.70 -14.97
CA PHE B 897 -17.31 -31.00 -13.69
C PHE B 897 -17.77 -29.55 -13.78
N SER B 898 -17.18 -28.76 -14.69
CA SER B 898 -17.33 -27.31 -14.59
C SER B 898 -18.77 -26.87 -14.83
N PHE B 899 -19.40 -27.38 -15.89
CA PHE B 899 -20.72 -26.91 -16.27
C PHE B 899 -21.77 -27.36 -15.27
N SER B 900 -21.74 -28.62 -14.84
CA SER B 900 -22.74 -29.07 -13.88
C SER B 900 -22.55 -28.38 -12.54
N ASN B 901 -21.30 -28.15 -12.13
CA ASN B 901 -21.04 -27.35 -10.93
C ASN B 901 -21.63 -25.95 -11.07
N LEU B 902 -21.49 -25.33 -12.25
CA LEU B 902 -22.02 -23.99 -12.45
C LEU B 902 -23.54 -23.98 -12.32
N ILE B 903 -24.23 -24.92 -12.98
CA ILE B 903 -25.69 -24.97 -12.91
C ILE B 903 -26.14 -25.16 -11.47
N GLN B 904 -25.48 -26.01 -10.72
CA GLN B 904 -25.88 -26.19 -9.33
C GLN B 904 -25.61 -24.92 -8.52
N ALA B 905 -24.44 -24.30 -8.69
CA ALA B 905 -24.09 -23.12 -7.90
C ALA B 905 -25.10 -21.99 -8.09
N VAL B 906 -25.44 -21.66 -9.35
CA VAL B 906 -26.22 -20.44 -9.60
C VAL B 906 -27.67 -20.62 -9.23
N THR B 907 -28.07 -21.86 -9.00
CA THR B 907 -29.44 -22.26 -8.85
C THR B 907 -29.80 -22.66 -7.41
N ARG B 908 -28.82 -22.86 -6.53
CA ARG B 908 -29.06 -23.44 -5.19
C ARG B 908 -30.00 -22.62 -4.31
N ARG B 909 -30.00 -21.28 -4.46
CA ARG B 909 -30.85 -20.44 -3.61
C ARG B 909 -32.33 -20.50 -3.97
N PHE B 910 -32.69 -20.97 -5.17
CA PHE B 910 -34.06 -20.81 -5.66
C PHE B 910 -35.05 -21.47 -4.70
N SER B 911 -36.05 -20.71 -4.27
CA SER B 911 -36.98 -21.22 -3.26
C SER B 911 -38.38 -20.63 -3.39
N THR B 912 -38.75 -20.07 -4.55
CA THR B 912 -40.06 -19.46 -4.69
C THR B 912 -40.68 -19.95 -5.99
N GLU B 913 -42.00 -19.80 -6.08
CA GLU B 913 -42.70 -20.14 -7.33
C GLU B 913 -42.17 -19.30 -8.49
N PHE B 914 -41.84 -18.04 -8.24
CA PHE B 914 -41.36 -17.20 -9.33
C PHE B 914 -39.96 -17.64 -9.80
N GLU B 915 -39.06 -17.97 -8.87
CA GLU B 915 -37.74 -18.48 -9.23
C GLU B 915 -37.83 -19.82 -9.97
N LEU B 916 -38.76 -20.67 -9.54
CA LEU B 916 -38.96 -21.94 -10.26
C LEU B 916 -39.44 -21.66 -11.68
N GLN B 917 -40.32 -20.67 -11.84
CA GLN B 917 -40.75 -20.30 -13.18
C GLN B 917 -39.59 -19.79 -14.01
N GLN B 918 -38.72 -18.96 -13.43
CA GLN B 918 -37.52 -18.53 -14.13
C GLN B 918 -36.65 -19.72 -14.55
N LEU B 919 -36.51 -20.70 -13.68
CA LEU B 919 -35.69 -21.88 -14.00
C LEU B 919 -36.32 -22.65 -15.16
N GLU B 920 -37.63 -22.92 -15.08
CA GLU B 920 -38.32 -23.58 -16.21
C GLU B 920 -38.17 -22.79 -17.50
N GLN B 921 -38.29 -21.47 -17.44
CA GLN B 921 -38.12 -20.64 -18.64
C GLN B 921 -36.70 -20.69 -19.18
N PHE B 922 -35.71 -20.65 -18.28
CA PHE B 922 -34.31 -20.83 -18.67
C PHE B 922 -34.13 -22.13 -19.45
N LYS B 923 -34.73 -23.22 -18.95
CA LYS B 923 -34.67 -24.49 -19.64
C LYS B 923 -35.27 -24.38 -21.05
N LYS B 924 -36.50 -23.87 -21.16
CA LYS B 924 -37.11 -23.65 -22.47
C LYS B 924 -36.28 -22.71 -23.33
N ASN B 925 -35.80 -21.59 -22.77
CA ASN B 925 -35.06 -20.64 -23.61
C ASN B 925 -33.83 -21.26 -24.26
N ASN B 926 -33.25 -22.31 -23.68
CA ASN B 926 -31.98 -22.80 -24.19
C ASN B 926 -32.08 -24.20 -24.80
N MET B 927 -33.24 -24.55 -25.34
CA MET B 927 -33.30 -25.83 -26.02
C MET B 927 -32.38 -25.87 -27.24
N ASP B 928 -31.93 -24.74 -27.77
CA ASP B 928 -31.19 -25.05 -28.98
C ASP B 928 -29.73 -25.41 -28.69
N THR B 929 -29.12 -24.92 -27.60
CA THR B 929 -27.89 -25.58 -27.18
C THR B 929 -28.15 -26.88 -26.46
N GLY B 930 -29.28 -26.99 -25.75
CA GLY B 930 -29.39 -28.06 -24.78
C GLY B 930 -28.48 -27.74 -23.60
N PHE B 931 -28.32 -28.74 -22.73
CA PHE B 931 -27.54 -28.54 -21.50
C PHE B 931 -26.32 -29.45 -21.40
N GLY B 932 -26.02 -30.21 -22.44
CA GLY B 932 -24.72 -30.85 -22.52
C GLY B 932 -24.45 -31.71 -21.31
N SER B 933 -23.27 -31.56 -20.72
CA SER B 933 -22.87 -32.33 -19.55
C SER B 933 -23.47 -31.82 -18.27
N ALA B 934 -24.42 -30.90 -18.35
CA ALA B 934 -25.19 -30.50 -17.18
C ALA B 934 -26.68 -30.83 -17.32
N THR B 935 -27.08 -31.75 -18.21
CA THR B 935 -28.54 -31.89 -18.35
C THR B 935 -29.16 -32.64 -17.19
N ARG B 936 -28.48 -33.64 -16.59
CA ARG B 936 -29.03 -34.20 -15.36
C ARG B 936 -28.99 -33.18 -14.23
N ALA B 937 -27.93 -32.35 -14.19
CA ALA B 937 -27.82 -31.35 -13.13
C ALA B 937 -29.00 -30.38 -13.16
N LEU B 938 -29.47 -30.01 -14.36
CA LEU B 938 -30.65 -29.16 -14.46
C LEU B 938 -31.89 -29.87 -13.90
N GLU B 939 -32.06 -31.16 -14.22
CA GLU B 939 -33.24 -31.86 -13.71
C GLU B 939 -33.21 -31.91 -12.20
N GLN B 940 -32.01 -32.05 -11.63
CA GLN B 940 -31.86 -32.05 -10.19
C GLN B 940 -32.14 -30.67 -9.61
N ALA B 941 -31.70 -29.62 -10.31
CA ALA B 941 -31.96 -28.25 -9.86
C ALA B 941 -33.47 -27.96 -9.81
N LEU B 942 -34.19 -28.41 -10.83
CA LEU B 942 -35.65 -28.25 -10.84
C LEU B 942 -36.29 -29.02 -9.68
N GLU B 943 -35.85 -30.26 -9.44
CA GLU B 943 -36.38 -31.04 -8.34
C GLU B 943 -36.08 -30.37 -6.99
N LYS B 944 -34.83 -29.95 -6.77
CA LYS B 944 -34.53 -29.28 -5.51
C LYS B 944 -35.27 -27.96 -5.38
N THR B 945 -35.41 -27.20 -6.48
CA THR B 945 -36.15 -25.93 -6.38
C THR B 945 -37.58 -26.17 -5.92
N LYS B 946 -38.24 -27.18 -6.48
CA LYS B 946 -39.61 -27.49 -6.04
C LYS B 946 -39.63 -27.88 -4.59
N ALA B 947 -38.65 -28.66 -4.14
CA ALA B 947 -38.56 -29.02 -2.73
C ALA B 947 -38.32 -27.78 -1.87
N ASN B 948 -37.40 -26.90 -2.29
CA ASN B 948 -37.16 -25.74 -1.43
C ASN B 948 -38.37 -24.82 -1.31
N LEU B 949 -39.12 -24.60 -2.38
CA LEU B 949 -40.23 -23.67 -2.26
C LEU B 949 -41.28 -24.18 -1.29
N LYS B 950 -41.51 -25.50 -1.26
CA LYS B 950 -42.45 -26.04 -0.29
C LYS B 950 -41.87 -25.97 1.13
N TRP B 951 -40.59 -26.30 1.27
CA TRP B 951 -39.96 -26.32 2.58
C TRP B 951 -39.91 -24.93 3.21
N VAL B 952 -39.51 -23.91 2.43
CA VAL B 952 -39.49 -22.54 2.93
C VAL B 952 -40.89 -22.08 3.33
N LYS B 953 -41.90 -22.40 2.52
CA LYS B 953 -43.26 -22.01 2.88
C LYS B 953 -43.69 -22.66 4.19
N GLU B 954 -43.36 -23.94 4.35
CA GLU B 954 -43.73 -24.71 5.53
C GLU B 954 -43.02 -24.24 6.80
N ASN B 955 -41.75 -23.84 6.69
CA ASN B 955 -40.92 -23.65 7.89
C ASN B 955 -40.38 -22.25 8.13
N LYS B 956 -40.66 -21.28 7.23
CA LYS B 956 -40.17 -19.92 7.38
C LYS B 956 -40.46 -19.36 8.77
N ASP B 957 -41.70 -19.53 9.25
CA ASP B 957 -42.12 -18.90 10.50
C ASP B 957 -41.52 -19.60 11.72
N VAL B 958 -41.54 -20.93 11.72
CA VAL B 958 -40.95 -21.71 12.82
C VAL B 958 -39.45 -21.45 12.94
N VAL B 959 -38.76 -21.35 11.80
CA VAL B 959 -37.32 -21.09 11.84
C VAL B 959 -37.02 -19.68 12.35
N LEU B 960 -37.75 -18.67 11.88
CA LEU B 960 -37.60 -17.31 12.43
C LEU B 960 -37.75 -17.33 13.95
N ARG B 961 -38.80 -17.98 14.43
CA ARG B 961 -39.06 -18.05 15.87
C ARG B 961 -37.92 -18.75 16.61
N TRP B 962 -37.49 -19.91 16.09
CA TRP B 962 -36.43 -20.68 16.77
C TRP B 962 -35.15 -19.88 16.88
N PHE B 963 -34.69 -19.28 15.77
CA PHE B 963 -33.47 -18.47 15.84
C PHE B 963 -33.65 -17.29 16.78
N THR B 964 -34.81 -16.64 16.74
CA THR B 964 -35.06 -15.51 17.64
C THR B 964 -34.99 -15.94 19.10
N GLU B 965 -35.65 -17.06 19.43
CA GLU B 965 -35.71 -17.55 20.81
C GLU B 965 -34.37 -18.08 21.31
N ASN B 966 -33.52 -18.61 20.43
CA ASN B 966 -32.27 -19.24 20.86
C ASN B 966 -31.02 -18.41 20.63
N SER B 967 -31.15 -17.13 20.29
CA SER B 967 -29.97 -16.32 20.03
C SER B 967 -29.82 -15.15 20.98
N SER B 968 -30.56 -15.11 22.08
CA SER B 968 -30.42 -14.02 23.04
C SER B 968 -29.54 -14.46 24.19
N PRO C 68 69.06 29.52 -14.53
CA PRO C 68 68.74 28.37 -15.39
C PRO C 68 68.53 27.09 -14.59
N TRP C 69 69.30 26.92 -13.51
CA TRP C 69 69.11 25.77 -12.62
C TRP C 69 67.89 25.92 -11.74
N ASN C 70 67.13 27.00 -11.87
CA ASN C 70 65.87 27.16 -11.15
C ASN C 70 64.67 26.98 -12.05
N VAL C 71 64.87 26.57 -13.30
CA VAL C 71 63.78 26.31 -14.24
C VAL C 71 63.72 24.80 -14.47
N TYR C 72 62.51 24.27 -14.63
CA TYR C 72 62.33 22.82 -14.64
C TYR C 72 62.67 22.15 -15.97
N ARG C 73 62.74 22.88 -17.06
CA ARG C 73 63.19 22.30 -18.32
C ARG C 73 64.69 22.45 -18.46
N LEU C 74 65.32 21.45 -19.09
CA LEU C 74 66.76 21.47 -19.29
C LEU C 74 67.14 22.54 -20.31
N PRO C 75 68.33 23.11 -20.24
CA PRO C 75 68.81 23.88 -21.38
C PRO C 75 69.05 22.99 -22.59
N LYS C 76 68.96 23.61 -23.77
CA LYS C 76 69.21 22.88 -25.02
C LYS C 76 70.65 23.02 -25.51
N THR C 77 71.55 23.49 -24.64
CA THR C 77 72.92 23.76 -25.04
C THR C 77 73.80 22.51 -25.12
N LEU C 78 73.45 21.45 -24.39
CA LEU C 78 74.27 20.25 -24.25
C LEU C 78 73.38 19.06 -24.58
N ILE C 79 73.78 18.25 -25.55
CA ILE C 79 72.95 17.16 -26.06
C ILE C 79 73.69 15.84 -25.91
N PRO C 80 73.18 14.87 -25.15
CA PRO C 80 73.90 13.62 -24.94
C PRO C 80 73.84 12.70 -26.15
N ASP C 81 74.87 11.85 -26.24
CA ASP C 81 75.03 10.84 -27.26
C ASP C 81 74.89 9.43 -26.69
N SER C 82 75.56 9.16 -25.57
CA SER C 82 75.62 7.79 -25.05
C SER C 82 76.00 7.80 -23.57
N TYR C 83 75.62 6.73 -22.87
CA TYR C 83 75.86 6.53 -21.45
C TYR C 83 76.46 5.15 -21.19
N ASN C 84 77.42 5.09 -20.28
CA ASN C 84 77.86 3.85 -19.65
C ASN C 84 77.40 3.94 -18.20
N VAL C 85 76.68 2.93 -17.71
CA VAL C 85 76.24 2.91 -16.30
C VAL C 85 76.57 1.54 -15.73
N THR C 86 77.27 1.52 -14.59
CA THR C 86 77.49 0.30 -13.82
C THR C 86 76.76 0.46 -12.50
N LEU C 87 75.83 -0.47 -12.20
CA LEU C 87 75.09 -0.46 -10.94
C LEU C 87 75.32 -1.74 -10.15
N ARG C 88 75.30 -1.61 -8.83
CA ARG C 88 75.56 -2.72 -7.91
C ARG C 88 74.54 -2.65 -6.79
N PRO C 89 73.45 -3.41 -6.86
CA PRO C 89 72.48 -3.41 -5.77
C PRO C 89 72.96 -4.29 -4.63
N TYR C 90 72.69 -3.83 -3.40
CA TYR C 90 72.98 -4.59 -2.19
C TYR C 90 71.63 -5.04 -1.63
N LEU C 91 71.38 -6.35 -1.65
CA LEU C 91 70.08 -6.87 -1.22
C LEU C 91 70.06 -7.32 0.24
N THR C 92 70.98 -6.83 1.03
CA THR C 92 70.92 -6.88 2.49
C THR C 92 71.27 -5.50 3.03
N PRO C 93 70.73 -5.14 4.20
CA PRO C 93 70.95 -3.78 4.71
C PRO C 93 72.40 -3.56 5.11
N ASN C 94 72.83 -2.30 5.05
CA ASN C 94 74.21 -1.94 5.37
C ASN C 94 74.32 -1.55 6.83
N ASN C 95 75.47 -0.96 7.23
CA ASN C 95 75.66 -0.68 8.65
C ASN C 95 74.78 0.46 9.12
N LYS C 96 74.17 1.20 8.20
CA LYS C 96 73.19 2.23 8.53
C LYS C 96 71.76 1.69 8.43
N GLY C 97 71.60 0.39 8.17
CA GLY C 97 70.29 -0.22 8.16
C GLY C 97 69.51 -0.01 6.88
N LEU C 98 70.16 0.47 5.82
CA LEU C 98 69.53 0.77 4.54
C LEU C 98 69.89 -0.26 3.48
N TYR C 99 68.93 -0.54 2.60
CA TYR C 99 69.24 -1.19 1.34
C TYR C 99 69.72 -0.12 0.38
N VAL C 100 70.87 -0.34 -0.25
CA VAL C 100 71.44 0.67 -1.13
C VAL C 100 71.92 0.03 -2.43
N PHE C 101 72.12 0.89 -3.42
CA PHE C 101 72.89 0.52 -4.59
C PHE C 101 74.04 1.51 -4.73
N THR C 102 75.15 1.02 -5.27
CA THR C 102 76.22 1.91 -5.68
C THR C 102 76.34 1.86 -7.19
N GLY C 103 76.96 2.88 -7.75
CA GLY C 103 77.08 2.94 -9.19
C GLY C 103 78.14 3.90 -9.64
N THR C 104 78.49 3.79 -10.91
CA THR C 104 79.30 4.78 -11.60
C THR C 104 78.64 4.99 -12.95
N ASN C 105 78.83 6.16 -13.55
CA ASN C 105 78.39 6.28 -14.93
C ASN C 105 79.30 7.25 -15.67
N ILE C 106 79.18 7.23 -16.98
CA ILE C 106 79.87 8.15 -17.86
C ILE C 106 78.82 8.67 -18.83
N VAL C 107 78.63 9.98 -18.87
CA VAL C 107 77.69 10.60 -19.78
C VAL C 107 78.53 11.27 -20.87
N ARG C 108 78.38 10.86 -22.12
CA ARG C 108 79.05 11.53 -23.24
C ARG C 108 78.05 12.43 -23.94
N PHE C 109 78.39 13.71 -24.08
CA PHE C 109 77.50 14.67 -24.70
C PHE C 109 78.30 15.62 -25.58
N THR C 110 77.58 16.32 -26.43
CA THR C 110 78.15 17.32 -27.33
C THR C 110 77.66 18.69 -26.92
N CYS C 111 78.59 19.64 -26.83
CA CYS C 111 78.26 21.05 -26.66
C CYS C 111 77.74 21.62 -27.98
N LYS C 112 76.44 21.89 -28.05
CA LYS C 112 75.87 22.51 -29.25
C LYS C 112 76.03 24.03 -29.22
N GLU C 113 75.95 24.62 -28.04
CA GLU C 113 76.08 26.06 -27.83
C GLU C 113 77.00 26.28 -26.64
N SER C 114 77.96 27.19 -26.78
CA SER C 114 78.89 27.47 -25.69
C SER C 114 78.13 27.83 -24.41
N THR C 115 78.61 27.29 -23.29
CA THR C 115 77.98 27.49 -21.99
C THR C 115 79.03 27.16 -20.95
N ASN C 116 79.02 27.91 -19.85
CA ASN C 116 79.93 27.61 -18.74
C ASN C 116 79.28 26.78 -17.64
N ILE C 117 78.15 26.13 -17.92
CA ILE C 117 77.50 25.29 -16.91
C ILE C 117 77.03 23.99 -17.55
N VAL C 118 77.10 22.91 -16.78
CA VAL C 118 76.44 21.66 -17.13
C VAL C 118 75.29 21.50 -16.16
N ILE C 119 74.07 21.49 -16.67
CA ILE C 119 72.92 21.21 -15.85
C ILE C 119 72.46 19.82 -16.26
N ILE C 120 72.39 18.91 -15.29
CA ILE C 120 71.99 17.54 -15.52
C ILE C 120 71.15 17.11 -14.33
N HIS C 121 70.29 16.12 -14.54
CA HIS C 121 69.32 15.67 -13.54
C HIS C 121 69.97 14.73 -12.53
N SER C 122 69.54 14.84 -11.28
CA SER C 122 70.06 14.00 -10.20
C SER C 122 69.09 14.10 -9.04
N LYS C 123 68.66 12.96 -8.49
CA LYS C 123 67.60 12.92 -7.50
C LYS C 123 67.98 11.89 -6.45
N ARG C 124 68.16 12.34 -5.21
CA ARG C 124 68.42 11.46 -4.06
C ARG C 124 69.62 10.54 -4.31
N LEU C 125 70.64 11.07 -4.97
CA LEU C 125 71.93 10.41 -5.15
C LEU C 125 73.00 11.12 -4.34
N ASN C 126 73.82 10.33 -3.64
CA ASN C 126 74.99 10.79 -2.88
C ASN C 126 76.24 10.47 -3.71
N TYR C 127 77.15 11.42 -3.83
CA TYR C 127 78.30 11.29 -4.72
C TYR C 127 79.60 11.11 -3.92
N THR C 128 80.48 10.26 -4.45
CA THR C 128 81.85 10.16 -3.96
C THR C 128 82.68 11.15 -4.77
N SER C 129 83.20 12.17 -4.12
CA SER C 129 83.92 13.21 -4.81
C SER C 129 85.36 12.76 -5.08
N HIS C 130 85.94 13.34 -6.13
CA HIS C 130 87.34 13.09 -6.48
C HIS C 130 87.99 14.41 -6.85
N GLN C 131 89.22 14.61 -6.37
CA GLN C 131 90.01 15.77 -6.74
C GLN C 131 89.27 17.06 -6.40
N GLY C 132 88.47 17.03 -5.33
CA GLY C 132 87.77 18.21 -4.85
C GLY C 132 86.44 18.52 -5.50
N HIS C 133 85.91 17.62 -6.34
CA HIS C 133 84.63 17.88 -6.98
C HIS C 133 83.84 16.59 -7.10
N MET C 134 82.54 16.76 -7.24
CA MET C 134 81.55 15.70 -7.07
C MET C 134 81.40 14.87 -8.35
N VAL C 135 81.91 15.39 -9.49
CA VAL C 135 82.04 14.68 -10.76
C VAL C 135 83.38 15.07 -11.39
N ALA C 136 83.75 14.35 -12.45
CA ALA C 136 84.86 14.77 -13.31
C ALA C 136 84.33 15.06 -14.71
N LEU C 137 84.95 16.03 -15.40
CA LEU C 137 84.55 16.43 -16.77
C LEU C 137 85.77 16.39 -17.69
N SER C 138 85.79 15.43 -18.62
CA SER C 138 86.84 15.31 -19.63
C SER C 138 86.34 15.84 -20.97
N GLY C 139 87.26 16.46 -21.72
CA GLY C 139 87.01 16.72 -23.13
C GLY C 139 87.44 15.51 -23.95
N VAL C 140 86.57 15.08 -24.86
CA VAL C 140 86.87 13.96 -25.75
C VAL C 140 87.75 14.51 -26.86
N GLY C 141 89.05 14.32 -26.74
CA GLY C 141 89.91 14.98 -27.68
C GLY C 141 89.99 16.49 -27.56
N GLY C 142 89.50 17.07 -26.46
CA GLY C 142 89.62 18.51 -26.24
C GLY C 142 91.06 18.98 -26.33
N PHE C 143 91.84 18.76 -25.26
CA PHE C 143 93.29 18.90 -25.26
C PHE C 143 93.79 20.33 -25.29
N HIS C 144 93.06 21.25 -25.92
CA HIS C 144 93.62 22.60 -25.85
C HIS C 144 93.43 23.16 -24.44
N PRO C 145 92.27 23.75 -24.04
CA PRO C 145 92.02 23.78 -22.60
C PRO C 145 91.03 22.70 -22.24
N GLN C 146 91.41 21.80 -21.34
CA GLN C 146 90.40 20.91 -20.79
C GLN C 146 89.52 21.73 -19.87
N PRO C 147 88.24 21.39 -19.74
CA PRO C 147 87.36 22.19 -18.88
C PRO C 147 87.88 22.20 -17.45
N VAL C 148 87.55 23.25 -16.71
CA VAL C 148 88.04 23.40 -15.35
C VAL C 148 86.83 23.62 -14.46
N ILE C 149 86.54 22.65 -13.61
CA ILE C 149 85.41 22.77 -12.69
C ILE C 149 85.77 23.75 -11.59
N VAL C 150 84.90 24.74 -11.38
CA VAL C 150 85.03 25.65 -10.26
C VAL C 150 84.28 25.14 -9.04
N ARG C 151 83.03 24.71 -9.24
CA ARG C 151 82.09 24.34 -8.18
C ARG C 151 81.04 23.42 -8.79
N THR C 152 80.63 22.38 -8.05
CA THR C 152 79.43 21.62 -8.41
C THR C 152 78.47 21.71 -7.22
N GLU C 153 77.16 21.69 -7.50
CA GLU C 153 76.19 21.68 -6.42
C GLU C 153 74.97 20.88 -6.84
N LEU C 154 74.26 20.33 -5.86
CA LEU C 154 72.94 19.75 -6.12
C LEU C 154 71.87 20.78 -5.81
N VAL C 155 70.91 20.91 -6.72
CA VAL C 155 69.78 21.81 -6.55
C VAL C 155 68.54 20.93 -6.44
N GLU C 156 68.06 20.73 -5.22
CA GLU C 156 67.13 19.65 -4.94
C GLU C 156 65.76 19.88 -5.57
N LEU C 157 65.26 21.12 -5.51
CA LEU C 157 63.91 21.41 -5.99
C LEU C 157 63.71 21.06 -7.46
N THR C 158 64.63 21.48 -8.31
CA THR C 158 64.55 21.17 -9.72
C THR C 158 65.30 19.90 -10.07
N GLU C 159 65.80 19.19 -9.05
CA GLU C 159 66.42 17.87 -9.22
C GLU C 159 67.59 17.92 -10.19
N TYR C 160 68.49 18.89 -9.96
CA TYR C 160 69.64 19.11 -10.83
C TYR C 160 70.94 18.86 -10.08
N LEU C 161 71.94 18.41 -10.84
CA LEU C 161 73.34 18.55 -10.48
C LEU C 161 73.90 19.62 -11.41
N VAL C 162 74.54 20.63 -10.85
CA VAL C 162 74.98 21.78 -11.65
C VAL C 162 76.48 21.90 -11.50
N VAL C 163 77.19 21.79 -12.61
CA VAL C 163 78.65 21.93 -12.66
C VAL C 163 78.97 23.33 -13.16
N HIS C 164 79.70 24.11 -12.39
CA HIS C 164 80.05 25.47 -12.75
C HIS C 164 81.49 25.46 -13.26
N LEU C 165 81.69 25.97 -14.48
CA LEU C 165 82.99 25.89 -15.14
C LEU C 165 83.66 27.25 -15.21
N GLN C 166 84.99 27.22 -15.21
CA GLN C 166 85.79 28.44 -15.28
C GLN C 166 85.62 29.14 -16.62
N GLU C 167 85.68 28.40 -17.71
CA GLU C 167 85.44 28.88 -19.07
C GLU C 167 84.30 28.12 -19.72
N PRO C 168 83.61 28.74 -20.69
CA PRO C 168 82.58 28.02 -21.43
C PRO C 168 83.15 26.79 -22.12
N LEU C 169 82.32 25.74 -22.17
CA LEU C 169 82.57 24.63 -23.07
C LEU C 169 82.49 25.12 -24.51
N VAL C 170 83.06 24.31 -25.40
CA VAL C 170 83.39 24.76 -26.75
C VAL C 170 82.37 24.15 -27.71
N ALA C 171 81.71 25.02 -28.48
CA ALA C 171 80.71 24.53 -29.42
C ALA C 171 81.32 23.46 -30.32
N GLY C 172 80.58 22.37 -30.52
CA GLY C 172 81.01 21.28 -31.36
C GLY C 172 81.89 20.24 -30.69
N ARG C 173 82.47 20.53 -29.53
CA ARG C 173 83.30 19.52 -28.92
C ARG C 173 82.45 18.53 -28.11
N GLN C 174 83.00 17.35 -27.87
CA GLN C 174 82.38 16.32 -27.06
C GLN C 174 83.03 16.24 -25.70
N TYR C 175 82.21 15.96 -24.69
CA TYR C 175 82.68 15.87 -23.32
C TYR C 175 82.14 14.62 -22.66
N GLU C 176 82.85 14.14 -21.65
CA GLU C 176 82.42 13.00 -20.86
C GLU C 176 82.42 13.40 -19.39
N MET C 177 81.28 13.20 -18.72
CA MET C 177 81.21 13.49 -17.30
C MET C 177 81.12 12.17 -16.55
N ASN C 178 81.98 12.00 -15.55
CA ASN C 178 82.16 10.73 -14.84
C ASN C 178 81.67 10.92 -13.41
N SER C 179 80.85 10.00 -12.92
CA SER C 179 80.31 10.16 -11.57
C SER C 179 80.32 8.83 -10.83
N GLU C 180 80.41 8.92 -9.50
CA GLU C 180 80.45 7.76 -8.62
C GLU C 180 79.47 8.04 -7.50
N PHE C 181 78.46 7.19 -7.34
CA PHE C 181 77.31 7.58 -6.54
C PHE C 181 76.71 6.38 -5.79
N GLN C 182 75.78 6.71 -4.90
CA GLN C 182 75.05 5.76 -4.07
C GLN C 182 73.62 6.28 -3.91
N GLY C 183 72.65 5.36 -3.86
CA GLY C 183 71.27 5.72 -3.61
C GLY C 183 70.60 4.59 -2.85
N GLU C 184 69.42 4.91 -2.31
CA GLU C 184 68.68 3.89 -1.56
C GLU C 184 67.93 2.98 -2.51
N LEU C 185 67.97 1.68 -2.24
CA LEU C 185 67.05 0.74 -2.89
C LEU C 185 65.80 0.69 -2.04
N ALA C 186 65.01 1.77 -2.13
CA ALA C 186 63.89 1.94 -1.22
C ALA C 186 62.71 1.05 -1.62
N ASP C 187 61.70 0.97 -0.75
CA ASP C 187 60.45 0.35 -1.14
C ASP C 187 59.48 1.33 -1.75
N ASP C 188 59.98 2.35 -2.46
CA ASP C 188 59.18 3.46 -2.96
C ASP C 188 58.68 3.28 -4.38
N LEU C 189 59.00 2.17 -5.05
CA LEU C 189 58.47 1.81 -6.38
C LEU C 189 58.92 2.76 -7.49
N ALA C 190 60.02 3.51 -7.27
CA ALA C 190 60.48 4.54 -8.19
C ALA C 190 61.98 4.40 -8.41
N GLY C 191 62.42 4.60 -9.65
CA GLY C 191 63.84 4.52 -9.92
C GLY C 191 64.33 3.09 -9.82
N PHE C 192 65.54 2.92 -9.26
CA PHE C 192 66.09 1.62 -8.86
C PHE C 192 65.61 1.35 -7.44
N TYR C 193 64.78 0.32 -7.25
CA TYR C 193 64.12 0.12 -5.95
C TYR C 193 64.09 -1.37 -5.65
N ARG C 194 63.70 -1.73 -4.41
CA ARG C 194 63.63 -3.13 -4.04
C ARG C 194 62.20 -3.64 -4.02
N SER C 195 62.07 -4.94 -4.23
CA SER C 195 60.79 -5.61 -4.19
C SER C 195 60.98 -6.86 -3.34
N GLU C 196 59.94 -7.29 -2.63
CA GLU C 196 60.13 -8.40 -1.70
C GLU C 196 59.00 -9.41 -1.79
N TYR C 197 59.34 -10.66 -1.49
CA TYR C 197 58.34 -11.71 -1.40
C TYR C 197 58.85 -12.81 -0.45
N MET C 198 57.91 -13.62 0.03
CA MET C 198 58.19 -14.78 0.85
C MET C 198 58.21 -16.05 0.01
N GLU C 199 59.20 -16.91 0.26
CA GLU C 199 59.32 -18.21 -0.39
C GLU C 199 59.60 -19.27 0.66
N ASN C 200 58.61 -20.14 0.89
CA ASN C 200 58.66 -21.06 2.04
C ASN C 200 58.81 -20.16 3.27
N GLY C 201 59.90 -20.22 4.01
CA GLY C 201 59.95 -19.30 5.14
C GLY C 201 60.81 -18.08 4.95
N VAL C 202 61.39 -17.88 3.78
CA VAL C 202 62.51 -16.96 3.61
C VAL C 202 62.01 -15.70 2.91
N LYS C 203 62.32 -14.55 3.50
CA LYS C 203 62.07 -13.28 2.82
C LYS C 203 63.12 -13.10 1.73
N LYS C 204 62.66 -12.91 0.50
CA LYS C 204 63.52 -12.73 -0.65
C LYS C 204 63.47 -11.27 -1.06
N VAL C 205 64.62 -10.69 -1.40
CA VAL C 205 64.68 -9.28 -1.81
C VAL C 205 65.28 -9.24 -3.21
N LEU C 206 64.65 -8.53 -4.14
CA LEU C 206 65.20 -8.32 -5.47
C LEU C 206 65.29 -6.81 -5.76
N ALA C 207 66.06 -6.46 -6.78
CA ALA C 207 66.22 -5.06 -7.20
C ALA C 207 65.62 -4.92 -8.59
N THR C 208 64.86 -3.84 -8.80
CA THR C 208 64.15 -3.67 -10.06
C THR C 208 63.98 -2.19 -10.32
N THR C 209 63.51 -1.84 -11.51
CA THR C 209 63.47 -0.44 -11.90
C THR C 209 62.09 -0.02 -12.36
N HIS C 210 61.79 1.26 -12.14
CA HIS C 210 60.70 1.93 -12.84
C HIS C 210 61.11 3.39 -13.04
N MET C 211 61.37 3.78 -14.28
CA MET C 211 61.90 5.12 -14.55
C MET C 211 60.84 6.14 -14.90
N GLN C 212 59.72 5.71 -15.47
CA GLN C 212 58.77 6.68 -15.98
C GLN C 212 58.05 7.37 -14.83
N ALA C 213 57.88 8.68 -14.92
CA ALA C 213 58.35 9.54 -16.01
C ALA C 213 59.75 10.13 -15.79
N THR C 214 60.04 10.55 -14.55
CA THR C 214 61.21 11.35 -14.25
C THR C 214 62.05 10.72 -13.13
N GLU C 215 62.18 9.38 -13.12
CA GLU C 215 62.92 8.69 -12.07
C GLU C 215 64.24 8.05 -12.51
N ALA C 216 64.59 8.07 -13.79
CA ALA C 216 65.92 7.60 -14.18
C ALA C 216 67.00 8.38 -13.45
N ARG C 217 66.75 9.69 -13.26
CA ARG C 217 67.64 10.58 -12.50
C ARG C 217 67.84 10.14 -11.05
N LYS C 218 67.00 9.23 -10.56
CA LYS C 218 67.10 8.73 -9.20
C LYS C 218 68.01 7.49 -9.17
N SER C 219 68.45 7.03 -10.34
CA SER C 219 69.36 5.89 -10.38
C SER C 219 70.75 6.22 -10.93
N PHE C 220 70.90 7.31 -11.67
CA PHE C 220 72.21 7.82 -12.09
C PHE C 220 71.97 9.22 -12.66
N PRO C 221 72.96 10.11 -12.62
CA PRO C 221 72.78 11.43 -13.24
C PRO C 221 72.66 11.30 -14.74
N CYS C 222 71.65 11.97 -15.31
CA CYS C 222 71.40 11.90 -16.74
C CYS C 222 70.57 13.09 -17.16
N PHE C 223 70.58 13.38 -18.48
CA PHE C 223 69.71 14.39 -19.07
C PHE C 223 68.35 13.74 -19.24
N ASP C 224 67.50 13.87 -18.21
CA ASP C 224 66.32 13.01 -18.05
C ASP C 224 65.04 13.65 -18.61
N GLU C 225 65.06 13.88 -19.93
CA GLU C 225 63.92 14.30 -20.71
C GLU C 225 63.78 13.40 -21.92
N PRO C 226 62.56 13.13 -22.35
CA PRO C 226 62.36 12.07 -23.35
C PRO C 226 62.87 12.40 -24.75
N ALA C 227 63.02 13.67 -25.13
CA ALA C 227 63.57 13.99 -26.43
C ALA C 227 65.10 14.06 -26.42
N MET C 228 65.72 13.70 -25.29
CA MET C 228 67.17 13.67 -25.18
C MET C 228 67.66 12.22 -25.29
N LYS C 229 67.41 11.60 -26.45
CA LYS C 229 67.65 10.16 -26.60
C LYS C 229 69.14 9.86 -26.70
N ALA C 230 69.49 8.64 -26.31
CA ALA C 230 70.89 8.22 -26.28
C ALA C 230 70.95 6.70 -26.29
N THR C 231 72.15 6.16 -26.48
CA THR C 231 72.35 4.74 -26.26
C THR C 231 72.89 4.51 -24.84
N PHE C 232 72.71 3.29 -24.36
CA PHE C 232 72.96 2.98 -22.95
C PHE C 232 73.77 1.69 -22.90
N ASN C 233 74.92 1.73 -22.27
CA ASN C 233 75.79 0.57 -22.05
C ASN C 233 75.68 0.23 -20.59
N ILE C 234 74.91 -0.82 -20.26
CA ILE C 234 74.61 -1.17 -18.87
C ILE C 234 75.50 -2.33 -18.41
N THR C 235 76.10 -2.18 -17.23
CA THR C 235 76.79 -3.24 -16.51
C THR C 235 76.18 -3.37 -15.12
N ILE C 236 75.92 -4.61 -14.70
CA ILE C 236 75.37 -4.89 -13.39
C ILE C 236 76.34 -5.81 -12.66
N ILE C 237 76.69 -5.44 -11.45
CA ILE C 237 77.50 -6.24 -10.53
C ILE C 237 76.53 -6.82 -9.52
N HIS C 238 76.49 -8.15 -9.39
CA HIS C 238 75.38 -8.78 -8.66
C HIS C 238 75.87 -10.05 -7.96
N PRO C 239 75.16 -10.51 -6.93
CA PRO C 239 75.54 -11.76 -6.29
C PRO C 239 75.52 -12.93 -7.26
N ASN C 240 76.44 -13.88 -7.05
CA ASN C 240 76.66 -14.85 -8.11
C ASN C 240 75.52 -15.84 -8.26
N ASN C 241 74.65 -15.93 -7.27
CA ASN C 241 73.49 -16.80 -7.36
C ASN C 241 72.30 -16.14 -8.00
N LEU C 242 72.39 -14.87 -8.40
CA LEU C 242 71.27 -14.17 -9.00
C LEU C 242 71.56 -13.84 -10.46
N VAL C 243 70.49 -13.58 -11.21
CA VAL C 243 70.62 -13.23 -12.62
C VAL C 243 70.28 -11.76 -12.78
N ALA C 244 71.06 -11.08 -13.60
CA ALA C 244 70.75 -9.73 -14.00
C ALA C 244 70.06 -9.74 -15.36
N LEU C 245 69.02 -8.93 -15.49
CA LEU C 245 68.38 -8.66 -16.77
C LEU C 245 68.41 -7.17 -17.06
N SER C 246 68.37 -6.82 -18.34
CA SER C 246 68.26 -5.41 -18.72
C SER C 246 67.51 -5.37 -20.05
N ASN C 247 67.50 -4.19 -20.68
CA ASN C 247 66.81 -4.03 -21.96
C ASN C 247 67.31 -5.01 -23.01
N MET C 248 68.62 -5.12 -23.14
CA MET C 248 69.28 -5.99 -24.12
C MET C 248 69.70 -7.30 -23.47
N LEU C 249 70.21 -8.19 -24.32
CA LEU C 249 70.90 -9.41 -23.90
C LEU C 249 72.31 -9.08 -23.39
N PRO C 250 72.86 -9.95 -22.54
CA PRO C 250 74.27 -9.79 -22.15
C PRO C 250 75.20 -9.89 -23.35
N ARG C 251 76.31 -9.16 -23.30
CA ARG C 251 77.31 -9.27 -24.37
C ARG C 251 78.08 -10.57 -24.30
N GLY C 252 78.10 -11.21 -23.16
CA GLY C 252 78.77 -12.47 -23.01
C GLY C 252 78.42 -13.05 -21.68
N PRO C 253 78.93 -14.26 -21.39
CA PRO C 253 78.74 -14.85 -20.07
C PRO C 253 79.24 -13.93 -18.97
N SER C 254 78.56 -13.97 -17.84
CA SER C 254 78.99 -13.23 -16.66
C SER C 254 80.35 -13.74 -16.21
N VAL C 255 81.15 -12.85 -15.65
CA VAL C 255 82.47 -13.22 -15.15
C VAL C 255 82.50 -12.88 -13.67
N PRO C 256 83.31 -13.56 -12.86
CA PRO C 256 83.40 -13.19 -11.45
C PRO C 256 83.92 -11.78 -11.24
N PHE C 257 83.31 -11.11 -10.27
CA PHE C 257 83.83 -9.86 -9.74
C PHE C 257 85.20 -10.12 -9.16
N GLY C 258 86.25 -9.54 -9.75
CA GLY C 258 87.59 -9.78 -9.25
C GLY C 258 87.73 -9.50 -7.77
N GLU C 259 87.19 -8.37 -7.30
CA GLU C 259 87.40 -7.94 -5.93
C GLU C 259 86.73 -8.86 -4.91
N ASP C 260 85.75 -9.66 -5.35
CA ASP C 260 85.00 -10.54 -4.45
C ASP C 260 84.29 -11.58 -5.32
N PRO C 261 84.74 -12.83 -5.30
CA PRO C 261 84.18 -13.81 -6.24
C PRO C 261 82.78 -14.29 -5.90
N THR C 262 82.20 -13.90 -4.76
CA THR C 262 80.78 -14.16 -4.50
C THR C 262 79.85 -13.29 -5.34
N TRP C 263 80.41 -12.30 -6.05
CA TRP C 263 79.66 -11.42 -6.94
C TRP C 263 80.11 -11.72 -8.37
N LYS C 264 79.20 -11.51 -9.34
CA LYS C 264 79.50 -11.60 -10.76
C LYS C 264 79.24 -10.28 -11.44
N VAL C 265 79.69 -10.19 -12.70
CA VAL C 265 79.53 -8.99 -13.52
C VAL C 265 78.86 -9.38 -14.81
N THR C 266 77.74 -8.73 -15.11
CA THR C 266 77.03 -8.95 -16.36
C THR C 266 76.99 -7.64 -17.13
N GLU C 267 77.52 -7.64 -18.34
CA GLU C 267 77.49 -6.45 -19.16
C GLU C 267 76.60 -6.69 -20.37
N PHE C 268 75.74 -5.73 -20.68
CA PHE C 268 74.70 -5.88 -21.68
C PHE C 268 75.05 -5.18 -22.99
N GLU C 269 74.47 -5.68 -24.09
CA GLU C 269 74.67 -5.05 -25.39
C GLU C 269 74.14 -3.63 -25.36
N THR C 270 74.68 -2.79 -26.23
CA THR C 270 74.28 -1.40 -26.28
C THR C 270 72.81 -1.28 -26.65
N THR C 271 72.07 -0.42 -25.94
CA THR C 271 70.66 -0.26 -26.32
C THR C 271 70.55 0.47 -27.65
N PRO C 272 69.40 0.40 -28.31
CA PRO C 272 69.08 1.37 -29.35
C PRO C 272 69.00 2.77 -28.77
N ILE C 273 69.03 3.74 -29.67
CA ILE C 273 68.78 5.13 -29.30
C ILE C 273 67.40 5.22 -28.68
N MET C 274 67.32 5.74 -27.46
CA MET C 274 66.05 5.67 -26.75
C MET C 274 66.05 6.68 -25.61
N SER C 275 64.87 6.88 -25.04
CA SER C 275 64.65 7.77 -23.91
C SER C 275 65.11 7.15 -22.59
N THR C 276 65.62 8.01 -21.69
CA THR C 276 66.01 7.52 -20.36
C THR C 276 64.86 6.82 -19.64
N TYR C 277 63.61 7.28 -19.82
CA TYR C 277 62.54 6.68 -19.02
C TYR C 277 62.24 5.21 -19.39
N LEU C 278 62.93 4.65 -20.39
CA LEU C 278 62.71 3.29 -20.87
C LEU C 278 63.81 2.30 -20.45
N LEU C 279 64.82 2.77 -19.74
CA LEU C 279 65.90 1.90 -19.30
C LEU C 279 65.41 1.01 -18.16
N ALA C 280 65.86 -0.25 -18.14
CA ALA C 280 65.47 -1.14 -17.05
C ALA C 280 66.61 -2.10 -16.72
N TYR C 281 66.67 -2.50 -15.45
CA TYR C 281 67.58 -3.55 -15.03
C TYR C 281 67.08 -4.15 -13.74
N ILE C 282 67.22 -5.47 -13.63
CA ILE C 282 66.59 -6.24 -12.57
C ILE C 282 67.60 -7.29 -12.12
N VAL C 283 67.69 -7.51 -10.82
CA VAL C 283 68.53 -8.55 -10.24
C VAL C 283 67.65 -9.41 -9.34
N SER C 284 67.53 -10.70 -9.64
CA SER C 284 66.60 -11.54 -8.88
C SER C 284 67.00 -13.01 -8.98
N GLU C 285 66.29 -13.86 -8.22
CA GLU C 285 66.32 -15.31 -8.42
C GLU C 285 65.18 -15.83 -9.26
N PHE C 286 64.56 -15.00 -10.12
CA PHE C 286 63.35 -15.43 -10.80
C PHE C 286 63.60 -16.55 -11.80
N SER C 287 62.56 -17.34 -12.04
CA SER C 287 62.52 -18.36 -13.08
C SER C 287 61.80 -17.80 -14.30
N TYR C 288 61.84 -18.59 -15.38
CA TYR C 288 61.18 -18.16 -16.62
C TYR C 288 60.69 -19.36 -17.40
N VAL C 289 59.70 -19.10 -18.26
CA VAL C 289 59.41 -19.97 -19.39
C VAL C 289 59.75 -19.20 -20.66
N GLU C 290 59.99 -19.95 -21.73
CA GLU C 290 60.66 -19.43 -22.90
C GLU C 290 60.01 -19.95 -24.17
N THR C 291 59.91 -19.11 -25.18
CA THR C 291 59.54 -19.58 -26.52
C THR C 291 60.13 -18.59 -27.52
N ARG C 292 59.98 -18.91 -28.80
CA ARG C 292 60.36 -17.98 -29.86
C ARG C 292 59.11 -17.60 -30.64
N ALA C 293 58.93 -16.30 -30.84
CA ALA C 293 57.88 -15.83 -31.72
C ALA C 293 58.11 -16.40 -33.12
N PRO C 294 57.07 -16.57 -33.92
CA PRO C 294 57.27 -17.06 -35.29
C PRO C 294 58.25 -16.21 -36.08
N SER C 295 58.43 -14.93 -35.71
CA SER C 295 59.41 -14.06 -36.33
C SER C 295 60.83 -14.31 -35.86
N GLY C 296 61.01 -15.08 -34.78
CA GLY C 296 62.33 -15.36 -34.26
C GLY C 296 62.69 -14.60 -33.00
N VAL C 297 61.91 -13.58 -32.62
CA VAL C 297 62.17 -12.88 -31.37
C VAL C 297 62.01 -13.83 -30.19
N LEU C 298 62.99 -13.82 -29.28
CA LEU C 298 62.92 -14.61 -28.05
C LEU C 298 61.94 -13.99 -27.06
N ILE C 299 60.98 -14.79 -26.59
CA ILE C 299 59.98 -14.38 -25.61
C ILE C 299 60.24 -15.16 -24.33
N ARG C 300 60.39 -14.45 -23.23
CA ARG C 300 60.52 -15.09 -21.92
C ARG C 300 59.58 -14.42 -20.94
N ILE C 301 58.90 -15.24 -20.12
CA ILE C 301 58.03 -14.77 -19.05
C ILE C 301 58.71 -15.09 -17.72
N TRP C 302 59.01 -14.07 -16.94
CA TRP C 302 59.78 -14.19 -15.70
C TRP C 302 58.89 -13.89 -14.49
N ALA C 303 59.05 -14.67 -13.42
CA ALA C 303 58.29 -14.44 -12.20
C ALA C 303 58.95 -15.21 -11.05
N ARG C 304 58.41 -15.03 -9.84
CA ARG C 304 58.79 -15.90 -8.73
C ARG C 304 58.80 -17.36 -9.16
N PRO C 305 59.85 -18.11 -8.80
CA PRO C 305 59.91 -19.53 -9.21
C PRO C 305 58.65 -20.30 -8.89
N SER C 306 58.06 -20.09 -7.71
CA SER C 306 56.83 -20.79 -7.38
C SER C 306 55.74 -20.54 -8.42
N ALA C 307 55.61 -19.29 -8.87
CA ALA C 307 54.58 -18.96 -9.85
C ALA C 307 54.88 -19.61 -11.20
N ILE C 308 56.12 -19.52 -11.67
CA ILE C 308 56.49 -20.15 -12.94
C ILE C 308 56.29 -21.66 -12.88
N ASN C 309 56.70 -22.29 -11.77
CA ASN C 309 56.57 -23.74 -11.66
C ASN C 309 55.12 -24.19 -11.68
N GLN C 310 54.20 -23.37 -11.15
CA GLN C 310 52.78 -23.72 -11.21
C GLN C 310 52.14 -23.44 -12.56
N GLY C 311 52.88 -22.94 -13.55
CA GLY C 311 52.29 -22.66 -14.84
C GLY C 311 51.69 -21.28 -15.01
N HIS C 312 51.87 -20.39 -14.02
CA HIS C 312 51.19 -19.09 -14.08
C HIS C 312 51.74 -18.16 -15.15
N GLY C 313 52.91 -18.45 -15.71
CA GLY C 313 53.37 -17.67 -16.83
C GLY C 313 52.94 -18.20 -18.17
N ASP C 314 52.19 -19.31 -18.22
CA ASP C 314 52.01 -20.00 -19.48
C ASP C 314 51.11 -19.23 -20.43
N TYR C 315 50.04 -18.61 -19.92
CA TYR C 315 49.13 -17.88 -20.80
C TYR C 315 49.82 -16.69 -21.45
N ALA C 316 50.62 -15.96 -20.68
CA ALA C 316 51.40 -14.87 -21.26
C ALA C 316 52.39 -15.41 -22.30
N LEU C 317 52.97 -16.59 -22.05
CA LEU C 317 53.84 -17.20 -23.06
C LEU C 317 53.08 -17.52 -24.34
N LYS C 318 51.79 -17.86 -24.21
CA LYS C 318 51.00 -18.19 -25.39
C LYS C 318 50.76 -16.96 -26.25
N VAL C 319 50.43 -15.82 -25.64
CA VAL C 319 49.92 -14.70 -26.42
C VAL C 319 50.97 -13.65 -26.80
N THR C 320 52.09 -13.54 -26.05
CA THR C 320 52.99 -12.40 -26.22
C THR C 320 53.60 -12.37 -27.61
N GLY C 321 54.28 -13.45 -28.00
CA GLY C 321 54.93 -13.52 -29.29
C GLY C 321 53.99 -13.29 -30.46
N PRO C 322 52.84 -13.97 -30.45
CA PRO C 322 51.86 -13.70 -31.53
C PRO C 322 51.40 -12.26 -31.58
N ILE C 323 51.18 -11.60 -30.43
CA ILE C 323 50.76 -10.20 -30.46
C ILE C 323 51.89 -9.31 -30.98
N LEU C 324 53.12 -9.53 -30.52
CA LEU C 324 54.24 -8.75 -31.00
C LEU C 324 54.33 -8.84 -32.53
N ASP C 325 54.21 -10.06 -33.06
CA ASP C 325 54.32 -10.27 -34.50
C ASP C 325 53.15 -9.64 -35.23
N PHE C 326 51.96 -9.69 -34.64
CA PHE C 326 50.80 -9.03 -35.22
C PHE C 326 51.03 -7.52 -35.41
N PHE C 327 51.56 -6.85 -34.38
CA PHE C 327 51.87 -5.43 -34.51
C PHE C 327 52.96 -5.17 -35.54
N SER C 328 54.02 -5.99 -35.54
CA SER C 328 55.07 -5.84 -36.55
C SER C 328 54.50 -5.86 -37.96
N GLN C 329 53.60 -6.82 -38.21
CA GLN C 329 52.95 -6.95 -39.52
C GLN C 329 51.94 -5.83 -39.76
N HIS C 330 51.06 -5.60 -38.80
CA HIS C 330 49.97 -4.64 -38.99
C HIS C 330 50.45 -3.23 -39.31
N TYR C 331 51.53 -2.77 -38.66
CA TYR C 331 52.10 -1.47 -38.96
C TYR C 331 53.32 -1.54 -39.85
N ASP C 332 53.60 -2.72 -40.42
CA ASP C 332 54.69 -2.90 -41.38
C ASP C 332 56.00 -2.31 -40.87
N THR C 333 56.29 -2.55 -39.59
CA THR C 333 57.44 -1.95 -38.93
C THR C 333 57.98 -3.01 -37.98
N PRO C 334 59.10 -3.65 -38.30
CA PRO C 334 59.51 -4.83 -37.52
C PRO C 334 60.05 -4.43 -36.15
N TYR C 335 59.64 -5.19 -35.14
CA TYR C 335 60.28 -5.04 -33.84
C TYR C 335 61.78 -5.26 -34.02
N PRO C 336 62.63 -4.34 -33.55
CA PRO C 336 64.06 -4.41 -33.88
C PRO C 336 64.96 -5.16 -32.92
N LEU C 337 64.46 -5.59 -31.76
CA LEU C 337 65.30 -6.26 -30.79
C LEU C 337 65.21 -7.76 -30.98
N ASN C 338 66.18 -8.47 -30.40
CA ASN C 338 66.24 -9.92 -30.49
C ASN C 338 65.40 -10.60 -29.42
N LYS C 339 64.89 -9.87 -28.44
CA LYS C 339 64.08 -10.50 -27.42
C LYS C 339 63.13 -9.47 -26.83
N SER C 340 62.06 -9.96 -26.20
CA SER C 340 61.18 -9.13 -25.39
C SER C 340 60.86 -9.93 -24.13
N ASP C 341 61.51 -9.59 -23.02
CA ASP C 341 61.21 -10.20 -21.73
C ASP C 341 59.96 -9.56 -21.14
N GLN C 342 59.11 -10.38 -20.54
CA GLN C 342 58.00 -9.92 -19.72
C GLN C 342 58.26 -10.44 -18.31
N ILE C 343 58.23 -9.55 -17.31
CA ILE C 343 58.54 -9.97 -15.95
C ILE C 343 57.51 -9.42 -14.97
N ALA C 344 57.04 -10.28 -14.07
CA ALA C 344 56.03 -9.93 -13.07
C ALA C 344 56.74 -9.60 -11.76
N LEU C 345 56.49 -8.39 -11.24
CA LEU C 345 57.14 -7.90 -10.02
C LEU C 345 56.17 -7.93 -8.84
N PRO C 346 56.60 -8.35 -7.65
CA PRO C 346 55.68 -8.33 -6.50
C PRO C 346 55.32 -6.94 -6.03
N ASP C 347 56.15 -5.93 -6.30
CA ASP C 347 55.89 -4.55 -5.91
C ASP C 347 56.04 -3.63 -7.12
N PHE C 348 54.96 -2.98 -7.52
CA PHE C 348 54.93 -2.24 -8.79
C PHE C 348 53.78 -1.25 -8.77
N ASN C 349 54.07 0.03 -9.01
CA ASN C 349 53.05 1.06 -8.88
C ASN C 349 52.02 1.00 -10.00
N ALA C 350 52.48 0.99 -11.26
CA ALA C 350 51.58 1.22 -12.41
C ALA C 350 50.80 0.01 -12.90
N GLY C 351 51.08 -1.19 -12.49
CA GLY C 351 50.31 -2.09 -13.37
C GLY C 351 51.08 -2.73 -14.51
N ALA C 352 51.69 -1.96 -15.44
CA ALA C 352 52.81 -2.46 -16.24
C ALA C 352 53.57 -1.27 -16.87
N MET C 353 54.74 -1.55 -17.45
CA MET C 353 55.61 -0.52 -18.02
C MET C 353 56.46 -1.08 -19.17
N GLU C 354 56.50 -0.32 -20.27
CA GLU C 354 56.90 -0.85 -21.57
C GLU C 354 58.41 -0.82 -21.83
N ASN C 355 59.27 -0.90 -20.81
CA ASN C 355 60.71 -0.76 -21.03
C ASN C 355 61.18 -1.64 -22.19
N TRP C 356 61.93 -1.03 -23.09
CA TRP C 356 62.26 -1.63 -24.39
C TRP C 356 63.07 -2.90 -24.18
N GLY C 357 62.47 -4.05 -24.44
CA GLY C 357 63.14 -5.33 -24.28
C GLY C 357 62.92 -6.00 -22.93
N LEU C 358 62.37 -5.28 -21.94
CA LEU C 358 62.22 -5.81 -20.57
C LEU C 358 60.97 -5.15 -19.99
N VAL C 359 59.80 -5.69 -20.37
CA VAL C 359 58.52 -5.13 -19.99
C VAL C 359 58.16 -5.62 -18.59
N THR C 360 57.89 -4.69 -17.68
CA THR C 360 57.60 -5.03 -16.29
C THR C 360 56.10 -4.95 -16.02
N TYR C 361 55.62 -5.83 -15.13
CA TYR C 361 54.19 -5.98 -14.90
C TYR C 361 53.94 -6.15 -13.40
N ARG C 362 52.79 -5.66 -12.92
CA ARG C 362 52.20 -6.22 -11.72
C ARG C 362 51.94 -7.69 -11.94
N GLU C 363 52.09 -8.51 -10.89
CA GLU C 363 51.77 -9.94 -11.05
C GLU C 363 50.34 -10.11 -11.55
N SER C 364 49.43 -9.26 -11.07
CA SER C 364 48.02 -9.31 -11.45
C SER C 364 47.77 -8.97 -12.91
N ALA C 365 48.76 -8.40 -13.61
CA ALA C 365 48.60 -8.05 -15.01
C ALA C 365 49.29 -9.02 -15.96
N LEU C 366 50.02 -10.02 -15.44
CA LEU C 366 50.79 -10.92 -16.30
C LEU C 366 50.55 -12.39 -15.97
N LEU C 367 50.33 -12.73 -14.72
CA LEU C 367 50.25 -14.13 -14.30
C LEU C 367 48.80 -14.59 -14.38
N TYR C 368 48.60 -15.88 -14.57
CA TYR C 368 47.25 -16.39 -14.80
C TYR C 368 47.19 -17.84 -14.39
N ASP C 369 46.23 -18.17 -13.54
CA ASP C 369 46.03 -19.54 -13.06
C ASP C 369 44.74 -20.08 -13.67
N ARG C 370 44.88 -21.11 -14.52
CA ARG C 370 43.75 -21.76 -15.18
C ARG C 370 42.63 -22.14 -14.22
N GLN C 371 42.96 -22.59 -13.01
CA GLN C 371 41.94 -23.05 -12.09
C GLN C 371 41.41 -21.98 -11.14
N SER C 372 42.18 -20.93 -10.85
CA SER C 372 41.79 -20.02 -9.78
C SER C 372 41.56 -18.58 -10.22
N SER C 373 42.17 -18.16 -11.33
CA SER C 373 41.92 -16.82 -11.89
C SER C 373 40.56 -16.78 -12.58
N SER C 374 39.97 -15.59 -12.63
CA SER C 374 38.67 -15.41 -13.26
C SER C 374 38.83 -15.08 -14.74
N SER C 375 37.69 -15.01 -15.45
CA SER C 375 37.70 -14.60 -16.84
C SER C 375 38.14 -13.13 -17.00
N GLY C 376 37.67 -12.25 -16.11
CA GLY C 376 38.13 -10.87 -16.16
C GLY C 376 39.63 -10.75 -15.94
N ASN C 377 40.19 -11.60 -15.07
CA ASN C 377 41.65 -11.59 -14.87
C ASN C 377 42.36 -11.93 -16.17
N GLN C 378 41.85 -12.92 -16.90
CA GLN C 378 42.52 -13.29 -18.14
C GLN C 378 42.38 -12.20 -19.19
N GLU C 379 41.22 -11.55 -19.27
CA GLU C 379 41.08 -10.43 -20.22
C GLU C 379 42.06 -9.31 -19.89
N ARG C 380 42.23 -9.06 -18.60
CA ARG C 380 43.21 -8.10 -18.12
C ARG C 380 44.62 -8.42 -18.60
N VAL C 381 45.08 -9.67 -18.45
CA VAL C 381 46.42 -10.05 -18.89
C VAL C 381 46.60 -9.81 -20.39
N VAL C 382 45.69 -10.35 -21.20
CA VAL C 382 45.94 -10.19 -22.64
C VAL C 382 45.89 -8.72 -23.05
N THR C 383 45.00 -7.92 -22.43
CA THR C 383 44.89 -6.51 -22.77
C THR C 383 46.11 -5.71 -22.30
N VAL C 384 46.62 -5.98 -21.10
CA VAL C 384 47.80 -5.26 -20.64
C VAL C 384 49.02 -5.65 -21.45
N ILE C 385 49.20 -6.94 -21.74
CA ILE C 385 50.30 -7.35 -22.62
C ILE C 385 50.20 -6.61 -23.95
N ALA C 386 49.00 -6.58 -24.54
CA ALA C 386 48.83 -5.92 -25.82
C ALA C 386 49.16 -4.43 -25.73
N HIS C 387 48.72 -3.77 -24.65
CA HIS C 387 49.08 -2.38 -24.39
C HIS C 387 50.59 -2.19 -24.33
N GLU C 388 51.30 -3.01 -23.56
CA GLU C 388 52.75 -2.81 -23.44
C GLU C 388 53.46 -3.10 -24.76
N LEU C 389 53.00 -4.10 -25.50
CA LEU C 389 53.65 -4.38 -26.77
C LEU C 389 53.36 -3.27 -27.78
N ALA C 390 52.15 -2.70 -27.73
CA ALA C 390 51.86 -1.58 -28.61
C ALA C 390 52.85 -0.45 -28.40
N HIS C 391 53.26 -0.22 -27.15
CA HIS C 391 54.22 0.84 -26.86
C HIS C 391 55.58 0.63 -27.50
N GLN C 392 55.93 -0.59 -27.88
CA GLN C 392 57.24 -0.81 -28.50
C GLN C 392 57.36 0.05 -29.75
N TRP C 393 56.23 0.28 -30.43
CA TRP C 393 56.07 1.24 -31.52
C TRP C 393 55.70 2.62 -30.99
N PHE C 394 54.58 2.71 -30.27
CA PHE C 394 54.05 4.00 -29.85
C PHE C 394 54.59 4.36 -28.47
N GLY C 395 55.82 4.86 -28.48
CA GLY C 395 56.51 5.33 -27.30
C GLY C 395 57.99 4.99 -27.33
N ASN C 396 58.33 3.75 -27.69
CA ASN C 396 59.74 3.37 -27.67
C ASN C 396 60.44 3.74 -28.99
N LEU C 397 59.94 3.20 -30.10
CA LEU C 397 60.52 3.47 -31.41
C LEU C 397 60.30 4.93 -31.79
N VAL C 398 59.08 5.42 -31.63
CA VAL C 398 58.76 6.84 -31.80
C VAL C 398 58.20 7.35 -30.48
N THR C 399 58.65 8.53 -30.06
CA THR C 399 58.43 9.02 -28.71
C THR C 399 57.86 10.44 -28.77
N LEU C 400 56.91 10.73 -27.88
CA LEU C 400 56.52 12.12 -27.64
C LEU C 400 57.73 13.02 -27.42
N GLU C 401 57.60 14.27 -27.89
CA GLU C 401 58.61 15.29 -27.64
C GLU C 401 58.58 15.75 -26.19
N TRP C 402 57.40 15.89 -25.60
CA TRP C 402 57.28 16.31 -24.20
C TRP C 402 55.97 15.78 -23.64
N TRP C 403 55.91 15.71 -22.29
CA TRP C 403 54.84 14.99 -21.62
C TRP C 403 53.49 15.65 -21.80
N ASN C 404 53.43 16.89 -22.29
CA ASN C 404 52.14 17.48 -22.52
C ASN C 404 51.38 16.78 -23.65
N ASP C 405 52.07 16.00 -24.46
CA ASP C 405 51.48 15.26 -25.57
C ASP C 405 51.52 13.76 -25.27
N LEU C 406 51.20 13.41 -24.02
CA LEU C 406 51.32 12.01 -23.58
C LEU C 406 50.46 11.08 -24.42
N TRP C 407 49.28 11.53 -24.82
CA TRP C 407 48.40 10.76 -25.70
C TRP C 407 49.12 10.16 -26.91
N LEU C 408 50.17 10.81 -27.42
CA LEU C 408 50.91 10.22 -28.53
C LEU C 408 51.45 8.84 -28.15
N ASN C 409 51.82 8.65 -26.88
CA ASN C 409 52.19 7.32 -26.39
C ASN C 409 50.97 6.52 -25.92
N GLU C 410 50.24 7.01 -24.90
CA GLU C 410 49.24 6.11 -24.32
C GLU C 410 47.87 6.20 -24.96
N GLY C 411 47.54 7.27 -25.69
CA GLY C 411 46.32 7.22 -26.50
C GLY C 411 46.42 6.13 -27.55
N PHE C 412 47.56 6.10 -28.27
CA PHE C 412 47.82 5.04 -29.23
C PHE C 412 47.84 3.68 -28.55
N ALA C 413 48.66 3.52 -27.51
CA ALA C 413 48.70 2.22 -26.83
C ALA C 413 47.32 1.79 -26.35
N SER C 414 46.54 2.71 -25.79
CA SER C 414 45.24 2.32 -25.24
C SER C 414 44.26 1.95 -26.34
N TYR C 415 44.43 2.50 -27.55
CA TYR C 415 43.58 2.09 -28.67
C TYR C 415 44.11 0.80 -29.30
N VAL C 416 45.42 0.75 -29.54
CA VAL C 416 46.03 -0.38 -30.25
C VAL C 416 45.95 -1.66 -29.43
N GLU C 417 45.93 -1.54 -28.09
CA GLU C 417 45.82 -2.74 -27.24
C GLU C 417 44.61 -3.59 -27.63
N TYR C 418 43.54 -2.95 -28.11
CA TYR C 418 42.35 -3.70 -28.47
C TYR C 418 42.56 -4.49 -29.74
N LEU C 419 43.29 -3.94 -30.72
CA LEU C 419 43.61 -4.69 -31.92
C LEU C 419 44.50 -5.89 -31.60
N GLY C 420 45.52 -5.70 -30.76
CA GLY C 420 46.38 -6.82 -30.38
C GLY C 420 45.66 -7.90 -29.60
N ALA C 421 44.89 -7.50 -28.58
CA ALA C 421 44.16 -8.46 -27.78
C ALA C 421 43.10 -9.19 -28.62
N ASP C 422 42.42 -8.44 -29.50
CA ASP C 422 41.42 -9.07 -30.38
C ASP C 422 42.07 -10.11 -31.27
N PHE C 423 43.31 -9.85 -31.73
CA PHE C 423 44.04 -10.82 -32.53
C PHE C 423 44.29 -12.10 -31.75
N ALA C 424 44.69 -11.97 -30.48
CA ALA C 424 45.01 -13.16 -29.68
C ALA C 424 43.75 -13.91 -29.27
N GLU C 425 42.66 -13.21 -29.00
CA GLU C 425 41.43 -13.80 -28.49
C GLU C 425 40.24 -13.30 -29.30
N PRO C 426 40.15 -13.73 -30.57
CA PRO C 426 39.10 -13.18 -31.44
C PRO C 426 37.69 -13.59 -31.06
N THR C 427 37.50 -14.66 -30.27
CA THR C 427 36.13 -15.02 -29.91
C THR C 427 35.55 -14.14 -28.81
N TRP C 428 36.36 -13.28 -28.17
CA TRP C 428 35.87 -12.54 -27.02
C TRP C 428 35.11 -11.28 -27.42
N ASN C 429 35.37 -10.75 -28.62
CA ASN C 429 34.82 -9.47 -29.07
C ASN C 429 35.21 -8.32 -28.16
N LEU C 430 36.51 -8.19 -27.90
CA LEU C 430 36.98 -7.17 -26.97
C LEU C 430 36.91 -5.75 -27.51
N LYS C 431 36.93 -5.56 -28.83
CA LYS C 431 36.88 -4.20 -29.38
C LYS C 431 35.64 -3.44 -28.90
N ASP C 432 34.53 -4.13 -28.72
CA ASP C 432 33.31 -3.44 -28.34
C ASP C 432 33.42 -2.86 -26.93
N LEU C 433 34.19 -3.51 -26.05
CA LEU C 433 34.34 -3.06 -24.68
C LEU C 433 35.06 -1.73 -24.55
N MET C 434 35.62 -1.20 -25.63
CA MET C 434 36.32 0.07 -25.53
C MET C 434 35.36 1.22 -25.22
N VAL C 435 34.08 1.08 -25.59
CA VAL C 435 33.12 2.13 -25.26
C VAL C 435 32.91 2.23 -23.75
N LEU C 436 32.68 1.10 -23.10
CA LEU C 436 32.56 1.14 -21.63
C LEU C 436 33.89 1.46 -20.96
N ASN C 437 34.98 0.82 -21.42
CA ASN C 437 36.23 0.86 -20.66
C ASN C 437 37.00 2.15 -20.87
N ASP C 438 36.79 2.85 -21.99
CA ASP C 438 37.58 4.03 -22.25
C ASP C 438 36.69 5.23 -22.50
N VAL C 439 35.76 5.13 -23.45
CA VAL C 439 34.95 6.31 -23.77
C VAL C 439 34.17 6.76 -22.54
N TYR C 440 33.40 5.86 -21.94
CA TYR C 440 32.56 6.29 -20.84
C TYR C 440 33.36 6.51 -19.56
N ARG C 441 34.54 5.90 -19.48
CA ARG C 441 35.41 6.18 -18.35
C ARG C 441 35.85 7.64 -18.33
N VAL C 442 36.22 8.19 -19.49
CA VAL C 442 36.82 9.51 -19.47
C VAL C 442 35.77 10.62 -19.61
N MET C 443 34.59 10.30 -20.13
CA MET C 443 33.62 11.34 -20.42
C MET C 443 33.17 12.05 -19.14
N ALA C 444 33.23 11.35 -18.00
CA ALA C 444 32.87 11.98 -16.73
C ALA C 444 33.81 13.14 -16.39
N VAL C 445 35.11 12.95 -16.56
CA VAL C 445 36.07 14.01 -16.27
C VAL C 445 36.09 15.07 -17.36
N ASP C 446 35.99 14.66 -18.63
CA ASP C 446 36.06 15.62 -19.73
C ASP C 446 34.83 16.52 -19.84
N ALA C 447 33.81 16.31 -19.02
CA ALA C 447 32.65 17.19 -18.94
C ALA C 447 32.80 18.26 -17.87
N LEU C 448 34.01 18.47 -17.34
CA LEU C 448 34.27 19.51 -16.35
C LEU C 448 35.06 20.65 -16.96
N ALA C 449 34.90 21.84 -16.36
CA ALA C 449 35.71 23.00 -16.72
C ALA C 449 37.16 22.80 -16.35
N SER C 450 37.42 21.97 -15.34
CA SER C 450 38.77 21.65 -14.90
C SER C 450 39.34 20.42 -15.60
N SER C 451 38.79 20.02 -16.74
CA SER C 451 39.45 19.01 -17.57
C SER C 451 40.67 19.66 -18.25
N HIS C 452 41.31 18.94 -19.16
CA HIS C 452 42.42 19.52 -19.90
C HIS C 452 42.45 18.87 -21.28
N PRO C 453 43.02 19.55 -22.28
CA PRO C 453 43.04 18.98 -23.63
C PRO C 453 44.03 17.84 -23.74
N LEU C 454 43.79 16.99 -24.75
CA LEU C 454 44.76 15.97 -25.11
C LEU C 454 46.17 16.58 -25.24
N SER C 455 46.28 17.65 -26.02
CA SER C 455 47.54 18.37 -26.13
C SER C 455 47.40 19.62 -25.27
N THR C 456 47.87 19.54 -24.03
CA THR C 456 47.85 20.63 -23.08
C THR C 456 49.03 21.57 -23.35
N PRO C 457 48.84 22.87 -23.23
CA PRO C 457 49.99 23.78 -23.37
C PRO C 457 51.15 23.32 -22.49
N ALA C 458 52.34 23.24 -23.09
CA ALA C 458 53.49 22.64 -22.41
C ALA C 458 53.79 23.30 -21.07
N SER C 459 53.54 24.61 -20.94
CA SER C 459 53.98 25.27 -19.71
C SER C 459 53.18 24.79 -18.52
N GLU C 460 52.00 24.25 -18.76
CA GLU C 460 51.21 23.67 -17.69
C GLU C 460 51.72 22.31 -17.25
N ILE C 461 52.60 21.70 -18.03
CA ILE C 461 53.11 20.36 -17.73
C ILE C 461 54.63 20.50 -17.61
N ASN C 462 55.06 20.96 -16.42
CA ASN C 462 56.41 21.43 -16.11
C ASN C 462 57.18 20.59 -15.10
N THR C 463 56.62 20.47 -13.90
CA THR C 463 57.27 19.85 -12.76
C THR C 463 56.99 18.36 -12.79
N PRO C 464 57.75 17.56 -12.03
CA PRO C 464 57.45 16.12 -11.98
C PRO C 464 56.05 15.80 -11.46
N ALA C 465 55.51 16.61 -10.54
CA ALA C 465 54.14 16.39 -10.07
C ALA C 465 53.13 16.59 -11.19
N GLN C 466 53.32 17.62 -12.01
CA GLN C 466 52.42 17.87 -13.14
C GLN C 466 52.58 16.82 -14.22
N ILE C 467 53.81 16.41 -14.50
CA ILE C 467 54.04 15.30 -15.43
C ILE C 467 53.34 14.05 -14.93
N SER C 468 53.57 13.70 -13.65
CA SER C 468 52.93 12.51 -13.12
C SER C 468 51.43 12.60 -13.24
N GLU C 469 50.84 13.76 -12.98
CA GLU C 469 49.38 13.85 -12.97
C GLU C 469 48.80 13.61 -14.36
N VAL C 470 49.52 13.98 -15.42
CA VAL C 470 48.91 13.95 -16.75
C VAL C 470 48.79 12.52 -17.28
N PHE C 471 49.34 11.53 -16.56
CA PHE C 471 49.06 10.10 -16.78
C PHE C 471 47.67 9.81 -16.24
N ASP C 472 46.66 10.14 -17.04
CA ASP C 472 45.31 10.26 -16.52
C ASP C 472 44.34 9.75 -17.57
N SER C 473 43.05 9.81 -17.25
CA SER C 473 42.06 9.23 -18.17
C SER C 473 41.95 10.04 -19.45
N ILE C 474 42.31 11.32 -19.45
CA ILE C 474 42.37 12.07 -20.71
C ILE C 474 43.43 11.47 -21.62
N SER C 475 44.68 11.43 -21.14
CA SER C 475 45.79 10.99 -21.98
C SER C 475 45.59 9.55 -22.43
N TYR C 476 45.09 8.70 -21.54
CA TYR C 476 44.86 7.28 -21.85
C TYR C 476 43.56 7.08 -22.62
N SER C 477 42.43 7.38 -22.00
CA SER C 477 41.13 6.94 -22.53
C SER C 477 40.51 7.92 -23.53
N LYS C 478 40.61 9.22 -23.32
CA LYS C 478 40.20 10.09 -24.43
C LYS C 478 41.13 9.93 -25.62
N GLY C 479 42.43 9.77 -25.36
CA GLY C 479 43.36 9.51 -26.45
C GLY C 479 42.95 8.30 -27.27
N ALA C 480 42.61 7.21 -26.59
CA ALA C 480 42.10 6.02 -27.28
C ALA C 480 40.80 6.31 -28.03
N SER C 481 39.89 7.07 -27.40
CA SER C 481 38.59 7.35 -27.97
C SER C 481 38.71 8.18 -29.23
N VAL C 482 39.61 9.17 -29.20
CA VAL C 482 39.77 10.04 -30.36
C VAL C 482 40.45 9.29 -31.50
N LEU C 483 41.44 8.45 -31.20
CA LEU C 483 42.04 7.67 -32.29
C LEU C 483 41.11 6.56 -32.79
N ARG C 484 40.25 6.00 -31.94
CA ARG C 484 39.19 5.10 -32.40
C ARG C 484 38.28 5.80 -33.41
N MET C 485 37.82 7.01 -33.06
CA MET C 485 37.06 7.84 -34.00
C MET C 485 37.78 7.95 -35.34
N LEU C 486 39.03 8.39 -35.28
CA LEU C 486 39.79 8.68 -36.49
C LEU C 486 39.93 7.41 -37.32
N SER C 487 40.35 6.31 -36.66
CA SER C 487 40.39 5.02 -37.33
C SER C 487 39.04 4.61 -37.90
N ASN C 488 37.94 5.03 -37.29
CA ASN C 488 36.67 4.63 -37.85
C ASN C 488 36.31 5.45 -39.09
N PHE C 489 36.40 6.78 -39.03
CA PHE C 489 35.86 7.54 -40.16
C PHE C 489 36.76 7.49 -41.38
N LEU C 490 38.05 7.36 -41.20
CA LEU C 490 38.86 6.85 -42.29
C LEU C 490 39.08 5.41 -41.88
N THR C 491 39.28 4.51 -42.80
CA THR C 491 39.14 3.15 -42.31
C THR C 491 40.40 2.70 -41.58
N GLU C 492 40.31 1.54 -40.93
CA GLU C 492 41.48 1.00 -40.24
C GLU C 492 42.60 0.66 -41.21
N ASP C 493 42.25 0.10 -42.38
CA ASP C 493 43.30 -0.20 -43.35
C ASP C 493 44.03 1.05 -43.81
N LEU C 494 43.33 2.17 -43.91
CA LEU C 494 43.99 3.43 -44.31
C LEU C 494 44.80 3.99 -43.15
N PHE C 495 44.17 4.06 -41.98
CA PHE C 495 44.85 4.47 -40.75
C PHE C 495 46.21 3.80 -40.60
N LYS C 496 46.27 2.47 -40.69
CA LYS C 496 47.51 1.77 -40.39
C LYS C 496 48.60 2.06 -41.42
N MET C 497 48.23 2.37 -42.66
CA MET C 497 49.25 2.72 -43.65
C MET C 497 49.83 4.10 -43.36
N GLY C 498 48.98 5.03 -42.92
CA GLY C 498 49.49 6.33 -42.49
C GLY C 498 50.35 6.24 -41.24
N ILE C 499 49.96 5.38 -40.30
CA ILE C 499 50.80 5.14 -39.12
C ILE C 499 52.14 4.56 -39.55
N ALA C 500 52.13 3.60 -40.47
CA ALA C 500 53.37 2.98 -40.91
C ALA C 500 54.35 4.01 -41.45
N SER C 501 53.84 4.92 -42.30
CA SER C 501 54.64 6.03 -42.80
C SER C 501 55.23 6.88 -41.69
N TYR C 502 54.37 7.31 -40.75
CA TYR C 502 54.78 8.05 -39.57
C TYR C 502 55.91 7.33 -38.83
N LEU C 503 55.71 6.03 -38.57
CA LEU C 503 56.70 5.24 -37.84
C LEU C 503 58.02 5.16 -38.60
N HIS C 504 57.95 4.94 -39.92
CA HIS C 504 59.18 4.81 -40.69
C HIS C 504 59.96 6.12 -40.71
N THR C 505 59.25 7.25 -40.71
CA THR C 505 59.93 8.54 -40.84
C THR C 505 60.55 8.98 -39.53
N TYR C 506 59.89 8.74 -38.40
CA TYR C 506 60.35 9.34 -37.15
C TYR C 506 60.93 8.31 -36.19
N LYS C 507 61.20 7.09 -36.65
CA LYS C 507 61.81 6.09 -35.78
C LYS C 507 63.12 6.59 -35.16
N TYR C 508 63.34 6.20 -33.90
CA TYR C 508 64.49 6.61 -33.11
C TYR C 508 64.51 8.11 -32.85
N GLY C 509 63.36 8.76 -32.97
CA GLY C 509 63.26 10.20 -32.78
C GLY C 509 62.02 10.56 -32.00
N ASN C 510 61.63 11.83 -32.05
CA ASN C 510 60.52 12.33 -31.26
C ASN C 510 59.56 13.09 -32.14
N THR C 511 58.28 13.10 -31.77
CA THR C 511 57.28 13.67 -32.66
C THR C 511 56.38 14.70 -31.97
N ILE C 512 55.78 15.53 -32.82
CA ILE C 512 54.70 16.44 -32.46
C ILE C 512 53.44 15.98 -33.20
N TYR C 513 52.27 16.27 -32.63
CA TYR C 513 51.00 15.84 -33.24
C TYR C 513 50.93 16.21 -34.72
N LEU C 514 51.59 17.30 -35.11
CA LEU C 514 51.48 17.76 -36.49
C LEU C 514 52.22 16.83 -37.43
N ASN C 515 53.26 16.13 -36.93
CA ASN C 515 53.95 15.13 -37.73
C ASN C 515 53.01 14.00 -38.13
N LEU C 516 52.11 13.62 -37.21
CA LEU C 516 51.20 12.51 -37.47
C LEU C 516 50.21 12.84 -38.60
N TRP C 517 49.59 14.03 -38.54
CA TRP C 517 48.50 14.35 -39.46
C TRP C 517 48.94 14.31 -40.91
N GLU C 518 50.14 14.77 -41.17
CA GLU C 518 50.71 14.77 -42.51
C GLU C 518 50.75 13.38 -43.12
N HIS C 519 51.26 12.40 -42.36
CA HIS C 519 51.40 11.06 -42.88
C HIS C 519 50.05 10.40 -43.07
N LEU C 520 49.10 10.74 -42.20
CA LEU C 520 47.72 10.30 -42.40
C LEU C 520 47.13 10.96 -43.64
N GLN C 521 47.39 12.27 -43.81
CA GLN C 521 46.88 13.01 -44.97
C GLN C 521 47.40 12.42 -46.28
N GLN C 522 48.68 12.05 -46.30
CA GLN C 522 49.29 11.48 -47.50
C GLN C 522 48.55 10.22 -47.94
N VAL C 523 48.26 9.33 -46.99
CA VAL C 523 47.58 8.08 -47.32
C VAL C 523 46.16 8.35 -47.76
N VAL C 524 45.46 9.26 -47.08
CA VAL C 524 44.12 9.62 -47.54
C VAL C 524 44.17 10.18 -48.95
N ASP C 525 45.19 10.97 -49.26
CA ASP C 525 45.22 11.66 -50.54
C ASP C 525 45.60 10.73 -51.70
N LYS C 526 45.97 9.47 -51.41
CA LYS C 526 46.43 8.47 -52.37
C LYS C 526 45.32 7.56 -52.87
N GLN C 527 44.10 7.75 -52.39
CA GLN C 527 42.97 6.90 -52.73
C GLN C 527 41.74 7.79 -52.89
N PRO C 528 40.77 7.35 -53.67
CA PRO C 528 39.61 8.20 -53.94
C PRO C 528 38.37 7.89 -53.11
N THR C 529 38.34 6.76 -52.42
CA THR C 529 37.05 6.33 -51.91
C THR C 529 36.69 6.98 -50.58
N ILE C 530 37.66 7.22 -49.70
CA ILE C 530 37.42 7.88 -48.42
C ILE C 530 37.68 9.36 -48.58
N LYS C 531 36.67 10.19 -48.33
CA LYS C 531 36.74 11.63 -48.51
C LYS C 531 36.37 12.35 -47.22
N LEU C 532 37.17 13.30 -46.84
CA LEU C 532 36.94 14.06 -45.62
C LEU C 532 36.49 15.50 -45.92
N PRO C 533 35.68 16.11 -45.06
CA PRO C 533 35.21 17.49 -45.31
C PRO C 533 36.29 18.54 -45.17
N ASP C 534 37.48 18.19 -44.67
CA ASP C 534 38.57 19.13 -44.46
C ASP C 534 39.84 18.30 -44.33
N THR C 535 40.97 18.97 -44.11
CA THR C 535 42.20 18.23 -43.90
C THR C 535 42.13 17.42 -42.59
N VAL C 536 42.98 16.38 -42.51
CA VAL C 536 43.11 15.62 -41.27
C VAL C 536 43.52 16.55 -40.12
N SER C 537 44.48 17.44 -40.37
CA SER C 537 44.93 18.32 -39.30
C SER C 537 43.82 19.28 -38.85
N ALA C 538 43.05 19.83 -39.79
CA ALA C 538 41.94 20.69 -39.40
C ALA C 538 40.93 19.97 -38.53
N ILE C 539 40.55 18.75 -38.92
CA ILE C 539 39.57 18.00 -38.14
C ILE C 539 40.14 17.66 -36.77
N MET C 540 41.36 17.15 -36.75
CA MET C 540 41.87 16.51 -35.56
C MET C 540 42.34 17.53 -34.54
N ASP C 541 42.64 18.76 -35.00
CA ASP C 541 43.00 19.84 -34.08
C ASP C 541 41.86 20.15 -33.12
N ARG C 542 40.61 20.03 -33.58
CA ARG C 542 39.47 20.33 -32.72
C ARG C 542 39.34 19.34 -31.57
N TRP C 543 39.80 18.11 -31.76
CA TRP C 543 39.70 17.03 -30.76
C TRP C 543 40.95 16.93 -29.90
N ILE C 544 42.04 17.57 -30.31
CA ILE C 544 43.33 17.47 -29.66
C ILE C 544 43.64 18.74 -28.85
N LEU C 545 43.35 19.92 -29.38
CA LEU C 545 43.85 21.15 -28.79
C LEU C 545 42.86 21.81 -27.86
N GLN C 546 41.60 21.42 -27.89
CA GLN C 546 40.64 21.95 -26.95
C GLN C 546 40.06 20.76 -26.18
N MET C 547 39.72 21.02 -24.94
CA MET C 547 39.24 19.99 -24.03
C MET C 547 37.77 19.72 -24.30
N GLY C 548 37.26 18.64 -23.71
CA GLY C 548 35.85 18.37 -23.74
C GLY C 548 35.35 17.78 -25.05
N PHE C 549 34.03 17.72 -25.16
CA PHE C 549 33.32 17.13 -26.28
C PHE C 549 31.96 17.78 -26.39
N PRO C 550 31.34 17.73 -27.57
CA PRO C 550 29.99 18.28 -27.74
C PRO C 550 28.89 17.30 -27.40
N VAL C 551 27.76 17.86 -26.97
CA VAL C 551 26.48 17.16 -27.08
C VAL C 551 25.84 17.57 -28.40
N ILE C 552 25.49 16.57 -29.20
CA ILE C 552 24.83 16.77 -30.49
C ILE C 552 23.34 16.63 -30.24
N THR C 553 22.59 17.69 -30.51
CA THR C 553 21.16 17.74 -30.23
C THR C 553 20.39 17.68 -31.54
N VAL C 554 19.39 16.81 -31.61
CA VAL C 554 18.60 16.63 -32.81
C VAL C 554 17.14 16.96 -32.49
N ASP C 555 16.55 17.83 -33.32
CA ASP C 555 15.10 18.04 -33.36
C ASP C 555 14.56 17.28 -34.56
N THR C 556 13.98 16.10 -34.32
CA THR C 556 13.48 15.28 -35.41
C THR C 556 12.26 15.91 -36.08
N GLN C 557 11.57 16.81 -35.40
CA GLN C 557 10.44 17.48 -36.02
C GLN C 557 10.87 18.31 -37.21
N THR C 558 12.12 18.80 -37.20
CA THR C 558 12.60 19.70 -38.25
C THR C 558 13.92 19.27 -38.88
N GLY C 559 14.62 18.29 -38.31
CA GLY C 559 15.95 17.97 -38.82
C GLY C 559 17.02 18.97 -38.43
N THR C 560 16.76 19.79 -37.42
CA THR C 560 17.77 20.68 -36.90
C THR C 560 18.74 19.87 -36.03
N ILE C 561 20.03 20.09 -36.24
CA ILE C 561 21.10 19.44 -35.49
C ILE C 561 22.09 20.50 -35.02
N SER C 562 22.31 20.56 -33.71
CA SER C 562 23.15 21.58 -33.10
C SER C 562 24.22 20.95 -32.21
N GLN C 563 25.28 21.69 -31.94
CA GLN C 563 26.35 21.23 -31.06
C GLN C 563 26.67 22.29 -30.03
N GLN C 564 27.10 21.83 -28.85
CA GLN C 564 27.58 22.75 -27.83
C GLN C 564 28.45 21.97 -26.86
N HIS C 565 29.42 22.66 -26.30
CA HIS C 565 30.34 22.04 -25.35
C HIS C 565 29.55 21.43 -24.20
N PHE C 566 29.72 20.14 -23.95
CA PHE C 566 28.93 19.50 -22.91
C PHE C 566 29.58 19.73 -21.55
N LEU C 567 28.80 20.30 -20.63
CA LEU C 567 29.28 20.63 -19.30
C LEU C 567 28.36 20.00 -18.27
N LEU C 568 28.94 19.25 -17.34
CA LEU C 568 28.14 18.51 -16.37
C LEU C 568 27.31 19.46 -15.51
N ASP C 569 27.86 20.62 -15.18
CA ASP C 569 27.11 21.63 -14.45
C ASP C 569 27.05 22.87 -15.34
N PRO C 570 25.87 23.30 -15.78
CA PRO C 570 25.79 24.47 -16.68
C PRO C 570 26.35 25.74 -16.07
N GLN C 571 26.47 25.82 -14.76
CA GLN C 571 27.37 26.83 -14.20
C GLN C 571 28.66 26.26 -13.65
N SER C 572 29.38 25.53 -14.48
CA SER C 572 30.82 25.56 -14.44
C SER C 572 31.25 26.72 -15.33
N VAL C 573 32.25 27.46 -14.87
CA VAL C 573 32.75 28.63 -15.59
C VAL C 573 34.00 28.16 -16.33
N VAL C 574 33.90 28.09 -17.66
CA VAL C 574 35.04 27.64 -18.46
C VAL C 574 36.00 28.82 -18.63
N THR C 575 37.13 28.75 -17.96
CA THR C 575 38.18 29.73 -18.09
C THR C 575 39.25 29.35 -19.10
N ARG C 576 39.27 28.10 -19.54
CA ARG C 576 40.25 27.70 -20.55
C ARG C 576 39.74 28.15 -21.91
N PRO C 577 40.46 29.01 -22.62
CA PRO C 577 39.97 29.45 -23.92
C PRO C 577 40.26 28.40 -24.99
N SER C 578 39.38 28.31 -25.97
CA SER C 578 39.69 27.55 -27.17
C SER C 578 39.65 28.48 -28.37
N GLN C 579 40.68 28.40 -29.21
CA GLN C 579 40.73 29.13 -30.47
C GLN C 579 39.60 28.77 -31.43
N PHE C 580 38.92 27.62 -31.22
CA PHE C 580 37.77 27.26 -32.02
C PHE C 580 36.43 27.56 -31.36
N ASN C 581 36.44 28.23 -30.20
CA ASN C 581 35.21 28.57 -29.47
C ASN C 581 34.36 27.34 -29.15
N TYR C 582 35.03 26.23 -28.87
CA TYR C 582 34.36 24.98 -28.49
C TYR C 582 33.32 24.55 -29.53
N LEU C 583 33.78 24.51 -30.77
CA LEU C 583 33.06 23.88 -31.87
C LEU C 583 33.96 22.81 -32.47
N TRP C 584 33.36 21.71 -32.89
CA TRP C 584 34.06 20.59 -33.48
C TRP C 584 33.53 20.32 -34.89
N ILE C 585 34.34 19.62 -35.66
CA ILE C 585 33.93 19.00 -36.93
C ILE C 585 33.63 17.53 -36.64
N VAL C 586 32.37 17.13 -36.70
CA VAL C 586 31.91 15.89 -36.05
C VAL C 586 31.47 14.87 -37.10
N PRO C 587 32.08 13.67 -37.14
CA PRO C 587 31.57 12.61 -38.01
C PRO C 587 30.37 11.92 -37.37
N ILE C 588 29.26 11.84 -38.12
CA ILE C 588 27.99 11.43 -37.56
C ILE C 588 27.36 10.34 -38.43
N SER C 589 27.36 9.14 -37.90
CA SER C 589 26.64 8.01 -38.44
C SER C 589 25.22 7.97 -37.86
N SER C 590 24.33 7.25 -38.54
CA SER C 590 22.93 7.21 -38.09
C SER C 590 22.18 6.08 -38.78
N VAL C 591 21.09 5.66 -38.12
CA VAL C 591 20.10 4.77 -38.72
C VAL C 591 18.72 5.36 -38.54
N ARG C 592 17.82 4.91 -39.41
CA ARG C 592 16.41 5.23 -39.36
C ARG C 592 15.68 3.93 -39.10
N SER C 593 15.12 3.77 -37.91
CA SER C 593 14.36 2.58 -37.56
C SER C 593 15.15 1.31 -37.84
N GLY C 594 16.47 1.35 -37.63
CA GLY C 594 17.33 0.20 -37.76
C GLY C 594 18.12 0.14 -39.05
N SER C 595 17.65 0.80 -40.09
CA SER C 595 18.40 0.67 -41.33
C SER C 595 19.29 1.89 -41.54
N PRO C 596 20.52 1.69 -42.02
CA PRO C 596 21.49 2.78 -42.02
C PRO C 596 21.11 3.90 -42.99
N GLN C 597 21.51 5.11 -42.63
CA GLN C 597 21.45 6.25 -43.51
C GLN C 597 22.85 6.57 -44.02
N ALA C 598 22.92 7.53 -44.94
CA ALA C 598 24.21 8.03 -45.38
C ALA C 598 24.93 8.72 -44.23
N HIS C 599 26.26 8.68 -44.28
CA HIS C 599 27.09 9.36 -43.30
C HIS C 599 27.00 10.87 -43.43
N TYR C 600 27.16 11.56 -42.30
CA TYR C 600 27.04 13.01 -42.25
C TYR C 600 28.18 13.58 -41.42
N TRP C 601 28.75 14.70 -41.86
CA TRP C 601 29.67 15.47 -41.04
C TRP C 601 29.04 16.78 -40.64
N LEU C 602 28.96 17.04 -39.34
CA LEU C 602 28.54 18.34 -38.87
C LEU C 602 29.75 19.28 -38.94
N PRO C 603 29.66 20.38 -39.68
CA PRO C 603 30.82 21.28 -39.77
C PRO C 603 31.01 22.06 -38.49
N GLY C 604 32.11 22.81 -38.44
CA GLY C 604 32.41 23.65 -37.29
C GLY C 604 31.45 24.82 -37.09
N VAL C 605 30.17 24.52 -37.01
CA VAL C 605 29.13 25.52 -36.85
C VAL C 605 28.21 25.10 -35.72
N GLU C 606 27.63 26.09 -35.04
CA GLU C 606 26.74 25.80 -33.93
C GLU C 606 25.53 24.98 -34.36
N LYS C 607 24.97 25.27 -35.54
CA LYS C 607 23.63 24.75 -35.84
C LYS C 607 23.52 24.53 -37.34
N ALA C 608 22.75 23.51 -37.70
CA ALA C 608 22.58 23.13 -39.11
C ALA C 608 21.27 22.37 -39.23
N GLN C 609 20.91 22.03 -40.46
CA GLN C 609 19.67 21.34 -40.74
C GLN C 609 19.93 20.29 -41.80
N ASN C 610 19.33 19.12 -41.64
CA ASN C 610 19.42 18.07 -42.63
C ASN C 610 18.26 17.10 -42.44
N ASP C 611 17.68 16.66 -43.57
CA ASP C 611 16.52 15.79 -43.50
C ASP C 611 16.85 14.41 -42.96
N LEU C 612 18.12 14.00 -43.00
CA LEU C 612 18.51 12.74 -42.37
C LEU C 612 18.03 12.66 -40.91
N PHE C 613 17.85 13.81 -40.26
CA PHE C 613 17.46 13.88 -38.85
C PHE C 613 16.04 14.39 -38.65
N LYS C 614 15.27 14.55 -39.71
CA LYS C 614 13.84 14.83 -39.64
C LYS C 614 13.07 13.53 -39.82
N THR C 615 12.11 13.27 -38.93
CA THR C 615 11.33 12.04 -38.97
C THR C 615 9.84 12.37 -39.00
N THR C 616 9.03 11.34 -39.22
CA THR C 616 7.57 11.42 -39.22
C THR C 616 7.03 10.63 -38.02
N ALA C 617 5.71 10.72 -37.82
CA ALA C 617 5.08 10.14 -36.64
C ALA C 617 5.39 8.66 -36.44
N ASN C 618 5.80 7.94 -37.50
CA ASN C 618 6.06 6.50 -37.41
C ASN C 618 7.53 6.15 -37.57
N ASP C 619 8.45 7.07 -37.23
CA ASP C 619 9.86 6.84 -37.50
C ASP C 619 10.73 7.48 -36.42
N TRP C 620 11.80 6.78 -36.02
CA TRP C 620 12.81 7.30 -35.11
C TRP C 620 14.19 7.23 -35.74
N VAL C 621 15.08 8.12 -35.30
CA VAL C 621 16.48 8.06 -35.71
C VAL C 621 17.38 7.91 -34.49
N LEU C 622 18.61 7.49 -34.76
CA LEU C 622 19.61 7.26 -33.73
C LEU C 622 20.96 7.57 -34.34
N LEU C 623 21.77 8.34 -33.63
CA LEU C 623 23.05 8.80 -34.13
C LEU C 623 24.19 8.08 -33.41
N ASN C 624 25.37 8.08 -34.05
CA ASN C 624 26.61 7.55 -33.49
C ASN C 624 26.54 6.04 -33.28
N LEU C 625 26.39 5.32 -34.39
CA LEU C 625 26.24 3.86 -34.33
C LEU C 625 27.48 3.25 -33.70
N ASN C 626 27.27 2.43 -32.66
CA ASN C 626 28.33 1.75 -31.92
C ASN C 626 29.27 2.72 -31.22
N VAL C 627 28.81 3.97 -31.07
CA VAL C 627 29.50 5.05 -30.35
C VAL C 627 30.96 5.13 -30.84
N THR C 628 31.14 5.24 -32.15
CA THR C 628 32.49 5.40 -32.70
C THR C 628 33.02 6.81 -32.51
N GLY C 629 32.13 7.78 -32.37
CA GLY C 629 32.53 9.18 -32.26
C GLY C 629 32.49 9.62 -30.81
N TYR C 630 33.36 10.56 -30.48
CA TYR C 630 33.52 11.02 -29.10
C TYR C 630 32.55 12.18 -28.83
N TYR C 631 31.26 11.83 -28.67
CA TYR C 631 30.27 12.85 -28.36
C TYR C 631 29.00 12.24 -27.79
N LEU C 632 28.19 13.11 -27.17
CA LEU C 632 26.88 12.76 -26.63
C LEU C 632 25.80 13.11 -27.66
N VAL C 633 24.67 12.42 -27.57
CA VAL C 633 23.53 12.70 -28.45
C VAL C 633 22.29 12.95 -27.60
N ASN C 634 21.60 14.05 -27.88
CA ASN C 634 20.30 14.33 -27.28
C ASN C 634 19.28 14.50 -28.39
N TYR C 635 18.03 14.13 -28.10
CA TYR C 635 16.93 14.25 -29.04
C TYR C 635 15.76 15.00 -28.42
N ASP C 636 14.82 15.39 -29.28
CA ASP C 636 13.53 15.87 -28.83
C ASP C 636 12.78 14.77 -28.09
N ASN C 637 11.89 15.20 -27.19
CA ASN C 637 11.15 14.27 -26.35
C ASN C 637 10.43 13.21 -27.16
N GLU C 638 9.91 13.58 -28.35
CA GLU C 638 9.16 12.63 -29.18
C GLU C 638 10.04 11.47 -29.65
N ASN C 639 11.27 11.76 -30.10
CA ASN C 639 12.17 10.70 -30.52
C ASN C 639 12.54 9.79 -29.34
N TRP C 640 12.84 10.37 -28.19
CA TRP C 640 13.13 9.57 -27.00
C TRP C 640 12.00 8.59 -26.71
N LYS C 641 10.74 9.05 -26.77
CA LYS C 641 9.63 8.14 -26.53
C LYS C 641 9.61 7.01 -27.55
N LYS C 642 9.88 7.30 -28.82
CA LYS C 642 9.88 6.22 -29.82
C LYS C 642 11.02 5.25 -29.58
N ILE C 643 12.20 5.75 -29.21
CA ILE C 643 13.28 4.84 -28.88
C ILE C 643 12.91 3.99 -27.67
N GLN C 644 12.28 4.62 -26.67
CA GLN C 644 11.79 3.89 -25.50
C GLN C 644 10.75 2.86 -25.87
N THR C 645 9.81 3.23 -26.76
CA THR C 645 8.83 2.23 -27.20
C THR C 645 9.52 1.08 -27.91
N GLN C 646 10.52 1.38 -28.73
CA GLN C 646 11.24 0.32 -29.44
C GLN C 646 11.91 -0.65 -28.47
N LEU C 647 12.58 -0.12 -27.43
CA LEU C 647 13.19 -0.98 -26.42
C LEU C 647 12.17 -1.86 -25.73
N GLN C 648 10.95 -1.37 -25.56
CA GLN C 648 9.93 -2.18 -24.92
C GLN C 648 9.24 -3.14 -25.89
N THR C 649 9.20 -2.82 -27.19
CA THR C 649 8.62 -3.72 -28.18
C THR C 649 9.59 -4.83 -28.60
N ASP C 650 10.74 -4.44 -29.14
CA ASP C 650 11.80 -5.38 -29.55
C ASP C 650 13.14 -4.67 -29.36
N LEU C 651 13.79 -4.91 -28.22
CA LEU C 651 15.06 -4.24 -27.96
C LEU C 651 16.15 -4.65 -28.94
N SER C 652 16.04 -5.83 -29.55
CA SER C 652 17.06 -6.31 -30.50
C SER C 652 17.24 -5.41 -31.71
N VAL C 653 16.30 -4.51 -31.99
CA VAL C 653 16.43 -3.72 -33.22
C VAL C 653 17.49 -2.64 -33.04
N ILE C 654 17.72 -2.21 -31.81
CA ILE C 654 18.75 -1.22 -31.51
C ILE C 654 20.02 -1.98 -31.15
N PRO C 655 21.13 -1.77 -31.86
CA PRO C 655 22.34 -2.56 -31.58
C PRO C 655 22.78 -2.38 -30.13
N VAL C 656 23.41 -3.44 -29.62
CA VAL C 656 23.63 -3.55 -28.18
C VAL C 656 24.43 -2.38 -27.64
N ILE C 657 25.44 -1.92 -28.40
CA ILE C 657 26.24 -0.79 -27.94
C ILE C 657 25.38 0.47 -27.88
N ASN C 658 24.44 0.64 -28.79
CA ASN C 658 23.58 1.82 -28.74
C ASN C 658 22.51 1.70 -27.69
N ARG C 659 22.18 0.47 -27.28
CA ARG C 659 21.34 0.30 -26.09
C ARG C 659 22.06 0.82 -24.87
N ALA C 660 23.38 0.60 -24.78
CA ALA C 660 24.18 1.20 -23.71
C ALA C 660 24.28 2.72 -23.87
N GLN C 661 24.36 3.20 -25.11
CA GLN C 661 24.42 4.64 -25.36
C GLN C 661 23.17 5.35 -24.83
N VAL C 662 21.97 4.87 -25.16
CA VAL C 662 20.78 5.63 -24.76
C VAL C 662 20.67 5.71 -23.24
N ILE C 663 21.14 4.69 -22.53
CA ILE C 663 21.18 4.79 -21.08
C ILE C 663 22.26 5.77 -20.65
N HIS C 664 23.48 5.57 -21.15
CA HIS C 664 24.59 6.41 -20.68
C HIS C 664 24.34 7.88 -20.98
N ASP C 665 24.02 8.22 -22.24
CA ASP C 665 23.92 9.64 -22.58
C ASP C 665 22.78 10.31 -21.83
N ALA C 666 21.62 9.65 -21.70
CA ALA C 666 20.50 10.27 -21.00
C ALA C 666 20.88 10.62 -19.56
N PHE C 667 21.65 9.75 -18.91
CA PHE C 667 22.03 10.00 -17.54
C PHE C 667 22.98 11.18 -17.45
N ASN C 668 23.96 11.28 -18.37
CA ASN C 668 24.80 12.48 -18.43
C ASN C 668 23.96 13.71 -18.74
N LEU C 669 23.09 13.62 -19.74
CA LEU C 669 22.21 14.73 -20.11
C LEU C 669 21.33 15.17 -18.94
N ALA C 670 20.84 14.20 -18.16
CA ALA C 670 19.97 14.49 -17.02
C ALA C 670 20.74 15.26 -15.94
N SER C 671 21.96 14.83 -15.66
CA SER C 671 22.78 15.51 -14.66
C SER C 671 23.11 16.94 -15.05
N ALA C 672 22.97 17.31 -16.32
CA ALA C 672 23.44 18.60 -16.83
C ALA C 672 22.29 19.46 -17.38
N GLN C 673 21.06 19.17 -16.95
CA GLN C 673 19.85 19.97 -17.22
C GLN C 673 19.32 19.84 -18.64
N LYS C 674 19.84 18.93 -19.46
CA LYS C 674 19.35 18.87 -20.83
C LYS C 674 18.23 17.87 -21.04
N VAL C 675 17.97 16.98 -20.08
CA VAL C 675 16.72 16.22 -20.05
C VAL C 675 16.26 16.12 -18.61
N PRO C 676 14.98 15.85 -18.38
CA PRO C 676 14.53 15.56 -17.01
C PRO C 676 15.14 14.23 -16.55
N VAL C 677 15.37 14.12 -15.25
CA VAL C 677 16.00 12.90 -14.75
C VAL C 677 15.10 11.70 -15.01
N THR C 678 13.78 11.90 -15.06
CA THR C 678 12.88 10.78 -15.31
C THR C 678 13.03 10.21 -16.71
N LEU C 679 13.58 10.97 -17.66
CA LEU C 679 13.90 10.37 -18.96
C LEU C 679 15.00 9.34 -18.81
N ALA C 680 16.07 9.68 -18.07
CA ALA C 680 17.17 8.75 -17.86
C ALA C 680 16.70 7.51 -17.12
N LEU C 681 15.87 7.69 -16.09
CA LEU C 681 15.38 6.54 -15.36
C LEU C 681 14.44 5.69 -16.21
N ASN C 682 13.61 6.33 -17.04
CA ASN C 682 12.75 5.57 -17.94
C ASN C 682 13.55 4.74 -18.93
N ASN C 683 14.75 5.21 -19.31
CA ASN C 683 15.55 4.39 -20.21
C ASN C 683 16.14 3.17 -19.54
N THR C 684 15.93 2.95 -18.25
CA THR C 684 16.38 1.72 -17.61
C THR C 684 15.25 0.70 -17.46
N LEU C 685 14.01 1.07 -17.79
CA LEU C 685 12.88 0.18 -17.53
C LEU C 685 12.99 -1.11 -18.34
N PHE C 686 13.52 -1.03 -19.55
CA PHE C 686 13.58 -2.22 -20.40
C PHE C 686 14.61 -3.24 -19.94
N LEU C 687 15.55 -2.87 -19.05
CA LEU C 687 16.58 -3.80 -18.59
C LEU C 687 16.01 -5.07 -17.98
N ILE C 688 14.77 -5.02 -17.48
CA ILE C 688 14.19 -6.22 -16.90
C ILE C 688 14.10 -7.35 -17.90
N GLN C 689 14.15 -7.04 -19.21
CA GLN C 689 14.17 -8.07 -20.24
C GLN C 689 15.53 -8.21 -20.92
N GLU C 690 16.53 -7.43 -20.53
CA GLU C 690 17.83 -7.46 -21.18
C GLU C 690 18.75 -8.48 -20.54
N THR C 691 19.47 -9.26 -21.36
CA THR C 691 20.44 -10.20 -20.85
C THR C 691 21.88 -9.93 -21.32
N GLU C 692 22.09 -8.94 -22.18
CA GLU C 692 23.42 -8.60 -22.65
C GLU C 692 24.20 -7.84 -21.58
N TYR C 693 25.51 -8.06 -21.58
CA TYR C 693 26.40 -7.43 -20.60
C TYR C 693 26.39 -5.92 -20.74
N MET C 694 26.58 -5.42 -21.96
CA MET C 694 26.94 -4.02 -22.12
C MET C 694 25.87 -3.04 -21.66
N PRO C 695 24.58 -3.19 -21.99
CA PRO C 695 23.62 -2.17 -21.53
C PRO C 695 23.41 -2.21 -20.03
N TRP C 696 23.51 -3.39 -19.42
CA TRP C 696 23.41 -3.47 -17.97
C TRP C 696 24.62 -2.81 -17.32
N GLN C 697 25.82 -3.02 -17.90
CA GLN C 697 27.00 -2.39 -17.32
C GLN C 697 26.91 -0.88 -17.42
N ALA C 698 26.41 -0.36 -18.55
CA ALA C 698 26.23 1.08 -18.69
C ALA C 698 25.23 1.61 -17.65
N ALA C 699 24.14 0.88 -17.43
CA ALA C 699 23.17 1.34 -16.44
C ALA C 699 23.76 1.32 -15.03
N LEU C 700 24.47 0.25 -14.67
CA LEU C 700 25.04 0.17 -13.33
C LEU C 700 26.10 1.24 -13.12
N SER C 701 26.85 1.56 -14.17
CA SER C 701 27.85 2.62 -14.05
C SER C 701 27.19 3.99 -13.90
N SER C 702 26.17 4.28 -14.72
CA SER C 702 25.42 5.52 -14.55
C SER C 702 24.73 5.56 -13.20
N LEU C 703 24.11 4.46 -12.78
CA LEU C 703 23.41 4.47 -11.50
C LEU C 703 24.36 4.55 -10.30
N SER C 704 25.66 4.26 -10.49
CA SER C 704 26.56 4.36 -9.35
C SER C 704 26.69 5.81 -8.89
N TYR C 705 26.48 6.77 -9.81
CA TYR C 705 26.37 8.17 -9.40
C TYR C 705 25.16 8.38 -8.50
N PHE C 706 24.02 7.78 -8.83
CA PHE C 706 22.85 7.88 -7.97
C PHE C 706 23.15 7.26 -6.59
N LYS C 707 23.87 6.14 -6.58
CA LYS C 707 24.21 5.51 -5.30
C LYS C 707 25.13 6.42 -4.48
N LEU C 708 26.17 6.96 -5.12
CA LEU C 708 27.05 7.90 -4.41
C LEU C 708 26.25 9.09 -3.86
N MET C 709 25.28 9.58 -4.62
CA MET C 709 24.53 10.76 -4.22
C MET C 709 23.48 10.44 -3.17
N PHE C 710 22.92 9.22 -3.22
CA PHE C 710 21.74 8.89 -2.44
C PHE C 710 21.86 7.76 -1.42
N ASP C 711 22.97 7.01 -1.37
CA ASP C 711 22.96 5.85 -0.48
C ASP C 711 23.09 6.21 1.00
N ARG C 712 23.07 7.49 1.34
CA ARG C 712 23.01 7.91 2.73
C ARG C 712 21.73 8.68 3.02
N SER C 713 20.70 8.49 2.18
CA SER C 713 19.47 9.27 2.28
C SER C 713 18.25 8.38 2.15
N GLU C 714 17.08 8.96 2.40
CA GLU C 714 15.80 8.27 2.26
C GLU C 714 15.57 7.74 0.85
N VAL C 715 16.26 8.31 -0.16
CA VAL C 715 16.07 7.85 -1.53
C VAL C 715 16.55 6.41 -1.71
N TYR C 716 17.43 5.93 -0.83
CA TYR C 716 18.13 4.69 -1.13
C TYR C 716 17.20 3.49 -1.04
N GLY C 717 16.27 3.51 -0.08
CA GLY C 717 15.30 2.43 0.04
C GLY C 717 14.60 2.12 -1.26
N PRO C 718 13.89 3.10 -1.83
CA PRO C 718 13.21 2.85 -3.11
C PRO C 718 14.18 2.56 -4.23
N MET C 719 15.37 3.15 -4.23
CA MET C 719 16.29 2.88 -5.33
C MET C 719 16.74 1.43 -5.27
N LYS C 720 17.00 0.89 -4.07
CA LYS C 720 17.30 -0.53 -3.95
C LYS C 720 16.15 -1.40 -4.41
N ARG C 721 14.92 -1.06 -4.00
CA ARG C 721 13.77 -1.85 -4.41
C ARG C 721 13.63 -1.88 -5.92
N TYR C 722 13.93 -0.75 -6.58
CA TYR C 722 13.88 -0.69 -8.04
C TYR C 722 14.97 -1.55 -8.68
N LEU C 723 16.22 -1.43 -8.22
CA LEU C 723 17.28 -2.29 -8.73
C LEU C 723 16.97 -3.76 -8.50
N LYS C 724 16.44 -4.09 -7.32
CA LYS C 724 16.08 -5.46 -7.01
C LYS C 724 15.05 -6.00 -8.00
N LYS C 725 14.05 -5.18 -8.33
CA LYS C 725 13.02 -5.58 -9.28
C LYS C 725 13.63 -5.82 -10.65
N GLN C 726 14.45 -4.89 -11.12
CA GLN C 726 15.00 -4.96 -12.47
C GLN C 726 15.96 -6.13 -12.65
N VAL C 727 16.71 -6.49 -11.61
CA VAL C 727 17.77 -7.49 -11.79
C VAL C 727 17.30 -8.92 -11.43
N THR C 728 16.24 -9.06 -10.64
CA THR C 728 15.85 -10.40 -10.22
C THR C 728 15.56 -11.37 -11.36
N PRO C 729 14.91 -10.97 -12.47
CA PRO C 729 14.72 -11.94 -13.57
C PRO C 729 16.01 -12.26 -14.31
N LEU C 730 16.98 -11.34 -14.33
CA LEU C 730 18.27 -11.68 -14.91
C LEU C 730 19.02 -12.67 -14.03
N PHE C 731 18.95 -12.50 -12.70
CA PHE C 731 19.52 -13.50 -11.80
C PHE C 731 18.85 -14.86 -12.01
N ASN C 732 17.51 -14.90 -12.00
CA ASN C 732 16.80 -16.15 -12.25
C ASN C 732 17.18 -16.74 -13.60
N HIS C 733 17.33 -15.90 -14.61
CA HIS C 733 17.73 -16.40 -15.92
C HIS C 733 19.08 -17.10 -15.86
N PHE C 734 20.06 -16.51 -15.14
CA PHE C 734 21.34 -17.20 -15.07
C PHE C 734 21.27 -18.42 -14.15
N GLU C 735 20.43 -18.41 -13.12
CA GLU C 735 20.28 -19.61 -12.31
C GLU C 735 19.79 -20.78 -13.16
N ARG C 736 18.95 -20.50 -14.17
CA ARG C 736 18.45 -21.55 -15.07
C ARG C 736 19.49 -21.96 -16.10
N VAL C 737 20.03 -21.01 -16.87
CA VAL C 737 20.93 -21.40 -17.94
C VAL C 737 22.27 -21.94 -17.44
N THR C 738 22.66 -21.66 -16.19
CA THR C 738 23.86 -22.28 -15.64
C THR C 738 23.59 -23.58 -14.91
N LYS C 739 22.36 -24.09 -14.93
CA LYS C 739 21.99 -25.35 -14.27
C LYS C 739 22.36 -25.31 -12.78
N ASN C 740 21.72 -24.38 -12.06
CA ASN C 740 21.98 -24.18 -10.63
C ASN C 740 23.45 -23.86 -10.35
N TRP C 741 24.02 -22.97 -11.17
CA TRP C 741 25.34 -22.41 -10.94
C TRP C 741 26.44 -23.47 -11.04
N THR C 742 26.27 -24.44 -11.94
CA THR C 742 27.27 -25.46 -12.16
C THR C 742 27.94 -25.40 -13.53
N ASP C 743 27.38 -24.65 -14.49
CA ASP C 743 27.88 -24.65 -15.87
C ASP C 743 27.76 -23.25 -16.44
N HIS C 744 28.87 -22.52 -16.42
CA HIS C 744 28.74 -21.10 -16.67
C HIS C 744 28.85 -20.80 -18.15
N PRO C 745 28.37 -19.62 -18.59
CA PRO C 745 28.28 -19.33 -20.03
C PRO C 745 29.59 -19.46 -20.77
N GLN C 746 29.48 -19.74 -22.08
CA GLN C 746 30.66 -20.01 -22.89
C GLN C 746 31.32 -18.71 -23.35
N THR C 747 30.52 -17.69 -23.62
CA THR C 747 30.98 -16.41 -24.14
C THR C 747 31.53 -15.51 -23.00
N LEU C 748 32.57 -14.74 -23.31
CA LEU C 748 33.11 -13.80 -22.33
C LEU C 748 32.05 -12.77 -21.95
N MET C 749 31.36 -12.21 -22.95
CA MET C 749 30.30 -11.23 -22.70
C MET C 749 29.23 -11.81 -21.79
N ASP C 750 28.78 -13.04 -22.08
CA ASP C 750 27.76 -13.64 -21.22
C ASP C 750 28.30 -13.97 -19.82
N GLN C 751 29.58 -14.36 -19.70
CA GLN C 751 30.15 -14.51 -18.37
C GLN C 751 30.09 -13.20 -17.61
N TYR C 752 30.44 -12.11 -18.27
CA TYR C 752 30.42 -10.79 -17.64
C TYR C 752 29.01 -10.39 -17.25
N SER C 753 28.03 -10.71 -18.09
CA SER C 753 26.63 -10.44 -17.75
C SER C 753 26.20 -11.26 -16.54
N GLU C 754 26.62 -12.53 -16.47
CA GLU C 754 26.38 -13.35 -15.27
C GLU C 754 26.99 -12.71 -14.02
N ILE C 755 28.22 -12.23 -14.13
CA ILE C 755 28.87 -11.64 -12.95
C ILE C 755 28.10 -10.42 -12.47
N ASN C 756 27.63 -9.59 -13.41
CA ASN C 756 26.91 -8.39 -12.97
C ASN C 756 25.55 -8.75 -12.38
N ALA C 757 24.92 -9.82 -12.86
CA ALA C 757 23.65 -10.26 -12.29
C ALA C 757 23.83 -10.71 -10.85
N VAL C 758 24.82 -11.57 -10.61
CA VAL C 758 25.06 -12.04 -9.26
C VAL C 758 25.46 -10.88 -8.36
N SER C 759 26.41 -10.05 -8.81
CA SER C 759 26.85 -8.93 -7.97
C SER C 759 25.68 -8.00 -7.65
N THR C 760 24.89 -7.65 -8.67
CA THR C 760 23.77 -6.71 -8.47
C THR C 760 22.67 -7.35 -7.63
N ALA C 761 22.30 -8.60 -7.91
CA ALA C 761 21.29 -9.27 -7.09
C ALA C 761 21.72 -9.32 -5.62
N CYS C 762 22.96 -9.70 -5.34
CA CYS C 762 23.38 -9.77 -3.95
C CYS C 762 23.44 -8.37 -3.32
N SER C 763 23.91 -7.37 -4.06
CA SER C 763 24.04 -6.04 -3.47
C SER C 763 22.69 -5.46 -3.06
N TYR C 764 21.62 -5.76 -3.81
CA TYR C 764 20.32 -5.15 -3.56
C TYR C 764 19.31 -6.13 -2.98
N GLY C 765 19.78 -7.24 -2.42
CA GLY C 765 18.96 -8.02 -1.51
C GLY C 765 18.04 -9.04 -2.14
N VAL C 766 18.39 -9.57 -3.31
CA VAL C 766 17.68 -10.74 -3.82
C VAL C 766 18.00 -11.88 -2.86
N PRO C 767 17.01 -12.41 -2.13
CA PRO C 767 17.33 -13.35 -1.05
C PRO C 767 17.99 -14.63 -1.52
N GLU C 768 17.68 -15.14 -2.71
CA GLU C 768 18.37 -16.34 -3.13
C GLU C 768 19.80 -16.10 -3.58
N CYS C 769 20.18 -14.85 -3.90
CA CYS C 769 21.59 -14.59 -4.12
C CYS C 769 22.32 -14.56 -2.78
N GLU C 770 21.70 -13.95 -1.77
CA GLU C 770 22.27 -13.95 -0.43
C GLU C 770 22.46 -15.36 0.09
N LYS C 771 21.50 -16.23 -0.20
CA LYS C 771 21.57 -17.62 0.22
C LYS C 771 22.73 -18.32 -0.48
N LEU C 772 22.82 -18.17 -1.81
CA LEU C 772 23.93 -18.74 -2.57
C LEU C 772 25.28 -18.36 -1.96
N ALA C 773 25.49 -17.05 -1.73
CA ALA C 773 26.77 -16.57 -1.23
C ALA C 773 27.10 -17.11 0.16
N ALA C 774 26.13 -17.02 1.09
CA ALA C 774 26.41 -17.43 2.47
C ALA C 774 26.65 -18.92 2.58
N THR C 775 25.95 -19.72 1.76
CA THR C 775 26.10 -21.17 1.78
C THR C 775 27.45 -21.58 1.19
N LEU C 776 27.79 -21.00 0.03
CA LEU C 776 29.07 -21.28 -0.61
C LEU C 776 30.22 -20.88 0.30
N PHE C 777 30.11 -19.73 0.97
CA PHE C 777 31.20 -19.28 1.82
C PHE C 777 31.35 -20.17 3.04
N ALA C 778 30.24 -20.52 3.67
CA ALA C 778 30.32 -21.39 4.85
C ALA C 778 30.95 -22.72 4.49
N GLN C 779 30.55 -23.29 3.34
CA GLN C 779 31.12 -24.54 2.90
C GLN C 779 32.62 -24.40 2.68
N TRP C 780 33.06 -23.29 2.07
CA TRP C 780 34.50 -23.05 1.89
C TRP C 780 35.22 -22.97 3.23
N LYS C 781 34.67 -22.18 4.16
CA LYS C 781 35.33 -21.99 5.45
C LYS C 781 35.50 -23.31 6.21
N LYS C 782 34.49 -24.22 6.13
CA LYS C 782 34.56 -25.56 6.76
C LYS C 782 35.74 -26.37 6.19
N ASN C 783 36.08 -26.18 4.93
CA ASN C 783 37.00 -27.06 4.20
C ASN C 783 37.91 -26.17 3.36
N PRO C 784 38.76 -25.38 4.01
CA PRO C 784 39.47 -24.31 3.29
C PRO C 784 40.39 -24.80 2.20
N GLN C 785 40.90 -26.04 2.26
CA GLN C 785 41.69 -26.55 1.15
C GLN C 785 40.88 -26.74 -0.12
N ASN C 786 39.56 -26.75 -0.04
CA ASN C 786 38.72 -26.99 -1.23
C ASN C 786 37.80 -25.79 -1.41
N ASN C 787 38.22 -24.86 -2.26
CA ASN C 787 37.39 -23.73 -2.64
C ASN C 787 36.34 -24.12 -3.66
N PRO C 788 35.06 -24.10 -3.29
CA PRO C 788 33.98 -24.44 -4.23
C PRO C 788 33.41 -23.27 -5.01
N ILE C 789 33.91 -22.06 -4.81
CA ILE C 789 33.36 -20.88 -5.50
C ILE C 789 34.07 -20.72 -6.83
N HIS C 790 33.30 -20.74 -7.91
CA HIS C 790 33.88 -20.49 -9.21
C HIS C 790 34.58 -19.12 -9.16
N PRO C 791 35.79 -19.01 -9.71
CA PRO C 791 36.55 -17.75 -9.64
C PRO C 791 35.78 -16.51 -10.10
N ASN C 792 34.89 -16.65 -11.08
CA ASN C 792 34.13 -15.51 -11.58
C ASN C 792 33.19 -14.95 -10.53
N LEU C 793 32.80 -15.78 -9.54
CA LEU C 793 31.81 -15.39 -8.55
C LEU C 793 32.42 -15.08 -7.19
N ARG C 794 33.73 -15.26 -7.04
CA ARG C 794 34.38 -15.11 -5.74
C ARG C 794 34.21 -13.69 -5.17
N SER C 795 34.45 -12.67 -6.00
CA SER C 795 34.37 -11.29 -5.50
C SER C 795 33.03 -11.02 -4.83
N THR C 796 31.94 -11.42 -5.48
CA THR C 796 30.62 -11.22 -4.92
C THR C 796 30.41 -12.08 -3.69
N VAL C 797 30.74 -13.36 -3.78
CA VAL C 797 30.45 -14.29 -2.69
C VAL C 797 31.26 -13.89 -1.45
N TYR C 798 32.55 -13.60 -1.65
CA TYR C 798 33.38 -13.17 -0.53
C TYR C 798 32.81 -11.91 0.10
N CYS C 799 32.49 -10.91 -0.72
CA CYS C 799 31.97 -9.64 -0.20
C CYS C 799 30.64 -9.85 0.53
N ASN C 800 29.73 -10.62 -0.07
CA ASN C 800 28.40 -10.72 0.52
C ASN C 800 28.44 -11.50 1.84
N ALA C 801 29.24 -12.56 1.89
CA ALA C 801 29.38 -13.30 3.12
C ALA C 801 30.03 -12.47 4.23
N ILE C 802 30.94 -11.57 3.86
CA ILE C 802 31.53 -10.64 4.83
C ILE C 802 30.47 -9.67 5.34
N ALA C 803 29.69 -9.10 4.40
CA ALA C 803 28.67 -8.13 4.76
C ALA C 803 27.61 -8.74 5.67
N GLN C 804 27.21 -9.99 5.40
CA GLN C 804 26.17 -10.57 6.23
C GLN C 804 26.72 -11.28 7.46
N GLY C 805 28.02 -11.48 7.55
CA GLY C 805 28.64 -12.12 8.69
C GLY C 805 29.24 -11.12 9.66
N GLY C 806 30.26 -11.59 10.41
CA GLY C 806 30.93 -10.77 11.39
C GLY C 806 32.44 -11.03 11.44
N GLU C 807 33.03 -10.92 12.64
CA GLU C 807 34.48 -11.00 12.75
C GLU C 807 35.00 -12.34 12.26
N GLU C 808 34.25 -13.43 12.50
CA GLU C 808 34.71 -14.74 12.11
C GLU C 808 34.92 -14.82 10.59
N GLU C 809 33.93 -14.38 9.81
CA GLU C 809 34.08 -14.37 8.35
C GLU C 809 35.24 -13.45 7.93
N TRP C 810 35.29 -12.25 8.50
CA TRP C 810 36.35 -11.29 8.16
C TRP C 810 37.73 -11.87 8.45
N ASN C 811 37.94 -12.38 9.66
CA ASN C 811 39.25 -12.90 10.03
C ASN C 811 39.68 -14.05 9.13
N PHE C 812 38.74 -14.92 8.75
CA PHE C 812 39.09 -16.01 7.83
C PHE C 812 39.57 -15.47 6.49
N VAL C 813 38.89 -14.47 5.93
CA VAL C 813 39.32 -13.92 4.65
C VAL C 813 40.67 -13.23 4.77
N TRP C 814 40.93 -12.58 5.90
CA TRP C 814 42.21 -11.90 6.10
C TRP C 814 43.37 -12.89 6.18
N GLU C 815 43.20 -14.02 6.86
CA GLU C 815 44.28 -15.01 6.90
C GLU C 815 44.47 -15.65 5.54
N GLN C 816 43.39 -15.88 4.80
CA GLN C 816 43.52 -16.33 3.42
C GLN C 816 44.32 -15.32 2.61
N PHE C 817 44.01 -14.03 2.79
CA PHE C 817 44.74 -12.97 2.08
C PHE C 817 46.22 -13.00 2.42
N LEU C 818 46.54 -13.08 3.71
CA LEU C 818 47.95 -13.02 4.11
C LEU C 818 48.78 -14.14 3.52
N LYS C 819 48.15 -15.26 3.24
CA LYS C 819 48.81 -16.42 2.69
C LYS C 819 48.63 -16.65 1.21
N ALA C 820 47.96 -15.76 0.56
CA ALA C 820 47.61 -15.95 -0.81
C ALA C 820 48.81 -15.66 -1.67
N GLU C 821 49.22 -16.68 -2.40
CA GLU C 821 50.33 -16.69 -3.34
C GLU C 821 49.94 -16.09 -4.69
N LEU C 822 48.70 -16.32 -5.13
CA LEU C 822 48.20 -15.87 -6.42
C LEU C 822 47.58 -14.49 -6.22
N VAL C 823 48.17 -13.47 -6.84
CA VAL C 823 47.70 -12.11 -6.60
C VAL C 823 46.25 -11.93 -7.05
N ASN C 824 45.84 -12.60 -8.15
CA ASN C 824 44.42 -12.57 -8.52
C ASN C 824 43.54 -12.94 -7.34
N GLU C 825 43.95 -13.95 -6.57
CA GLU C 825 43.10 -14.37 -5.47
C GLU C 825 43.25 -13.42 -4.30
N ALA C 826 44.48 -13.01 -3.98
CA ALA C 826 44.68 -12.01 -2.93
C ALA C 826 43.83 -10.76 -3.17
N ASP C 827 43.73 -10.33 -4.43
CA ASP C 827 42.99 -9.12 -4.78
C ASP C 827 41.50 -9.26 -4.45
N LYS C 828 40.92 -10.43 -4.75
CA LYS C 828 39.51 -10.66 -4.48
C LYS C 828 39.24 -10.72 -2.98
N LEU C 829 40.14 -11.36 -2.25
CA LEU C 829 40.03 -11.44 -0.80
C LEU C 829 40.15 -10.04 -0.21
N ARG C 830 41.21 -9.32 -0.61
CA ARG C 830 41.43 -7.98 -0.09
C ARG C 830 40.25 -7.05 -0.36
N GLY C 831 39.70 -7.08 -1.58
CA GLY C 831 38.54 -6.24 -1.86
C GLY C 831 37.34 -6.60 -1.02
N ALA C 832 37.15 -7.89 -0.73
CA ALA C 832 35.97 -8.29 0.02
C ALA C 832 36.04 -7.85 1.47
N LEU C 833 37.25 -7.70 2.02
CA LEU C 833 37.39 -7.26 3.40
C LEU C 833 36.83 -5.85 3.60
N ALA C 834 36.69 -5.08 2.52
CA ALA C 834 36.10 -3.75 2.61
C ALA C 834 34.59 -3.79 2.75
N CYS C 835 33.98 -4.98 2.73
CA CYS C 835 32.52 -5.09 2.77
C CYS C 835 31.96 -5.23 4.18
N SER C 836 32.81 -5.15 5.22
CA SER C 836 32.31 -5.26 6.59
C SER C 836 31.39 -4.09 6.91
N ASN C 837 30.33 -4.36 7.66
CA ASN C 837 29.47 -3.29 8.15
C ASN C 837 29.80 -2.89 9.59
N GLN C 838 30.94 -3.31 10.12
CA GLN C 838 31.36 -3.02 11.50
C GLN C 838 32.40 -1.90 11.45
N VAL C 839 32.08 -0.75 12.08
CA VAL C 839 33.05 0.35 12.10
C VAL C 839 34.39 -0.11 12.65
N TRP C 840 34.37 -0.88 13.74
CA TRP C 840 35.63 -1.25 14.38
C TRP C 840 36.47 -2.14 13.46
N ILE C 841 35.82 -2.98 12.66
CA ILE C 841 36.54 -3.85 11.74
C ILE C 841 37.12 -3.04 10.59
N LEU C 842 36.36 -2.06 10.08
CA LEU C 842 36.88 -1.24 9.00
C LEU C 842 38.08 -0.40 9.47
N ASN C 843 37.98 0.16 10.68
CA ASN C 843 39.10 0.95 11.23
C ASN C 843 40.31 0.08 11.53
N ARG C 844 40.09 -1.13 12.03
CA ARG C 844 41.23 -2.04 12.21
C ARG C 844 41.90 -2.33 10.88
N PHE C 845 41.09 -2.57 9.84
CA PHE C 845 41.61 -2.80 8.49
C PHE C 845 42.42 -1.60 8.01
N LEU C 846 41.89 -0.41 8.23
CA LEU C 846 42.59 0.81 7.82
C LEU C 846 43.96 0.85 8.49
N SER C 847 44.04 0.43 9.76
CA SER C 847 45.32 0.44 10.46
C SER C 847 46.31 -0.52 9.82
N TYR C 848 45.82 -1.59 9.21
CA TYR C 848 46.73 -2.54 8.58
C TYR C 848 47.38 -1.94 7.33
N THR C 849 46.71 -1.00 6.66
CA THR C 849 47.28 -0.41 5.46
C THR C 849 48.52 0.43 5.77
N LEU C 850 48.78 0.78 7.03
CA LEU C 850 50.02 1.44 7.39
C LEU C 850 51.18 0.49 7.64
N ASP C 851 50.96 -0.80 7.62
CA ASP C 851 51.99 -1.77 7.93
C ASP C 851 52.41 -2.51 6.66
N PRO C 852 53.59 -2.23 6.12
CA PRO C 852 53.99 -2.87 4.85
C PRO C 852 54.25 -4.37 4.98
N ASN C 853 54.34 -4.93 6.19
CA ASN C 853 54.30 -6.38 6.32
C ASN C 853 52.91 -6.95 6.10
N LEU C 854 51.88 -6.11 6.05
CA LEU C 854 50.51 -6.55 5.90
C LEU C 854 49.90 -6.16 4.56
N ILE C 855 49.99 -4.88 4.20
CA ILE C 855 49.49 -4.36 2.92
C ILE C 855 50.67 -3.72 2.21
N ARG C 856 51.01 -4.24 1.01
CA ARG C 856 52.12 -3.63 0.29
C ARG C 856 51.77 -2.22 -0.14
N LYS C 857 52.81 -1.39 -0.24
CA LYS C 857 52.63 0.00 -0.65
C LYS C 857 51.87 0.12 -1.96
N GLN C 858 52.12 -0.82 -2.90
CA GLN C 858 51.42 -0.81 -4.18
C GLN C 858 49.92 -1.06 -4.06
N ASP C 859 49.43 -1.52 -2.91
CA ASP C 859 48.03 -1.87 -2.74
C ASP C 859 47.29 -0.92 -1.82
N VAL C 860 47.98 0.07 -1.23
CA VAL C 860 47.31 0.90 -0.21
C VAL C 860 46.15 1.70 -0.81
N THR C 861 46.39 2.45 -1.90
CA THR C 861 45.32 3.35 -2.34
C THR C 861 44.13 2.58 -2.92
N SER C 862 44.38 1.41 -3.51
CA SER C 862 43.31 0.49 -3.89
C SER C 862 42.44 0.11 -2.70
N THR C 863 43.08 -0.33 -1.61
CA THR C 863 42.34 -0.73 -0.41
C THR C 863 41.56 0.45 0.17
N LEU C 864 42.20 1.62 0.26
CA LEU C 864 41.50 2.80 0.77
C LEU C 864 40.27 3.13 -0.06
N SER C 865 40.40 3.04 -1.39
CA SER C 865 39.27 3.33 -2.25
C SER C 865 38.16 2.32 -2.05
N SER C 866 38.51 1.04 -1.86
CA SER C 866 37.50 0.03 -1.63
C SER C 866 36.73 0.30 -0.34
N ILE C 867 37.45 0.62 0.74
CA ILE C 867 36.81 0.88 2.02
C ILE C 867 35.90 2.10 1.90
N SER C 868 36.38 3.11 1.16
CA SER C 868 35.63 4.34 0.97
C SER C 868 34.32 4.10 0.25
N SER C 869 34.28 3.09 -0.66
CA SER C 869 33.04 2.77 -1.39
C SER C 869 31.96 2.21 -0.48
N ASN C 870 32.36 1.58 0.63
CA ASN C 870 31.43 1.13 1.65
C ASN C 870 30.83 2.34 2.35
N VAL C 871 29.49 2.42 2.37
CA VAL C 871 28.82 3.61 2.92
C VAL C 871 29.23 3.85 4.38
N VAL C 872 29.50 2.78 5.14
CA VAL C 872 30.02 2.96 6.50
C VAL C 872 31.48 3.42 6.47
N GLY C 873 32.24 3.02 5.45
CA GLY C 873 33.63 3.41 5.30
C GLY C 873 33.87 4.82 4.81
N GLN C 874 32.85 5.49 4.25
CA GLN C 874 32.99 6.84 3.69
C GLN C 874 33.77 7.78 4.61
N THR C 875 33.23 8.08 5.79
CA THR C 875 33.93 9.06 6.61
C THR C 875 35.14 8.46 7.30
N LEU C 876 35.17 7.13 7.47
CA LEU C 876 36.32 6.48 8.09
C LEU C 876 37.56 6.73 7.25
N VAL C 877 37.44 6.59 5.92
CA VAL C 877 38.57 6.81 5.03
C VAL C 877 38.88 8.29 4.88
N TRP C 878 37.84 9.12 4.86
CA TRP C 878 38.07 10.55 4.74
C TRP C 878 38.89 11.06 5.93
N ASP C 879 38.51 10.64 7.14
CA ASP C 879 39.30 10.98 8.32
C ASP C 879 40.72 10.43 8.21
N PHE C 880 40.86 9.16 7.82
CA PHE C 880 42.16 8.50 7.75
C PHE C 880 43.10 9.22 6.77
N VAL C 881 42.60 9.56 5.58
CA VAL C 881 43.45 10.23 4.61
C VAL C 881 43.94 11.55 5.15
N GLN C 882 43.04 12.34 5.76
CA GLN C 882 43.44 13.61 6.32
C GLN C 882 44.44 13.43 7.45
N SER C 883 44.24 12.40 8.28
CA SER C 883 45.12 12.17 9.41
C SER C 883 46.48 11.67 8.99
N ASN C 884 46.56 10.91 7.89
CA ASN C 884 47.82 10.31 7.45
C ASN C 884 48.34 10.97 6.18
N TRP C 885 48.01 12.25 6.00
CA TRP C 885 48.39 13.00 4.81
C TRP C 885 49.89 12.93 4.51
N LYS C 886 50.72 13.13 5.54
CA LYS C 886 52.16 13.25 5.31
C LYS C 886 52.73 12.01 4.65
N LYS C 887 52.42 10.82 5.18
CA LYS C 887 52.95 9.60 4.58
C LYS C 887 52.36 9.37 3.19
N LEU C 888 51.05 9.57 3.03
CA LEU C 888 50.44 9.33 1.72
C LEU C 888 50.99 10.28 0.66
N PHE C 889 51.16 11.55 1.03
CA PHE C 889 51.74 12.51 0.10
C PHE C 889 53.15 12.11 -0.28
N GLN C 890 53.96 11.73 0.71
CA GLN C 890 55.31 11.25 0.43
C GLN C 890 55.29 10.01 -0.47
N ASP C 891 54.43 9.04 -0.16
CA ASP C 891 54.45 7.79 -0.93
C ASP C 891 53.95 7.95 -2.35
N TYR C 892 52.89 8.75 -2.56
CA TYR C 892 52.26 8.79 -3.88
C TYR C 892 52.18 10.18 -4.51
N GLY C 893 52.50 11.25 -3.76
CA GLY C 893 52.24 12.59 -4.24
C GLY C 893 53.09 13.05 -5.41
N THR C 894 54.17 12.34 -5.72
CA THR C 894 54.96 12.66 -6.89
C THR C 894 54.94 11.58 -7.94
N GLY C 895 54.15 10.51 -7.76
CA GLY C 895 54.00 9.46 -8.73
C GLY C 895 52.64 9.54 -9.41
N SER C 896 52.41 8.62 -10.34
CA SER C 896 51.14 8.62 -11.07
C SER C 896 50.13 7.62 -10.52
N PHE C 897 48.86 7.91 -10.86
CA PHE C 897 47.67 7.07 -10.72
C PHE C 897 47.17 7.06 -9.27
N SER C 898 48.05 6.67 -8.34
CA SER C 898 47.60 6.30 -7.00
C SER C 898 46.99 7.49 -6.26
N PHE C 899 47.73 8.61 -6.21
CA PHE C 899 47.28 9.73 -5.38
C PHE C 899 46.04 10.38 -5.97
N SER C 900 46.03 10.60 -7.28
CA SER C 900 44.86 11.20 -7.89
C SER C 900 43.64 10.26 -7.79
N ASN C 901 43.87 8.95 -7.93
CA ASN C 901 42.78 7.99 -7.71
C ASN C 901 42.21 8.11 -6.32
N LEU C 902 43.10 8.26 -5.33
CA LEU C 902 42.66 8.33 -3.95
C LEU C 902 41.78 9.56 -3.70
N ILE C 903 42.24 10.73 -4.17
CA ILE C 903 41.46 11.97 -3.99
C ILE C 903 40.09 11.83 -4.62
N GLN C 904 40.03 11.33 -5.85
CA GLN C 904 38.74 11.13 -6.49
C GLN C 904 37.86 10.18 -5.69
N ALA C 905 38.44 9.08 -5.19
CA ALA C 905 37.64 8.08 -4.49
C ALA C 905 37.02 8.62 -3.21
N VAL C 906 37.81 9.30 -2.38
CA VAL C 906 37.31 9.66 -1.06
C VAL C 906 36.30 10.80 -1.10
N THR C 907 36.26 11.58 -2.18
CA THR C 907 35.40 12.74 -2.26
C THR C 907 34.14 12.52 -3.10
N ARG C 908 34.03 11.39 -3.81
CA ARG C 908 32.97 11.32 -4.82
C ARG C 908 31.56 11.34 -4.22
N ARG C 909 31.39 11.01 -2.93
CA ARG C 909 30.07 11.15 -2.32
C ARG C 909 29.68 12.58 -1.99
N PHE C 910 30.63 13.53 -1.91
CA PHE C 910 30.32 14.83 -1.31
C PHE C 910 29.17 15.53 -2.06
N SER C 911 28.14 15.92 -1.31
CA SER C 911 26.94 16.49 -1.93
C SER C 911 26.24 17.49 -1.03
N THR C 912 26.86 17.94 0.05
CA THR C 912 26.24 18.89 0.96
C THR C 912 27.16 20.09 1.12
N GLU C 913 26.57 21.18 1.61
CA GLU C 913 27.34 22.36 1.96
C GLU C 913 28.41 22.03 2.98
N PHE C 914 28.04 21.25 4.00
CA PHE C 914 29.02 20.89 5.02
C PHE C 914 30.19 20.12 4.41
N GLU C 915 29.90 19.15 3.53
CA GLU C 915 30.98 18.36 2.95
C GLU C 915 31.87 19.22 2.05
N LEU C 916 31.26 20.15 1.30
CA LEU C 916 32.06 21.09 0.51
C LEU C 916 32.96 21.94 1.39
N GLN C 917 32.46 22.38 2.53
CA GLN C 917 33.30 23.16 3.46
C GLN C 917 34.45 22.31 4.00
N GLN C 918 34.19 21.04 4.33
CA GLN C 918 35.27 20.17 4.78
C GLN C 918 36.32 19.94 3.68
N LEU C 919 35.87 19.81 2.44
CA LEU C 919 36.82 19.71 1.33
C LEU C 919 37.68 20.97 1.23
N GLU C 920 37.05 22.14 1.30
CA GLU C 920 37.82 23.37 1.19
C GLU C 920 38.79 23.50 2.35
N GLN C 921 38.37 23.07 3.54
CA GLN C 921 39.24 23.13 4.71
C GLN C 921 40.42 22.18 4.55
N PHE C 922 40.15 20.98 4.02
CA PHE C 922 41.21 20.03 3.69
C PHE C 922 42.23 20.63 2.73
N LYS C 923 41.75 21.30 1.68
CA LYS C 923 42.67 21.93 0.74
C LYS C 923 43.58 22.92 1.44
N LYS C 924 43.00 23.78 2.24
CA LYS C 924 43.83 24.84 2.75
C LYS C 924 44.60 24.43 4.00
N ASN C 925 44.20 23.34 4.67
CA ASN C 925 45.07 22.73 5.67
C ASN C 925 46.37 22.22 5.06
N ASN C 926 46.39 21.93 3.76
CA ASN C 926 47.58 21.38 3.13
C ASN C 926 48.20 22.27 2.06
N MET C 927 47.83 23.56 1.99
CA MET C 927 48.36 24.34 0.87
C MET C 927 49.86 24.59 0.97
N ASP C 928 50.45 24.41 2.14
CA ASP C 928 51.89 24.49 2.31
C ASP C 928 52.60 23.38 1.53
N THR C 929 52.08 22.16 1.62
CA THR C 929 52.53 21.01 0.86
C THR C 929 52.02 21.05 -0.59
N GLY C 930 50.80 21.51 -0.80
CA GLY C 930 50.15 21.37 -2.08
C GLY C 930 49.73 19.93 -2.25
N PHE C 931 49.14 19.64 -3.40
CA PHE C 931 48.55 18.32 -3.60
C PHE C 931 49.31 17.49 -4.63
N GLY C 932 50.47 17.95 -5.05
CA GLY C 932 51.33 17.11 -5.88
C GLY C 932 50.61 16.65 -7.13
N SER C 933 50.73 15.36 -7.43
CA SER C 933 50.11 14.77 -8.62
C SER C 933 48.61 14.54 -8.47
N ALA C 934 47.99 15.11 -7.42
CA ALA C 934 46.53 15.13 -7.31
C ALA C 934 45.99 16.56 -7.33
N THR C 935 46.81 17.52 -7.78
CA THR C 935 46.39 18.91 -7.81
C THR C 935 45.19 19.16 -8.72
N ARG C 936 45.24 18.70 -9.99
CA ARG C 936 44.04 18.83 -10.83
C ARG C 936 42.88 18.02 -10.27
N ALA C 937 43.18 16.79 -9.78
CA ALA C 937 42.13 15.97 -9.21
C ALA C 937 41.38 16.72 -8.11
N LEU C 938 42.09 17.45 -7.25
CA LEU C 938 41.42 18.21 -6.20
C LEU C 938 40.53 19.30 -6.80
N GLU C 939 41.00 20.00 -7.82
CA GLU C 939 40.14 21.02 -8.42
C GLU C 939 38.91 20.38 -9.06
N GLN C 940 39.07 19.19 -9.65
CA GLN C 940 37.92 18.49 -10.21
C GLN C 940 36.94 18.04 -9.14
N ALA C 941 37.47 17.58 -8.00
CA ALA C 941 36.61 17.20 -6.89
C ALA C 941 35.82 18.39 -6.35
N LEU C 942 36.46 19.57 -6.31
CA LEU C 942 35.74 20.76 -5.87
C LEU C 942 34.62 21.13 -6.83
N GLU C 943 34.92 21.12 -8.14
CA GLU C 943 33.90 21.37 -9.16
C GLU C 943 32.75 20.35 -9.08
N LYS C 944 33.09 19.07 -8.98
CA LYS C 944 32.04 18.05 -8.90
C LYS C 944 31.22 18.18 -7.64
N THR C 945 31.86 18.45 -6.50
CA THR C 945 31.09 18.60 -5.26
C THR C 945 30.07 19.74 -5.40
N LYS C 946 30.49 20.88 -5.95
CA LYS C 946 29.55 21.98 -6.14
C LYS C 946 28.42 21.61 -7.10
N ALA C 947 28.73 20.86 -8.16
CA ALA C 947 27.68 20.38 -9.04
C ALA C 947 26.75 19.42 -8.30
N ASN C 948 27.32 18.52 -7.49
CA ASN C 948 26.54 17.56 -6.73
C ASN C 948 25.56 18.25 -5.79
N LEU C 949 25.99 19.33 -5.11
CA LEU C 949 25.10 20.02 -4.17
C LEU C 949 23.81 20.45 -4.86
N LYS C 950 23.95 21.12 -5.99
CA LYS C 950 22.78 21.60 -6.72
C LYS C 950 21.97 20.45 -7.29
N TRP C 951 22.66 19.44 -7.84
CA TRP C 951 21.95 18.34 -8.48
C TRP C 951 21.08 17.60 -7.47
N VAL C 952 21.61 17.33 -6.28
CA VAL C 952 20.81 16.66 -5.25
C VAL C 952 19.66 17.55 -4.80
N LYS C 953 19.94 18.84 -4.58
CA LYS C 953 18.87 19.78 -4.22
C LYS C 953 17.73 19.73 -5.24
N GLU C 954 18.10 19.76 -6.53
CA GLU C 954 17.11 19.87 -7.60
C GLU C 954 16.39 18.57 -7.92
N ASN C 955 16.94 17.40 -7.51
CA ASN C 955 16.40 16.13 -7.97
C ASN C 955 16.01 15.13 -6.90
N LYS C 956 16.34 15.36 -5.63
CA LYS C 956 16.05 14.36 -4.60
C LYS C 956 14.58 13.95 -4.58
N ASP C 957 13.66 14.91 -4.75
CA ASP C 957 12.24 14.58 -4.62
C ASP C 957 11.71 13.86 -5.85
N VAL C 958 12.06 14.32 -7.04
CA VAL C 958 11.62 13.66 -8.25
C VAL C 958 12.15 12.22 -8.30
N VAL C 959 13.38 12.04 -7.83
CA VAL C 959 14.02 10.73 -7.91
C VAL C 959 13.41 9.77 -6.90
N LEU C 960 13.14 10.26 -5.69
CA LEU C 960 12.39 9.45 -4.72
C LEU C 960 11.06 9.01 -5.31
N ARG C 961 10.35 9.93 -5.95
CA ARG C 961 9.03 9.63 -6.49
C ARG C 961 9.11 8.59 -7.60
N TRP C 962 10.08 8.72 -8.51
CA TRP C 962 10.22 7.77 -9.61
C TRP C 962 10.58 6.37 -9.10
N PHE C 963 11.58 6.26 -8.21
CA PHE C 963 11.92 4.93 -7.71
C PHE C 963 10.74 4.33 -6.97
N THR C 964 10.02 5.13 -6.17
CA THR C 964 8.88 4.62 -5.44
C THR C 964 7.78 4.13 -6.38
N GLU C 965 7.43 4.94 -7.38
CA GLU C 965 6.34 4.58 -8.29
C GLU C 965 6.72 3.38 -9.16
N ASN C 966 7.97 3.27 -9.56
CA ASN C 966 8.37 2.15 -10.41
C ASN C 966 8.80 0.93 -9.60
N SER C 967 8.31 0.87 -8.36
CA SER C 967 8.58 -0.13 -7.34
C SER C 967 10.03 0.01 -6.87
N PRO D 68 -75.36 -3.61 -26.75
CA PRO D 68 -75.11 -2.28 -26.15
C PRO D 68 -74.63 -2.37 -24.71
N TRP D 69 -75.15 -3.34 -23.94
CA TRP D 69 -74.55 -3.46 -22.62
C TRP D 69 -73.19 -4.09 -22.68
N ASN D 70 -72.68 -4.29 -23.89
CA ASN D 70 -71.35 -4.84 -24.08
C ASN D 70 -70.37 -3.81 -24.60
N VAL D 71 -70.80 -2.56 -24.81
CA VAL D 71 -69.91 -1.47 -25.22
C VAL D 71 -69.73 -0.57 -24.00
N TYR D 72 -68.52 0.02 -23.90
CA TYR D 72 -68.11 0.69 -22.67
C TYR D 72 -68.67 2.09 -22.54
N ARG D 73 -69.13 2.70 -23.63
CA ARG D 73 -69.75 4.02 -23.57
C ARG D 73 -71.25 3.84 -23.40
N LEU D 74 -71.85 4.72 -22.60
CA LEU D 74 -73.27 4.65 -22.34
C LEU D 74 -74.05 4.97 -23.64
N PRO D 75 -75.28 4.49 -23.76
CA PRO D 75 -76.13 4.99 -24.84
C PRO D 75 -76.48 6.46 -24.59
N LYS D 76 -76.89 7.14 -25.65
CA LYS D 76 -77.31 8.52 -25.52
C LYS D 76 -78.82 8.65 -25.39
N THR D 77 -79.52 7.53 -25.16
CA THR D 77 -80.98 7.55 -25.18
C THR D 77 -81.60 8.12 -23.91
N LEU D 78 -80.95 7.93 -22.76
CA LEU D 78 -81.46 8.41 -21.48
C LEU D 78 -80.46 9.34 -20.81
N ILE D 79 -80.96 10.51 -20.38
CA ILE D 79 -80.10 11.58 -19.91
C ILE D 79 -80.61 12.01 -18.53
N PRO D 80 -79.81 11.86 -17.48
CA PRO D 80 -80.31 12.17 -16.14
C PRO D 80 -80.44 13.68 -15.94
N ASP D 81 -81.25 14.05 -14.96
CA ASP D 81 -81.12 15.42 -14.51
C ASP D 81 -80.90 15.56 -13.01
N SER D 82 -81.29 14.59 -12.17
CA SER D 82 -80.95 14.79 -10.76
C SER D 82 -80.99 13.45 -10.02
N TYR D 83 -80.31 13.41 -8.88
CA TYR D 83 -80.14 12.20 -8.07
C TYR D 83 -80.46 12.52 -6.61
N ASN D 84 -81.16 11.61 -5.93
CA ASN D 84 -81.22 11.58 -4.48
C ASN D 84 -80.43 10.35 -4.06
N VAL D 85 -79.46 10.51 -3.16
CA VAL D 85 -78.70 9.37 -2.63
C VAL D 85 -78.69 9.48 -1.12
N THR D 86 -79.02 8.38 -0.45
CA THR D 86 -78.90 8.32 1.01
C THR D 86 -77.91 7.21 1.34
N LEU D 87 -76.86 7.55 2.10
CA LEU D 87 -75.82 6.55 2.40
C LEU D 87 -75.68 6.39 3.90
N ARG D 88 -75.33 5.17 4.31
CA ARG D 88 -75.12 4.85 5.72
C ARG D 88 -73.85 4.03 5.86
N PRO D 89 -72.71 4.65 6.17
CA PRO D 89 -71.50 3.88 6.42
C PRO D 89 -71.48 3.25 7.81
N TYR D 90 -70.98 2.03 7.88
CA TYR D 90 -70.76 1.33 9.15
C TYR D 90 -69.26 1.28 9.41
N LEU D 91 -68.79 2.02 10.42
CA LEU D 91 -67.37 2.10 10.73
C LEU D 91 -66.89 1.07 11.74
N THR D 92 -67.67 0.01 11.99
CA THR D 92 -67.18 -1.17 12.69
C THR D 92 -67.48 -2.40 11.83
N PRO D 93 -66.62 -3.41 11.84
CA PRO D 93 -66.82 -4.54 10.92
C PRO D 93 -68.01 -5.40 11.29
N ASN D 94 -68.58 -6.03 10.27
CA ASN D 94 -69.73 -6.90 10.51
C ASN D 94 -69.21 -8.26 10.95
N ASN D 95 -70.13 -9.20 11.19
CA ASN D 95 -69.71 -10.51 11.68
C ASN D 95 -68.76 -11.21 10.73
N LYS D 96 -68.77 -10.85 9.44
CA LYS D 96 -67.86 -11.43 8.48
C LYS D 96 -66.55 -10.66 8.36
N GLY D 97 -66.35 -9.66 9.20
CA GLY D 97 -65.11 -8.92 9.18
C GLY D 97 -65.04 -7.81 8.15
N LEU D 98 -66.15 -7.52 7.49
CA LEU D 98 -66.20 -6.56 6.40
C LEU D 98 -66.69 -5.21 6.92
N TYR D 99 -66.10 -4.12 6.42
CA TYR D 99 -66.69 -2.80 6.61
C TYR D 99 -67.65 -2.56 5.45
N VAL D 100 -68.88 -2.15 5.78
CA VAL D 100 -69.89 -2.05 4.74
C VAL D 100 -70.55 -0.68 4.82
N PHE D 101 -71.14 -0.27 3.69
CA PHE D 101 -72.10 0.81 3.67
C PHE D 101 -73.37 0.30 3.00
N THR D 102 -74.49 0.79 3.47
CA THR D 102 -75.78 0.60 2.81
C THR D 102 -76.31 1.93 2.29
N GLY D 103 -77.18 1.85 1.29
CA GLY D 103 -77.72 3.07 0.74
C GLY D 103 -78.93 2.80 -0.12
N THR D 104 -79.59 3.89 -0.47
CA THR D 104 -80.64 3.91 -1.49
C THR D 104 -80.38 5.10 -2.38
N ASN D 105 -80.91 5.07 -3.60
CA ASN D 105 -80.86 6.30 -4.37
C ASN D 105 -82.06 6.33 -5.31
N ILE D 106 -82.29 7.51 -5.86
CA ILE D 106 -83.33 7.78 -6.84
C ILE D 106 -82.64 8.48 -7.98
N VAL D 107 -82.74 7.93 -9.19
CA VAL D 107 -82.16 8.56 -10.37
C VAL D 107 -83.31 9.02 -11.25
N ARG D 108 -83.34 10.32 -11.48
CA ARG D 108 -84.31 11.03 -12.33
C ARG D 108 -83.71 11.25 -13.71
N PHE D 109 -84.36 10.71 -14.76
CA PHE D 109 -83.82 10.90 -16.09
C PHE D 109 -84.94 11.11 -17.11
N THR D 110 -84.55 11.67 -18.24
CA THR D 110 -85.45 11.93 -19.35
C THR D 110 -85.10 11.00 -20.50
N CYS D 111 -86.13 10.40 -21.09
CA CYS D 111 -85.92 9.61 -22.30
C CYS D 111 -85.79 10.58 -23.46
N LYS D 112 -84.64 10.57 -24.12
CA LYS D 112 -84.41 11.41 -25.28
C LYS D 112 -84.79 10.71 -26.57
N GLU D 113 -84.66 9.38 -26.61
CA GLU D 113 -85.15 8.62 -27.74
C GLU D 113 -85.51 7.22 -27.29
N SER D 114 -86.57 6.69 -27.92
CA SER D 114 -87.24 5.49 -27.42
C SER D 114 -86.26 4.32 -27.26
N THR D 115 -86.43 3.56 -26.17
CA THR D 115 -85.55 2.44 -25.89
C THR D 115 -86.24 1.49 -24.91
N ASN D 116 -86.04 0.19 -25.10
CA ASN D 116 -86.63 -0.80 -24.20
C ASN D 116 -85.65 -1.26 -23.12
N ILE D 117 -84.55 -0.54 -22.92
CA ILE D 117 -83.55 -0.91 -21.92
C ILE D 117 -83.03 0.32 -21.21
N VAL D 118 -82.78 0.18 -19.91
CA VAL D 118 -82.04 1.16 -19.12
C VAL D 118 -80.66 0.56 -18.88
N ILE D 119 -79.62 1.20 -19.43
CA ILE D 119 -78.25 0.84 -19.13
C ILE D 119 -77.68 1.95 -18.25
N ILE D 120 -77.23 1.57 -17.06
CA ILE D 120 -76.71 2.51 -16.06
C ILE D 120 -75.51 1.84 -15.40
N HIS D 121 -74.55 2.63 -14.92
CA HIS D 121 -73.36 2.04 -14.31
C HIS D 121 -73.62 1.54 -12.89
N SER D 122 -72.92 0.47 -12.54
CA SER D 122 -72.94 -0.10 -11.19
C SER D 122 -71.73 -1.00 -11.06
N LYS D 123 -70.97 -0.84 -9.98
CA LYS D 123 -69.76 -1.63 -9.77
C LYS D 123 -69.70 -2.06 -8.32
N ARG D 124 -69.55 -3.36 -8.05
CA ARG D 124 -69.27 -3.79 -6.69
C ARG D 124 -70.43 -3.51 -5.72
N LEU D 125 -71.65 -3.37 -6.24
CA LEU D 125 -72.82 -3.11 -5.43
C LEU D 125 -73.73 -4.33 -5.42
N ASN D 126 -74.25 -4.67 -4.23
CA ASN D 126 -75.22 -5.76 -4.07
C ASN D 126 -76.59 -5.15 -3.79
N TYR D 127 -77.57 -5.50 -4.61
CA TYR D 127 -78.89 -4.91 -4.51
C TYR D 127 -79.83 -5.76 -3.68
N THR D 128 -80.77 -5.10 -3.03
CA THR D 128 -81.83 -5.76 -2.28
C THR D 128 -83.05 -5.74 -3.20
N SER D 129 -83.42 -6.89 -3.75
CA SER D 129 -84.54 -6.86 -4.69
C SER D 129 -85.87 -6.66 -3.99
N HIS D 130 -86.78 -6.05 -4.74
CA HIS D 130 -88.10 -5.65 -4.28
C HIS D 130 -89.11 -6.09 -5.33
N GLN D 131 -90.18 -6.76 -4.90
CA GLN D 131 -91.33 -7.02 -5.77
C GLN D 131 -90.90 -7.72 -7.06
N GLY D 132 -89.87 -8.57 -6.99
CA GLY D 132 -89.45 -9.36 -8.12
C GLY D 132 -88.28 -8.82 -8.93
N HIS D 133 -87.81 -7.60 -8.67
CA HIS D 133 -86.72 -7.04 -9.48
C HIS D 133 -85.75 -6.29 -8.57
N MET D 134 -84.49 -6.19 -8.98
CA MET D 134 -83.59 -5.55 -8.02
C MET D 134 -83.62 -4.03 -8.08
N VAL D 135 -84.35 -3.44 -9.02
CA VAL D 135 -84.65 -2.01 -9.01
C VAL D 135 -86.13 -1.82 -9.28
N ALA D 136 -86.61 -0.61 -9.04
CA ALA D 136 -87.96 -0.22 -9.45
C ALA D 136 -87.84 0.92 -10.44
N LEU D 137 -88.78 0.98 -11.38
CA LEU D 137 -88.76 2.00 -12.42
C LEU D 137 -90.17 2.54 -12.61
N SER D 138 -90.33 3.86 -12.52
CA SER D 138 -91.64 4.46 -12.70
C SER D 138 -91.54 5.70 -13.58
N GLY D 139 -92.56 5.91 -14.40
CA GLY D 139 -92.67 7.15 -15.14
C GLY D 139 -93.16 8.26 -14.24
N VAL D 140 -92.49 9.40 -14.30
CA VAL D 140 -92.96 10.59 -13.57
C VAL D 140 -94.21 11.11 -14.25
N GLY D 141 -95.25 11.38 -13.44
CA GLY D 141 -96.45 12.02 -13.93
C GLY D 141 -97.63 11.12 -14.24
N GLY D 142 -97.60 9.85 -13.85
CA GLY D 142 -98.69 8.94 -14.09
C GLY D 142 -98.40 8.01 -15.25
N PHE D 143 -99.43 7.28 -15.65
CA PHE D 143 -99.27 6.20 -16.63
C PHE D 143 -98.94 6.72 -18.04
N HIS D 144 -99.38 5.98 -19.10
CA HIS D 144 -98.74 5.89 -20.41
C HIS D 144 -97.57 4.92 -20.40
N PRO D 145 -97.55 3.93 -21.30
CA PRO D 145 -96.99 2.62 -20.94
C PRO D 145 -96.02 2.72 -19.78
N GLN D 146 -96.53 2.72 -18.54
CA GLN D 146 -95.63 2.70 -17.40
C GLN D 146 -94.67 1.52 -17.57
N PRO D 147 -93.40 1.68 -17.24
CA PRO D 147 -92.43 0.63 -17.53
C PRO D 147 -92.83 -0.68 -16.87
N VAL D 148 -92.68 -1.77 -17.62
CA VAL D 148 -92.78 -3.10 -17.05
C VAL D 148 -91.40 -3.72 -17.17
N ILE D 149 -90.77 -3.97 -16.03
CA ILE D 149 -89.48 -4.65 -16.02
C ILE D 149 -89.67 -6.13 -16.29
N VAL D 150 -89.00 -6.63 -17.31
CA VAL D 150 -88.98 -8.07 -17.57
C VAL D 150 -87.89 -8.74 -16.74
N ARG D 151 -86.69 -8.18 -16.80
CA ARG D 151 -85.44 -8.79 -16.31
C ARG D 151 -84.49 -7.65 -15.94
N THR D 152 -83.79 -7.77 -14.81
CA THR D 152 -82.64 -6.92 -14.58
C THR D 152 -81.42 -7.82 -14.44
N GLU D 153 -80.25 -7.32 -14.83
CA GLU D 153 -79.04 -8.10 -14.64
C GLU D 153 -77.88 -7.15 -14.42
N LEU D 154 -76.83 -7.66 -13.78
CA LEU D 154 -75.57 -6.94 -13.67
C LEU D 154 -74.60 -7.51 -14.69
N VAL D 155 -73.91 -6.64 -15.39
CA VAL D 155 -72.93 -7.05 -16.38
C VAL D 155 -71.58 -6.53 -15.88
N GLU D 156 -70.76 -7.41 -15.32
CA GLU D 156 -69.61 -6.94 -14.52
C GLU D 156 -68.50 -6.34 -15.38
N LEU D 157 -68.22 -6.93 -16.54
CA LEU D 157 -67.12 -6.43 -17.38
C LEU D 157 -67.28 -4.95 -17.71
N THR D 158 -68.44 -4.56 -18.19
CA THR D 158 -68.67 -3.18 -18.55
C THR D 158 -69.29 -2.39 -17.41
N GLU D 159 -69.36 -2.96 -16.22
CA GLU D 159 -69.83 -2.26 -15.01
C GLU D 159 -71.21 -1.64 -15.20
N TYR D 160 -72.15 -2.47 -15.68
CA TYR D 160 -73.50 -2.03 -15.93
C TYR D 160 -74.54 -2.76 -15.09
N LEU D 161 -75.61 -2.04 -14.79
CA LEU D 161 -76.89 -2.59 -14.40
C LEU D 161 -77.82 -2.37 -15.59
N VAL D 162 -78.46 -3.43 -16.06
CA VAL D 162 -79.28 -3.38 -17.28
C VAL D 162 -80.70 -3.74 -16.90
N VAL D 163 -81.64 -2.88 -17.23
CA VAL D 163 -83.04 -3.09 -16.92
C VAL D 163 -83.75 -3.35 -18.25
N HIS D 164 -84.24 -4.57 -18.43
CA HIS D 164 -84.92 -4.95 -19.66
C HIS D 164 -86.41 -4.70 -19.50
N LEU D 165 -86.96 -3.83 -20.31
CA LEU D 165 -88.36 -3.47 -20.23
C LEU D 165 -89.19 -4.21 -21.27
N GLN D 166 -90.49 -4.34 -20.96
CA GLN D 166 -91.39 -5.02 -21.88
C GLN D 166 -91.57 -4.23 -23.17
N GLU D 167 -91.88 -2.94 -23.05
CA GLU D 167 -92.03 -2.03 -24.17
C GLU D 167 -91.12 -0.83 -23.97
N PRO D 168 -90.73 -0.15 -25.06
CA PRO D 168 -89.81 0.98 -24.94
C PRO D 168 -90.36 2.11 -24.09
N LEU D 169 -89.46 2.87 -23.47
CA LEU D 169 -89.83 4.14 -22.85
C LEU D 169 -90.16 5.18 -23.93
N VAL D 170 -90.77 6.27 -23.48
CA VAL D 170 -91.41 7.26 -24.34
C VAL D 170 -90.56 8.51 -24.41
N ALA D 171 -90.18 8.92 -25.63
CA ALA D 171 -89.36 10.13 -25.77
C ALA D 171 -90.05 11.35 -25.19
N GLY D 172 -89.26 12.17 -24.47
CA GLY D 172 -89.80 13.34 -23.83
C GLY D 172 -90.36 13.11 -22.46
N ARG D 173 -90.41 11.86 -22.01
CA ARG D 173 -90.95 11.58 -20.70
C ARG D 173 -89.81 11.39 -19.71
N GLN D 174 -90.08 11.73 -18.45
CA GLN D 174 -89.13 11.53 -17.36
C GLN D 174 -89.47 10.25 -16.60
N TYR D 175 -88.44 9.65 -16.00
CA TYR D 175 -88.58 8.43 -15.23
C TYR D 175 -87.71 8.51 -13.98
N GLU D 176 -88.07 7.74 -12.96
CA GLU D 176 -87.26 7.62 -11.75
C GLU D 176 -86.96 6.14 -11.51
N MET D 177 -85.69 5.82 -11.31
CA MET D 177 -85.24 4.49 -10.92
C MET D 177 -84.84 4.53 -9.44
N ASN D 178 -85.40 3.61 -8.65
CA ASN D 178 -85.17 3.55 -7.21
C ASN D 178 -84.40 2.26 -6.92
N SER D 179 -83.31 2.34 -6.14
CA SER D 179 -82.52 1.16 -5.85
C SER D 179 -82.17 1.14 -4.38
N GLU D 180 -81.95 -0.08 -3.86
CA GLU D 180 -81.44 -0.28 -2.52
C GLU D 180 -80.25 -1.23 -2.57
N PHE D 181 -79.15 -0.86 -1.93
CA PHE D 181 -77.89 -1.52 -2.23
C PHE D 181 -76.96 -1.50 -1.04
N GLN D 182 -75.92 -2.34 -1.13
CA GLN D 182 -74.88 -2.40 -0.13
C GLN D 182 -73.56 -2.57 -0.86
N GLY D 183 -72.49 -2.01 -0.28
CA GLY D 183 -71.17 -2.17 -0.87
C GLY D 183 -70.16 -2.20 0.25
N GLU D 184 -68.93 -2.64 -0.09
CA GLU D 184 -67.86 -2.65 0.90
C GLU D 184 -67.27 -1.25 1.06
N LEU D 185 -67.05 -0.84 2.31
CA LEU D 185 -66.19 0.31 2.62
C LEU D 185 -64.78 -0.22 2.70
N ALA D 186 -64.20 -0.48 1.53
CA ALA D 186 -62.95 -1.22 1.49
C ALA D 186 -61.79 -0.27 1.78
N ASP D 187 -60.60 -0.83 1.97
CA ASP D 187 -59.41 0.00 2.03
C ASP D 187 -58.80 0.20 0.65
N ASP D 188 -59.60 0.20 -0.40
CA ASP D 188 -59.12 0.26 -1.77
C ASP D 188 -58.97 1.68 -2.35
N LEU D 189 -59.26 2.72 -1.58
CA LEU D 189 -59.06 4.12 -2.00
C LEU D 189 -59.93 4.55 -3.19
N ALA D 190 -61.05 3.87 -3.45
CA ALA D 190 -61.88 4.14 -4.63
C ALA D 190 -63.35 4.15 -4.23
N GLY D 191 -64.13 5.07 -4.78
CA GLY D 191 -65.54 5.10 -4.43
C GLY D 191 -65.75 5.60 -3.01
N PHE D 192 -66.72 5.02 -2.32
CA PHE D 192 -66.92 5.19 -0.88
C PHE D 192 -66.03 4.17 -0.17
N TYR D 193 -65.06 4.64 0.61
CA TYR D 193 -64.07 3.74 1.17
C TYR D 193 -63.69 4.22 2.57
N ARG D 194 -62.95 3.38 3.30
CA ARG D 194 -62.57 3.75 4.66
C ARG D 194 -61.13 4.21 4.72
N SER D 195 -60.86 5.05 5.71
CA SER D 195 -59.52 5.49 6.02
C SER D 195 -59.33 5.32 7.52
N GLU D 196 -58.09 5.10 7.95
CA GLU D 196 -57.84 4.75 9.35
C GLU D 196 -56.62 5.46 9.89
N TYR D 197 -56.62 5.68 11.20
CA TYR D 197 -55.51 6.36 11.86
C TYR D 197 -55.58 6.05 13.34
N MET D 198 -54.44 6.27 14.01
CA MET D 198 -54.31 6.08 15.44
C MET D 198 -54.38 7.40 16.19
N GLU D 199 -55.20 7.44 17.24
CA GLU D 199 -55.29 8.57 18.16
C GLU D 199 -55.13 8.05 19.57
N ASN D 200 -54.06 8.44 20.24
CA ASN D 200 -53.67 7.79 21.50
C ASN D 200 -53.59 6.30 21.19
N GLY D 201 -54.17 5.43 22.00
CA GLY D 201 -54.00 4.03 21.72
C GLY D 201 -55.04 3.43 20.81
N VAL D 202 -55.98 4.21 20.28
CA VAL D 202 -57.18 3.66 19.65
C VAL D 202 -57.14 3.87 18.13
N LYS D 203 -57.53 2.84 17.42
CA LYS D 203 -57.67 2.89 15.97
C LYS D 203 -59.00 3.55 15.60
N LYS D 204 -58.95 4.64 14.86
CA LYS D 204 -60.14 5.35 14.38
C LYS D 204 -60.38 4.99 12.92
N VAL D 205 -61.65 4.87 12.56
CA VAL D 205 -62.04 4.54 11.19
C VAL D 205 -62.99 5.62 10.70
N LEU D 206 -62.76 6.14 9.51
CA LEU D 206 -63.63 7.14 8.92
C LEU D 206 -64.03 6.66 7.54
N ALA D 207 -65.06 7.31 6.99
CA ALA D 207 -65.58 6.97 5.67
C ALA D 207 -65.41 8.17 4.76
N THR D 208 -64.94 7.93 3.53
CA THR D 208 -64.58 9.04 2.65
C THR D 208 -64.74 8.57 1.22
N THR D 209 -64.63 9.51 0.29
CA THR D 209 -64.91 9.21 -1.11
C THR D 209 -63.78 9.65 -2.02
N HIS D 210 -63.64 8.91 -3.12
CA HIS D 210 -62.87 9.37 -4.26
C HIS D 210 -63.52 8.76 -5.50
N MET D 211 -64.21 9.59 -6.28
CA MET D 211 -64.95 9.11 -7.44
C MET D 211 -64.16 9.11 -8.74
N GLN D 212 -63.16 9.99 -8.89
CA GLN D 212 -62.51 10.11 -10.19
C GLN D 212 -61.65 8.89 -10.49
N ALA D 213 -61.75 8.35 -11.70
CA ALA D 213 -62.62 8.83 -12.77
C ALA D 213 -63.98 8.12 -12.82
N THR D 214 -63.98 6.81 -12.59
CA THR D 214 -65.16 5.98 -12.84
C THR D 214 -65.58 5.20 -11.60
N GLU D 215 -65.55 5.84 -10.42
CA GLU D 215 -65.85 5.12 -9.17
C GLU D 215 -67.12 5.58 -8.47
N ALA D 216 -67.77 6.66 -8.91
CA ALA D 216 -69.07 7.01 -8.36
C ALA D 216 -70.03 5.82 -8.44
N ARG D 217 -69.90 5.04 -9.51
CA ARG D 217 -70.70 3.85 -9.79
C ARG D 217 -70.47 2.74 -8.78
N LYS D 218 -69.40 2.84 -8.01
CA LYS D 218 -69.10 1.91 -6.95
C LYS D 218 -69.71 2.35 -5.63
N SER D 219 -70.32 3.54 -5.57
CA SER D 219 -71.06 3.94 -4.38
C SER D 219 -72.56 4.02 -4.58
N PHE D 220 -73.06 4.08 -5.83
CA PHE D 220 -74.49 4.06 -6.11
C PHE D 220 -74.65 3.97 -7.63
N PRO D 221 -75.73 3.36 -8.14
CA PRO D 221 -75.90 3.30 -9.59
C PRO D 221 -76.13 4.69 -10.16
N CYS D 222 -75.46 4.98 -11.27
CA CYS D 222 -75.56 6.31 -11.85
C CYS D 222 -75.06 6.26 -13.28
N PHE D 223 -75.44 7.26 -14.06
CA PHE D 223 -74.92 7.42 -15.42
C PHE D 223 -73.57 8.11 -15.28
N ASP D 224 -72.52 7.30 -15.20
CA ASP D 224 -71.25 7.74 -14.67
C ASP D 224 -70.26 8.09 -15.79
N GLU D 225 -70.63 9.13 -16.54
CA GLU D 225 -69.80 9.78 -17.57
C GLU D 225 -69.85 11.29 -17.34
N PRO D 226 -68.72 11.99 -17.52
CA PRO D 226 -68.66 13.41 -17.09
C PRO D 226 -69.56 14.37 -17.85
N ALA D 227 -70.05 14.02 -19.05
CA ALA D 227 -70.95 14.91 -19.77
C ALA D 227 -72.42 14.70 -19.42
N MET D 228 -72.74 13.73 -18.57
CA MET D 228 -74.08 13.52 -18.04
C MET D 228 -74.26 14.28 -16.71
N LYS D 229 -74.15 15.61 -16.76
CA LYS D 229 -74.20 16.38 -15.51
C LYS D 229 -75.60 16.36 -14.89
N ALA D 230 -75.63 16.51 -13.56
CA ALA D 230 -76.89 16.46 -12.84
C ALA D 230 -76.72 17.17 -11.51
N THR D 231 -77.83 17.38 -10.81
CA THR D 231 -77.75 17.82 -9.42
C THR D 231 -77.85 16.61 -8.50
N PHE D 232 -77.35 16.78 -7.29
CA PHE D 232 -77.27 15.68 -6.33
C PHE D 232 -77.79 16.14 -4.98
N ASN D 233 -78.71 15.36 -4.44
CA ASN D 233 -79.33 15.59 -3.14
C ASN D 233 -78.83 14.49 -2.20
N ILE D 234 -77.90 14.82 -1.32
CA ILE D 234 -77.21 13.83 -0.50
C ILE D 234 -77.77 13.85 0.90
N THR D 235 -78.04 12.66 1.44
CA THR D 235 -78.34 12.46 2.86
C THR D 235 -77.40 11.40 3.38
N ILE D 236 -76.83 11.64 4.57
CA ILE D 236 -75.92 10.70 5.22
C ILE D 236 -76.50 10.33 6.58
N ILE D 237 -76.54 9.04 6.86
CA ILE D 237 -76.95 8.52 8.16
C ILE D 237 -75.69 8.05 8.86
N HIS D 238 -75.38 8.61 10.04
CA HIS D 238 -74.06 8.43 10.61
C HIS D 238 -74.16 8.38 12.13
N PRO D 239 -73.19 7.74 12.79
CA PRO D 239 -73.21 7.73 14.26
C PRO D 239 -73.23 9.14 14.83
N ASN D 240 -73.90 9.27 15.98
CA ASN D 240 -74.22 10.61 16.48
C ASN D 240 -73.01 11.37 16.97
N ASN D 241 -71.90 10.68 17.23
CA ASN D 241 -70.70 11.39 17.65
C ASN D 241 -69.86 11.90 16.49
N LEU D 242 -70.26 11.61 15.25
CA LEU D 242 -69.46 12.01 14.10
C LEU D 242 -70.18 13.07 13.26
N VAL D 243 -69.40 13.73 12.43
CA VAL D 243 -69.85 14.81 11.56
C VAL D 243 -69.77 14.34 10.12
N ALA D 244 -70.84 14.60 9.36
CA ALA D 244 -70.89 14.32 7.92
C ALA D 244 -70.59 15.60 7.17
N LEU D 245 -69.73 15.51 6.16
CA LEU D 245 -69.49 16.60 5.21
C LEU D 245 -69.81 16.14 3.79
N SER D 246 -70.14 17.10 2.94
CA SER D 246 -70.34 16.80 1.51
C SER D 246 -70.01 18.06 0.73
N ASN D 247 -70.28 18.03 -0.57
CA ASN D 247 -70.06 19.17 -1.45
C ASN D 247 -70.68 20.44 -0.87
N MET D 248 -71.93 20.34 -0.46
CA MET D 248 -72.72 21.49 -0.05
C MET D 248 -72.80 21.57 1.47
N LEU D 249 -73.29 22.71 1.98
CA LEU D 249 -73.63 22.82 3.40
C LEU D 249 -74.88 22.01 3.72
N PRO D 250 -75.04 21.57 4.98
CA PRO D 250 -76.30 20.92 5.38
C PRO D 250 -77.49 21.87 5.26
N ARG D 251 -78.67 21.29 4.99
CA ARG D 251 -79.88 22.11 4.91
C ARG D 251 -80.21 22.75 6.25
N GLY D 252 -79.76 22.13 7.32
CA GLY D 252 -80.10 22.53 8.67
C GLY D 252 -79.44 21.58 9.63
N PRO D 253 -79.67 21.77 10.93
CA PRO D 253 -79.08 20.87 11.93
C PRO D 253 -79.51 19.42 11.70
N SER D 254 -78.59 18.52 12.03
CA SER D 254 -78.89 17.11 11.93
C SER D 254 -80.01 16.74 12.88
N VAL D 255 -80.70 15.65 12.57
CA VAL D 255 -81.77 15.14 13.41
C VAL D 255 -81.52 13.68 13.75
N PRO D 256 -82.04 13.17 14.86
CA PRO D 256 -81.84 11.74 15.18
C PRO D 256 -82.49 10.83 14.16
N PHE D 257 -81.82 9.71 13.91
CA PHE D 257 -82.34 8.63 13.09
C PHE D 257 -83.43 7.90 13.86
N GLY D 258 -84.68 7.99 13.37
CA GLY D 258 -85.81 7.52 14.15
C GLY D 258 -85.69 6.07 14.57
N GLU D 259 -85.03 5.25 13.73
CA GLU D 259 -84.92 3.82 13.95
C GLU D 259 -83.87 3.46 15.00
N ASP D 260 -82.98 4.40 15.34
CA ASP D 260 -81.87 4.25 16.29
C ASP D 260 -81.26 5.61 16.65
N PRO D 261 -81.54 6.13 17.85
CA PRO D 261 -80.98 7.44 18.24
C PRO D 261 -79.46 7.46 18.44
N THR D 262 -78.80 6.30 18.39
CA THR D 262 -77.33 6.31 18.34
C THR D 262 -76.81 6.93 17.04
N TRP D 263 -77.68 7.06 16.04
CA TRP D 263 -77.34 7.58 14.74
C TRP D 263 -78.05 8.90 14.49
N LYS D 264 -77.47 9.72 13.59
CA LYS D 264 -78.03 11.00 13.21
C LYS D 264 -78.16 11.07 11.70
N VAL D 265 -78.95 12.03 11.24
CA VAL D 265 -79.23 12.21 9.82
C VAL D 265 -78.86 13.64 9.45
N THR D 266 -77.96 13.79 8.47
CA THR D 266 -77.56 15.09 7.94
C THR D 266 -77.94 15.13 6.47
N GLU D 267 -78.74 16.12 6.10
CA GLU D 267 -79.16 16.30 4.72
C GLU D 267 -78.53 17.56 4.15
N PHE D 268 -78.01 17.47 2.94
CA PHE D 268 -77.23 18.56 2.37
C PHE D 268 -78.00 19.31 1.30
N GLU D 269 -77.67 20.59 1.13
CA GLU D 269 -78.24 21.36 0.04
C GLU D 269 -77.95 20.68 -1.30
N THR D 270 -78.84 20.94 -2.25
CA THR D 270 -78.67 20.45 -3.61
C THR D 270 -77.40 21.01 -4.25
N THR D 271 -76.62 20.14 -4.89
CA THR D 271 -75.40 20.57 -5.58
C THR D 271 -75.77 21.37 -6.82
N PRO D 272 -74.82 22.15 -7.33
CA PRO D 272 -74.95 22.64 -8.71
C PRO D 272 -74.99 21.49 -9.70
N ILE D 273 -75.41 21.80 -10.92
CA ILE D 273 -75.29 20.86 -12.02
C ILE D 273 -73.82 20.53 -12.20
N MET D 274 -73.51 19.23 -12.25
CA MET D 274 -72.19 18.76 -11.91
C MET D 274 -72.01 17.32 -12.39
N SER D 275 -70.75 16.93 -12.64
CA SER D 275 -70.39 15.58 -13.03
C SER D 275 -70.38 14.64 -11.83
N THR D 276 -70.78 13.38 -12.06
CA THR D 276 -70.73 12.38 -10.98
C THR D 276 -69.35 12.27 -10.34
N TYR D 277 -68.27 12.42 -11.11
CA TYR D 277 -66.96 12.19 -10.49
C TYR D 277 -66.55 13.26 -9.47
N LEU D 278 -67.37 14.30 -9.26
CA LEU D 278 -67.06 15.36 -8.31
C LEU D 278 -67.85 15.27 -7.02
N LEU D 279 -68.73 14.27 -6.87
CA LEU D 279 -69.47 14.06 -5.63
C LEU D 279 -68.55 13.58 -4.52
N ALA D 280 -68.79 14.08 -3.30
CA ALA D 280 -67.99 13.66 -2.16
C ALA D 280 -68.84 13.67 -0.89
N TYR D 281 -68.56 12.71 -0.01
CA TYR D 281 -69.14 12.76 1.32
C TYR D 281 -68.25 12.02 2.28
N ILE D 282 -68.19 12.53 3.51
CA ILE D 282 -67.16 12.10 4.44
C ILE D 282 -67.77 12.08 5.83
N VAL D 283 -67.51 11.00 6.57
CA VAL D 283 -67.99 10.83 7.94
C VAL D 283 -66.77 10.60 8.83
N SER D 284 -66.54 11.49 9.78
CA SER D 284 -65.32 11.42 10.58
C SER D 284 -65.54 12.11 11.92
N GLU D 285 -64.50 12.04 12.77
CA GLU D 285 -64.25 12.83 13.97
C GLU D 285 -63.34 14.03 13.75
N PHE D 286 -63.06 14.42 12.52
CA PHE D 286 -62.04 15.43 12.30
C PHE D 286 -62.40 16.77 12.98
N SER D 287 -61.37 17.55 13.25
CA SER D 287 -61.50 18.94 13.66
C SER D 287 -61.19 19.84 12.48
N TYR D 288 -61.29 21.14 12.72
CA TYR D 288 -61.01 22.09 11.65
C TYR D 288 -60.60 23.42 12.24
N VAL D 289 -59.95 24.21 11.40
CA VAL D 289 -59.80 25.64 11.58
C VAL D 289 -60.54 26.31 10.44
N GLU D 290 -60.90 27.56 10.65
CA GLU D 290 -61.94 28.20 9.88
C GLU D 290 -61.61 29.68 9.70
N THR D 291 -61.86 30.21 8.52
CA THR D 291 -61.83 31.64 8.29
C THR D 291 -62.79 31.93 7.14
N ARG D 292 -62.88 33.18 6.74
CA ARG D 292 -63.58 33.50 5.52
C ARG D 292 -62.59 34.08 4.53
N ALA D 293 -62.75 33.74 3.25
CA ALA D 293 -62.03 34.45 2.21
C ALA D 293 -62.47 35.92 2.24
N PRO D 294 -61.63 36.83 1.72
CA PRO D 294 -62.07 38.24 1.66
C PRO D 294 -63.41 38.40 0.97
N SER D 295 -63.73 37.54 0.00
CA SER D 295 -65.02 37.58 -0.67
C SER D 295 -66.17 37.10 0.21
N GLY D 296 -65.87 36.43 1.32
CA GLY D 296 -66.92 35.88 2.16
C GLY D 296 -67.10 34.37 2.06
N VAL D 297 -66.46 33.71 1.08
CA VAL D 297 -66.57 32.25 1.00
C VAL D 297 -66.01 31.64 2.27
N LEU D 298 -66.75 30.68 2.81
CA LEU D 298 -66.29 29.97 4.01
C LEU D 298 -65.19 28.99 3.66
N ILE D 299 -64.06 29.11 4.35
CA ILE D 299 -62.89 28.22 4.17
C ILE D 299 -62.67 27.47 5.47
N ARG D 300 -62.61 26.14 5.40
CA ARG D 300 -62.29 25.34 6.57
C ARG D 300 -61.25 24.31 6.18
N ILE D 301 -60.34 24.02 7.10
CA ILE D 301 -59.27 23.04 6.91
C ILE D 301 -59.51 21.95 7.93
N TRP D 302 -59.85 20.74 7.47
CA TRP D 302 -60.20 19.60 8.30
C TRP D 302 -59.08 18.57 8.30
N ALA D 303 -58.84 17.96 9.46
CA ALA D 303 -57.81 16.93 9.58
C ALA D 303 -58.03 16.20 10.90
N ARG D 304 -57.24 15.16 11.13
CA ARG D 304 -57.16 14.54 12.44
C ARG D 304 -57.05 15.62 13.52
N PRO D 305 -57.79 15.48 14.63
CA PRO D 305 -57.73 16.51 15.69
C PRO D 305 -56.32 16.85 16.15
N SER D 306 -55.45 15.84 16.27
CA SER D 306 -54.08 16.07 16.70
C SER D 306 -53.35 17.00 15.74
N ALA D 307 -53.55 16.80 14.44
CA ALA D 307 -52.90 17.64 13.45
C ALA D 307 -53.41 19.08 13.54
N ILE D 308 -54.73 19.24 13.62
CA ILE D 308 -55.30 20.57 13.74
C ILE D 308 -54.81 21.25 15.01
N ASN D 309 -54.80 20.51 16.14
CA ASN D 309 -54.42 21.13 17.41
C ASN D 309 -52.97 21.56 17.44
N GLN D 310 -52.11 20.96 16.62
CA GLN D 310 -50.72 21.38 16.54
C GLN D 310 -50.52 22.55 15.59
N GLY D 311 -51.56 22.98 14.89
CA GLY D 311 -51.43 24.06 13.93
C GLY D 311 -51.07 23.62 12.53
N HIS D 312 -51.12 22.33 12.22
CA HIS D 312 -50.70 21.84 10.90
C HIS D 312 -51.64 22.24 9.77
N GLY D 313 -52.85 22.70 10.08
CA GLY D 313 -53.72 23.22 9.05
C GLY D 313 -53.63 24.73 8.85
N ASP D 314 -52.74 25.41 9.58
CA ASP D 314 -52.77 26.86 9.58
C ASP D 314 -52.27 27.43 8.26
N TYR D 315 -51.25 26.82 7.66
CA TYR D 315 -50.72 27.38 6.42
C TYR D 315 -51.77 27.30 5.30
N ALA D 316 -52.43 26.15 5.16
CA ALA D 316 -53.54 26.03 4.20
C ALA D 316 -54.60 27.10 4.46
N LEU D 317 -54.99 27.30 5.71
CA LEU D 317 -55.96 28.34 6.08
C LEU D 317 -55.51 29.71 5.59
N LYS D 318 -54.22 30.00 5.67
CA LYS D 318 -53.72 31.31 5.27
C LYS D 318 -53.81 31.50 3.76
N VAL D 319 -53.50 30.47 2.97
CA VAL D 319 -53.37 30.67 1.53
C VAL D 319 -54.64 30.34 0.74
N THR D 320 -55.53 29.49 1.25
CA THR D 320 -56.61 28.93 0.42
C THR D 320 -57.61 30.00 -0.03
N GLY D 321 -58.20 30.72 0.93
CA GLY D 321 -59.12 31.79 0.62
C GLY D 321 -58.54 32.82 -0.35
N PRO D 322 -57.34 33.33 -0.06
CA PRO D 322 -56.76 34.31 -0.98
C PRO D 322 -56.53 33.77 -2.39
N ILE D 323 -56.11 32.52 -2.55
CA ILE D 323 -55.94 31.96 -3.89
C ILE D 323 -57.29 31.82 -4.60
N LEU D 324 -58.30 31.35 -3.88
CA LEU D 324 -59.62 31.19 -4.48
C LEU D 324 -60.09 32.52 -5.07
N ASP D 325 -60.02 33.58 -4.26
CA ASP D 325 -60.44 34.90 -4.70
C ASP D 325 -59.58 35.40 -5.85
N PHE D 326 -58.27 35.13 -5.79
CA PHE D 326 -57.38 35.51 -6.89
C PHE D 326 -57.89 34.94 -8.20
N PHE D 327 -58.24 33.65 -8.23
CA PHE D 327 -58.72 33.07 -9.47
C PHE D 327 -60.06 33.67 -9.90
N SER D 328 -60.95 33.93 -8.92
CA SER D 328 -62.22 34.57 -9.26
C SER D 328 -62.00 35.90 -9.98
N GLN D 329 -61.05 36.70 -9.47
CA GLN D 329 -60.77 38.00 -10.08
C GLN D 329 -60.04 37.82 -11.42
N HIS D 330 -58.99 37.00 -11.42
CA HIS D 330 -58.17 36.83 -12.62
C HIS D 330 -58.94 36.34 -13.82
N TYR D 331 -59.83 35.38 -13.63
CA TYR D 331 -60.66 34.92 -14.73
C TYR D 331 -62.05 35.54 -14.72
N ASP D 332 -62.30 36.53 -13.86
CA ASP D 332 -63.54 37.33 -13.91
C ASP D 332 -64.76 36.41 -13.92
N THR D 333 -64.72 35.40 -13.06
CA THR D 333 -65.71 34.33 -13.00
C THR D 333 -65.84 33.93 -11.54
N PRO D 334 -66.91 34.29 -10.85
CA PRO D 334 -66.98 34.03 -9.41
C PRO D 334 -67.08 32.54 -9.12
N TYR D 335 -66.50 32.15 -8.00
CA TYR D 335 -66.80 30.85 -7.40
C TYR D 335 -68.24 30.86 -6.88
N PRO D 336 -69.08 29.90 -7.26
CA PRO D 336 -70.53 30.00 -6.97
C PRO D 336 -70.98 29.41 -5.65
N LEU D 337 -70.15 28.64 -4.94
CA LEU D 337 -70.61 28.01 -3.71
C LEU D 337 -70.31 28.93 -2.53
N ASN D 338 -70.96 28.64 -1.39
CA ASN D 338 -70.78 29.38 -0.16
C ASN D 338 -69.58 28.92 0.64
N LYS D 339 -69.02 27.74 0.35
CA LYS D 339 -67.88 27.25 1.10
C LYS D 339 -66.96 26.47 0.17
N SER D 340 -65.71 26.33 0.62
CA SER D 340 -64.74 25.41 0.01
C SER D 340 -63.99 24.77 1.16
N ASP D 341 -64.40 23.56 1.56
CA ASP D 341 -63.68 22.79 2.56
C ASP D 341 -62.43 22.13 1.95
N GLN D 342 -61.32 22.17 2.68
CA GLN D 342 -60.13 21.39 2.37
C GLN D 342 -59.94 20.34 3.46
N ILE D 343 -59.79 19.07 3.08
CA ILE D 343 -59.72 18.00 4.08
C ILE D 343 -58.59 17.01 3.79
N ALA D 344 -57.79 16.73 4.81
CA ALA D 344 -56.60 15.88 4.72
C ALA D 344 -56.97 14.49 5.19
N LEU D 345 -56.79 13.50 4.31
CA LEU D 345 -57.12 12.10 4.54
C LEU D 345 -55.87 11.30 4.81
N PRO D 346 -55.93 10.43 5.81
CA PRO D 346 -54.80 9.50 6.05
C PRO D 346 -54.59 8.47 4.94
N ASP D 347 -55.61 8.13 4.15
CA ASP D 347 -55.47 7.19 3.06
C ASP D 347 -56.09 7.77 1.79
N PHE D 348 -55.28 7.91 0.77
CA PHE D 348 -55.69 8.68 -0.41
C PHE D 348 -54.73 8.36 -1.55
N ASN D 349 -55.27 7.96 -2.71
CA ASN D 349 -54.41 7.49 -3.79
C ASN D 349 -53.69 8.64 -4.48
N ALA D 350 -54.45 9.62 -4.98
CA ALA D 350 -53.90 10.67 -5.83
C ALA D 350 -53.21 11.81 -5.08
N GLY D 351 -53.18 11.86 -3.78
CA GLY D 351 -52.56 13.16 -3.49
C GLY D 351 -53.42 14.42 -3.37
N ALA D 352 -54.29 14.79 -4.33
CA ALA D 352 -55.48 15.60 -4.00
C ALA D 352 -56.57 15.43 -5.07
N MET D 353 -57.81 15.86 -4.73
CA MET D 353 -58.97 15.73 -5.61
C MET D 353 -59.92 16.91 -5.44
N GLU D 354 -60.37 17.48 -6.56
CA GLU D 354 -61.03 18.79 -6.57
C GLU D 354 -62.54 18.76 -6.33
N ASN D 355 -63.08 17.78 -5.58
CA ASN D 355 -64.53 17.71 -5.42
C ASN D 355 -65.10 19.06 -5.03
N TRP D 356 -66.17 19.46 -5.73
CA TRP D 356 -66.69 20.82 -5.68
C TRP D 356 -67.24 21.11 -4.28
N GLY D 357 -66.60 22.02 -3.56
CA GLY D 357 -66.99 22.32 -2.19
C GLY D 357 -66.27 21.53 -1.11
N LEU D 358 -65.63 20.40 -1.47
CA LEU D 358 -65.05 19.51 -0.46
C LEU D 358 -63.82 18.88 -1.10
N VAL D 359 -62.71 19.61 -1.05
CA VAL D 359 -61.50 19.25 -1.74
C VAL D 359 -60.70 18.32 -0.81
N THR D 360 -60.35 17.13 -1.34
CA THR D 360 -59.66 16.14 -0.55
C THR D 360 -58.18 16.11 -0.90
N TYR D 361 -57.36 15.76 0.10
CA TYR D 361 -55.91 15.89 0.01
C TYR D 361 -55.24 14.71 0.72
N ARG D 362 -54.14 14.22 0.17
CA ARG D 362 -53.18 13.53 1.03
C ARG D 362 -52.76 14.47 2.16
N GLU D 363 -52.51 13.90 3.35
CA GLU D 363 -52.00 14.71 4.45
C GLU D 363 -50.74 15.46 4.04
N SER D 364 -49.83 14.77 3.35
CA SER D 364 -48.59 15.35 2.82
C SER D 364 -48.82 16.48 1.81
N ALA D 365 -50.04 16.66 1.30
CA ALA D 365 -50.28 17.73 0.34
C ALA D 365 -51.02 18.93 0.94
N LEU D 366 -51.41 18.87 2.22
CA LEU D 366 -52.23 19.94 2.77
C LEU D 366 -51.65 20.48 4.08
N LEU D 367 -51.09 19.59 4.88
CA LEU D 367 -50.65 19.87 6.23
C LEU D 367 -49.20 20.35 6.22
N TYR D 368 -48.85 21.20 7.17
CA TYR D 368 -47.54 21.80 7.20
C TYR D 368 -47.18 22.10 8.64
N ASP D 369 -46.00 21.64 9.06
CA ASP D 369 -45.49 21.87 10.41
C ASP D 369 -44.30 22.82 10.31
N ARG D 370 -44.45 24.02 10.85
CA ARG D 370 -43.45 25.05 10.60
C ARG D 370 -42.10 24.69 11.22
N GLN D 371 -42.06 23.76 12.16
CA GLN D 371 -40.80 23.36 12.76
C GLN D 371 -40.18 22.10 12.14
N SER D 372 -40.97 21.23 11.52
CA SER D 372 -40.45 19.94 11.06
C SER D 372 -40.62 19.67 9.57
N SER D 373 -41.48 20.39 8.87
CA SER D 373 -41.63 20.20 7.43
C SER D 373 -40.51 20.91 6.68
N SER D 374 -40.21 20.43 5.48
CA SER D 374 -39.14 21.05 4.69
C SER D 374 -39.69 22.15 3.79
N SER D 375 -38.77 22.91 3.18
CA SER D 375 -39.18 23.95 2.25
C SER D 375 -39.91 23.37 1.06
N GLY D 376 -39.43 22.24 0.52
CA GLY D 376 -40.14 21.58 -0.57
C GLY D 376 -41.52 21.08 -0.17
N ASN D 377 -41.65 20.61 1.07
CA ASN D 377 -42.95 20.24 1.61
C ASN D 377 -43.93 21.42 1.52
N GLN D 378 -43.49 22.61 1.96
CA GLN D 378 -44.38 23.77 1.95
C GLN D 378 -44.71 24.21 0.52
N GLU D 379 -43.73 24.17 -0.38
CA GLU D 379 -43.99 24.44 -1.79
C GLU D 379 -45.04 23.50 -2.37
N ARG D 380 -44.93 22.22 -2.03
CA ARG D 380 -45.92 21.22 -2.41
C ARG D 380 -47.32 21.64 -1.99
N VAL D 381 -47.47 22.03 -0.71
CA VAL D 381 -48.79 22.40 -0.18
C VAL D 381 -49.42 23.54 -0.99
N VAL D 382 -48.70 24.65 -1.16
CA VAL D 382 -49.33 25.77 -1.83
C VAL D 382 -49.54 25.45 -3.30
N THR D 383 -48.67 24.63 -3.90
CA THR D 383 -48.87 24.28 -5.31
C THR D 383 -50.08 23.37 -5.49
N VAL D 384 -50.28 22.42 -4.58
CA VAL D 384 -51.38 21.49 -4.74
C VAL D 384 -52.71 22.19 -4.43
N ILE D 385 -52.73 23.04 -3.39
CA ILE D 385 -53.93 23.83 -3.11
C ILE D 385 -54.30 24.67 -4.34
N ALA D 386 -53.33 25.37 -4.91
CA ALA D 386 -53.59 26.19 -6.08
C ALA D 386 -54.06 25.34 -7.25
N HIS D 387 -53.50 24.13 -7.39
CA HIS D 387 -53.96 23.19 -8.42
C HIS D 387 -55.43 22.85 -8.21
N GLU D 388 -55.79 22.43 -6.98
CA GLU D 388 -57.16 22.03 -6.70
C GLU D 388 -58.12 23.20 -6.86
N LEU D 389 -57.74 24.39 -6.38
CA LEU D 389 -58.62 25.54 -6.56
C LEU D 389 -58.76 25.90 -8.02
N ALA D 390 -57.68 25.78 -8.82
CA ALA D 390 -57.82 26.05 -10.24
C ALA D 390 -58.92 25.19 -10.86
N HIS D 391 -59.04 23.93 -10.41
CA HIS D 391 -60.06 23.03 -10.95
C HIS D 391 -61.48 23.50 -10.70
N GLN D 392 -61.72 24.32 -9.67
CA GLN D 392 -63.07 24.78 -9.43
C GLN D 392 -63.62 25.44 -10.71
N TRP D 393 -62.74 26.09 -11.47
CA TRP D 393 -63.05 26.62 -12.79
C TRP D 393 -62.80 25.57 -13.88
N PHE D 394 -61.56 25.09 -13.98
CA PHE D 394 -61.15 24.16 -15.03
C PHE D 394 -61.35 22.72 -14.58
N GLY D 395 -62.57 22.23 -14.78
CA GLY D 395 -62.99 20.90 -14.39
C GLY D 395 -64.39 20.87 -13.80
N ASN D 396 -64.65 21.75 -12.82
CA ASN D 396 -65.92 21.71 -12.09
C ASN D 396 -66.98 22.57 -12.76
N LEU D 397 -66.72 23.88 -12.88
CA LEU D 397 -67.60 24.77 -13.64
C LEU D 397 -67.71 24.32 -15.09
N VAL D 398 -66.57 24.20 -15.76
CA VAL D 398 -66.50 23.76 -17.14
C VAL D 398 -65.73 22.46 -17.16
N THR D 399 -66.27 21.48 -17.87
CA THR D 399 -65.78 20.11 -17.74
C THR D 399 -65.50 19.53 -19.10
N LEU D 400 -64.42 18.76 -19.23
CA LEU D 400 -64.20 18.02 -20.47
C LEU D 400 -65.45 17.24 -20.88
N GLU D 401 -65.61 17.07 -22.19
CA GLU D 401 -66.68 16.23 -22.73
C GLU D 401 -66.42 14.77 -22.42
N TRP D 402 -65.18 14.32 -22.62
CA TRP D 402 -64.80 12.94 -22.41
C TRP D 402 -63.32 12.91 -22.07
N TRP D 403 -62.91 11.78 -21.47
CA TRP D 403 -61.60 11.68 -20.83
C TRP D 403 -60.45 11.75 -21.82
N ASN D 404 -60.72 11.56 -23.12
CA ASN D 404 -59.66 11.69 -24.11
C ASN D 404 -59.12 13.10 -24.20
N ASP D 405 -59.85 14.07 -23.65
CA ASP D 405 -59.46 15.47 -23.60
C ASP D 405 -59.13 15.90 -22.18
N LEU D 406 -58.47 15.02 -21.41
CA LEU D 406 -58.26 15.28 -19.98
C LEU D 406 -57.47 16.56 -19.74
N TRP D 407 -56.61 16.93 -20.68
CA TRP D 407 -55.81 18.15 -20.55
C TRP D 407 -56.67 19.40 -20.36
N LEU D 408 -57.90 19.40 -20.88
CA LEU D 408 -58.77 20.58 -20.64
C LEU D 408 -58.99 20.80 -19.15
N ASN D 409 -59.04 19.72 -18.36
CA ASN D 409 -59.06 19.84 -16.92
C ASN D 409 -57.65 19.98 -16.34
N GLU D 410 -56.77 18.99 -16.54
CA GLU D 410 -55.55 19.06 -15.72
C GLU D 410 -54.37 19.75 -16.42
N GLY D 411 -54.39 19.92 -17.74
CA GLY D 411 -53.44 20.85 -18.35
C GLY D 411 -53.63 22.25 -17.83
N PHE D 412 -54.88 22.73 -17.84
CA PHE D 412 -55.23 24.03 -17.26
C PHE D 412 -54.85 24.10 -15.79
N ALA D 413 -55.23 23.09 -15.00
CA ALA D 413 -54.93 23.19 -13.57
C ALA D 413 -53.43 23.14 -13.32
N SER D 414 -52.70 22.33 -14.10
CA SER D 414 -51.26 22.23 -13.88
C SER D 414 -50.53 23.51 -14.28
N TYR D 415 -51.08 24.25 -15.25
CA TYR D 415 -50.49 25.55 -15.59
C TYR D 415 -50.98 26.62 -14.62
N VAL D 416 -52.29 26.70 -14.41
CA VAL D 416 -52.88 27.75 -13.58
C VAL D 416 -52.42 27.66 -12.14
N GLU D 417 -52.02 26.46 -11.67
CA GLU D 417 -51.52 26.36 -10.30
C GLU D 417 -50.35 27.31 -10.02
N TYR D 418 -49.52 27.58 -11.03
CA TYR D 418 -48.38 28.48 -10.79
C TYR D 418 -48.82 29.92 -10.63
N LEU D 419 -49.88 30.31 -11.32
CA LEU D 419 -50.40 31.67 -11.19
C LEU D 419 -50.91 31.90 -9.76
N GLY D 420 -51.71 30.96 -9.25
CA GLY D 420 -52.22 31.11 -7.89
C GLY D 420 -51.16 30.94 -6.83
N ALA D 421 -50.27 29.96 -7.02
CA ALA D 421 -49.21 29.77 -6.02
C ALA D 421 -48.27 30.97 -6.01
N ASP D 422 -47.97 31.52 -7.19
CA ASP D 422 -47.12 32.71 -7.22
C ASP D 422 -47.80 33.90 -6.55
N PHE D 423 -49.11 34.06 -6.77
CA PHE D 423 -49.86 35.08 -6.03
C PHE D 423 -49.69 34.91 -4.52
N ALA D 424 -49.75 33.68 -4.02
CA ALA D 424 -49.66 33.45 -2.58
C ALA D 424 -48.24 33.56 -2.05
N GLU D 425 -47.24 33.18 -2.85
CA GLU D 425 -45.83 33.19 -2.44
C GLU D 425 -45.00 33.87 -3.52
N PRO D 426 -45.18 35.17 -3.72
CA PRO D 426 -44.49 35.84 -4.83
C PRO D 426 -42.97 35.89 -4.70
N THR D 427 -42.40 35.72 -3.50
CA THR D 427 -40.95 35.80 -3.40
C THR D 427 -40.26 34.50 -3.82
N TRP D 428 -41.00 33.42 -4.05
CA TRP D 428 -40.39 32.14 -4.33
C TRP D 428 -40.01 31.97 -5.79
N ASN D 429 -40.55 32.79 -6.69
CA ASN D 429 -40.36 32.66 -8.13
C ASN D 429 -40.71 31.25 -8.62
N LEU D 430 -41.88 30.74 -8.18
CA LEU D 430 -42.29 29.41 -8.60
C LEU D 430 -42.54 29.27 -10.10
N LYS D 431 -42.94 30.35 -10.79
CA LYS D 431 -43.27 30.18 -12.20
C LYS D 431 -42.06 29.69 -12.99
N ASP D 432 -40.84 30.04 -12.53
CA ASP D 432 -39.62 29.52 -13.18
C ASP D 432 -39.54 27.99 -13.10
N LEU D 433 -40.03 27.38 -12.02
CA LEU D 433 -39.88 25.93 -11.87
C LEU D 433 -40.74 25.12 -12.81
N MET D 434 -41.68 25.75 -13.51
CA MET D 434 -42.51 25.04 -14.46
C MET D 434 -41.69 24.30 -15.53
N VAL D 435 -40.51 24.83 -15.88
CA VAL D 435 -39.69 24.18 -16.90
C VAL D 435 -39.16 22.84 -16.38
N LEU D 436 -38.60 22.81 -15.18
CA LEU D 436 -38.09 21.54 -14.65
C LEU D 436 -39.23 20.63 -14.23
N ASN D 437 -40.26 21.19 -13.61
CA ASN D 437 -41.29 20.40 -12.94
C ASN D 437 -42.31 19.85 -13.93
N ASP D 438 -42.50 20.51 -15.07
CA ASP D 438 -43.48 20.07 -16.04
C ASP D 438 -42.90 19.84 -17.42
N VAL D 439 -42.22 20.84 -18.00
CA VAL D 439 -41.73 20.70 -19.37
C VAL D 439 -40.78 19.51 -19.46
N TYR D 440 -39.76 19.48 -18.61
CA TYR D 440 -38.75 18.43 -18.71
C TYR D 440 -39.24 17.13 -18.11
N ARG D 441 -40.27 17.18 -17.26
CA ARG D 441 -40.81 15.93 -16.77
C ARG D 441 -41.49 15.16 -17.89
N VAL D 442 -42.12 15.85 -18.84
CA VAL D 442 -42.89 15.15 -19.86
C VAL D 442 -42.10 14.92 -21.16
N MET D 443 -41.04 15.68 -21.42
CA MET D 443 -40.35 15.51 -22.70
C MET D 443 -39.73 14.12 -22.84
N ALA D 444 -39.36 13.46 -21.74
CA ALA D 444 -38.84 12.10 -21.84
C ALA D 444 -39.85 11.17 -22.51
N VAL D 445 -41.10 11.20 -22.06
CA VAL D 445 -42.08 10.25 -22.58
C VAL D 445 -42.59 10.69 -23.95
N ASP D 446 -42.68 12.00 -24.17
CA ASP D 446 -43.23 12.50 -25.42
C ASP D 446 -42.26 12.37 -26.58
N ALA D 447 -41.04 11.92 -26.33
CA ALA D 447 -40.08 11.55 -27.36
C ALA D 447 -40.24 10.11 -27.85
N LEU D 448 -41.25 9.38 -27.37
CA LEU D 448 -41.46 8.01 -27.82
C LEU D 448 -42.54 7.93 -28.88
N ALA D 449 -42.38 6.95 -29.78
CA ALA D 449 -43.45 6.59 -30.69
C ALA D 449 -44.69 6.12 -29.95
N SER D 450 -44.52 5.66 -28.71
CA SER D 450 -45.60 5.19 -27.86
C SER D 450 -46.12 6.27 -26.92
N SER D 451 -45.90 7.54 -27.25
CA SER D 451 -46.57 8.63 -26.53
C SER D 451 -48.01 8.71 -27.02
N HIS D 452 -48.76 9.73 -26.58
CA HIS D 452 -50.08 9.96 -27.16
C HIS D 452 -50.33 11.46 -27.22
N PRO D 453 -51.19 11.91 -28.15
CA PRO D 453 -51.52 13.34 -28.23
C PRO D 453 -52.28 13.80 -27.00
N LEU D 454 -52.20 15.12 -26.76
CA LEU D 454 -53.02 15.74 -25.72
C LEU D 454 -54.49 15.35 -25.93
N SER D 455 -54.98 15.50 -27.15
CA SER D 455 -56.34 15.07 -27.51
C SER D 455 -56.21 13.79 -28.33
N THR D 456 -56.29 12.64 -27.63
CA THR D 456 -56.27 11.30 -28.21
C THR D 456 -57.65 11.00 -28.78
N PRO D 457 -57.76 10.35 -29.93
CA PRO D 457 -59.10 9.98 -30.41
C PRO D 457 -59.83 9.12 -29.38
N ALA D 458 -61.11 9.45 -29.20
CA ALA D 458 -61.89 8.92 -28.08
C ALA D 458 -61.95 7.40 -28.07
N SER D 459 -61.90 6.76 -29.25
CA SER D 459 -61.91 5.31 -29.32
C SER D 459 -60.78 4.69 -28.53
N GLU D 460 -59.64 5.37 -28.41
CA GLU D 460 -58.52 4.80 -27.68
C GLU D 460 -58.71 4.91 -26.17
N ILE D 461 -59.66 5.73 -25.72
CA ILE D 461 -59.84 5.98 -24.29
C ILE D 461 -61.25 5.54 -23.92
N ASN D 462 -61.46 4.24 -23.75
CA ASN D 462 -62.78 3.63 -23.61
C ASN D 462 -63.03 2.96 -22.28
N THR D 463 -62.10 2.14 -21.82
CA THR D 463 -62.31 1.34 -20.61
C THR D 463 -61.84 2.12 -19.39
N PRO D 464 -62.29 1.71 -18.19
CA PRO D 464 -61.78 2.37 -16.98
C PRO D 464 -60.28 2.32 -16.87
N ALA D 465 -59.64 1.23 -17.34
CA ALA D 465 -58.18 1.16 -17.32
C ALA D 465 -57.55 2.20 -18.24
N GLN D 466 -58.09 2.32 -19.44
CA GLN D 466 -57.59 3.33 -20.39
C GLN D 466 -57.84 4.74 -19.88
N ILE D 467 -59.03 4.99 -19.31
CA ILE D 467 -59.30 6.29 -18.71
C ILE D 467 -58.29 6.56 -17.58
N SER D 468 -58.09 5.57 -16.70
CA SER D 468 -57.17 5.80 -15.59
C SER D 468 -55.75 6.07 -16.07
N GLU D 469 -55.30 5.38 -17.14
CA GLU D 469 -53.92 5.58 -17.59
C GLU D 469 -53.68 7.00 -18.11
N VAL D 470 -54.69 7.65 -18.70
CA VAL D 470 -54.42 8.94 -19.34
C VAL D 470 -54.25 10.07 -18.35
N PHE D 471 -54.44 9.78 -17.05
CA PHE D 471 -54.00 10.68 -15.99
C PHE D 471 -52.48 10.53 -15.89
N ASP D 472 -51.78 11.21 -16.79
CA ASP D 472 -50.36 10.97 -16.98
C ASP D 472 -49.64 12.29 -17.24
N SER D 473 -48.32 12.21 -17.46
CA SER D 473 -47.54 13.43 -17.63
C SER D 473 -47.90 14.17 -18.92
N ILE D 474 -48.45 13.49 -19.94
CA ILE D 474 -48.96 14.21 -21.12
C ILE D 474 -50.11 15.13 -20.73
N SER D 475 -51.19 14.54 -20.17
CA SER D 475 -52.38 15.32 -19.84
C SER D 475 -52.09 16.43 -18.83
N TYR D 476 -51.23 16.15 -17.85
CA TYR D 476 -50.87 17.11 -16.80
C TYR D 476 -49.77 18.08 -17.26
N SER D 477 -48.56 17.55 -17.48
CA SER D 477 -47.40 18.41 -17.69
C SER D 477 -47.28 18.91 -19.13
N LYS D 478 -47.57 18.08 -20.14
CA LYS D 478 -47.57 18.65 -21.48
C LYS D 478 -48.73 19.61 -21.67
N GLY D 479 -49.89 19.28 -21.09
CA GLY D 479 -50.99 20.25 -21.07
C GLY D 479 -50.56 21.59 -20.51
N ALA D 480 -49.87 21.58 -19.36
CA ALA D 480 -49.42 22.84 -18.77
C ALA D 480 -48.40 23.54 -19.67
N SER D 481 -47.52 22.76 -20.31
CA SER D 481 -46.46 23.36 -21.11
C SER D 481 -47.02 24.05 -22.33
N VAL D 482 -48.01 23.41 -22.96
CA VAL D 482 -48.64 23.94 -24.17
C VAL D 482 -49.45 25.20 -23.84
N LEU D 483 -50.12 25.22 -22.68
CA LEU D 483 -50.83 26.42 -22.28
C LEU D 483 -49.89 27.53 -21.87
N ARG D 484 -48.78 27.18 -21.18
CA ARG D 484 -47.74 28.16 -20.91
C ARG D 484 -47.21 28.81 -22.19
N MET D 485 -47.02 28.01 -23.24
CA MET D 485 -46.46 28.59 -24.47
C MET D 485 -47.52 29.46 -25.16
N LEU D 486 -48.78 29.05 -25.11
CA LEU D 486 -49.88 29.84 -25.66
C LEU D 486 -50.04 31.16 -24.90
N SER D 487 -50.01 31.11 -23.56
CA SER D 487 -50.13 32.33 -22.77
C SER D 487 -48.93 33.25 -22.96
N ASN D 488 -47.79 32.71 -23.40
CA ASN D 488 -46.64 33.54 -23.68
C ASN D 488 -46.73 34.27 -25.03
N PHE D 489 -47.05 33.56 -26.13
CA PHE D 489 -46.97 34.24 -27.43
C PHE D 489 -48.17 35.17 -27.66
N LEU D 490 -49.36 34.79 -27.23
CA LEU D 490 -50.35 35.81 -26.98
C LEU D 490 -50.21 36.04 -25.49
N THR D 491 -50.33 37.28 -25.04
CA THR D 491 -49.85 37.56 -23.70
C THR D 491 -50.81 37.01 -22.66
N GLU D 492 -50.37 37.00 -21.39
CA GLU D 492 -51.28 36.56 -20.32
C GLU D 492 -52.53 37.45 -20.22
N ASP D 493 -52.37 38.77 -20.39
CA ASP D 493 -53.51 39.66 -20.25
C ASP D 493 -54.53 39.41 -21.34
N LEU D 494 -54.10 39.00 -22.53
CA LEU D 494 -55.02 38.61 -23.59
C LEU D 494 -55.55 37.19 -23.38
N PHE D 495 -54.64 36.27 -23.05
CA PHE D 495 -55.04 34.90 -22.74
C PHE D 495 -56.20 34.88 -21.75
N LYS D 496 -56.06 35.58 -20.64
CA LYS D 496 -57.07 35.44 -19.59
C LYS D 496 -58.42 36.01 -20.04
N MET D 497 -58.41 36.97 -20.96
CA MET D 497 -59.64 37.47 -21.56
C MET D 497 -60.37 36.37 -22.31
N GLY D 498 -59.64 35.64 -23.16
CA GLY D 498 -60.27 34.56 -23.90
C GLY D 498 -60.78 33.45 -22.98
N ILE D 499 -60.03 33.16 -21.92
CA ILE D 499 -60.46 32.12 -20.99
C ILE D 499 -61.73 32.55 -20.25
N ALA D 500 -61.79 33.82 -19.82
CA ALA D 500 -63.02 34.33 -19.21
C ALA D 500 -64.21 34.10 -20.13
N SER D 501 -64.05 34.43 -21.41
CA SER D 501 -65.14 34.26 -22.36
C SER D 501 -65.55 32.79 -22.45
N TYR D 502 -64.57 31.90 -22.57
CA TYR D 502 -64.78 30.46 -22.57
C TYR D 502 -65.55 30.02 -21.34
N LEU D 503 -65.08 30.40 -20.15
CA LEU D 503 -65.74 29.99 -18.90
C LEU D 503 -67.17 30.49 -18.83
N HIS D 504 -67.39 31.77 -19.18
CA HIS D 504 -68.73 32.34 -19.15
C HIS D 504 -69.68 31.63 -20.11
N THR D 505 -69.18 31.12 -21.22
CA THR D 505 -70.05 30.52 -22.22
C THR D 505 -70.43 29.09 -21.87
N TYR D 506 -69.49 28.32 -21.33
CA TYR D 506 -69.69 26.89 -21.12
C TYR D 506 -69.90 26.49 -19.67
N LYS D 507 -70.03 27.46 -18.75
CA LYS D 507 -70.27 27.14 -17.35
C LYS D 507 -71.46 26.19 -17.19
N TYR D 508 -71.29 25.23 -16.28
CA TYR D 508 -72.22 24.14 -15.98
C TYR D 508 -72.40 23.19 -17.16
N GLY D 509 -71.47 23.22 -18.12
CA GLY D 509 -71.55 22.31 -19.24
C GLY D 509 -70.22 21.66 -19.55
N ASN D 510 -70.08 21.15 -20.76
CA ASN D 510 -68.91 20.39 -21.16
C ASN D 510 -68.34 20.98 -22.44
N THR D 511 -67.03 20.86 -22.61
CA THR D 511 -66.35 21.45 -23.75
C THR D 511 -65.49 20.41 -24.47
N ILE D 512 -65.19 20.72 -25.73
CA ILE D 512 -64.16 20.05 -26.50
C ILE D 512 -63.14 21.10 -26.93
N TYR D 513 -62.01 20.65 -27.48
CA TYR D 513 -60.87 21.56 -27.64
C TYR D 513 -61.21 22.72 -28.58
N LEU D 514 -62.04 22.48 -29.62
CA LEU D 514 -62.41 23.54 -30.55
C LEU D 514 -63.13 24.69 -29.90
N ASN D 515 -63.86 24.44 -28.80
CA ASN D 515 -64.59 25.51 -28.15
C ASN D 515 -63.65 26.54 -27.54
N LEU D 516 -62.45 26.10 -27.13
CA LEU D 516 -61.51 27.03 -26.53
C LEU D 516 -60.87 27.94 -27.58
N TRP D 517 -60.52 27.40 -28.74
CA TRP D 517 -59.82 28.20 -29.74
C TRP D 517 -60.68 29.36 -30.25
N GLU D 518 -61.97 29.13 -30.44
CA GLU D 518 -62.91 30.17 -30.86
C GLU D 518 -62.85 31.38 -29.92
N HIS D 519 -62.90 31.12 -28.62
CA HIS D 519 -62.93 32.22 -27.67
C HIS D 519 -61.60 32.93 -27.59
N LEU D 520 -60.49 32.20 -27.78
CA LEU D 520 -59.20 32.87 -27.88
C LEU D 520 -59.07 33.65 -29.18
N GLN D 521 -59.55 33.08 -30.29
CA GLN D 521 -59.56 33.80 -31.55
C GLN D 521 -60.38 35.09 -31.46
N GLN D 522 -61.51 35.03 -30.73
CA GLN D 522 -62.39 36.20 -30.62
C GLN D 522 -61.65 37.37 -29.98
N VAL D 523 -60.92 37.10 -28.89
CA VAL D 523 -60.20 38.19 -28.24
C VAL D 523 -58.98 38.61 -29.05
N VAL D 524 -58.33 37.67 -29.75
CA VAL D 524 -57.16 38.05 -30.54
C VAL D 524 -57.57 38.92 -31.73
N ASP D 525 -58.54 38.44 -32.52
CA ASP D 525 -59.12 39.19 -33.64
C ASP D 525 -59.52 40.58 -33.21
N LYS D 526 -59.75 40.72 -31.93
CA LYS D 526 -60.32 41.88 -31.28
C LYS D 526 -59.27 42.94 -30.99
N GLN D 527 -58.08 42.51 -30.57
CA GLN D 527 -56.86 43.19 -30.15
C GLN D 527 -56.11 43.77 -31.36
N PRO D 528 -55.47 44.94 -31.21
CA PRO D 528 -54.71 45.50 -32.34
C PRO D 528 -53.22 45.16 -32.35
N THR D 529 -52.67 44.69 -31.22
CA THR D 529 -51.23 44.57 -31.03
C THR D 529 -50.66 43.18 -31.33
N ILE D 530 -51.24 42.12 -30.79
CA ILE D 530 -50.73 40.77 -30.98
C ILE D 530 -51.09 40.27 -32.37
N LYS D 531 -50.09 39.76 -33.11
CA LYS D 531 -50.31 39.22 -34.44
C LYS D 531 -49.75 37.80 -34.51
N LEU D 532 -50.50 36.92 -35.17
CA LEU D 532 -50.16 35.51 -35.29
C LEU D 532 -50.01 35.13 -36.75
N PRO D 533 -49.12 34.18 -37.07
CA PRO D 533 -48.95 33.77 -38.47
C PRO D 533 -50.09 32.93 -39.01
N ASP D 534 -51.06 32.55 -38.18
CA ASP D 534 -52.16 31.69 -38.61
C ASP D 534 -53.25 31.76 -37.54
N THR D 535 -54.35 31.04 -37.76
CA THR D 535 -55.39 31.07 -36.75
C THR D 535 -54.91 30.38 -35.48
N VAL D 536 -55.59 30.67 -34.36
CA VAL D 536 -55.31 29.97 -33.11
C VAL D 536 -55.51 28.46 -33.30
N SER D 537 -56.62 28.08 -33.92
CA SER D 537 -56.88 26.66 -34.11
C SER D 537 -55.81 26.01 -34.98
N ALA D 538 -55.35 26.70 -36.04
CA ALA D 538 -54.34 26.10 -36.90
C ALA D 538 -53.03 25.86 -36.13
N ILE D 539 -52.63 26.84 -35.32
CA ILE D 539 -51.40 26.70 -34.56
C ILE D 539 -51.56 25.65 -33.48
N MET D 540 -52.70 25.66 -32.80
CA MET D 540 -52.81 24.94 -31.54
C MET D 540 -53.18 23.48 -31.81
N ASP D 541 -53.90 23.23 -32.92
CA ASP D 541 -54.19 21.87 -33.35
C ASP D 541 -52.91 21.06 -33.53
N ARG D 542 -51.83 21.70 -33.99
CA ARG D 542 -50.57 21.00 -34.16
C ARG D 542 -49.98 20.55 -32.83
N TRP D 543 -50.27 21.28 -31.75
CA TRP D 543 -49.79 20.92 -30.42
C TRP D 543 -50.73 20.02 -29.65
N ILE D 544 -52.00 19.95 -30.07
CA ILE D 544 -53.02 19.21 -29.34
C ILE D 544 -53.32 17.87 -30.01
N LEU D 545 -53.40 17.86 -31.34
CA LEU D 545 -53.89 16.70 -32.03
C LEU D 545 -52.79 15.71 -32.39
N GLN D 546 -51.53 16.14 -32.44
CA GLN D 546 -50.49 15.20 -32.81
C GLN D 546 -49.57 15.09 -31.60
N MET D 547 -49.06 13.89 -31.36
CA MET D 547 -48.15 13.73 -30.24
C MET D 547 -46.77 14.29 -30.57
N GLY D 548 -45.92 14.34 -29.55
CA GLY D 548 -44.53 14.70 -29.71
C GLY D 548 -44.29 16.20 -29.82
N PHE D 549 -43.04 16.52 -30.13
CA PHE D 549 -42.56 17.89 -30.27
C PHE D 549 -41.44 17.90 -31.29
N PRO D 550 -41.14 19.05 -31.89
CA PRO D 550 -40.01 19.13 -32.81
C PRO D 550 -38.69 19.32 -32.09
N VAL D 551 -37.62 18.86 -32.72
CA VAL D 551 -36.30 19.44 -32.48
C VAL D 551 -36.06 20.45 -33.59
N ILE D 552 -35.70 21.67 -33.20
CA ILE D 552 -35.42 22.77 -34.11
C ILE D 552 -33.90 22.83 -34.28
N THR D 553 -33.40 22.56 -35.48
CA THR D 553 -31.96 22.46 -35.70
C THR D 553 -31.49 23.67 -36.49
N VAL D 554 -30.50 24.37 -35.94
CA VAL D 554 -30.03 25.64 -36.49
C VAL D 554 -28.65 25.44 -37.12
N ASP D 555 -28.50 25.85 -38.37
CA ASP D 555 -27.21 26.06 -39.02
C ASP D 555 -26.86 27.53 -38.97
N THR D 556 -25.98 27.92 -38.03
CA THR D 556 -25.70 29.34 -37.88
C THR D 556 -24.77 29.89 -38.96
N GLN D 557 -24.20 29.04 -39.82
CA GLN D 557 -23.44 29.61 -40.93
C GLN D 557 -24.33 30.18 -42.01
N THR D 558 -25.53 29.65 -42.17
CA THR D 558 -26.48 30.13 -43.16
C THR D 558 -27.74 30.71 -42.54
N GLY D 559 -27.98 30.49 -41.25
CA GLY D 559 -29.27 30.80 -40.68
C GLY D 559 -30.39 29.89 -41.16
N THR D 560 -30.06 28.72 -41.67
CA THR D 560 -31.10 27.77 -42.04
C THR D 560 -31.55 27.08 -40.75
N ILE D 561 -32.85 26.96 -40.55
CA ILE D 561 -33.32 26.19 -39.40
C ILE D 561 -34.35 25.21 -39.91
N SER D 562 -34.41 24.05 -39.25
CA SER D 562 -35.29 23.02 -39.72
C SER D 562 -35.94 22.34 -38.52
N GLN D 563 -37.08 21.68 -38.77
CA GLN D 563 -37.78 20.99 -37.71
C GLN D 563 -38.00 19.55 -38.11
N GLN D 564 -37.94 18.68 -37.11
CA GLN D 564 -38.31 17.28 -37.32
C GLN D 564 -38.84 16.76 -36.02
N HIS D 565 -39.84 15.87 -36.10
CA HIS D 565 -40.35 15.16 -34.93
C HIS D 565 -39.19 14.52 -34.17
N PHE D 566 -39.00 14.94 -32.91
CA PHE D 566 -37.93 14.40 -32.07
C PHE D 566 -38.34 13.02 -31.56
N LEU D 567 -37.50 12.02 -31.85
CA LEU D 567 -37.73 10.63 -31.41
C LEU D 567 -36.46 10.11 -30.76
N LEU D 568 -36.61 9.52 -29.57
CA LEU D 568 -35.45 9.07 -28.81
C LEU D 568 -34.69 7.99 -29.58
N ASP D 569 -35.36 6.92 -29.93
CA ASP D 569 -34.68 5.99 -30.80
C ASP D 569 -35.12 6.36 -32.21
N PRO D 570 -34.26 7.03 -32.99
CA PRO D 570 -34.74 7.74 -34.20
C PRO D 570 -35.36 6.81 -35.20
N GLN D 571 -35.46 5.54 -34.85
CA GLN D 571 -35.61 4.50 -35.84
C GLN D 571 -36.48 3.38 -35.31
N SER D 572 -37.09 3.59 -34.15
CA SER D 572 -38.35 2.93 -33.82
C SER D 572 -39.47 3.61 -34.62
N VAL D 573 -40.53 2.85 -34.88
CA VAL D 573 -41.48 3.20 -35.93
C VAL D 573 -42.69 3.91 -35.33
N VAL D 574 -42.97 5.10 -35.84
CA VAL D 574 -44.16 5.85 -35.49
C VAL D 574 -45.30 5.29 -36.32
N THR D 575 -46.27 4.67 -35.66
CA THR D 575 -47.45 4.14 -36.34
C THR D 575 -48.66 5.06 -36.25
N ARG D 576 -48.69 5.95 -35.28
CA ARG D 576 -49.75 6.94 -35.17
C ARG D 576 -49.63 7.95 -36.30
N PRO D 577 -50.60 8.02 -37.19
CA PRO D 577 -50.54 9.01 -38.27
C PRO D 577 -50.90 10.40 -37.76
N SER D 578 -50.39 11.42 -38.47
CA SER D 578 -50.75 12.78 -38.16
C SER D 578 -51.20 13.46 -39.44
N GLN D 579 -52.39 14.08 -39.39
CA GLN D 579 -52.88 14.88 -40.50
C GLN D 579 -51.93 16.01 -40.88
N PHE D 580 -51.03 16.43 -39.97
CA PHE D 580 -50.05 17.48 -40.24
C PHE D 580 -48.66 16.94 -40.58
N ASN D 581 -48.50 15.62 -40.70
CA ASN D 581 -47.23 15.02 -41.08
C ASN D 581 -46.10 15.42 -40.14
N TYR D 582 -46.43 15.58 -38.85
CA TYR D 582 -45.48 15.89 -37.78
C TYR D 582 -44.67 17.14 -38.10
N LEU D 583 -45.38 18.20 -38.47
CA LEU D 583 -44.85 19.55 -38.56
C LEU D 583 -45.67 20.43 -37.65
N TRP D 584 -44.99 21.39 -37.03
CA TRP D 584 -45.60 22.35 -36.13
C TRP D 584 -45.40 23.77 -36.67
N ILE D 585 -46.25 24.67 -36.21
CA ILE D 585 -46.03 26.10 -36.33
C ILE D 585 -45.47 26.56 -35.00
N VAL D 586 -44.22 27.00 -34.99
CA VAL D 586 -43.41 27.08 -33.77
C VAL D 586 -43.06 28.53 -33.47
N PRO D 587 -43.39 29.03 -32.28
CA PRO D 587 -42.94 30.38 -31.89
C PRO D 587 -41.52 30.33 -31.33
N ILE D 588 -40.62 31.13 -31.89
CA ILE D 588 -39.21 31.05 -31.56
C ILE D 588 -38.71 32.43 -31.14
N SER D 589 -38.51 32.60 -29.85
CA SER D 589 -37.73 33.70 -29.30
C SER D 589 -36.24 33.37 -29.41
N SER D 590 -35.38 34.40 -29.34
CA SER D 590 -33.94 34.14 -29.40
C SER D 590 -33.16 35.34 -28.88
N VAL D 591 -31.86 35.10 -28.62
CA VAL D 591 -30.90 36.18 -28.38
C VAL D 591 -29.62 35.94 -29.17
N ARG D 592 -28.91 37.04 -29.41
CA ARG D 592 -27.60 37.07 -30.05
C ARG D 592 -26.57 37.56 -29.04
N SER D 593 -25.74 36.65 -28.55
CA SER D 593 -24.69 36.98 -27.56
C SER D 593 -25.27 37.74 -26.38
N GLY D 594 -26.41 37.27 -25.88
CA GLY D 594 -27.02 37.82 -24.68
C GLY D 594 -27.99 38.95 -24.92
N SER D 595 -28.27 39.29 -26.17
CA SER D 595 -29.05 40.45 -26.53
C SER D 595 -30.30 40.05 -27.30
N PRO D 596 -31.48 40.51 -26.86
CA PRO D 596 -32.74 40.10 -27.52
C PRO D 596 -32.75 40.29 -29.02
N GLN D 597 -33.36 39.33 -29.72
CA GLN D 597 -33.65 39.44 -31.13
C GLN D 597 -35.16 39.50 -31.34
N ALA D 598 -35.56 39.96 -32.52
CA ALA D 598 -36.97 39.96 -32.88
C ALA D 598 -37.52 38.54 -32.86
N HIS D 599 -38.79 38.42 -32.45
CA HIS D 599 -39.48 37.14 -32.45
C HIS D 599 -39.66 36.61 -33.86
N TYR D 600 -39.66 35.29 -33.98
CA TYR D 600 -39.81 34.63 -35.27
C TYR D 600 -40.76 33.45 -35.09
N TRP D 601 -41.54 33.15 -36.14
CA TRP D 601 -42.40 31.96 -36.15
C TRP D 601 -41.94 31.04 -37.28
N LEU D 602 -41.64 29.79 -36.96
CA LEU D 602 -41.39 28.81 -38.00
C LEU D 602 -42.71 28.32 -38.57
N PRO D 603 -42.96 28.50 -39.89
CA PRO D 603 -44.34 28.39 -40.42
C PRO D 603 -44.81 27.02 -40.85
N GLY D 604 -44.51 25.94 -40.14
CA GLY D 604 -45.10 24.67 -40.53
C GLY D 604 -44.43 24.05 -41.72
N VAL D 605 -43.18 24.37 -41.96
CA VAL D 605 -42.40 23.83 -43.07
C VAL D 605 -41.17 23.14 -42.49
N GLU D 606 -40.66 22.16 -43.23
CA GLU D 606 -39.53 21.38 -42.74
C GLU D 606 -38.29 22.24 -42.58
N LYS D 607 -38.08 23.23 -43.45
CA LYS D 607 -36.93 24.10 -43.25
C LYS D 607 -37.28 25.50 -43.71
N ALA D 608 -36.53 26.46 -43.16
CA ALA D 608 -36.62 27.85 -43.54
C ALA D 608 -35.24 28.46 -43.34
N GLN D 609 -35.09 29.69 -43.80
CA GLN D 609 -33.87 30.45 -43.55
C GLN D 609 -34.25 31.83 -43.05
N ASN D 610 -33.50 32.33 -42.08
CA ASN D 610 -33.70 33.69 -41.61
C ASN D 610 -32.39 34.17 -41.00
N ASP D 611 -32.01 35.41 -41.32
CA ASP D 611 -30.74 35.94 -40.84
C ASP D 611 -30.70 36.07 -39.33
N LEU D 612 -31.85 36.03 -38.66
CA LEU D 612 -31.84 35.96 -37.19
C LEU D 612 -31.00 34.80 -36.67
N PHE D 613 -30.85 33.73 -37.45
CA PHE D 613 -30.17 32.53 -37.00
C PHE D 613 -28.82 32.33 -37.68
N LYS D 614 -28.30 33.36 -38.36
CA LYS D 614 -27.00 33.31 -39.02
C LYS D 614 -26.02 34.15 -38.23
N THR D 615 -24.82 33.63 -38.00
CA THR D 615 -23.82 34.34 -37.21
C THR D 615 -22.49 34.44 -37.96
N THR D 616 -21.71 35.44 -37.55
CA THR D 616 -20.30 35.52 -37.92
C THR D 616 -19.52 34.78 -36.83
N ALA D 617 -18.18 34.83 -36.91
CA ALA D 617 -17.38 34.10 -35.93
C ALA D 617 -17.48 34.67 -34.51
N ASN D 618 -17.84 35.94 -34.36
CA ASN D 618 -17.77 36.59 -33.06
C ASN D 618 -19.03 36.45 -32.21
N ASP D 619 -20.07 35.75 -32.68
CA ASP D 619 -21.25 35.72 -31.84
C ASP D 619 -22.00 34.40 -31.98
N TRP D 620 -22.77 34.09 -30.95
CA TRP D 620 -23.64 32.93 -30.87
C TRP D 620 -25.09 33.36 -30.79
N VAL D 621 -26.00 32.44 -31.15
CA VAL D 621 -27.43 32.60 -30.88
C VAL D 621 -27.88 31.50 -29.94
N LEU D 622 -28.89 31.79 -29.11
CA LEU D 622 -29.68 30.78 -28.39
C LEU D 622 -31.14 30.99 -28.74
N LEU D 623 -31.85 29.90 -28.97
CA LEU D 623 -33.27 29.93 -29.24
C LEU D 623 -34.06 29.51 -28.01
N ASN D 624 -35.30 30.00 -27.93
CA ASN D 624 -36.27 29.62 -26.92
C ASN D 624 -35.88 30.13 -25.54
N LEU D 625 -35.80 31.45 -25.43
CA LEU D 625 -35.53 32.09 -24.15
C LEU D 625 -36.50 31.65 -23.07
N ASN D 626 -35.95 31.29 -21.91
CA ASN D 626 -36.68 30.78 -20.74
C ASN D 626 -37.54 29.56 -21.07
N VAL D 627 -37.24 28.88 -22.17
CA VAL D 627 -37.91 27.64 -22.59
C VAL D 627 -39.42 27.84 -22.49
N THR D 628 -39.93 28.89 -23.18
CA THR D 628 -41.36 29.11 -23.18
C THR D 628 -42.06 28.26 -24.20
N GLY D 629 -41.34 27.81 -25.22
CA GLY D 629 -41.90 26.96 -26.25
C GLY D 629 -41.58 25.50 -25.97
N TYR D 630 -42.51 24.63 -26.37
CA TYR D 630 -42.42 23.20 -26.15
C TYR D 630 -41.63 22.54 -27.29
N TYR D 631 -40.31 22.75 -27.28
CA TYR D 631 -39.47 22.14 -28.29
C TYR D 631 -38.01 22.13 -27.80
N LEU D 632 -37.23 21.24 -28.40
CA LEU D 632 -35.78 21.18 -28.26
C LEU D 632 -35.07 21.98 -29.35
N VAL D 633 -33.85 22.42 -29.02
CA VAL D 633 -33.02 23.16 -29.97
C VAL D 633 -31.67 22.47 -30.13
N ASN D 634 -31.29 22.18 -31.37
CA ASN D 634 -29.93 21.74 -31.66
C ASN D 634 -29.24 22.75 -32.56
N TYR D 635 -27.92 22.85 -32.41
CA TYR D 635 -27.09 23.78 -33.17
C TYR D 635 -25.97 23.05 -33.90
N ASP D 636 -25.40 23.75 -34.88
CA ASP D 636 -24.12 23.37 -35.44
C ASP D 636 -23.03 23.40 -34.38
N ASN D 637 -21.97 22.63 -34.65
CA ASN D 637 -20.90 22.45 -33.68
C ASN D 637 -20.24 23.77 -33.31
N GLU D 638 -20.10 24.68 -34.29
CA GLU D 638 -19.49 25.98 -34.03
C GLU D 638 -20.27 26.78 -32.99
N ASN D 639 -21.60 26.87 -33.16
CA ASN D 639 -22.40 27.55 -32.15
C ASN D 639 -22.26 26.89 -30.77
N TRP D 640 -22.33 25.54 -30.73
CA TRP D 640 -22.21 24.84 -29.45
C TRP D 640 -20.90 25.20 -28.75
N LYS D 641 -19.79 25.20 -29.50
CA LYS D 641 -18.51 25.56 -28.91
C LYS D 641 -18.53 26.98 -28.36
N LYS D 642 -19.12 27.92 -29.10
CA LYS D 642 -19.19 29.29 -28.56
C LYS D 642 -19.99 29.33 -27.27
N ILE D 643 -21.12 28.61 -27.20
CA ILE D 643 -21.89 28.55 -25.96
C ILE D 643 -21.06 27.92 -24.85
N GLN D 644 -20.36 26.82 -25.16
CA GLN D 644 -19.46 26.22 -24.16
C GLN D 644 -18.42 27.24 -23.70
N THR D 645 -17.83 27.99 -24.64
CA THR D 645 -16.88 29.04 -24.28
C THR D 645 -17.54 30.10 -23.39
N GLN D 646 -18.76 30.51 -23.73
CA GLN D 646 -19.45 31.52 -22.92
C GLN D 646 -19.68 31.02 -21.50
N LEU D 647 -20.04 29.74 -21.35
CA LEU D 647 -20.27 29.18 -20.02
C LEU D 647 -19.00 29.16 -19.16
N GLN D 648 -17.83 28.99 -19.79
CA GLN D 648 -16.58 29.09 -19.03
C GLN D 648 -16.20 30.53 -18.72
N THR D 649 -16.43 31.47 -19.65
CA THR D 649 -16.03 32.87 -19.45
C THR D 649 -16.95 33.62 -18.49
N ASP D 650 -18.19 33.85 -18.91
CA ASP D 650 -19.27 34.43 -18.10
C ASP D 650 -20.54 33.63 -18.29
N LEU D 651 -20.76 32.64 -17.41
CA LEU D 651 -22.02 31.92 -17.44
C LEU D 651 -23.20 32.87 -17.24
N SER D 652 -23.01 33.98 -16.52
CA SER D 652 -24.08 34.91 -16.24
C SER D 652 -24.68 35.55 -17.50
N VAL D 653 -23.98 35.51 -18.62
CA VAL D 653 -24.52 36.15 -19.82
C VAL D 653 -25.67 35.32 -20.39
N ILE D 654 -25.69 34.02 -20.09
CA ILE D 654 -26.78 33.14 -20.51
C ILE D 654 -27.80 33.08 -19.37
N PRO D 655 -29.08 33.40 -19.63
CA PRO D 655 -30.06 33.40 -18.53
C PRO D 655 -30.17 32.03 -17.87
N VAL D 656 -30.43 32.06 -16.56
CA VAL D 656 -30.28 30.84 -15.75
C VAL D 656 -31.11 29.69 -16.33
N ILE D 657 -32.34 29.97 -16.76
CA ILE D 657 -33.18 28.89 -17.29
C ILE D 657 -32.56 28.31 -18.55
N ASN D 658 -31.96 29.15 -19.40
CA ASN D 658 -31.32 28.62 -20.60
C ASN D 658 -30.01 27.92 -20.30
N ARG D 659 -29.40 28.19 -19.17
CA ARG D 659 -28.28 27.37 -18.75
C ARG D 659 -28.77 25.94 -18.52
N ALA D 660 -29.93 25.80 -17.85
CA ALA D 660 -30.59 24.50 -17.72
C ALA D 660 -30.92 23.89 -19.08
N GLN D 661 -31.45 24.71 -20.00
CA GLN D 661 -31.80 24.24 -21.34
C GLN D 661 -30.60 23.64 -22.08
N VAL D 662 -29.46 24.36 -22.10
CA VAL D 662 -28.34 23.84 -22.88
C VAL D 662 -27.85 22.51 -22.30
N ILE D 663 -27.93 22.34 -20.98
CA ILE D 663 -27.64 21.05 -20.37
C ILE D 663 -28.71 20.03 -20.73
N HIS D 664 -29.98 20.34 -20.45
CA HIS D 664 -31.07 19.39 -20.67
C HIS D 664 -31.14 18.95 -22.13
N ASP D 665 -31.17 19.93 -23.04
CA ASP D 665 -31.35 19.65 -24.46
C ASP D 665 -30.20 18.83 -25.03
N ALA D 666 -28.96 19.17 -24.67
CA ALA D 666 -27.82 18.39 -25.16
C ALA D 666 -27.92 16.94 -24.70
N PHE D 667 -28.33 16.71 -23.46
CA PHE D 667 -28.44 15.35 -22.97
C PHE D 667 -29.55 14.58 -23.69
N ASN D 668 -30.70 15.24 -23.95
CA ASN D 668 -31.76 14.56 -24.68
C ASN D 668 -31.30 14.24 -26.10
N LEU D 669 -30.66 15.22 -26.75
CA LEU D 669 -30.12 15.04 -28.09
C LEU D 669 -29.10 13.91 -28.12
N ALA D 670 -28.27 13.82 -27.08
CA ALA D 670 -27.30 12.73 -26.98
C ALA D 670 -27.97 11.37 -26.74
N SER D 671 -29.11 11.34 -26.07
CA SER D 671 -29.82 10.07 -25.93
C SER D 671 -30.39 9.60 -27.26
N ALA D 672 -30.65 10.53 -28.17
CA ALA D 672 -31.30 10.25 -29.45
C ALA D 672 -30.32 10.26 -30.63
N GLN D 673 -29.01 10.20 -30.36
CA GLN D 673 -27.98 10.11 -31.40
C GLN D 673 -27.91 11.36 -32.27
N LYS D 674 -28.29 12.53 -31.75
CA LYS D 674 -28.23 13.76 -32.52
C LYS D 674 -27.11 14.70 -32.13
N VAL D 675 -26.47 14.50 -30.98
CA VAL D 675 -25.17 15.09 -30.69
C VAL D 675 -24.33 13.97 -30.07
N PRO D 676 -23.01 14.02 -30.17
CA PRO D 676 -22.18 13.03 -29.46
C PRO D 676 -22.39 13.15 -27.96
N VAL D 677 -22.30 12.01 -27.25
CA VAL D 677 -22.48 12.08 -25.79
C VAL D 677 -21.42 12.97 -25.15
N THR D 678 -20.24 13.10 -25.77
CA THR D 678 -19.24 13.99 -25.16
C THR D 678 -19.65 15.46 -25.23
N LEU D 679 -20.53 15.84 -26.17
CA LEU D 679 -20.99 17.22 -26.18
C LEU D 679 -21.85 17.51 -24.95
N ALA D 680 -22.80 16.61 -24.66
CA ALA D 680 -23.63 16.81 -23.47
C ALA D 680 -22.77 16.82 -22.21
N LEU D 681 -21.82 15.89 -22.11
CA LEU D 681 -20.92 15.86 -20.97
C LEU D 681 -20.09 17.13 -20.88
N ASN D 682 -19.57 17.63 -22.00
CA ASN D 682 -18.84 18.91 -21.95
C ASN D 682 -19.71 20.06 -21.43
N ASN D 683 -21.02 20.04 -21.71
CA ASN D 683 -21.80 21.15 -21.17
C ASN D 683 -22.02 21.03 -19.68
N THR D 684 -21.45 20.04 -18.99
CA THR D 684 -21.54 20.02 -17.53
C THR D 684 -20.26 20.49 -16.88
N LEU D 685 -19.21 20.74 -17.67
CA LEU D 685 -17.93 21.15 -17.09
C LEU D 685 -18.04 22.49 -16.36
N PHE D 686 -18.85 23.41 -16.88
CA PHE D 686 -18.93 24.72 -16.23
C PHE D 686 -19.58 24.66 -14.86
N LEU D 687 -20.29 23.58 -14.52
CA LEU D 687 -20.99 23.49 -13.24
C LEU D 687 -20.07 23.68 -12.05
N ILE D 688 -18.77 23.51 -12.25
CA ILE D 688 -17.87 23.62 -11.11
C ILE D 688 -17.85 25.05 -10.56
N GLN D 689 -18.33 26.04 -11.32
CA GLN D 689 -18.48 27.41 -10.79
C GLN D 689 -19.95 27.87 -10.74
N GLU D 690 -20.90 26.97 -10.95
CA GLU D 690 -22.32 27.31 -10.90
C GLU D 690 -22.86 27.09 -9.50
N THR D 691 -23.66 28.03 -9.01
CA THR D 691 -24.31 27.87 -7.70
C THR D 691 -25.84 27.97 -7.76
N GLU D 692 -26.43 28.26 -8.91
CA GLU D 692 -27.87 28.34 -9.01
C GLU D 692 -28.51 26.94 -9.00
N TYR D 693 -29.75 26.89 -8.51
CA TYR D 693 -30.46 25.62 -8.41
C TYR D 693 -30.74 25.00 -9.78
N MET D 694 -31.31 25.78 -10.70
CA MET D 694 -31.92 25.18 -11.89
C MET D 694 -30.92 24.48 -12.81
N PRO D 695 -29.77 25.06 -13.16
CA PRO D 695 -28.87 24.32 -14.06
C PRO D 695 -28.30 23.07 -13.42
N TRP D 696 -27.99 23.09 -12.12
CA TRP D 696 -27.55 21.88 -11.42
C TRP D 696 -28.64 20.82 -11.38
N GLN D 697 -29.89 21.24 -11.15
CA GLN D 697 -30.99 20.29 -11.15
C GLN D 697 -31.16 19.67 -12.53
N ALA D 698 -31.04 20.47 -13.58
CA ALA D 698 -31.10 19.92 -14.93
C ALA D 698 -29.98 18.90 -15.16
N ALA D 699 -28.78 19.19 -14.67
CA ALA D 699 -27.66 18.28 -14.85
C ALA D 699 -27.88 16.98 -14.06
N LEU D 700 -28.31 17.09 -12.82
CA LEU D 700 -28.52 15.88 -12.03
C LEU D 700 -29.63 15.05 -12.63
N SER D 701 -30.69 15.71 -13.11
CA SER D 701 -31.81 15.00 -13.72
C SER D 701 -31.38 14.32 -15.01
N SER D 702 -30.57 15.00 -15.83
CA SER D 702 -30.06 14.38 -17.05
C SER D 702 -29.09 13.25 -16.74
N LEU D 703 -28.15 13.49 -15.82
CA LEU D 703 -27.19 12.46 -15.46
C LEU D 703 -27.81 11.29 -14.73
N SER D 704 -29.03 11.45 -14.20
CA SER D 704 -29.77 10.30 -13.68
C SER D 704 -29.92 9.21 -14.73
N TYR D 705 -30.08 9.59 -16.00
CA TYR D 705 -30.10 8.58 -17.05
C TYR D 705 -28.77 7.84 -17.10
N PHE D 706 -27.65 8.58 -16.98
CA PHE D 706 -26.35 7.93 -16.99
C PHE D 706 -26.21 7.01 -15.79
N LYS D 707 -26.74 7.42 -14.62
CA LYS D 707 -26.69 6.55 -13.45
C LYS D 707 -27.49 5.27 -13.69
N LEU D 708 -28.71 5.41 -14.19
CA LEU D 708 -29.54 4.24 -14.47
C LEU D 708 -28.90 3.32 -15.52
N MET D 709 -28.26 3.89 -16.53
CA MET D 709 -27.57 3.03 -17.50
C MET D 709 -26.30 2.42 -16.95
N PHE D 710 -25.59 3.08 -16.05
CA PHE D 710 -24.21 2.69 -15.79
C PHE D 710 -23.87 2.33 -14.36
N ASP D 711 -24.80 2.45 -13.39
CA ASP D 711 -24.41 2.26 -12.01
C ASP D 711 -24.28 0.78 -11.63
N ARG D 712 -24.40 -0.14 -12.58
CA ARG D 712 -24.09 -1.55 -12.39
C ARG D 712 -22.90 -1.99 -13.25
N SER D 713 -22.06 -1.05 -13.70
CA SER D 713 -20.98 -1.35 -14.64
C SER D 713 -19.71 -0.63 -14.20
N GLU D 714 -18.59 -0.96 -14.85
CA GLU D 714 -17.32 -0.33 -14.54
C GLU D 714 -17.33 1.19 -14.77
N VAL D 715 -18.29 1.70 -15.55
CA VAL D 715 -18.40 3.15 -15.77
C VAL D 715 -18.73 3.87 -14.48
N TYR D 716 -19.30 3.18 -13.49
CA TYR D 716 -19.83 3.89 -12.34
C TYR D 716 -18.71 4.48 -11.49
N GLY D 717 -17.58 3.77 -11.35
CA GLY D 717 -16.45 4.29 -10.61
C GLY D 717 -16.05 5.69 -11.07
N PRO D 718 -15.63 5.81 -12.33
CA PRO D 718 -15.25 7.14 -12.84
C PRO D 718 -16.40 8.13 -12.91
N MET D 719 -17.63 7.68 -13.12
CA MET D 719 -18.73 8.64 -13.13
C MET D 719 -18.88 9.27 -11.76
N LYS D 720 -18.76 8.45 -10.70
CA LYS D 720 -18.85 8.97 -9.34
C LYS D 720 -17.72 9.96 -9.05
N ARG D 721 -16.54 9.70 -9.57
CA ARG D 721 -15.42 10.60 -9.27
C ARG D 721 -15.60 11.92 -10.00
N TYR D 722 -16.24 11.91 -11.16
CA TYR D 722 -16.49 13.17 -11.86
C TYR D 722 -17.55 13.99 -11.12
N LEU D 723 -18.67 13.36 -10.74
CA LEU D 723 -19.67 14.08 -9.95
C LEU D 723 -19.07 14.61 -8.66
N LYS D 724 -18.23 13.80 -8.01
CA LYS D 724 -17.55 14.26 -6.81
C LYS D 724 -16.74 15.52 -7.10
N LYS D 725 -15.98 15.52 -8.20
CA LYS D 725 -15.14 16.68 -8.52
C LYS D 725 -16.00 17.91 -8.82
N GLN D 726 -17.08 17.71 -9.56
CA GLN D 726 -17.89 18.83 -10.02
C GLN D 726 -18.63 19.46 -8.84
N VAL D 727 -19.03 18.65 -7.84
CA VAL D 727 -19.90 19.17 -6.79
C VAL D 727 -19.14 19.66 -5.56
N THR D 728 -17.87 19.29 -5.40
CA THR D 728 -17.14 19.71 -4.20
C THR D 728 -17.06 21.23 -4.04
N PRO D 729 -16.78 22.04 -5.07
CA PRO D 729 -16.80 23.49 -4.82
C PRO D 729 -18.19 24.01 -4.48
N LEU D 730 -19.25 23.37 -4.96
CA LEU D 730 -20.60 23.79 -4.58
C LEU D 730 -20.88 23.46 -3.13
N PHE D 731 -20.53 22.24 -2.71
CA PHE D 731 -20.68 21.87 -1.31
C PHE D 731 -19.86 22.79 -0.40
N ASN D 732 -18.63 23.09 -0.82
CA ASN D 732 -17.79 23.99 -0.03
C ASN D 732 -18.38 25.39 -0.02
N HIS D 733 -18.96 25.82 -1.14
CA HIS D 733 -19.66 27.11 -1.17
C HIS D 733 -20.73 27.18 -0.08
N PHE D 734 -21.57 26.15 0.05
CA PHE D 734 -22.61 26.23 1.06
C PHE D 734 -22.06 26.07 2.46
N GLU D 735 -20.97 25.34 2.63
CA GLU D 735 -20.44 25.21 3.98
C GLU D 735 -19.90 26.56 4.46
N ARG D 736 -19.41 27.37 3.54
CA ARG D 736 -18.95 28.71 3.90
C ARG D 736 -20.12 29.65 4.18
N VAL D 737 -21.06 29.78 3.23
CA VAL D 737 -22.13 30.76 3.39
C VAL D 737 -23.13 30.36 4.47
N THR D 738 -23.23 29.08 4.83
CA THR D 738 -24.11 28.68 5.92
C THR D 738 -23.39 28.69 7.26
N LYS D 739 -22.13 29.10 7.28
CA LYS D 739 -21.35 29.15 8.52
C LYS D 739 -21.36 27.76 9.18
N ASN D 740 -20.95 26.79 8.36
CA ASN D 740 -20.84 25.40 8.81
C ASN D 740 -22.21 24.81 9.18
N TRP D 741 -23.18 25.02 8.30
CA TRP D 741 -24.46 24.32 8.35
C TRP D 741 -25.29 24.76 9.55
N THR D 742 -25.05 25.98 10.04
CA THR D 742 -25.84 26.55 11.12
C THR D 742 -26.81 27.64 10.68
N ASP D 743 -26.63 28.21 9.49
CA ASP D 743 -27.40 29.39 9.06
C ASP D 743 -27.78 29.20 7.59
N HIS D 744 -28.89 28.52 7.37
CA HIS D 744 -29.26 28.04 6.05
C HIS D 744 -29.89 29.14 5.19
N PRO D 745 -29.86 28.99 3.86
CA PRO D 745 -30.30 30.08 2.98
C PRO D 745 -31.78 30.43 3.17
N GLN D 746 -32.13 31.64 2.75
CA GLN D 746 -33.49 32.13 2.93
C GLN D 746 -34.32 32.07 1.67
N THR D 747 -33.67 32.17 0.51
CA THR D 747 -34.33 32.03 -0.78
C THR D 747 -34.76 30.59 -1.01
N LEU D 748 -35.92 30.38 -1.62
CA LEU D 748 -36.32 29.01 -1.93
C LEU D 748 -35.33 28.38 -2.90
N MET D 749 -34.95 29.12 -3.96
CA MET D 749 -33.99 28.61 -4.94
C MET D 749 -32.66 28.24 -4.30
N ASP D 750 -32.17 29.08 -3.37
CA ASP D 750 -30.90 28.78 -2.72
C ASP D 750 -31.02 27.60 -1.77
N GLN D 751 -32.16 27.47 -1.10
CA GLN D 751 -32.43 26.30 -0.27
C GLN D 751 -32.38 25.04 -1.12
N TYR D 752 -33.05 25.07 -2.28
CA TYR D 752 -33.05 23.92 -3.16
C TYR D 752 -31.63 23.62 -3.67
N SER D 753 -30.87 24.66 -4.00
CA SER D 753 -29.50 24.44 -4.44
C SER D 753 -28.67 23.80 -3.34
N GLU D 754 -28.86 24.26 -2.10
CA GLU D 754 -28.17 23.64 -0.97
C GLU D 754 -28.52 22.17 -0.82
N ILE D 755 -29.81 21.84 -0.97
CA ILE D 755 -30.24 20.45 -0.78
C ILE D 755 -29.57 19.56 -1.82
N ASN D 756 -29.50 20.01 -3.08
CA ASN D 756 -28.82 19.21 -4.09
C ASN D 756 -27.33 19.13 -3.85
N ALA D 757 -26.73 20.19 -3.32
CA ALA D 757 -25.30 20.15 -3.00
C ALA D 757 -25.01 19.07 -1.98
N VAL D 758 -25.77 19.06 -0.88
CA VAL D 758 -25.55 18.12 0.19
C VAL D 758 -25.88 16.71 -0.26
N SER D 759 -26.97 16.53 -0.99
CA SER D 759 -27.34 15.20 -1.45
C SER D 759 -26.31 14.64 -2.41
N THR D 760 -25.89 15.44 -3.39
CA THR D 760 -24.95 14.97 -4.39
C THR D 760 -23.56 14.73 -3.79
N ALA D 761 -23.09 15.67 -2.95
CA ALA D 761 -21.80 15.47 -2.29
C ALA D 761 -21.80 14.20 -1.42
N CYS D 762 -22.88 13.95 -0.69
CA CYS D 762 -22.89 12.73 0.15
C CYS D 762 -23.01 11.46 -0.69
N SER D 763 -23.82 11.49 -1.75
CA SER D 763 -23.98 10.29 -2.59
C SER D 763 -22.69 9.88 -3.27
N TYR D 764 -21.82 10.84 -3.60
CA TYR D 764 -20.66 10.54 -4.41
C TYR D 764 -19.34 10.66 -3.67
N GLY D 765 -19.36 10.64 -2.34
CA GLY D 765 -18.14 10.42 -1.60
C GLY D 765 -17.35 11.65 -1.18
N VAL D 766 -17.96 12.82 -1.14
CA VAL D 766 -17.24 13.97 -0.59
C VAL D 766 -17.08 13.71 0.89
N PRO D 767 -15.85 13.57 1.41
CA PRO D 767 -15.71 13.20 2.83
C PRO D 767 -16.25 14.21 3.80
N GLU D 768 -16.19 15.51 3.50
CA GLU D 768 -16.78 16.45 4.45
C GLU D 768 -18.28 16.30 4.54
N CYS D 769 -18.96 15.93 3.45
CA CYS D 769 -20.40 15.72 3.56
C CYS D 769 -20.69 14.44 4.34
N GLU D 770 -19.95 13.37 4.04
CA GLU D 770 -20.14 12.13 4.78
C GLU D 770 -20.01 12.35 6.28
N LYS D 771 -19.06 13.21 6.69
CA LYS D 771 -18.84 13.47 8.10
C LYS D 771 -19.97 14.31 8.70
N LEU D 772 -20.39 15.36 7.99
CA LEU D 772 -21.60 16.09 8.39
C LEU D 772 -22.78 15.17 8.63
N ALA D 773 -23.10 14.32 7.64
CA ALA D 773 -24.24 13.42 7.78
C ALA D 773 -24.06 12.47 8.96
N ALA D 774 -22.88 11.87 9.08
CA ALA D 774 -22.64 10.95 10.19
C ALA D 774 -22.77 11.67 11.55
N THR D 775 -22.25 12.89 11.64
CA THR D 775 -22.30 13.61 12.91
C THR D 775 -23.74 13.94 13.30
N LEU D 776 -24.52 14.43 12.34
CA LEU D 776 -25.90 14.85 12.59
C LEU D 776 -26.74 13.66 13.03
N PHE D 777 -26.56 12.52 12.37
CA PHE D 777 -27.33 11.34 12.73
C PHE D 777 -26.94 10.82 14.11
N ALA D 778 -25.64 10.79 14.41
CA ALA D 778 -25.21 10.34 15.73
C ALA D 778 -25.86 11.18 16.81
N GLN D 779 -25.90 12.49 16.60
CA GLN D 779 -26.48 13.36 17.60
C GLN D 779 -27.99 13.15 17.75
N TRP D 780 -28.69 12.85 16.64
CA TRP D 780 -30.11 12.55 16.73
C TRP D 780 -30.36 11.23 17.47
N LYS D 781 -29.60 10.19 17.15
CA LYS D 781 -29.83 8.92 17.82
C LYS D 781 -29.60 9.03 19.32
N LYS D 782 -28.69 9.90 19.75
CA LYS D 782 -28.44 10.12 21.18
C LYS D 782 -29.66 10.67 21.91
N ASN D 783 -30.39 11.58 21.28
CA ASN D 783 -31.61 12.14 21.87
C ASN D 783 -32.71 12.16 20.82
N PRO D 784 -33.39 11.03 20.62
CA PRO D 784 -34.36 10.93 19.52
C PRO D 784 -35.52 11.90 19.58
N GLN D 785 -35.95 12.30 20.78
CA GLN D 785 -37.08 13.21 20.87
C GLN D 785 -36.74 14.65 20.51
N ASN D 786 -35.46 14.96 20.32
CA ASN D 786 -35.02 16.29 19.91
C ASN D 786 -34.23 16.11 18.63
N ASN D 787 -34.87 16.33 17.49
CA ASN D 787 -34.19 16.15 16.22
C ASN D 787 -33.32 17.37 15.88
N PRO D 788 -32.00 17.21 15.74
CA PRO D 788 -31.13 18.36 15.43
C PRO D 788 -31.05 18.66 13.95
N ILE D 789 -31.60 17.81 13.08
CA ILE D 789 -31.32 17.92 11.65
C ILE D 789 -32.31 18.88 11.03
N HIS D 790 -31.80 19.87 10.31
CA HIS D 790 -32.67 20.77 9.57
C HIS D 790 -33.57 19.95 8.66
N PRO D 791 -34.88 20.18 8.65
CA PRO D 791 -35.80 19.40 7.79
C PRO D 791 -35.36 19.31 6.34
N ASN D 792 -34.71 20.33 5.79
CA ASN D 792 -34.29 20.24 4.40
C ASN D 792 -33.18 19.21 4.17
N LEU D 793 -32.42 18.86 5.22
CA LEU D 793 -31.34 17.91 5.06
C LEU D 793 -31.65 16.51 5.55
N ARG D 794 -32.85 16.27 6.07
CA ARG D 794 -33.12 14.97 6.71
C ARG D 794 -33.07 13.82 5.70
N SER D 795 -33.63 14.01 4.52
CA SER D 795 -33.62 12.89 3.56
C SER D 795 -32.19 12.44 3.28
N THR D 796 -31.27 13.38 3.10
CA THR D 796 -29.88 12.99 2.85
C THR D 796 -29.27 12.36 4.09
N VAL D 797 -29.44 13.01 5.25
CA VAL D 797 -28.81 12.53 6.47
C VAL D 797 -29.33 11.13 6.81
N TYR D 798 -30.65 10.93 6.69
CA TYR D 798 -31.22 9.63 7.02
C TYR D 798 -30.74 8.57 6.05
N CYS D 799 -30.79 8.85 4.75
CA CYS D 799 -30.34 7.89 3.76
C CYS D 799 -28.88 7.52 3.96
N ASN D 800 -28.01 8.51 4.22
CA ASN D 800 -26.60 8.19 4.36
C ASN D 800 -26.32 7.35 5.60
N ALA D 801 -27.06 7.60 6.68
CA ALA D 801 -26.84 6.82 7.89
C ALA D 801 -27.25 5.37 7.69
N ILE D 802 -28.33 5.15 6.93
CA ILE D 802 -28.78 3.80 6.63
C ILE D 802 -27.77 3.12 5.71
N ALA D 803 -27.35 3.82 4.66
CA ALA D 803 -26.39 3.26 3.71
C ALA D 803 -25.07 2.92 4.39
N GLN D 804 -24.62 3.78 5.30
CA GLN D 804 -23.35 3.56 5.98
C GLN D 804 -23.45 2.58 7.14
N GLY D 805 -24.64 2.34 7.68
CA GLY D 805 -24.83 1.52 8.87
C GLY D 805 -25.33 0.13 8.54
N GLY D 806 -26.03 -0.46 9.49
CA GLY D 806 -26.56 -1.81 9.33
C GLY D 806 -27.89 -1.96 10.02
N GLU D 807 -28.18 -3.18 10.47
CA GLU D 807 -29.36 -3.52 11.25
C GLU D 807 -29.80 -2.47 12.26
N GLU D 808 -28.90 -2.08 13.16
CA GLU D 808 -29.32 -1.22 14.25
C GLU D 808 -29.82 0.13 13.72
N GLU D 809 -29.11 0.71 12.76
CA GLU D 809 -29.52 1.98 12.20
C GLU D 809 -30.86 1.86 11.48
N TRP D 810 -31.01 0.79 10.69
CA TRP D 810 -32.27 0.54 10.00
C TRP D 810 -33.42 0.39 10.99
N ASN D 811 -33.27 -0.43 12.02
CA ASN D 811 -34.35 -0.64 12.97
C ASN D 811 -34.71 0.65 13.70
N PHE D 812 -33.72 1.47 14.02
CA PHE D 812 -33.99 2.76 14.66
C PHE D 812 -34.87 3.65 13.77
N VAL D 813 -34.50 3.80 12.50
CA VAL D 813 -35.30 4.64 11.59
C VAL D 813 -36.67 4.03 11.35
N TRP D 814 -36.74 2.69 11.25
CA TRP D 814 -38.04 2.01 11.09
C TRP D 814 -38.96 2.30 12.27
N GLU D 815 -38.38 2.24 13.46
CA GLU D 815 -39.09 2.52 14.70
C GLU D 815 -39.56 3.99 14.73
N GLN D 816 -38.71 4.93 14.29
CA GLN D 816 -39.12 6.32 14.13
C GLN D 816 -40.23 6.46 13.08
N PHE D 817 -40.14 5.69 11.99
CA PHE D 817 -41.18 5.76 10.97
C PHE D 817 -42.53 5.32 11.53
N LEU D 818 -42.56 4.19 12.26
CA LEU D 818 -43.84 3.65 12.74
C LEU D 818 -44.56 4.61 13.69
N LYS D 819 -43.81 5.43 14.40
CA LYS D 819 -44.43 6.32 15.36
C LYS D 819 -44.56 7.75 14.85
N ALA D 820 -44.11 8.03 13.63
CA ALA D 820 -44.16 9.38 13.10
C ALA D 820 -45.58 9.77 12.73
N GLU D 821 -46.05 10.84 13.38
CA GLU D 821 -47.39 11.40 13.26
C GLU D 821 -47.50 12.36 12.07
N LEU D 822 -46.45 13.14 11.83
CA LEU D 822 -46.39 14.05 10.69
C LEU D 822 -46.00 13.27 9.44
N VAL D 823 -46.87 13.23 8.46
CA VAL D 823 -46.58 12.41 7.27
C VAL D 823 -45.33 12.91 6.55
N ASN D 824 -45.11 14.23 6.51
CA ASN D 824 -43.87 14.73 5.92
C ASN D 824 -42.64 14.02 6.49
N GLU D 825 -42.61 13.82 7.80
CA GLU D 825 -41.46 13.18 8.41
C GLU D 825 -41.47 11.68 8.17
N ALA D 826 -42.64 11.04 8.33
CA ALA D 826 -42.77 9.62 7.98
C ALA D 826 -42.25 9.35 6.57
N ASP D 827 -42.55 10.25 5.62
CA ASP D 827 -42.12 10.02 4.24
C ASP D 827 -40.60 10.04 4.13
N LYS D 828 -39.95 10.95 4.85
CA LYS D 828 -38.49 11.04 4.78
C LYS D 828 -37.84 9.79 5.37
N LEU D 829 -38.38 9.32 6.49
CA LEU D 829 -37.88 8.12 7.15
C LEU D 829 -38.08 6.90 6.27
N ARG D 830 -39.28 6.79 5.69
CA ARG D 830 -39.58 5.63 4.86
C ARG D 830 -38.70 5.60 3.62
N GLY D 831 -38.51 6.76 2.97
CA GLY D 831 -37.63 6.80 1.81
C GLY D 831 -36.20 6.39 2.16
N ALA D 832 -35.74 6.78 3.36
CA ALA D 832 -34.36 6.49 3.72
C ALA D 832 -34.15 5.00 3.99
N LEU D 833 -35.17 4.31 4.48
CA LEU D 833 -35.06 2.87 4.70
C LEU D 833 -34.75 2.12 3.41
N ALA D 834 -35.06 2.71 2.26
CA ALA D 834 -34.72 2.09 0.99
C ALA D 834 -33.24 2.19 0.66
N CYS D 835 -32.42 2.85 1.49
CA CYS D 835 -31.01 3.04 1.18
C CYS D 835 -30.10 1.95 1.74
N SER D 836 -30.65 0.92 2.39
CA SER D 836 -29.84 -0.17 2.90
C SER D 836 -29.07 -0.85 1.78
N ASN D 837 -27.82 -1.21 2.05
CA ASN D 837 -27.05 -2.03 1.11
C ASN D 837 -27.12 -3.53 1.41
N GLN D 838 -28.04 -3.95 2.28
CA GLN D 838 -28.16 -5.34 2.69
C GLN D 838 -29.37 -5.96 2.01
N VAL D 839 -29.14 -7.03 1.24
CA VAL D 839 -30.24 -7.65 0.50
C VAL D 839 -31.33 -8.10 1.47
N TRP D 840 -30.93 -8.77 2.56
CA TRP D 840 -31.97 -9.31 3.45
C TRP D 840 -32.79 -8.21 4.09
N ILE D 841 -32.18 -7.05 4.36
CA ILE D 841 -32.92 -5.93 4.93
C ILE D 841 -33.89 -5.35 3.90
N LEU D 842 -33.45 -5.24 2.65
CA LEU D 842 -34.35 -4.73 1.62
C LEU D 842 -35.53 -5.66 1.40
N ASN D 843 -35.30 -6.98 1.38
CA ASN D 843 -36.38 -7.94 1.17
C ASN D 843 -37.34 -7.96 2.36
N ARG D 844 -36.80 -7.84 3.57
CA ARG D 844 -37.67 -7.75 4.73
C ARG D 844 -38.55 -6.52 4.61
N PHE D 845 -37.95 -5.38 4.23
CA PHE D 845 -38.71 -4.16 3.98
C PHE D 845 -39.82 -4.40 2.96
N LEU D 846 -39.49 -5.05 1.83
CA LEU D 846 -40.52 -5.39 0.84
C LEU D 846 -41.66 -6.21 1.46
N SER D 847 -41.34 -7.17 2.35
CA SER D 847 -42.42 -7.96 2.93
C SER D 847 -43.34 -7.09 3.77
N TYR D 848 -42.78 -6.05 4.40
CA TYR D 848 -43.61 -5.11 5.17
C TYR D 848 -44.63 -4.38 4.31
N THR D 849 -44.32 -4.11 3.02
CA THR D 849 -45.30 -3.41 2.18
C THR D 849 -46.55 -4.25 1.94
N LEU D 850 -46.52 -5.55 2.24
CA LEU D 850 -47.74 -6.35 2.13
C LEU D 850 -48.62 -6.28 3.36
N ASP D 851 -48.19 -5.63 4.41
CA ASP D 851 -48.93 -5.57 5.66
C ASP D 851 -49.49 -4.17 5.85
N PRO D 852 -50.80 -3.95 5.74
CA PRO D 852 -51.33 -2.60 5.89
C PRO D 852 -51.24 -2.04 7.31
N ASN D 853 -50.95 -2.86 8.30
CA ASN D 853 -50.63 -2.35 9.63
C ASN D 853 -49.28 -1.64 9.66
N LEU D 854 -48.45 -1.81 8.63
CA LEU D 854 -47.09 -1.29 8.61
C LEU D 854 -46.90 -0.25 7.53
N ILE D 855 -47.38 -0.53 6.32
CA ILE D 855 -47.26 0.35 5.16
C ILE D 855 -48.67 0.52 4.61
N ARG D 856 -49.15 1.75 4.55
CA ARG D 856 -50.49 1.93 4.00
C ARG D 856 -50.47 1.66 2.50
N LYS D 857 -51.60 1.15 1.98
CA LYS D 857 -51.75 0.89 0.56
C LYS D 857 -51.38 2.10 -0.29
N GLN D 858 -51.66 3.30 0.20
CA GLN D 858 -51.35 4.51 -0.55
C GLN D 858 -49.85 4.77 -0.68
N ASP D 859 -49.01 4.08 0.10
CA ASP D 859 -47.58 4.31 0.16
C ASP D 859 -46.77 3.19 -0.47
N VAL D 860 -47.42 2.13 -0.94
CA VAL D 860 -46.70 0.94 -1.40
C VAL D 860 -45.88 1.24 -2.65
N THR D 861 -46.49 1.81 -3.69
CA THR D 861 -45.73 1.93 -4.94
C THR D 861 -44.61 2.98 -4.82
N SER D 862 -44.80 4.01 -4.01
CA SER D 862 -43.72 4.92 -3.60
C SER D 862 -42.54 4.17 -2.99
N THR D 863 -42.82 3.29 -2.04
CA THR D 863 -41.78 2.53 -1.37
C THR D 863 -41.08 1.61 -2.35
N LEU D 864 -41.85 0.89 -3.18
CA LEU D 864 -41.26 -0.01 -4.16
C LEU D 864 -40.35 0.75 -5.11
N SER D 865 -40.80 1.92 -5.56
CA SER D 865 -39.99 2.74 -6.45
C SER D 865 -38.69 3.15 -5.77
N SER D 866 -38.77 3.54 -4.50
CA SER D 866 -37.58 3.96 -3.78
C SER D 866 -36.60 2.79 -3.65
N ILE D 867 -37.11 1.60 -3.31
CA ILE D 867 -36.22 0.46 -3.18
C ILE D 867 -35.61 0.10 -4.53
N SER D 868 -36.37 0.24 -5.62
CA SER D 868 -35.79 -0.10 -6.92
C SER D 868 -34.74 0.92 -7.37
N SER D 869 -34.82 2.17 -6.89
CA SER D 869 -33.78 3.13 -7.21
C SER D 869 -32.43 2.74 -6.61
N ASN D 870 -32.46 1.98 -5.51
CA ASN D 870 -31.25 1.42 -4.94
C ASN D 870 -30.70 0.34 -5.88
N VAL D 871 -29.42 0.46 -6.25
CA VAL D 871 -28.84 -0.46 -7.22
C VAL D 871 -28.96 -1.91 -6.73
N VAL D 872 -28.86 -2.13 -5.41
CA VAL D 872 -29.05 -3.46 -4.81
C VAL D 872 -30.52 -3.87 -4.87
N GLY D 873 -31.45 -2.90 -4.76
CA GLY D 873 -32.87 -3.22 -4.77
C GLY D 873 -33.48 -3.44 -6.15
N GLN D 874 -32.74 -3.12 -7.22
CA GLN D 874 -33.26 -3.20 -8.58
C GLN D 874 -33.94 -4.53 -8.87
N THR D 875 -33.20 -5.63 -8.77
CA THR D 875 -33.82 -6.90 -9.13
C THR D 875 -34.72 -7.41 -8.01
N LEU D 876 -34.48 -6.95 -6.79
CA LEU D 876 -35.33 -7.32 -5.67
C LEU D 876 -36.77 -6.87 -5.92
N VAL D 877 -36.94 -5.62 -6.40
CA VAL D 877 -38.29 -5.12 -6.62
C VAL D 877 -38.88 -5.71 -7.88
N TRP D 878 -38.05 -5.89 -8.91
CA TRP D 878 -38.49 -6.54 -10.14
C TRP D 878 -39.05 -7.91 -9.86
N ASP D 879 -38.39 -8.71 -9.01
CA ASP D 879 -38.94 -10.03 -8.68
C ASP D 879 -40.19 -9.91 -7.82
N PHE D 880 -40.19 -8.99 -6.84
CA PHE D 880 -41.34 -8.78 -5.98
C PHE D 880 -42.58 -8.41 -6.77
N VAL D 881 -42.45 -7.51 -7.75
CA VAL D 881 -43.60 -7.08 -8.53
C VAL D 881 -44.18 -8.24 -9.33
N GLN D 882 -43.29 -9.02 -9.95
CA GLN D 882 -43.71 -10.21 -10.69
C GLN D 882 -44.34 -11.24 -9.78
N SER D 883 -43.78 -11.41 -8.56
CA SER D 883 -44.26 -12.42 -7.62
C SER D 883 -45.58 -12.04 -6.97
N ASN D 884 -45.87 -10.74 -6.85
CA ASN D 884 -47.06 -10.26 -6.15
C ASN D 884 -48.03 -9.59 -7.11
N TRP D 885 -47.95 -9.95 -8.39
CA TRP D 885 -48.73 -9.32 -9.45
C TRP D 885 -50.21 -9.24 -9.13
N LYS D 886 -50.79 -10.36 -8.67
CA LYS D 886 -52.23 -10.41 -8.43
C LYS D 886 -52.68 -9.30 -7.50
N LYS D 887 -52.04 -9.17 -6.32
CA LYS D 887 -52.44 -8.13 -5.38
C LYS D 887 -52.21 -6.74 -5.96
N LEU D 888 -51.01 -6.49 -6.51
CA LEU D 888 -50.72 -5.14 -7.03
C LEU D 888 -51.67 -4.79 -8.17
N PHE D 889 -51.94 -5.75 -9.04
CA PHE D 889 -52.87 -5.47 -10.12
C PHE D 889 -54.27 -5.17 -9.57
N GLN D 890 -54.75 -5.98 -8.60
CA GLN D 890 -56.03 -5.65 -7.98
C GLN D 890 -56.00 -4.28 -7.33
N ASP D 891 -54.93 -3.96 -6.61
CA ASP D 891 -54.92 -2.70 -5.86
C ASP D 891 -54.81 -1.47 -6.77
N TYR D 892 -54.01 -1.55 -7.83
CA TYR D 892 -53.69 -0.36 -8.60
C TYR D 892 -53.94 -0.47 -10.09
N GLY D 893 -54.29 -1.65 -10.60
CA GLY D 893 -54.37 -1.85 -12.04
C GLY D 893 -55.54 -1.18 -12.71
N THR D 894 -56.55 -0.73 -11.95
CA THR D 894 -57.64 0.03 -12.56
C THR D 894 -57.65 1.46 -12.08
N GLY D 895 -56.70 1.86 -11.23
CA GLY D 895 -56.59 3.21 -10.74
C GLY D 895 -55.50 4.01 -11.45
N SER D 896 -55.36 5.27 -11.04
CA SER D 896 -54.43 6.18 -11.69
C SER D 896 -53.13 6.30 -10.92
N PHE D 897 -52.05 6.62 -11.67
CA PHE D 897 -50.72 7.01 -11.18
C PHE D 897 -49.89 5.83 -10.66
N SER D 898 -50.38 5.15 -9.63
CA SER D 898 -49.53 4.22 -8.87
C SER D 898 -48.99 3.09 -9.75
N PHE D 899 -49.86 2.44 -10.52
CA PHE D 899 -49.43 1.26 -11.27
C PHE D 899 -48.49 1.66 -12.40
N SER D 900 -48.85 2.69 -13.16
CA SER D 900 -47.98 3.14 -14.25
C SER D 900 -46.66 3.67 -13.71
N ASN D 901 -46.70 4.34 -12.55
CA ASN D 901 -45.45 4.79 -11.91
C ASN D 901 -44.56 3.61 -11.57
N LEU D 902 -45.17 2.51 -11.08
CA LEU D 902 -44.40 1.35 -10.66
C LEU D 902 -43.75 0.66 -11.86
N ILE D 903 -44.49 0.50 -12.96
CA ILE D 903 -43.90 -0.13 -14.14
C ILE D 903 -42.76 0.69 -14.69
N GLN D 904 -42.90 2.02 -14.69
CA GLN D 904 -41.82 2.84 -15.18
C GLN D 904 -40.60 2.75 -14.26
N ALA D 905 -40.82 2.75 -12.94
CA ALA D 905 -39.72 2.74 -11.98
C ALA D 905 -38.90 1.45 -12.06
N VAL D 906 -39.57 0.29 -12.16
CA VAL D 906 -38.84 -0.97 -12.08
C VAL D 906 -38.11 -1.30 -13.37
N THR D 907 -38.48 -0.68 -14.51
CA THR D 907 -37.89 -1.00 -15.80
C THR D 907 -36.85 0.03 -16.25
N ARG D 908 -36.69 1.12 -15.49
CA ARG D 908 -35.82 2.23 -15.87
C ARG D 908 -34.42 1.80 -16.26
N ARG D 909 -33.83 0.86 -15.51
CA ARG D 909 -32.43 0.50 -15.76
C ARG D 909 -32.21 -0.40 -16.95
N PHE D 910 -33.25 -0.99 -17.54
CA PHE D 910 -33.03 -2.05 -18.51
C PHE D 910 -32.22 -1.55 -19.71
N SER D 911 -31.15 -2.29 -20.05
CA SER D 911 -30.26 -1.83 -21.10
C SER D 911 -29.53 -2.96 -21.81
N THR D 912 -30.02 -4.18 -21.73
CA THR D 912 -29.33 -5.31 -22.34
C THR D 912 -30.36 -6.16 -23.07
N GLU D 913 -29.87 -6.96 -24.03
CA GLU D 913 -30.74 -7.90 -24.73
C GLU D 913 -31.46 -8.81 -23.75
N PHE D 914 -30.74 -9.28 -22.73
CA PHE D 914 -31.32 -10.18 -21.74
C PHE D 914 -32.40 -9.50 -20.93
N GLU D 915 -32.18 -8.24 -20.53
CA GLU D 915 -33.21 -7.52 -19.79
C GLU D 915 -34.42 -7.23 -20.67
N LEU D 916 -34.19 -6.91 -21.95
CA LEU D 916 -35.30 -6.79 -22.89
C LEU D 916 -36.10 -8.09 -22.99
N GLN D 917 -35.41 -9.25 -23.10
CA GLN D 917 -36.11 -10.53 -23.10
C GLN D 917 -36.94 -10.71 -21.84
N GLN D 918 -36.40 -10.33 -20.67
CA GLN D 918 -37.16 -10.51 -19.45
C GLN D 918 -38.39 -9.61 -19.43
N LEU D 919 -38.28 -8.41 -20.01
CA LEU D 919 -39.44 -7.53 -20.08
C LEU D 919 -40.52 -8.10 -21.01
N GLU D 920 -40.12 -8.60 -22.19
CA GLU D 920 -41.09 -9.28 -23.05
C GLU D 920 -41.71 -10.48 -22.37
N GLN D 921 -40.92 -11.19 -21.57
CA GLN D 921 -41.46 -12.35 -20.86
C GLN D 921 -42.47 -11.91 -19.81
N PHE D 922 -42.16 -10.85 -19.07
CA PHE D 922 -43.07 -10.27 -18.11
C PHE D 922 -44.40 -9.96 -18.77
N LYS D 923 -44.35 -9.33 -19.94
CA LYS D 923 -45.56 -9.02 -20.68
C LYS D 923 -46.31 -10.30 -21.02
N LYS D 924 -45.60 -11.32 -21.51
CA LYS D 924 -46.28 -12.56 -21.84
C LYS D 924 -46.81 -13.25 -20.59
N ASN D 925 -46.08 -13.21 -19.48
CA ASN D 925 -46.55 -13.94 -18.30
C ASN D 925 -47.90 -13.42 -17.82
N ASN D 926 -48.27 -12.19 -18.14
CA ASN D 926 -49.46 -11.58 -17.56
C ASN D 926 -50.51 -11.21 -18.59
N MET D 927 -50.48 -11.85 -19.76
CA MET D 927 -51.46 -11.54 -20.79
C MET D 927 -52.88 -11.87 -20.36
N ASP D 928 -53.07 -12.73 -19.35
CA ASP D 928 -54.43 -12.98 -18.86
C ASP D 928 -55.03 -11.73 -18.21
N THR D 929 -54.31 -11.10 -17.26
CA THR D 929 -54.82 -9.84 -16.70
C THR D 929 -54.66 -8.68 -17.68
N GLY D 930 -53.61 -8.70 -18.50
CA GLY D 930 -53.20 -7.48 -19.16
C GLY D 930 -52.56 -6.59 -18.10
N PHE D 931 -52.18 -5.38 -18.52
CA PHE D 931 -51.47 -4.48 -17.62
C PHE D 931 -52.32 -3.30 -17.16
N GLY D 932 -53.61 -3.30 -17.46
CA GLY D 932 -54.52 -2.30 -16.88
C GLY D 932 -54.08 -0.88 -17.20
N SER D 933 -54.04 -0.05 -16.17
CA SER D 933 -53.62 1.32 -16.28
C SER D 933 -52.12 1.49 -16.42
N ALA D 934 -51.34 0.42 -16.59
CA ALA D 934 -49.96 0.53 -17.05
C ALA D 934 -49.72 -0.07 -18.44
N THR D 935 -50.79 -0.26 -19.21
CA THR D 935 -50.64 -0.85 -20.55
C THR D 935 -49.74 -0.02 -21.45
N ARG D 936 -50.00 1.29 -21.54
CA ARG D 936 -49.13 2.12 -22.38
C ARG D 936 -47.74 2.27 -21.76
N ALA D 937 -47.67 2.37 -20.43
CA ALA D 937 -46.39 2.45 -19.76
C ALA D 937 -45.51 1.26 -20.09
N LEU D 938 -46.11 0.08 -20.25
CA LEU D 938 -45.36 -1.09 -20.64
C LEU D 938 -44.83 -0.96 -22.07
N GLU D 939 -45.66 -0.48 -22.99
CA GLU D 939 -45.17 -0.30 -24.36
C GLU D 939 -44.06 0.74 -24.38
N GLN D 940 -44.17 1.77 -23.54
CA GLN D 940 -43.10 2.76 -23.46
C GLN D 940 -41.83 2.17 -22.87
N ALA D 941 -41.95 1.31 -21.84
CA ALA D 941 -40.75 0.72 -21.27
C ALA D 941 -40.07 -0.22 -22.26
N LEU D 942 -40.88 -0.87 -23.11
CA LEU D 942 -40.32 -1.71 -24.15
C LEU D 942 -39.55 -0.86 -25.16
N GLU D 943 -40.13 0.26 -25.59
CA GLU D 943 -39.45 1.16 -26.54
C GLU D 943 -38.18 1.73 -25.94
N LYS D 944 -38.25 2.23 -24.70
CA LYS D 944 -37.09 2.81 -24.04
C LYS D 944 -35.99 1.77 -23.86
N THR D 945 -36.36 0.55 -23.46
CA THR D 945 -35.33 -0.48 -23.29
C THR D 945 -34.58 -0.73 -24.59
N LYS D 946 -35.31 -0.86 -25.71
CA LYS D 946 -34.65 -1.07 -26.99
C LYS D 946 -33.71 0.09 -27.33
N ALA D 947 -34.09 1.32 -27.01
CA ALA D 947 -33.18 2.45 -27.22
C ALA D 947 -31.99 2.37 -26.29
N ASN D 948 -32.23 2.04 -25.02
CA ASN D 948 -31.16 1.95 -24.03
C ASN D 948 -30.10 0.94 -24.46
N LEU D 949 -30.57 -0.21 -24.92
CA LEU D 949 -29.70 -1.31 -25.33
C LEU D 949 -28.72 -0.85 -26.40
N LYS D 950 -29.23 -0.21 -27.44
CA LYS D 950 -28.38 0.31 -28.51
C LYS D 950 -27.48 1.42 -27.98
N TRP D 951 -28.04 2.31 -27.15
CA TRP D 951 -27.29 3.47 -26.69
C TRP D 951 -26.11 3.07 -25.81
N VAL D 952 -26.32 2.14 -24.88
CA VAL D 952 -25.22 1.67 -24.04
C VAL D 952 -24.16 0.96 -24.87
N LYS D 953 -24.59 0.10 -25.81
CA LYS D 953 -23.65 -0.55 -26.71
C LYS D 953 -22.77 0.47 -27.42
N GLU D 954 -23.38 1.52 -28.00
CA GLU D 954 -22.63 2.49 -28.79
C GLU D 954 -21.74 3.38 -27.92
N ASN D 955 -22.13 3.68 -26.68
CA ASN D 955 -21.45 4.75 -25.97
C ASN D 955 -20.70 4.34 -24.71
N LYS D 956 -20.78 3.10 -24.26
CA LYS D 956 -20.19 2.80 -22.96
C LYS D 956 -18.68 3.08 -22.96
N ASP D 957 -18.00 2.83 -24.08
CA ASP D 957 -16.55 3.04 -24.10
C ASP D 957 -16.19 4.52 -24.08
N VAL D 958 -16.85 5.34 -24.88
CA VAL D 958 -16.55 6.78 -24.87
C VAL D 958 -16.91 7.42 -23.53
N VAL D 959 -18.05 7.02 -22.94
CA VAL D 959 -18.44 7.59 -21.65
C VAL D 959 -17.43 7.22 -20.57
N LEU D 960 -17.01 5.95 -20.54
CA LEU D 960 -15.95 5.54 -19.64
C LEU D 960 -14.72 6.43 -19.79
N ARG D 961 -14.25 6.58 -21.04
CA ARG D 961 -13.12 7.44 -21.36
C ARG D 961 -13.34 8.86 -20.86
N TRP D 962 -14.49 9.45 -21.19
CA TRP D 962 -14.77 10.84 -20.79
C TRP D 962 -14.71 11.05 -19.29
N PHE D 963 -15.48 10.28 -18.52
CA PHE D 963 -15.46 10.42 -17.08
C PHE D 963 -14.05 10.25 -16.51
N THR D 964 -13.31 9.27 -17.03
CA THR D 964 -11.95 9.04 -16.56
C THR D 964 -11.07 10.26 -16.81
N GLU D 965 -11.07 10.76 -18.05
CA GLU D 965 -10.20 11.88 -18.39
C GLU D 965 -10.58 13.17 -17.67
N ASN D 966 -11.84 13.34 -17.30
CA ASN D 966 -12.32 14.60 -16.75
C ASN D 966 -12.52 14.56 -15.24
N SER D 967 -12.15 13.47 -14.60
CA SER D 967 -12.16 13.41 -13.15
C SER D 967 -10.73 13.47 -12.61
#